data_8X6Z
#
_entry.id   8X6Z
#
_cell.length_a   121.635
_cell.length_b   140.141
_cell.length_c   218.775
_cell.angle_alpha   90.00
_cell.angle_beta   90.00
_cell.angle_gamma   90.00
#
_symmetry.space_group_name_H-M   'P 21 21 21'
#
loop_
_entity.id
_entity.type
_entity.pdbx_description
1 polymer 'Glutamine synthetase'
2 non-polymer 'MANGANESE (II) ION'
3 water water
#
_entity_poly.entity_id   1
_entity_poly.type   'polypeptide(L)'
_entity_poly.pdbx_seq_one_letter_code
;WSHPQFEKENLYFQGMSRKFDFITKNNLWTNEQRDAADKVLAEIDSLGLEMIRLSWADQYGLLRGKSLTVASLKSAFKEG
SEVAIGPFFFDLVSSMVFNLFTTAGDFEDELSGNPTVVMVPDPTTFKVLPWADKTGWMLADLHWKSGEPFPLCPRGIMKK
AVKSLSDEGYLFKCGIELEWYLTKIVDRSLSPESLGAPGVQPDAIQVQPVAQGYSVLLEHHLDQVDDIMSKVRKGLLELN
LPLRSIEDEWAPSQMETTFDVMEGLEAADAALLIKSAIKQICSRHGYHATFMCKPAINGFFASGWHMHQSLVDKDTRKNL
FIPSEGEVLSPLGRAYAGGLLANGSAASSFTTPTVNGYRRRQPYSLAPDRRAWAKDNKAAMVRVVSATGDPASRIENRIG
EPGANPYLYMASQIVSGLDGIKNKKDPGELQESPYDAQVPMLPTTLAEALDALEHDSELFRSCFGDTFIKYWLQLRRSEW
ARFLDAEGAEAAEPTGAVTQWEQKEYFNLL
;
_entity_poly.pdbx_strand_id   A,B,C,D,E,F
#
# COMPACT_ATOMS: atom_id res chain seq x y z
N ASP A 21 -47.12 -21.96 -21.59
CA ASP A 21 -47.20 -22.77 -20.39
C ASP A 21 -46.82 -24.22 -20.64
N PHE A 22 -45.58 -24.42 -21.12
CA PHE A 22 -45.07 -25.78 -21.31
C PHE A 22 -45.09 -26.56 -20.00
N ILE A 23 -44.96 -25.85 -18.87
CA ILE A 23 -44.91 -26.53 -17.58
C ILE A 23 -46.29 -26.98 -17.15
N THR A 24 -47.29 -26.10 -17.29
CA THR A 24 -48.67 -26.48 -16.97
C THR A 24 -49.21 -27.44 -18.01
N LYS A 25 -49.03 -27.12 -19.30
CA LYS A 25 -49.48 -28.02 -20.37
C LYS A 25 -49.09 -29.47 -20.10
N ASN A 26 -47.95 -29.68 -19.44
CA ASN A 26 -47.38 -31.01 -19.24
C ASN A 26 -47.46 -31.48 -17.80
N ASN A 27 -48.24 -30.81 -16.94
CA ASN A 27 -48.42 -31.22 -15.54
C ASN A 27 -47.06 -31.41 -14.87
N LEU A 28 -46.13 -30.50 -15.13
CA LEU A 28 -44.78 -30.71 -14.66
C LEU A 28 -44.53 -30.13 -13.27
N TRP A 29 -45.46 -29.37 -12.71
CA TRP A 29 -45.30 -28.79 -11.39
C TRP A 29 -46.41 -29.27 -10.46
N THR A 30 -46.02 -29.85 -9.33
CA THR A 30 -46.97 -30.03 -8.25
C THR A 30 -47.46 -28.67 -7.76
N ASN A 31 -48.56 -28.67 -7.01
CA ASN A 31 -49.06 -27.43 -6.46
C ASN A 31 -48.17 -26.89 -5.34
N GLU A 32 -47.39 -27.74 -4.68
CA GLU A 32 -46.34 -27.25 -3.80
C GLU A 32 -45.31 -26.44 -4.58
N GLN A 33 -44.87 -26.97 -5.73
CA GLN A 33 -43.93 -26.25 -6.59
C GLN A 33 -44.52 -24.93 -7.06
N ARG A 34 -45.81 -24.92 -7.41
CA ARG A 34 -46.40 -23.69 -7.91
C ARG A 34 -46.40 -22.62 -6.82
N ASP A 35 -46.47 -23.00 -5.54
CA ASP A 35 -46.35 -22.00 -4.48
C ASP A 35 -44.90 -21.58 -4.27
N ALA A 36 -43.97 -22.53 -4.40
CA ALA A 36 -42.55 -22.18 -4.33
C ALA A 36 -42.21 -21.11 -5.35
N ALA A 37 -42.69 -21.27 -6.59
CA ALA A 37 -42.45 -20.26 -7.62
C ALA A 37 -42.84 -18.87 -7.13
N ASP A 38 -44.01 -18.76 -6.50
CA ASP A 38 -44.49 -17.46 -6.08
C ASP A 38 -43.63 -16.91 -4.94
N LYS A 39 -43.17 -17.78 -4.05
CA LYS A 39 -42.31 -17.34 -2.96
C LYS A 39 -40.91 -16.99 -3.47
N VAL A 40 -40.40 -17.73 -4.43
CA VAL A 40 -39.01 -17.49 -4.96
C VAL A 40 -38.97 -16.09 -5.52
N LEU A 41 -39.93 -15.72 -6.37
CA LEU A 41 -39.90 -14.41 -7.07
C LEU A 41 -40.06 -13.27 -6.06
N ALA A 42 -40.80 -13.51 -5.01
CA ALA A 42 -40.99 -12.49 -3.97
C ALA A 42 -39.66 -12.23 -3.27
N GLU A 43 -38.94 -13.29 -2.92
CA GLU A 43 -37.63 -13.14 -2.27
C GLU A 43 -36.61 -12.63 -3.29
N ILE A 44 -36.86 -12.87 -4.57
CA ILE A 44 -35.94 -12.28 -5.55
C ILE A 44 -36.08 -10.78 -5.55
N ASP A 45 -37.32 -10.30 -5.38
CA ASP A 45 -37.59 -8.84 -5.35
C ASP A 45 -37.14 -8.26 -4.02
N SER A 46 -37.33 -8.99 -2.93
CA SER A 46 -36.96 -8.48 -1.60
C SER A 46 -35.46 -8.25 -1.54
N LEU A 47 -34.68 -9.23 -1.98
CA LEU A 47 -33.21 -9.13 -1.87
C LEU A 47 -32.65 -8.31 -3.03
N GLY A 48 -33.47 -7.98 -4.02
CA GLY A 48 -32.90 -7.20 -5.09
C GLY A 48 -32.06 -8.00 -6.05
N LEU A 49 -32.34 -9.29 -6.20
CA LEU A 49 -31.51 -10.18 -7.01
C LEU A 49 -31.52 -9.78 -8.48
N GLU A 50 -30.38 -9.99 -9.16
CA GLU A 50 -30.26 -9.60 -10.56
C GLU A 50 -30.04 -10.75 -11.53
N MET A 51 -29.43 -11.84 -11.11
CA MET A 51 -29.26 -13.06 -11.91
C MET A 51 -29.71 -14.23 -11.06
N ILE A 52 -30.34 -15.20 -11.69
CA ILE A 52 -30.73 -16.44 -11.02
C ILE A 52 -30.17 -17.56 -11.87
N ARG A 53 -29.15 -18.25 -11.36
CA ARG A 53 -28.53 -19.34 -12.12
C ARG A 53 -29.45 -20.56 -12.17
N LEU A 54 -29.57 -21.14 -13.37
CA LEU A 54 -30.42 -22.31 -13.61
C LEU A 54 -29.53 -23.44 -14.12
N SER A 55 -29.37 -24.49 -13.33
CA SER A 55 -28.35 -25.50 -13.60
C SER A 55 -28.90 -26.91 -13.41
N TRP A 56 -28.12 -27.87 -13.89
CA TRP A 56 -28.43 -29.29 -13.75
C TRP A 56 -27.11 -30.06 -13.76
N ALA A 57 -27.13 -31.27 -13.21
CA ALA A 57 -25.92 -32.10 -13.18
C ALA A 57 -25.86 -32.98 -14.43
N ASP A 58 -24.65 -33.20 -14.93
CA ASP A 58 -24.44 -34.08 -16.09
C ASP A 58 -24.06 -35.48 -15.60
N GLN A 59 -23.60 -36.33 -16.49
CA GLN A 59 -23.17 -37.70 -16.13
C GLN A 59 -22.11 -37.67 -15.05
N TYR A 60 -21.36 -36.57 -14.94
CA TYR A 60 -20.27 -36.52 -13.98
C TYR A 60 -20.65 -35.81 -12.70
N GLY A 61 -21.87 -35.27 -12.61
CA GLY A 61 -22.22 -34.49 -11.45
C GLY A 61 -21.78 -33.06 -11.52
N LEU A 62 -21.33 -32.60 -12.70
CA LEU A 62 -20.90 -31.21 -12.88
C LEU A 62 -22.12 -30.38 -13.19
N LEU A 63 -22.21 -29.21 -12.56
CA LEU A 63 -23.37 -28.34 -12.68
C LEU A 63 -23.27 -27.52 -13.96
N ARG A 64 -24.34 -27.53 -14.75
CA ARG A 64 -24.34 -26.87 -16.05
C ARG A 64 -25.67 -26.18 -16.28
N GLY A 65 -25.64 -25.07 -17.00
CA GLY A 65 -26.86 -24.39 -17.38
C GLY A 65 -26.60 -22.97 -17.86
N LYS A 66 -27.46 -22.07 -17.42
CA LYS A 66 -27.32 -20.67 -17.83
C LYS A 66 -27.48 -19.77 -16.62
N SER A 67 -27.13 -18.50 -16.77
CA SER A 67 -27.42 -17.51 -15.70
C SER A 67 -28.51 -16.62 -16.30
N LEU A 68 -29.67 -16.60 -15.69
CA LEU A 68 -30.81 -15.86 -16.29
C LEU A 68 -31.15 -14.62 -15.48
N THR A 69 -31.58 -13.54 -16.14
CA THR A 69 -32.09 -12.42 -15.37
C THR A 69 -33.47 -12.74 -14.84
N VAL A 70 -33.96 -11.89 -13.94
CA VAL A 70 -35.33 -12.05 -13.44
C VAL A 70 -36.33 -12.12 -14.57
N ALA A 71 -36.13 -11.32 -15.63
CA ALA A 71 -37.09 -11.33 -16.72
C ALA A 71 -37.12 -12.70 -17.37
N SER A 72 -35.95 -13.25 -17.65
CA SER A 72 -35.91 -14.55 -18.31
C SER A 72 -36.43 -15.67 -17.40
N LEU A 73 -36.06 -15.63 -16.12
CA LEU A 73 -36.50 -16.66 -15.17
C LEU A 73 -38.03 -16.70 -15.09
N LYS A 74 -38.68 -15.55 -14.98
CA LYS A 74 -40.16 -15.48 -14.92
C LYS A 74 -40.74 -16.17 -16.15
N SER A 75 -40.11 -15.99 -17.31
CA SER A 75 -40.56 -16.67 -18.54
C SER A 75 -40.30 -18.17 -18.45
N ALA A 76 -39.17 -18.58 -17.90
CA ALA A 76 -38.79 -20.00 -17.82
C ALA A 76 -39.70 -20.74 -16.85
N PHE A 77 -40.29 -20.03 -15.90
CA PHE A 77 -41.23 -20.63 -14.93
C PHE A 77 -42.53 -20.98 -15.68
N LYS A 78 -42.53 -20.80 -16.99
CA LYS A 78 -43.72 -21.11 -17.81
C LYS A 78 -43.28 -21.94 -19.01
N GLU A 79 -42.16 -21.58 -19.63
CA GLU A 79 -41.77 -22.26 -20.88
C GLU A 79 -40.48 -23.08 -20.78
N GLY A 80 -39.63 -22.83 -19.78
CA GLY A 80 -38.35 -23.51 -19.73
C GLY A 80 -37.31 -22.72 -20.47
N SER A 81 -36.08 -23.25 -20.45
CA SER A 81 -34.99 -22.69 -21.22
C SER A 81 -34.40 -23.80 -22.06
N GLU A 82 -34.21 -23.54 -23.35
CA GLU A 82 -33.73 -24.59 -24.24
C GLU A 82 -32.21 -24.66 -24.18
N VAL A 83 -31.70 -25.88 -24.21
CA VAL A 83 -30.30 -26.17 -24.05
C VAL A 83 -30.02 -27.43 -24.87
N ALA A 84 -28.86 -27.47 -25.52
CA ALA A 84 -28.49 -28.68 -26.26
C ALA A 84 -28.05 -29.77 -25.30
N ILE A 85 -28.19 -31.03 -25.75
CA ILE A 85 -27.74 -32.14 -24.92
C ILE A 85 -26.23 -32.35 -24.98
N GLY A 86 -25.51 -31.54 -25.75
CA GLY A 86 -24.09 -31.77 -26.07
C GLY A 86 -23.26 -32.27 -24.88
N PRO A 87 -23.22 -31.58 -23.72
CA PRO A 87 -22.37 -32.06 -22.62
C PRO A 87 -22.57 -33.53 -22.27
N PHE A 88 -23.74 -34.10 -22.58
CA PHE A 88 -23.93 -35.53 -22.31
C PHE A 88 -23.11 -36.41 -23.24
N PHE A 89 -22.77 -35.91 -24.44
CA PHE A 89 -22.09 -36.70 -25.43
C PHE A 89 -20.60 -36.44 -25.47
N PHE A 90 -20.12 -35.48 -24.66
CA PHE A 90 -18.71 -35.17 -24.43
C PHE A 90 -18.21 -35.88 -23.18
N ASP A 91 -16.91 -36.15 -23.13
CA ASP A 91 -16.32 -36.61 -21.87
C ASP A 91 -15.75 -35.39 -21.13
N LEU A 92 -14.89 -35.61 -20.13
CA LEU A 92 -14.48 -34.48 -19.29
C LEU A 92 -13.63 -33.45 -20.05
N VAL A 93 -12.89 -33.87 -21.07
CA VAL A 93 -12.10 -32.92 -21.86
C VAL A 93 -12.75 -32.66 -23.23
N SER A 94 -14.07 -32.85 -23.36
CA SER A 94 -14.82 -32.57 -24.60
C SER A 94 -14.32 -33.43 -25.79
N SER A 95 -14.20 -34.75 -25.56
CA SER A 95 -14.06 -35.70 -26.66
C SER A 95 -15.44 -35.98 -27.24
N MET A 96 -15.51 -36.17 -28.56
CA MET A 96 -16.78 -36.50 -29.21
C MET A 96 -16.99 -38.00 -29.09
N VAL A 97 -17.57 -38.43 -27.97
CA VAL A 97 -17.75 -39.87 -27.74
C VAL A 97 -18.87 -40.40 -28.62
N PHE A 98 -20.09 -39.97 -28.35
CA PHE A 98 -21.20 -40.17 -29.25
C PHE A 98 -21.23 -39.03 -30.28
N ASN A 99 -21.82 -39.33 -31.45
CA ASN A 99 -21.78 -38.39 -32.56
C ASN A 99 -22.91 -37.36 -32.46
N LEU A 100 -22.53 -36.09 -32.30
CA LEU A 100 -23.45 -34.95 -32.31
C LEU A 100 -23.76 -34.45 -33.72
N PHE A 101 -23.24 -35.10 -34.76
CA PHE A 101 -23.30 -34.57 -36.10
C PHE A 101 -24.21 -35.36 -37.02
N THR A 102 -25.27 -35.97 -36.49
CA THR A 102 -26.13 -36.82 -37.31
C THR A 102 -27.56 -36.86 -36.79
N THR A 103 -28.51 -36.57 -37.68
CA THR A 103 -29.94 -36.63 -37.40
C THR A 103 -30.30 -35.81 -36.18
N ASP A 106 -35.74 -41.77 -32.45
CA ASP A 106 -34.74 -42.80 -32.81
C ASP A 106 -33.49 -42.56 -31.94
N PHE A 107 -33.57 -41.63 -31.01
CA PHE A 107 -32.43 -41.29 -30.13
C PHE A 107 -32.00 -42.50 -29.32
N GLU A 108 -32.92 -43.08 -28.55
CA GLU A 108 -32.55 -44.18 -27.62
C GLU A 108 -31.67 -45.24 -28.28
N ASP A 109 -32.07 -45.74 -29.44
CA ASP A 109 -31.34 -46.88 -30.06
C ASP A 109 -30.10 -46.42 -30.82
N GLU A 110 -30.04 -45.14 -31.19
CA GLU A 110 -28.93 -44.68 -32.06
C GLU A 110 -27.96 -43.80 -31.26
N LEU A 111 -28.39 -43.23 -30.13
CA LEU A 111 -27.52 -42.37 -29.28
C LEU A 111 -26.69 -41.46 -30.17
N SER A 112 -27.36 -40.74 -31.06
CA SER A 112 -26.65 -39.85 -31.99
C SER A 112 -27.34 -38.50 -31.99
N GLY A 113 -26.65 -37.49 -32.51
CA GLY A 113 -27.28 -36.17 -32.65
C GLY A 113 -27.11 -35.25 -31.48
N ASN A 114 -27.58 -34.01 -31.65
CA ASN A 114 -27.54 -32.98 -30.60
C ASN A 114 -28.90 -32.32 -30.53
N PRO A 115 -29.93 -33.05 -30.07
CA PRO A 115 -31.26 -32.46 -29.92
C PRO A 115 -31.26 -31.27 -28.96
N THR A 116 -32.38 -30.58 -28.92
CA THR A 116 -32.57 -29.49 -27.99
C THR A 116 -33.62 -29.89 -26.97
N VAL A 117 -33.28 -29.75 -25.69
CA VAL A 117 -34.22 -30.11 -24.62
C VAL A 117 -34.63 -28.87 -23.84
N VAL A 118 -35.53 -29.03 -22.88
CA VAL A 118 -36.09 -27.93 -22.11
C VAL A 118 -35.61 -28.02 -20.67
N MET A 119 -35.10 -26.91 -20.13
CA MET A 119 -34.72 -26.82 -18.72
C MET A 119 -35.93 -26.36 -17.92
N VAL A 120 -36.51 -27.27 -17.15
CA VAL A 120 -37.70 -27.01 -16.35
C VAL A 120 -37.27 -26.76 -14.92
N PRO A 121 -37.36 -25.54 -14.40
CA PRO A 121 -36.74 -25.21 -13.11
C PRO A 121 -37.47 -25.82 -11.93
N ASP A 122 -36.71 -26.20 -10.89
CA ASP A 122 -37.35 -26.72 -9.69
C ASP A 122 -37.33 -25.66 -8.58
N PRO A 123 -38.42 -24.94 -8.35
CA PRO A 123 -38.36 -23.77 -7.46
C PRO A 123 -38.21 -24.11 -5.98
N THR A 124 -38.44 -25.37 -5.58
CA THR A 124 -38.23 -25.77 -4.19
C THR A 124 -36.75 -25.88 -3.83
N THR A 125 -35.89 -25.89 -4.86
CA THR A 125 -34.46 -25.97 -4.74
C THR A 125 -33.79 -24.60 -4.83
N PHE A 126 -34.53 -23.52 -4.59
CA PHE A 126 -33.98 -22.19 -4.78
C PHE A 126 -33.01 -21.84 -3.67
N LYS A 127 -31.88 -21.24 -4.02
CA LYS A 127 -30.90 -20.79 -3.02
C LYS A 127 -30.38 -19.41 -3.39
N VAL A 128 -29.87 -18.70 -2.40
CA VAL A 128 -29.19 -17.43 -2.62
C VAL A 128 -27.71 -17.62 -2.35
N LEU A 129 -26.90 -17.48 -3.41
CA LEU A 129 -25.47 -17.77 -3.29
C LEU A 129 -24.74 -16.65 -2.56
N PRO A 130 -24.17 -16.90 -1.36
CA PRO A 130 -23.56 -15.79 -0.60
C PRO A 130 -22.28 -15.26 -1.19
N TRP A 131 -21.62 -16.02 -2.05
CA TRP A 131 -20.31 -15.60 -2.56
C TRP A 131 -20.37 -14.79 -3.83
N ALA A 132 -21.53 -14.68 -4.45
CA ALA A 132 -21.65 -13.96 -5.71
C ALA A 132 -22.51 -12.72 -5.49
N ASP A 133 -22.40 -11.77 -6.44
CA ASP A 133 -23.16 -10.53 -6.35
C ASP A 133 -24.60 -10.75 -6.80
N LYS A 134 -25.55 -10.56 -5.88
CA LYS A 134 -26.99 -10.59 -6.17
C LYS A 134 -27.37 -11.75 -7.09
N THR A 135 -26.95 -12.96 -6.71
CA THR A 135 -27.20 -14.13 -7.54
C THR A 135 -27.92 -15.21 -6.75
N GLY A 136 -29.04 -15.68 -7.30
CA GLY A 136 -29.70 -16.88 -6.84
C GLY A 136 -29.35 -18.08 -7.72
N TRP A 137 -30.06 -19.18 -7.48
CA TRP A 137 -29.67 -20.48 -8.02
C TRP A 137 -30.76 -21.52 -7.78
N MET A 138 -31.14 -22.24 -8.83
CA MET A 138 -31.98 -23.41 -8.67
C MET A 138 -31.67 -24.43 -9.75
N LEU A 139 -31.90 -25.70 -9.40
CA LEU A 139 -31.75 -26.81 -10.33
C LEU A 139 -32.86 -26.81 -11.36
N ALA A 140 -32.62 -27.53 -12.44
CA ALA A 140 -33.66 -27.82 -13.43
C ALA A 140 -33.64 -29.31 -13.76
N ASP A 141 -34.77 -29.81 -14.26
CA ASP A 141 -34.82 -31.14 -14.85
C ASP A 141 -34.92 -31.03 -16.37
N LEU A 142 -34.42 -32.02 -17.07
CA LEU A 142 -34.40 -32.00 -18.52
C LEU A 142 -35.62 -32.75 -19.07
N HIS A 143 -36.39 -32.08 -19.92
CA HIS A 143 -37.51 -32.68 -20.64
C HIS A 143 -37.34 -32.48 -22.13
N TRP A 144 -37.70 -33.50 -22.92
CA TRP A 144 -37.89 -33.28 -24.34
C TRP A 144 -38.95 -32.20 -24.55
N LYS A 145 -38.99 -31.67 -25.77
CA LYS A 145 -40.07 -30.76 -26.14
C LYS A 145 -41.44 -31.47 -26.12
N SER A 146 -41.46 -32.78 -26.37
CA SER A 146 -42.69 -33.56 -26.22
C SER A 146 -43.26 -33.48 -24.81
N GLY A 147 -42.52 -32.91 -23.87
CA GLY A 147 -42.86 -32.93 -22.47
C GLY A 147 -42.35 -34.13 -21.70
N GLU A 148 -41.61 -35.04 -22.37
CA GLU A 148 -41.26 -36.22 -21.59
C GLU A 148 -39.83 -36.11 -21.08
N PRO A 149 -39.54 -36.77 -19.96
CA PRO A 149 -38.23 -36.58 -19.31
C PRO A 149 -37.07 -37.03 -20.19
N PHE A 150 -36.01 -36.22 -20.21
CA PHE A 150 -34.81 -36.64 -20.93
C PHE A 150 -34.21 -37.86 -20.23
N PRO A 151 -34.00 -38.97 -20.96
CA PRO A 151 -33.61 -40.23 -20.30
C PRO A 151 -32.24 -40.25 -19.65
N LEU A 152 -31.34 -39.30 -19.97
CA LEU A 152 -30.03 -39.28 -19.35
C LEU A 152 -29.91 -38.33 -18.17
N CYS A 153 -30.93 -37.53 -17.87
CA CYS A 153 -30.83 -36.59 -16.77
C CYS A 153 -30.61 -37.39 -15.51
N PRO A 154 -29.49 -37.19 -14.80
CA PRO A 154 -29.25 -38.01 -13.60
C PRO A 154 -30.21 -37.71 -12.48
N ARG A 155 -30.60 -36.44 -12.33
CA ARG A 155 -31.59 -36.12 -11.31
C ARG A 155 -32.86 -36.95 -11.52
N GLY A 156 -33.21 -37.17 -12.79
CA GLY A 156 -34.35 -38.02 -13.08
C GLY A 156 -34.19 -39.42 -12.53
N ILE A 157 -32.99 -39.99 -12.67
CA ILE A 157 -32.78 -41.34 -12.17
C ILE A 157 -32.99 -41.38 -10.67
N MET A 158 -32.55 -40.33 -9.96
CA MET A 158 -32.77 -40.26 -8.52
C MET A 158 -34.26 -40.12 -8.21
N LYS A 159 -34.96 -39.21 -8.92
CA LYS A 159 -36.41 -39.04 -8.77
C LYS A 159 -37.16 -40.36 -8.85
N LYS A 160 -36.73 -41.24 -9.75
CA LYS A 160 -37.38 -42.53 -9.97
C LYS A 160 -37.03 -43.55 -8.88
N ALA A 161 -35.76 -43.63 -8.49
CA ALA A 161 -35.40 -44.46 -7.35
C ALA A 161 -36.19 -44.04 -6.13
N VAL A 162 -36.41 -42.74 -5.96
CA VAL A 162 -37.13 -42.25 -4.77
C VAL A 162 -38.59 -42.69 -4.79
N LYS A 163 -39.23 -42.62 -5.97
CA LYS A 163 -40.63 -43.00 -6.12
C LYS A 163 -40.83 -44.50 -5.94
N SER A 164 -39.97 -45.31 -6.55
CA SER A 164 -40.08 -46.76 -6.34
C SER A 164 -39.89 -47.09 -4.87
N LEU A 165 -39.12 -46.29 -4.14
CA LEU A 165 -39.00 -46.47 -2.70
C LEU A 165 -40.28 -46.04 -1.99
N SER A 166 -40.90 -44.95 -2.44
CA SER A 166 -42.16 -44.54 -1.82
C SER A 166 -43.30 -45.49 -2.18
N ASP A 167 -43.19 -46.16 -3.33
CA ASP A 167 -44.20 -47.14 -3.69
C ASP A 167 -44.16 -48.37 -2.81
N GLU A 168 -43.08 -48.56 -2.04
CA GLU A 168 -43.04 -49.58 -1.01
C GLU A 168 -43.21 -49.00 0.39
N GLY A 169 -43.58 -47.72 0.50
CA GLY A 169 -43.82 -47.10 1.79
C GLY A 169 -42.59 -46.71 2.57
N TYR A 170 -41.42 -46.59 1.92
CA TYR A 170 -40.18 -46.26 2.58
C TYR A 170 -39.64 -44.93 2.07
N LEU A 171 -38.87 -44.27 2.93
CA LEU A 171 -38.11 -43.08 2.57
C LEU A 171 -36.62 -43.30 2.87
N PHE A 172 -35.78 -42.74 2.03
CA PHE A 172 -34.34 -42.91 2.12
C PHE A 172 -33.75 -41.78 2.94
N LYS A 173 -33.16 -42.10 4.10
CA LYS A 173 -32.40 -41.15 4.91
C LYS A 173 -30.91 -41.36 4.70
N CYS A 174 -30.17 -40.26 4.67
CA CYS A 174 -28.80 -40.24 4.18
C CYS A 174 -27.94 -39.34 5.07
N GLY A 175 -26.76 -39.81 5.40
CA GLY A 175 -25.84 -39.09 6.23
C GLY A 175 -24.51 -39.02 5.53
N ILE A 176 -24.04 -37.81 5.28
CA ILE A 176 -22.96 -37.55 4.34
C ILE A 176 -21.66 -37.33 5.10
N GLU A 177 -20.70 -38.24 4.92
CA GLU A 177 -19.31 -38.02 5.29
C GLU A 177 -18.51 -37.82 4.00
N LEU A 178 -18.03 -36.59 3.78
CA LEU A 178 -17.38 -36.17 2.54
C LEU A 178 -15.99 -35.61 2.86
N GLU A 179 -14.94 -36.34 2.48
CA GLU A 179 -13.56 -35.85 2.58
C GLU A 179 -13.18 -35.17 1.28
N TRP A 180 -12.31 -34.16 1.37
CA TRP A 180 -11.84 -33.46 0.19
C TRP A 180 -10.45 -32.92 0.49
N TYR A 181 -9.91 -32.13 -0.44
CA TYR A 181 -8.59 -31.52 -0.29
C TYR A 181 -8.69 -30.01 -0.41
N LEU A 182 -7.86 -29.33 0.38
CA LEU A 182 -7.85 -27.88 0.48
C LEU A 182 -6.44 -27.44 0.16
N THR A 183 -6.28 -26.75 -0.94
CA THR A 183 -4.97 -26.28 -1.41
C THR A 183 -5.06 -24.81 -1.80
N LYS A 184 -3.91 -24.13 -1.80
CA LYS A 184 -3.84 -22.75 -2.25
C LYS A 184 -3.33 -22.67 -3.68
N ILE A 185 -3.96 -21.80 -4.47
CA ILE A 185 -3.70 -21.72 -5.90
C ILE A 185 -2.36 -21.05 -6.14
N VAL A 186 -1.47 -21.75 -6.82
CA VAL A 186 -0.21 -21.15 -7.15
C VAL A 186 -0.29 -20.48 -8.52
N ASP A 187 -0.78 -21.22 -9.52
CA ASP A 187 -1.00 -20.70 -10.86
C ASP A 187 -2.16 -21.47 -11.47
N ARG A 188 -3.10 -20.72 -12.02
CA ARG A 188 -4.34 -21.21 -12.59
C ARG A 188 -4.19 -21.80 -14.00
N SER A 189 -2.98 -21.84 -14.58
CA SER A 189 -2.74 -22.50 -15.87
C SER A 189 -3.73 -22.01 -16.93
N LEU A 190 -3.69 -20.68 -17.14
CA LEU A 190 -4.62 -20.00 -18.07
C LEU A 190 -3.84 -19.47 -19.27
N SER A 191 -2.56 -19.80 -19.39
CA SER A 191 -1.81 -19.40 -20.61
C SER A 191 -2.41 -20.13 -21.82
N PRO A 192 -2.45 -19.52 -23.01
CA PRO A 192 -3.06 -20.16 -24.15
C PRO A 192 -2.59 -21.60 -24.42
N GLU A 193 -1.32 -21.93 -24.19
CA GLU A 193 -0.77 -23.26 -24.41
C GLU A 193 -1.02 -24.19 -23.24
N SER A 194 -1.68 -23.71 -22.19
CA SER A 194 -2.23 -24.59 -21.15
C SER A 194 -3.65 -25.06 -21.44
N LEU A 195 -4.28 -24.60 -22.53
CA LEU A 195 -5.73 -24.73 -22.68
C LEU A 195 -6.16 -26.07 -23.29
N GLY A 196 -5.25 -26.78 -23.93
CA GLY A 196 -5.63 -28.04 -24.54
C GLY A 196 -6.45 -27.86 -25.81
N ALA A 197 -7.33 -28.83 -26.02
CA ALA A 197 -8.23 -28.87 -27.17
C ALA A 197 -9.30 -29.89 -26.87
N PRO A 198 -10.38 -29.92 -27.63
CA PRO A 198 -11.33 -31.02 -27.49
C PRO A 198 -10.60 -32.35 -27.64
N GLY A 199 -10.82 -33.24 -26.66
CA GLY A 199 -10.08 -34.47 -26.59
C GLY A 199 -8.73 -34.39 -25.89
N VAL A 200 -8.23 -33.19 -25.62
CA VAL A 200 -6.89 -33.01 -25.05
C VAL A 200 -7.02 -32.32 -23.71
N GLN A 201 -6.48 -32.97 -22.66
CA GLN A 201 -6.57 -32.42 -21.31
C GLN A 201 -5.75 -31.14 -21.20
N PRO A 202 -6.33 -30.07 -20.65
CA PRO A 202 -5.52 -28.89 -20.35
C PRO A 202 -4.62 -29.13 -19.14
N ASP A 203 -3.75 -28.16 -18.91
CA ASP A 203 -2.87 -28.21 -17.76
C ASP A 203 -3.67 -28.19 -16.46
N ALA A 204 -3.19 -28.93 -15.47
CA ALA A 204 -3.80 -28.80 -14.16
C ALA A 204 -3.36 -27.50 -13.50
N ILE A 205 -4.28 -26.92 -12.76
CA ILE A 205 -3.95 -25.85 -11.83
C ILE A 205 -2.76 -26.30 -10.98
N GLN A 206 -1.82 -25.38 -10.74
CA GLN A 206 -0.71 -25.59 -9.82
C GLN A 206 -1.09 -25.06 -8.43
N VAL A 207 -0.95 -25.90 -7.41
CA VAL A 207 -1.41 -25.58 -6.05
C VAL A 207 -0.26 -25.80 -5.08
N GLN A 208 -0.56 -25.52 -3.80
CA GLN A 208 0.33 -25.68 -2.67
C GLN A 208 -0.51 -26.15 -1.48
N PRO A 209 -0.01 -27.08 -0.66
CA PRO A 209 -0.77 -27.49 0.52
C PRO A 209 -0.98 -26.31 1.48
N VAL A 210 -2.01 -26.43 2.31
CA VAL A 210 -2.29 -25.39 3.30
C VAL A 210 -1.82 -25.77 4.70
N ALA A 211 -1.69 -27.06 4.99
CA ALA A 211 -1.26 -27.54 6.30
C ALA A 211 -0.52 -28.86 6.15
N GLN A 212 0.45 -29.08 7.02
CA GLN A 212 1.05 -30.40 7.17
C GLN A 212 0.00 -31.36 7.74
N GLY A 213 0.34 -32.64 7.78
CA GLY A 213 -0.61 -33.65 8.19
C GLY A 213 -0.01 -34.88 8.85
N TYR A 214 -0.67 -36.01 8.67
CA TYR A 214 -0.34 -37.23 9.39
C TYR A 214 -0.35 -36.97 10.89
N SER A 215 -1.28 -36.11 11.32
CA SER A 215 -1.60 -35.92 12.73
C SER A 215 -3.13 -35.83 12.75
N VAL A 216 -3.80 -36.98 12.82
CA VAL A 216 -5.23 -37.02 12.57
C VAL A 216 -6.02 -36.20 13.59
N LEU A 217 -6.94 -35.39 13.09
CA LEU A 217 -7.89 -34.64 13.90
C LEU A 217 -7.19 -33.67 14.86
N LEU A 218 -6.10 -33.06 14.40
CA LEU A 218 -5.35 -32.12 15.26
C LEU A 218 -6.03 -30.76 15.30
N GLU A 219 -6.29 -30.24 16.50
CA GLU A 219 -7.07 -29.01 16.58
C GLU A 219 -6.33 -27.83 15.99
N HIS A 220 -4.99 -27.77 16.13
CA HIS A 220 -4.28 -26.63 15.56
C HIS A 220 -4.45 -26.58 14.04
N HIS A 221 -4.47 -27.74 13.38
CA HIS A 221 -4.72 -27.77 11.94
C HIS A 221 -6.00 -27.02 11.58
N LEU A 222 -7.11 -27.34 12.29
CA LEU A 222 -8.37 -26.64 12.08
C LEU A 222 -8.21 -25.14 12.23
N ASP A 223 -7.49 -24.70 13.25
CA ASP A 223 -7.27 -23.28 13.42
C ASP A 223 -6.37 -22.72 12.33
N GLN A 224 -5.28 -23.42 12.02
CA GLN A 224 -4.36 -22.99 10.98
C GLN A 224 -5.05 -22.73 9.65
N VAL A 225 -6.15 -23.42 9.38
CA VAL A 225 -6.83 -23.25 8.11
C VAL A 225 -8.16 -22.53 8.26
N ASP A 226 -8.56 -22.17 9.47
CA ASP A 226 -9.87 -21.55 9.56
C ASP A 226 -9.94 -20.15 8.96
N ASP A 227 -8.84 -19.57 8.50
CA ASP A 227 -8.95 -18.31 7.77
C ASP A 227 -9.84 -18.48 6.53
N ILE A 228 -9.67 -19.58 5.79
CA ILE A 228 -10.47 -19.85 4.61
C ILE A 228 -11.60 -20.82 4.95
N MET A 229 -11.34 -21.75 5.87
CA MET A 229 -12.37 -22.72 6.26
C MET A 229 -13.55 -22.08 6.99
N SER A 230 -13.38 -20.92 7.59
CA SER A 230 -14.52 -20.21 8.17
C SER A 230 -15.40 -19.57 7.11
N LYS A 231 -14.86 -19.27 5.93
CA LYS A 231 -15.70 -18.75 4.85
C LYS A 231 -16.51 -19.87 4.21
N VAL A 232 -15.87 -21.01 3.94
CA VAL A 232 -16.61 -22.21 3.52
C VAL A 232 -17.72 -22.53 4.51
N ARG A 233 -17.37 -22.60 5.80
CA ARG A 233 -18.34 -22.87 6.84
C ARG A 233 -19.50 -21.87 6.79
N LYS A 234 -19.18 -20.58 6.71
CA LYS A 234 -20.22 -19.55 6.67
C LYS A 234 -21.12 -19.72 5.45
N GLY A 235 -20.54 -20.06 4.30
CA GLY A 235 -21.36 -20.19 3.10
C GLY A 235 -22.27 -21.40 3.15
N LEU A 236 -21.79 -22.51 3.71
CA LEU A 236 -22.64 -23.68 3.87
C LEU A 236 -23.84 -23.38 4.78
N LEU A 237 -23.59 -22.71 5.90
CA LEU A 237 -24.64 -22.48 6.87
C LEU A 237 -25.65 -21.47 6.33
N GLU A 238 -25.14 -20.42 5.66
CA GLU A 238 -26.02 -19.46 5.00
C GLU A 238 -26.88 -20.12 3.93
N LEU A 239 -26.40 -21.17 3.30
CA LEU A 239 -27.17 -21.94 2.33
C LEU A 239 -28.17 -22.88 3.00
N ASN A 240 -28.30 -22.77 4.32
CA ASN A 240 -29.18 -23.59 5.16
C ASN A 240 -29.06 -25.07 4.88
N LEU A 241 -27.84 -25.55 5.05
CA LEU A 241 -27.40 -26.90 4.77
C LEU A 241 -26.89 -27.52 6.07
N PRO A 242 -27.20 -28.78 6.33
CA PRO A 242 -27.02 -29.32 7.68
C PRO A 242 -25.58 -29.69 7.99
N LEU A 243 -24.69 -28.70 7.95
CA LEU A 243 -23.31 -28.96 8.35
C LEU A 243 -23.25 -29.54 9.77
N ARG A 244 -22.65 -30.71 9.91
CA ARG A 244 -22.55 -31.36 11.21
C ARG A 244 -21.18 -31.09 11.83
N SER A 245 -20.12 -31.45 11.12
CA SER A 245 -18.76 -31.34 11.63
C SER A 245 -17.80 -30.96 10.51
N ILE A 246 -16.78 -30.18 10.88
CA ILE A 246 -15.60 -29.93 10.07
C ILE A 246 -14.44 -30.59 10.79
N GLU A 247 -13.62 -31.35 10.07
CA GLU A 247 -12.62 -32.18 10.73
C GLU A 247 -11.31 -32.22 9.91
N ASP A 248 -10.20 -32.37 10.63
CA ASP A 248 -8.90 -32.54 10.00
C ASP A 248 -8.70 -34.03 9.71
N GLU A 249 -8.72 -34.39 8.45
CA GLU A 249 -8.43 -35.76 8.07
C GLU A 249 -6.93 -36.01 8.07
N TRP A 250 -6.60 -37.28 7.87
CA TRP A 250 -5.25 -37.80 8.07
C TRP A 250 -4.23 -37.09 7.20
N ALA A 251 -4.34 -37.22 5.87
CA ALA A 251 -3.32 -36.74 4.95
C ALA A 251 -3.19 -35.22 5.06
N PRO A 252 -2.02 -34.68 4.72
CA PRO A 252 -1.84 -33.22 4.74
C PRO A 252 -2.89 -32.52 3.88
N SER A 253 -3.42 -31.42 4.42
CA SER A 253 -4.40 -30.55 3.78
C SER A 253 -5.70 -31.26 3.41
N GLN A 254 -5.94 -32.43 3.97
CA GLN A 254 -7.16 -33.18 3.72
C GLN A 254 -8.18 -32.85 4.82
N MET A 255 -9.42 -32.57 4.41
CA MET A 255 -10.47 -32.15 5.34
C MET A 255 -11.64 -33.11 5.27
N GLU A 256 -12.48 -33.09 6.30
CA GLU A 256 -13.74 -33.82 6.23
C GLU A 256 -14.89 -32.92 6.68
N THR A 257 -15.95 -32.88 5.88
CA THR A 257 -17.15 -32.15 6.20
C THR A 257 -18.29 -33.15 6.23
N THR A 258 -18.93 -33.31 7.39
CA THR A 258 -20.05 -34.20 7.57
C THR A 258 -21.34 -33.39 7.72
N PHE A 259 -22.47 -34.06 7.51
CA PHE A 259 -23.74 -33.39 7.45
C PHE A 259 -24.80 -34.23 8.17
N ASP A 260 -25.79 -33.57 8.73
CA ASP A 260 -26.88 -34.31 9.43
C ASP A 260 -27.80 -34.99 8.43
N VAL A 261 -28.66 -35.87 8.94
CA VAL A 261 -29.56 -36.69 8.07
C VAL A 261 -30.37 -35.84 7.11
N MET A 262 -30.36 -36.25 5.85
CA MET A 262 -31.20 -35.57 4.87
C MET A 262 -32.01 -36.67 4.19
N GLU A 263 -33.00 -36.31 3.39
CA GLU A 263 -33.93 -37.33 2.87
C GLU A 263 -34.18 -37.24 1.36
N GLY A 264 -34.16 -38.38 0.69
CA GLY A 264 -34.54 -38.50 -0.71
C GLY A 264 -33.86 -37.50 -1.63
N LEU A 265 -34.65 -36.96 -2.58
CA LEU A 265 -34.08 -36.07 -3.58
C LEU A 265 -33.35 -34.90 -2.94
N GLU A 266 -33.90 -34.35 -1.85
CA GLU A 266 -33.29 -33.21 -1.19
C GLU A 266 -31.84 -33.50 -0.77
N ALA A 267 -31.59 -34.72 -0.29
CA ALA A 267 -30.23 -35.06 0.13
C ALA A 267 -29.26 -35.04 -1.04
N ALA A 268 -29.75 -35.37 -2.24
CA ALA A 268 -28.87 -35.43 -3.40
C ALA A 268 -28.65 -34.04 -4.00
N ASP A 269 -29.72 -33.23 -4.04
CA ASP A 269 -29.58 -31.83 -4.38
C ASP A 269 -28.56 -31.16 -3.45
N ALA A 270 -28.65 -31.47 -2.15
CA ALA A 270 -27.78 -30.83 -1.17
C ALA A 270 -26.33 -31.23 -1.39
N ALA A 271 -26.07 -32.54 -1.48
CA ALA A 271 -24.75 -33.06 -1.82
C ALA A 271 -24.16 -32.38 -3.04
N LEU A 272 -24.96 -32.25 -4.09
CA LEU A 272 -24.52 -31.54 -5.28
C LEU A 272 -24.11 -30.11 -4.94
N LEU A 273 -25.00 -29.35 -4.30
CA LEU A 273 -24.68 -27.97 -3.95
C LEU A 273 -23.49 -27.88 -3.02
N ILE A 274 -23.39 -28.81 -2.05
CA ILE A 274 -22.32 -28.73 -1.06
C ILE A 274 -20.97 -28.70 -1.76
N LYS A 275 -20.77 -29.61 -2.74
CA LYS A 275 -19.51 -29.65 -3.45
C LYS A 275 -19.29 -28.36 -4.25
N SER A 276 -20.36 -27.84 -4.85
CA SER A 276 -20.24 -26.61 -5.64
C SER A 276 -19.89 -25.43 -4.75
N ALA A 277 -20.63 -25.26 -3.65
CA ALA A 277 -20.38 -24.20 -2.69
C ALA A 277 -18.96 -24.27 -2.14
N ILE A 278 -18.55 -25.45 -1.65
CA ILE A 278 -17.17 -25.61 -1.20
C ILE A 278 -16.20 -25.17 -2.30
N LYS A 279 -16.40 -25.66 -3.52
CA LYS A 279 -15.39 -25.44 -4.55
C LYS A 279 -15.38 -24.00 -5.08
N GLN A 280 -16.55 -23.35 -5.19
CA GLN A 280 -16.57 -21.97 -5.66
C GLN A 280 -16.15 -20.96 -4.60
N ILE A 281 -16.46 -21.21 -3.32
CA ILE A 281 -16.06 -20.28 -2.30
C ILE A 281 -14.55 -20.24 -2.18
N CYS A 282 -13.91 -21.42 -2.22
CA CYS A 282 -12.46 -21.50 -2.17
C CYS A 282 -11.84 -20.71 -3.32
N SER A 283 -12.33 -20.92 -4.54
CA SER A 283 -11.71 -20.30 -5.71
C SER A 283 -11.83 -18.78 -5.69
N ARG A 284 -12.88 -18.26 -5.07
CA ARG A 284 -13.03 -16.80 -4.94
C ARG A 284 -12.03 -16.17 -3.99
N HIS A 285 -11.30 -16.98 -3.22
CA HIS A 285 -10.27 -16.50 -2.30
C HIS A 285 -8.91 -17.11 -2.61
N GLY A 286 -8.72 -17.65 -3.82
CA GLY A 286 -7.44 -18.18 -4.21
C GLY A 286 -7.13 -19.59 -3.72
N TYR A 287 -8.11 -20.29 -3.19
CA TYR A 287 -7.91 -21.68 -2.80
C TYR A 287 -8.55 -22.58 -3.86
N HIS A 288 -8.23 -23.87 -3.79
CA HIS A 288 -8.80 -24.82 -4.75
C HIS A 288 -9.16 -26.07 -3.98
N ALA A 289 -10.45 -26.33 -3.84
CA ALA A 289 -10.91 -27.59 -3.27
C ALA A 289 -10.98 -28.61 -4.39
N THR A 290 -10.66 -29.87 -4.10
CA THR A 290 -10.89 -30.90 -5.10
C THR A 290 -11.48 -32.15 -4.47
N PHE A 291 -12.44 -32.74 -5.19
CA PHE A 291 -13.02 -34.02 -4.80
C PHE A 291 -12.43 -35.15 -5.61
N MET A 292 -11.33 -34.88 -6.31
CA MET A 292 -10.46 -35.93 -6.83
C MET A 292 -10.06 -36.84 -5.68
N CYS A 293 -10.05 -38.14 -5.94
CA CYS A 293 -9.89 -39.09 -4.85
C CYS A 293 -8.46 -39.08 -4.29
N LYS A 294 -7.47 -39.14 -5.18
CA LYS A 294 -6.06 -39.08 -4.81
C LYS A 294 -5.35 -38.18 -5.81
N PRO A 295 -5.21 -36.85 -5.53
CA PRO A 295 -4.43 -35.98 -6.39
C PRO A 295 -2.94 -36.38 -6.47
N ALA A 296 -2.31 -36.16 -7.62
CA ALA A 296 -0.87 -36.43 -7.79
C ALA A 296 -0.05 -35.35 -7.13
N ILE A 297 -0.18 -35.22 -5.82
CA ILE A 297 0.62 -34.26 -5.04
C ILE A 297 1.26 -35.11 -3.95
N ASN A 298 2.59 -35.09 -3.82
CA ASN A 298 3.31 -35.91 -2.87
C ASN A 298 2.63 -35.90 -1.52
N GLY A 299 2.35 -37.08 -0.97
CA GLY A 299 1.83 -37.18 0.37
C GLY A 299 0.32 -37.26 0.50
N PHE A 300 -0.44 -36.89 -0.55
CA PHE A 300 -1.90 -36.96 -0.49
C PHE A 300 -2.37 -38.42 -0.58
N PHE A 301 -3.29 -38.81 0.31
CA PHE A 301 -3.93 -40.12 0.29
C PHE A 301 -5.35 -40.03 -0.25
N ALA A 302 -5.96 -41.18 -0.48
CA ALA A 302 -7.30 -41.20 -1.05
C ALA A 302 -8.31 -40.62 -0.08
N SER A 303 -9.25 -39.84 -0.63
CA SER A 303 -10.39 -39.32 0.11
C SER A 303 -11.62 -40.19 -0.17
N GLY A 304 -12.52 -40.26 0.82
CA GLY A 304 -13.68 -41.11 0.72
C GLY A 304 -14.97 -40.31 0.79
N TRP A 305 -16.07 -40.97 0.43
CA TRP A 305 -17.43 -40.46 0.61
C TRP A 305 -18.25 -41.60 1.24
N HIS A 306 -18.32 -41.63 2.57
CA HIS A 306 -19.14 -42.59 3.28
C HIS A 306 -20.58 -42.16 3.29
N MET A 307 -21.51 -43.09 3.05
CA MET A 307 -22.92 -42.75 2.91
C MET A 307 -23.73 -43.56 3.91
N HIS A 308 -24.13 -42.93 5.00
CA HIS A 308 -24.99 -43.56 6.01
C HIS A 308 -26.41 -43.59 5.48
N GLN A 309 -27.06 -44.76 5.60
CA GLN A 309 -28.37 -44.99 4.98
C GLN A 309 -29.27 -45.77 5.93
N SER A 310 -30.54 -45.40 5.97
CA SER A 310 -31.57 -46.15 6.67
C SER A 310 -32.90 -45.82 6.00
N LEU A 311 -33.90 -46.68 6.18
CA LEU A 311 -35.22 -46.45 5.62
C LEU A 311 -36.20 -46.14 6.72
N VAL A 312 -37.15 -45.25 6.43
CA VAL A 312 -38.20 -44.92 7.38
C VAL A 312 -39.54 -45.17 6.73
N ASP A 313 -40.56 -45.34 7.57
CA ASP A 313 -41.93 -45.46 7.12
C ASP A 313 -42.45 -44.10 6.65
N LYS A 314 -42.92 -44.02 5.39
CA LYS A 314 -43.44 -42.74 4.90
C LYS A 314 -44.59 -42.22 5.77
N ASP A 315 -45.20 -43.12 6.55
CA ASP A 315 -46.33 -42.71 7.42
C ASP A 315 -45.88 -42.63 8.88
N THR A 316 -45.38 -43.72 9.46
CA THR A 316 -45.03 -43.72 10.91
C THR A 316 -43.79 -42.87 11.16
N ARG A 317 -42.96 -42.67 10.13
CA ARG A 317 -41.73 -41.85 10.25
C ARG A 317 -40.78 -42.48 11.25
N LYS A 318 -40.87 -43.81 11.42
CA LYS A 318 -39.92 -44.49 12.29
C LYS A 318 -38.92 -45.23 11.42
N ASN A 319 -37.65 -45.24 11.83
CA ASN A 319 -36.65 -46.08 11.19
C ASN A 319 -37.13 -47.53 11.18
N LEU A 320 -36.99 -48.20 10.04
CA LEU A 320 -37.46 -49.58 9.92
C LEU A 320 -36.33 -50.58 10.02
N PHE A 321 -35.12 -50.12 10.38
CA PHE A 321 -33.91 -50.93 10.47
C PHE A 321 -33.60 -51.40 11.89
N ILE A 322 -34.24 -50.83 12.91
CA ILE A 322 -33.77 -51.01 14.30
C ILE A 322 -33.89 -52.47 14.72
N PRO A 323 -32.87 -53.03 15.38
CA PRO A 323 -32.90 -54.45 15.73
C PRO A 323 -33.50 -54.71 17.11
N SER A 324 -33.91 -55.97 17.31
CA SER A 324 -34.33 -56.52 18.59
C SER A 324 -33.26 -57.47 19.14
N GLU A 325 -33.60 -58.21 20.19
CA GLU A 325 -32.63 -59.08 20.85
C GLU A 325 -32.27 -60.24 19.94
N GLY A 326 -30.97 -60.43 19.69
CA GLY A 326 -30.50 -61.46 18.78
C GLY A 326 -30.49 -61.05 17.32
N GLU A 327 -30.71 -59.77 17.06
CA GLU A 327 -30.74 -59.28 15.66
C GLU A 327 -29.64 -58.24 15.48
N VAL A 328 -28.90 -58.30 14.38
CA VAL A 328 -27.87 -57.27 14.07
C VAL A 328 -28.64 -56.13 13.42
N LEU A 329 -29.66 -56.45 12.63
CA LEU A 329 -30.51 -55.42 12.02
C LEU A 329 -31.86 -56.11 11.87
N SER A 330 -32.86 -55.29 11.57
CA SER A 330 -34.22 -55.82 11.38
C SER A 330 -34.27 -56.64 10.09
N PRO A 331 -35.28 -57.49 9.79
CA PRO A 331 -35.29 -58.20 8.52
C PRO A 331 -35.16 -57.25 7.34
N LEU A 332 -35.80 -56.09 7.40
CA LEU A 332 -35.79 -55.09 6.29
C LEU A 332 -34.37 -54.57 6.06
N GLY A 333 -33.67 -54.21 7.14
CA GLY A 333 -32.32 -53.66 7.03
C GLY A 333 -31.30 -54.69 6.63
N ARG A 334 -31.46 -55.90 7.11
CA ARG A 334 -30.54 -57.00 6.72
C ARG A 334 -30.71 -57.24 5.24
N ALA A 335 -31.95 -57.17 4.76
CA ALA A 335 -32.22 -57.39 3.34
C ALA A 335 -31.62 -56.20 2.59
N TYR A 336 -31.85 -54.99 3.10
CA TYR A 336 -31.24 -53.81 2.47
C TYR A 336 -29.72 -53.96 2.35
N ALA A 337 -29.07 -54.44 3.40
CA ALA A 337 -27.63 -54.66 3.33
C ALA A 337 -27.28 -55.84 2.45
N GLY A 338 -28.11 -56.90 2.46
CA GLY A 338 -27.88 -58.01 1.58
C GLY A 338 -27.87 -57.60 0.11
N GLY A 339 -28.70 -56.65 -0.26
CA GLY A 339 -28.74 -56.16 -1.65
C GLY A 339 -27.59 -55.23 -2.02
N LEU A 340 -27.18 -54.36 -1.12
CA LEU A 340 -26.02 -53.49 -1.38
C LEU A 340 -24.79 -54.34 -1.66
N LEU A 341 -24.55 -55.35 -0.82
CA LEU A 341 -23.39 -56.26 -1.00
C LEU A 341 -23.58 -56.99 -2.32
N ALA A 342 -24.79 -57.49 -2.59
CA ALA A 342 -24.97 -58.30 -3.80
C ALA A 342 -24.63 -57.51 -5.05
N ASN A 343 -25.19 -56.30 -5.17
CA ASN A 343 -25.02 -55.45 -6.34
C ASN A 343 -23.81 -54.50 -6.24
N GLY A 344 -22.90 -54.74 -5.29
CA GLY A 344 -21.81 -53.81 -5.08
C GLY A 344 -20.81 -53.74 -6.22
N SER A 345 -20.53 -54.88 -6.88
CA SER A 345 -19.62 -54.86 -8.03
C SER A 345 -20.27 -54.18 -9.23
N ALA A 346 -21.52 -54.53 -9.52
CA ALA A 346 -22.23 -53.86 -10.62
C ALA A 346 -22.45 -52.38 -10.34
N ALA A 347 -22.48 -51.95 -9.08
CA ALA A 347 -22.69 -50.54 -8.75
C ALA A 347 -21.39 -49.74 -8.63
N SER A 348 -20.23 -50.40 -8.61
CA SER A 348 -18.96 -49.71 -8.39
C SER A 348 -18.67 -48.63 -9.46
N SER A 349 -19.14 -48.82 -10.69
CA SER A 349 -19.08 -47.77 -11.70
C SER A 349 -19.71 -46.46 -11.22
N PHE A 350 -20.77 -46.55 -10.40
CA PHE A 350 -21.59 -45.40 -10.03
C PHE A 350 -21.20 -44.79 -8.70
N THR A 351 -20.73 -45.61 -7.77
CA THR A 351 -20.22 -45.12 -6.51
C THR A 351 -18.79 -44.64 -6.61
N THR A 352 -18.12 -45.00 -7.71
CA THR A 352 -16.69 -44.74 -7.88
C THR A 352 -16.46 -44.57 -9.38
N PRO A 353 -16.91 -43.45 -9.95
CA PRO A 353 -16.91 -43.31 -11.42
C PRO A 353 -15.54 -43.05 -11.98
N THR A 354 -14.61 -42.55 -11.20
CA THR A 354 -13.35 -42.08 -11.77
C THR A 354 -12.32 -43.20 -11.78
N VAL A 355 -11.46 -43.15 -12.79
CA VAL A 355 -10.27 -44.00 -12.79
C VAL A 355 -9.55 -43.84 -11.47
N ASN A 356 -9.33 -42.58 -11.09
CA ASN A 356 -8.52 -42.28 -9.92
C ASN A 356 -9.19 -42.78 -8.63
N GLY A 357 -10.52 -42.90 -8.61
CA GLY A 357 -11.24 -43.36 -7.44
C GLY A 357 -10.88 -44.75 -6.99
N TYR A 358 -10.08 -45.45 -7.80
CA TYR A 358 -9.77 -46.87 -7.50
C TYR A 358 -8.36 -47.00 -6.93
N ARG A 359 -7.66 -45.88 -6.75
CA ARG A 359 -6.33 -45.91 -6.12
C ARG A 359 -6.57 -45.93 -4.62
N ARG A 360 -7.48 -46.79 -4.18
CA ARG A 360 -7.89 -46.87 -2.76
C ARG A 360 -6.76 -47.45 -1.90
N ARG A 361 -5.65 -47.85 -2.52
CA ARG A 361 -4.59 -48.47 -1.74
C ARG A 361 -3.23 -48.04 -2.29
N GLN A 362 -2.18 -48.53 -1.66
CA GLN A 362 -0.81 -48.30 -2.12
C GLN A 362 -0.01 -49.61 -2.17
N TYR A 364 -0.84 -48.41 3.69
CA TYR A 364 -0.96 -47.64 4.93
C TYR A 364 -2.35 -47.70 5.56
N SER A 365 -3.32 -48.16 4.78
CA SER A 365 -4.72 -48.16 5.18
C SER A 365 -5.40 -49.43 4.68
N LEU A 366 -6.60 -49.68 5.22
CA LEU A 366 -7.50 -50.70 4.70
C LEU A 366 -8.58 -49.97 3.89
N ALA A 367 -8.57 -50.21 2.58
CA ALA A 367 -9.69 -49.79 1.76
C ALA A 367 -10.86 -50.74 1.97
N PRO A 368 -12.06 -50.29 1.77
CA PRO A 368 -13.17 -51.24 1.72
C PRO A 368 -13.24 -51.90 0.34
N ASP A 369 -12.50 -52.98 0.14
CA ASP A 369 -12.43 -53.65 -1.15
C ASP A 369 -13.05 -55.05 -1.10
N ARG A 370 -13.81 -55.36 -0.06
CA ARG A 370 -14.38 -56.68 0.14
C ARG A 370 -15.90 -56.57 0.23
N ARG A 371 -16.61 -57.40 -0.52
CA ARG A 371 -18.08 -57.34 -0.57
C ARG A 371 -18.65 -58.06 0.66
N ALA A 372 -18.67 -57.34 1.78
CA ALA A 372 -19.04 -57.96 3.04
C ALA A 372 -19.59 -56.96 4.04
N TRP A 373 -20.39 -57.50 4.95
CA TRP A 373 -20.94 -56.86 6.13
C TRP A 373 -19.94 -56.93 7.30
N ALA A 374 -19.80 -55.84 8.05
CA ALA A 374 -19.00 -55.90 9.27
C ALA A 374 -19.37 -54.77 10.22
N LYS A 375 -19.07 -54.97 11.51
CA LYS A 375 -19.15 -53.93 12.54
C LYS A 375 -17.83 -53.24 12.78
N ASP A 376 -16.72 -53.95 12.63
CA ASP A 376 -15.42 -53.34 12.87
C ASP A 376 -14.33 -53.83 11.92
N ASN A 377 -14.68 -54.36 10.77
CA ASN A 377 -13.68 -54.75 9.77
C ASN A 377 -13.68 -53.66 8.71
N LYS A 378 -12.63 -52.84 8.71
CA LYS A 378 -12.53 -51.70 7.80
C LYS A 378 -12.54 -52.16 6.34
N ALA A 379 -12.07 -53.37 6.06
CA ALA A 379 -12.04 -53.89 4.70
C ALA A 379 -13.45 -54.15 4.12
N ALA A 380 -14.51 -53.97 4.91
CA ALA A 380 -15.88 -54.28 4.49
C ALA A 380 -16.56 -53.02 3.97
N MET A 381 -17.13 -53.11 2.76
CA MET A 381 -17.74 -51.94 2.14
C MET A 381 -18.89 -51.40 2.98
N VAL A 382 -19.53 -52.27 3.76
CA VAL A 382 -20.69 -51.91 4.54
C VAL A 382 -20.36 -52.07 6.01
N ARG A 383 -20.45 -50.97 6.75
CA ARG A 383 -20.38 -50.98 8.20
C ARG A 383 -21.78 -50.81 8.78
N VAL A 384 -22.10 -51.62 9.78
CA VAL A 384 -23.38 -51.51 10.46
C VAL A 384 -23.10 -50.89 11.82
N VAL A 385 -24.02 -50.05 12.27
CA VAL A 385 -23.91 -49.29 13.51
C VAL A 385 -25.28 -49.32 14.17
N SER A 386 -25.60 -50.46 14.77
CA SER A 386 -26.90 -50.64 15.39
C SER A 386 -26.70 -51.05 16.84
N ALA A 387 -27.81 -51.01 17.57
CA ALA A 387 -27.88 -51.47 18.95
C ALA A 387 -29.31 -51.92 19.19
N THR A 388 -29.49 -52.83 20.13
CA THR A 388 -30.83 -53.34 20.36
C THR A 388 -31.74 -52.19 20.76
N GLY A 389 -32.81 -51.99 19.97
CA GLY A 389 -33.73 -50.88 20.14
C GLY A 389 -33.23 -49.51 19.71
N ASP A 390 -32.01 -49.41 19.17
CA ASP A 390 -31.41 -48.10 18.93
C ASP A 390 -32.00 -47.42 17.70
N PRO A 391 -32.54 -46.21 17.83
CA PRO A 391 -33.17 -45.56 16.67
C PRO A 391 -32.17 -45.01 15.66
N ALA A 392 -30.93 -44.74 16.05
CA ALA A 392 -29.94 -44.30 15.07
C ALA A 392 -29.34 -45.47 14.29
N SER A 393 -29.83 -46.69 14.51
CA SER A 393 -29.37 -47.87 13.78
C SER A 393 -29.38 -47.59 12.28
N ARG A 394 -28.28 -47.88 11.62
CA ARG A 394 -28.24 -47.74 10.17
C ARG A 394 -27.09 -48.56 9.63
N ILE A 395 -26.91 -48.52 8.32
CA ILE A 395 -25.71 -49.04 7.69
C ILE A 395 -24.97 -47.87 7.05
N GLU A 396 -23.67 -48.08 6.83
CA GLU A 396 -22.79 -47.07 6.22
C GLU A 396 -22.08 -47.73 5.07
N ASN A 397 -22.19 -47.15 3.88
CA ASN A 397 -21.41 -47.60 2.73
C ASN A 397 -20.16 -46.72 2.61
N ARG A 398 -19.01 -47.38 2.54
CA ARG A 398 -17.73 -46.69 2.39
C ARG A 398 -17.13 -46.82 1.00
N ILE A 399 -17.76 -47.57 0.07
CA ILE A 399 -17.17 -47.73 -1.25
C ILE A 399 -17.08 -46.39 -2.01
N GLY A 400 -17.87 -45.40 -1.61
CA GLY A 400 -18.00 -44.20 -2.40
C GLY A 400 -16.75 -43.33 -2.38
N GLU A 401 -16.60 -42.56 -3.46
CA GLU A 401 -15.52 -41.60 -3.64
C GLU A 401 -16.09 -40.18 -3.76
N PRO A 402 -15.37 -39.17 -3.27
CA PRO A 402 -15.99 -37.85 -3.15
C PRO A 402 -16.37 -37.24 -4.48
N GLY A 403 -15.68 -37.60 -5.56
CA GLY A 403 -16.02 -37.05 -6.85
C GLY A 403 -17.19 -37.76 -7.53
N ALA A 404 -18.00 -38.53 -6.80
CA ALA A 404 -19.10 -39.24 -7.42
C ALA A 404 -20.26 -38.30 -7.70
N ASN A 405 -21.08 -38.69 -8.68
CA ASN A 405 -22.29 -37.94 -9.03
C ASN A 405 -23.30 -38.20 -7.93
N PRO A 406 -23.70 -37.20 -7.16
CA PRO A 406 -24.65 -37.44 -6.06
C PRO A 406 -25.89 -38.23 -6.46
N TYR A 407 -26.52 -37.93 -7.60
CA TYR A 407 -27.75 -38.66 -7.93
C TYR A 407 -27.45 -40.12 -8.24
N LEU A 408 -26.33 -40.41 -8.93
CA LEU A 408 -26.01 -41.78 -9.32
C LEU A 408 -25.51 -42.59 -8.12
N TYR A 409 -24.75 -41.96 -7.23
CA TYR A 409 -24.36 -42.65 -6.01
C TYR A 409 -25.59 -43.01 -5.20
N MET A 410 -26.46 -42.02 -4.94
CA MET A 410 -27.60 -42.21 -4.03
C MET A 410 -28.64 -43.14 -4.64
N ALA A 411 -29.02 -42.91 -5.89
CA ALA A 411 -29.96 -43.83 -6.52
C ALA A 411 -29.40 -45.25 -6.60
N SER A 412 -28.07 -45.41 -6.71
CA SER A 412 -27.55 -46.77 -6.78
C SER A 412 -27.67 -47.46 -5.44
N GLN A 413 -27.53 -46.71 -4.35
CA GLN A 413 -27.81 -47.29 -3.04
C GLN A 413 -29.28 -47.68 -2.93
N ILE A 414 -30.17 -46.79 -3.37
CA ILE A 414 -31.62 -47.00 -3.23
C ILE A 414 -32.08 -48.19 -4.06
N VAL A 415 -31.62 -48.26 -5.32
CA VAL A 415 -31.90 -49.42 -6.16
C VAL A 415 -31.34 -50.69 -5.53
N SER A 416 -30.09 -50.62 -5.06
CA SER A 416 -29.44 -51.80 -4.49
C SER A 416 -30.22 -52.33 -3.31
N GLY A 417 -30.37 -51.50 -2.26
CA GLY A 417 -31.02 -51.97 -1.05
C GLY A 417 -32.45 -52.45 -1.29
N LEU A 418 -33.22 -51.71 -2.07
CA LEU A 418 -34.58 -52.16 -2.37
C LEU A 418 -34.58 -53.48 -3.13
N ASP A 419 -33.56 -53.73 -3.96
CA ASP A 419 -33.44 -55.06 -4.58
C ASP A 419 -33.27 -56.13 -3.53
N GLY A 420 -32.44 -55.87 -2.52
CA GLY A 420 -32.21 -56.85 -1.48
C GLY A 420 -33.45 -57.16 -0.65
N ILE A 421 -34.39 -56.21 -0.62
CA ILE A 421 -35.58 -56.42 0.19
C ILE A 421 -36.55 -57.35 -0.52
N LYS A 422 -36.98 -56.97 -1.73
CA LYS A 422 -38.02 -57.70 -2.42
C LYS A 422 -37.59 -59.12 -2.80
N ASN A 423 -36.28 -59.35 -2.97
CA ASN A 423 -35.75 -60.68 -3.24
C ASN A 423 -35.21 -61.34 -1.97
N LYS A 424 -35.39 -60.68 -0.83
CA LYS A 424 -35.03 -61.22 0.49
C LYS A 424 -33.59 -61.72 0.52
N LYS A 425 -32.67 -60.85 0.11
CA LYS A 425 -31.26 -61.21 -0.01
C LYS A 425 -30.58 -61.17 1.35
N ASP A 426 -29.62 -62.09 1.56
CA ASP A 426 -29.00 -62.21 2.87
C ASP A 426 -27.57 -61.71 2.85
N PRO A 427 -27.23 -60.80 3.78
CA PRO A 427 -25.87 -60.23 3.79
C PRO A 427 -24.80 -61.14 4.37
N GLY A 428 -25.11 -62.37 4.72
CA GLY A 428 -24.10 -63.13 5.43
C GLY A 428 -24.01 -62.70 6.89
N GLU A 429 -22.91 -63.06 7.51
CA GLU A 429 -22.69 -62.72 8.90
C GLU A 429 -21.57 -61.68 8.99
N LEU A 430 -21.65 -60.88 10.04
CA LEU A 430 -20.59 -59.92 10.33
C LEU A 430 -19.25 -60.61 10.38
N GLN A 431 -18.31 -60.12 9.57
CA GLN A 431 -16.93 -60.65 9.58
C GLN A 431 -16.05 -59.61 10.27
N GLU A 432 -14.96 -60.02 10.89
CA GLU A 432 -14.11 -59.05 11.63
C GLU A 432 -12.66 -59.29 11.26
N SER A 433 -12.42 -60.19 10.30
CA SER A 433 -11.04 -60.51 9.86
C SER A 433 -10.67 -59.68 8.63
N VAL A 439 -13.43 -63.97 0.76
CA VAL A 439 -14.77 -63.37 0.52
C VAL A 439 -14.73 -62.63 -0.82
N PRO A 440 -15.86 -62.47 -1.52
CA PRO A 440 -15.90 -61.71 -2.76
C PRO A 440 -15.19 -60.35 -2.77
N MET A 441 -14.42 -60.07 -3.82
CA MET A 441 -13.67 -58.81 -3.97
C MET A 441 -14.39 -57.87 -4.93
N LEU A 442 -14.50 -56.60 -4.54
CA LEU A 442 -15.07 -55.57 -5.40
C LEU A 442 -14.11 -55.26 -6.55
N PRO A 443 -14.62 -54.71 -7.66
CA PRO A 443 -13.73 -54.34 -8.78
C PRO A 443 -12.58 -53.46 -8.33
N THR A 444 -11.42 -53.68 -8.95
CA THR A 444 -10.21 -52.96 -8.58
C THR A 444 -9.84 -51.84 -9.54
N THR A 445 -10.25 -51.91 -10.81
CA THR A 445 -10.12 -50.78 -11.73
C THR A 445 -11.50 -50.38 -12.23
N LEU A 446 -11.55 -49.24 -12.94
CA LEU A 446 -12.83 -48.78 -13.47
C LEU A 446 -13.27 -49.64 -14.65
N ALA A 447 -12.31 -50.26 -15.33
CA ALA A 447 -12.66 -51.15 -16.41
C ALA A 447 -13.32 -52.43 -15.88
N GLU A 448 -12.98 -52.85 -14.66
CA GLU A 448 -13.61 -54.02 -14.04
C GLU A 448 -14.99 -53.73 -13.49
N ALA A 449 -15.18 -52.51 -12.98
CA ALA A 449 -16.51 -52.11 -12.55
C ALA A 449 -17.46 -51.98 -13.74
N LEU A 450 -16.94 -51.56 -14.91
CA LEU A 450 -17.75 -51.55 -16.12
C LEU A 450 -18.04 -52.96 -16.61
N ASP A 451 -17.07 -53.87 -16.47
CA ASP A 451 -17.28 -55.26 -16.89
C ASP A 451 -18.26 -55.96 -15.96
N ALA A 452 -18.08 -55.78 -14.65
CA ALA A 452 -19.07 -56.22 -13.67
C ALA A 452 -20.46 -55.73 -14.04
N LEU A 453 -20.57 -54.49 -14.52
CA LEU A 453 -21.88 -53.94 -14.90
C LEU A 453 -22.42 -54.60 -16.16
N GLU A 454 -21.56 -54.86 -17.15
CA GLU A 454 -22.02 -55.49 -18.37
C GLU A 454 -22.58 -56.87 -18.10
N HIS A 455 -21.99 -57.60 -17.16
CA HIS A 455 -22.36 -58.98 -16.93
C HIS A 455 -23.51 -59.13 -15.93
N ASP A 456 -23.82 -58.10 -15.15
CA ASP A 456 -24.94 -58.12 -14.21
C ASP A 456 -25.78 -56.85 -14.39
N SER A 457 -26.26 -56.65 -15.60
CA SER A 457 -26.88 -55.39 -15.96
C SER A 457 -28.40 -55.38 -15.79
N GLU A 458 -29.00 -56.40 -15.17
CA GLU A 458 -30.48 -56.47 -15.19
C GLU A 458 -31.10 -55.52 -14.18
N LEU A 459 -30.54 -55.42 -12.98
CA LEU A 459 -31.08 -54.49 -11.99
C LEU A 459 -31.01 -53.06 -12.53
N PHE A 460 -29.82 -52.59 -12.86
CA PHE A 460 -29.65 -51.21 -13.24
C PHE A 460 -30.14 -50.90 -14.65
N ARG A 461 -30.41 -51.89 -15.48
CA ARG A 461 -31.11 -51.56 -16.72
C ARG A 461 -32.59 -51.38 -16.42
N SER A 462 -33.12 -52.19 -15.53
CA SER A 462 -34.52 -52.07 -15.20
C SER A 462 -34.78 -50.75 -14.48
N CYS A 463 -33.82 -50.31 -13.66
CA CYS A 463 -34.01 -49.19 -12.74
C CYS A 463 -33.46 -47.87 -13.28
N PHE A 464 -32.18 -47.84 -13.68
CA PHE A 464 -31.64 -46.64 -14.30
C PHE A 464 -32.13 -46.48 -15.73
N GLY A 465 -32.65 -47.55 -16.34
CA GLY A 465 -33.06 -47.45 -17.73
C GLY A 465 -32.09 -48.16 -18.64
N ASP A 466 -32.62 -48.77 -19.69
CA ASP A 466 -31.79 -49.52 -20.62
C ASP A 466 -30.90 -48.60 -21.45
N THR A 467 -31.46 -47.47 -21.90
CA THR A 467 -30.70 -46.53 -22.72
C THR A 467 -29.60 -45.86 -21.91
N PHE A 468 -29.91 -45.45 -20.67
CA PHE A 468 -28.88 -44.87 -19.82
C PHE A 468 -27.71 -45.83 -19.66
N ILE A 469 -28.01 -47.10 -19.38
CA ILE A 469 -26.94 -48.07 -19.18
C ILE A 469 -26.21 -48.32 -20.49
N LYS A 470 -26.91 -48.31 -21.63
CA LYS A 470 -26.20 -48.39 -22.90
C LYS A 470 -25.28 -47.18 -23.06
N TYR A 471 -25.79 -45.99 -22.79
CA TYR A 471 -24.97 -44.78 -22.84
C TYR A 471 -23.83 -44.83 -21.82
N TRP A 472 -24.12 -45.26 -20.59
CA TRP A 472 -23.10 -45.20 -19.53
C TRP A 472 -21.91 -46.11 -19.86
N LEU A 473 -22.17 -47.35 -20.28
CA LEU A 473 -21.09 -48.27 -20.63
C LEU A 473 -20.28 -47.73 -21.80
N GLN A 474 -20.96 -47.18 -22.79
CA GLN A 474 -20.21 -46.65 -23.92
C GLN A 474 -19.29 -45.52 -23.46
N LEU A 475 -19.85 -44.53 -22.76
CA LEU A 475 -19.10 -43.33 -22.42
C LEU A 475 -17.91 -43.66 -21.52
N ARG A 476 -18.16 -44.36 -20.41
CA ARG A 476 -17.08 -44.65 -19.47
C ARG A 476 -15.94 -45.42 -20.15
N ARG A 477 -16.28 -46.50 -20.86
CA ARG A 477 -15.25 -47.31 -21.50
C ARG A 477 -14.36 -46.44 -22.39
N SER A 478 -14.95 -45.42 -23.04
CA SER A 478 -14.18 -44.56 -23.92
C SER A 478 -13.11 -43.82 -23.15
N GLU A 479 -13.43 -43.38 -21.93
CA GLU A 479 -12.44 -42.70 -21.11
C GLU A 479 -11.40 -43.66 -20.55
N TRP A 480 -11.80 -44.89 -20.22
CA TRP A 480 -10.81 -45.84 -19.77
C TRP A 480 -9.79 -46.11 -20.86
N ALA A 481 -10.23 -46.13 -22.12
CA ALA A 481 -9.32 -46.37 -23.24
C ALA A 481 -8.30 -45.25 -23.38
N ARG A 482 -8.72 -44.00 -23.11
CA ARG A 482 -7.81 -42.86 -23.14
C ARG A 482 -6.73 -43.00 -22.08
N PHE A 483 -7.14 -43.29 -20.85
CA PHE A 483 -6.21 -43.49 -19.74
C PHE A 483 -5.17 -44.55 -20.10
N LEU A 484 -5.65 -45.73 -20.51
CA LEU A 484 -4.79 -46.82 -20.96
C LEU A 484 -3.81 -46.35 -22.01
N ASP A 485 -4.34 -45.86 -23.14
CA ASP A 485 -3.49 -45.38 -24.23
C ASP A 485 -2.42 -44.44 -23.74
N ALA A 486 -2.74 -43.59 -22.76
CA ALA A 486 -1.80 -42.58 -22.29
C ALA A 486 -0.80 -43.12 -21.29
N GLU A 487 -1.16 -44.15 -20.50
CA GLU A 487 -0.33 -44.56 -19.37
C GLU A 487 0.05 -46.04 -19.34
N GLY A 488 -0.66 -46.91 -20.04
CA GLY A 488 -0.19 -48.28 -20.11
C GLY A 488 -0.75 -49.15 -19.01
N ALA A 489 -0.95 -50.44 -19.33
CA ALA A 489 -1.62 -51.38 -18.40
C ALA A 489 -0.96 -51.49 -17.03
N GLU A 490 0.33 -51.21 -16.92
CA GLU A 490 0.93 -51.40 -15.58
C GLU A 490 0.65 -50.13 -14.79
N ALA A 491 0.56 -49.01 -15.48
CA ALA A 491 0.20 -47.77 -14.76
C ALA A 491 -1.31 -47.80 -14.44
N ALA A 492 -2.07 -48.66 -15.11
CA ALA A 492 -3.49 -48.77 -14.80
C ALA A 492 -3.78 -49.53 -13.50
N GLU A 493 -2.79 -50.22 -12.94
CA GLU A 493 -3.04 -51.03 -11.75
C GLU A 493 -3.30 -50.14 -10.55
N PRO A 494 -4.38 -50.38 -9.80
CA PRO A 494 -4.72 -49.50 -8.67
C PRO A 494 -3.63 -49.38 -7.64
N THR A 495 -2.71 -50.33 -7.60
CA THR A 495 -1.66 -50.31 -6.58
C THR A 495 -0.71 -49.13 -6.78
N GLY A 496 -0.55 -48.64 -8.03
CA GLY A 496 0.54 -47.74 -8.36
C GLY A 496 0.17 -46.27 -8.35
N ALA A 497 1.21 -45.43 -8.47
CA ALA A 497 1.10 -44.00 -8.24
C ALA A 497 0.02 -43.35 -9.11
N VAL A 498 -0.49 -42.22 -8.63
CA VAL A 498 -1.40 -41.41 -9.43
C VAL A 498 -0.66 -40.93 -10.65
N THR A 499 -1.21 -41.20 -11.82
CA THR A 499 -0.64 -40.83 -13.10
C THR A 499 -0.94 -39.37 -13.41
N GLN A 500 -0.16 -38.83 -14.35
CA GLN A 500 -0.42 -37.47 -14.83
C GLN A 500 -1.72 -37.38 -15.60
N TRP A 501 -2.11 -38.44 -16.33
CA TRP A 501 -3.42 -38.45 -16.98
C TRP A 501 -4.53 -38.25 -15.95
N GLU A 502 -4.46 -38.99 -14.84
CA GLU A 502 -5.41 -38.80 -13.75
C GLU A 502 -5.42 -37.37 -13.27
N GLN A 503 -4.26 -36.81 -12.92
CA GLN A 503 -4.22 -35.45 -12.42
C GLN A 503 -4.82 -34.48 -13.44
N LYS A 504 -4.56 -34.70 -14.73
CA LYS A 504 -5.03 -33.79 -15.75
C LYS A 504 -6.49 -34.01 -16.15
N GLU A 505 -7.14 -35.06 -15.64
CA GLU A 505 -8.55 -35.29 -15.92
C GLU A 505 -9.49 -34.85 -14.81
N TYR A 506 -9.06 -34.90 -13.56
CA TYR A 506 -9.96 -34.74 -12.43
C TYR A 506 -9.61 -33.59 -11.49
N PHE A 507 -8.35 -33.15 -11.45
CA PHE A 507 -7.96 -32.21 -10.38
C PHE A 507 -8.74 -30.90 -10.48
N ASN A 508 -8.83 -30.34 -11.70
CA ASN A 508 -9.44 -29.04 -11.88
C ASN A 508 -10.95 -29.10 -11.67
N LEU A 509 -11.63 -30.08 -12.27
CA LEU A 509 -13.08 -29.99 -12.36
C LEU A 509 -13.81 -30.69 -11.22
N LEU A 510 -13.20 -31.70 -10.62
CA LEU A 510 -13.85 -32.42 -9.52
C LEU A 510 -13.41 -31.89 -8.15
N ASP B 21 17.46 37.61 39.32
CA ASP B 21 17.10 37.91 37.93
C ASP B 21 18.34 38.45 37.22
N PHE B 22 19.00 37.61 36.39
CA PHE B 22 20.13 38.09 35.60
C PHE B 22 19.71 39.22 34.67
N ILE B 23 18.54 39.08 34.05
CA ILE B 23 18.06 40.03 33.06
C ILE B 23 17.79 41.39 33.70
N THR B 24 16.96 41.42 34.74
CA THR B 24 16.63 42.71 35.37
C THR B 24 17.88 43.32 36.01
N LYS B 25 18.64 42.51 36.74
CA LYS B 25 19.86 42.99 37.42
C LYS B 25 20.81 43.68 36.46
N ASN B 26 20.82 43.26 35.20
CA ASN B 26 21.64 43.89 34.19
C ASN B 26 20.84 44.70 33.18
N ASN B 27 19.57 44.99 33.48
CA ASN B 27 18.76 45.94 32.70
C ASN B 27 18.79 45.61 31.21
N LEU B 28 18.62 44.33 30.88
CA LEU B 28 18.76 43.86 29.51
C LEU B 28 17.45 43.83 28.74
N TRP B 29 16.33 44.25 29.34
CA TRP B 29 15.02 44.12 28.73
C TRP B 29 14.28 45.46 28.77
N THR B 30 13.93 45.98 27.60
CA THR B 30 12.94 47.03 27.49
C THR B 30 11.64 46.58 28.14
N ASN B 31 10.84 47.53 28.61
CA ASN B 31 9.50 47.20 29.07
C ASN B 31 8.61 46.71 27.93
N GLU B 32 9.01 46.96 26.68
CA GLU B 32 8.35 46.28 25.57
C GLU B 32 8.66 44.80 25.58
N GLN B 33 9.94 44.45 25.80
CA GLN B 33 10.32 43.05 25.94
C GLN B 33 9.65 42.40 27.15
N ARG B 34 9.56 43.15 28.26
CA ARG B 34 8.87 42.66 29.44
C ARG B 34 7.40 42.38 29.14
N ASP B 35 6.77 43.26 28.34
CA ASP B 35 5.39 43.01 27.90
C ASP B 35 5.33 41.76 27.03
N ALA B 36 6.13 41.73 25.97
CA ALA B 36 6.15 40.57 25.07
C ALA B 36 6.39 39.26 25.80
N ALA B 37 7.20 39.28 26.87
CA ALA B 37 7.43 38.06 27.64
C ALA B 37 6.13 37.50 28.20
N ASP B 38 5.30 38.35 28.83
CA ASP B 38 4.06 37.85 29.41
C ASP B 38 3.05 37.44 28.34
N LYS B 39 3.08 38.09 27.18
CA LYS B 39 2.19 37.69 26.10
C LYS B 39 2.68 36.39 25.46
N VAL B 40 4.00 36.22 25.36
CA VAL B 40 4.53 34.96 24.83
C VAL B 40 4.07 33.80 25.68
N LEU B 41 4.12 33.95 27.01
CA LEU B 41 3.83 32.84 27.92
C LEU B 41 2.35 32.47 27.90
N ALA B 42 1.47 33.46 27.71
CA ALA B 42 0.08 33.15 27.49
C ALA B 42 -0.13 32.42 26.17
N GLU B 43 0.57 32.84 25.12
CA GLU B 43 0.46 32.15 23.85
C GLU B 43 1.01 30.73 23.92
N ILE B 44 1.98 30.48 24.80
CA ILE B 44 2.50 29.12 24.96
C ILE B 44 1.48 28.23 25.68
N ASP B 45 0.76 28.79 26.66
CA ASP B 45 -0.24 27.99 27.37
C ASP B 45 -1.49 27.78 26.53
N SER B 46 -1.87 28.76 25.71
CA SER B 46 -3.07 28.58 24.90
C SER B 46 -2.84 27.54 23.82
N LEU B 47 -1.66 27.54 23.22
CA LEU B 47 -1.40 26.72 22.06
C LEU B 47 -0.93 25.32 22.42
N GLY B 48 -0.76 25.02 23.71
CA GLY B 48 -0.26 23.71 24.10
C GLY B 48 1.13 23.42 23.61
N LEU B 49 1.97 24.45 23.49
CA LEU B 49 3.34 24.24 23.04
C LEU B 49 4.13 23.54 24.13
N GLU B 50 5.03 22.65 23.71
CA GLU B 50 5.88 21.89 24.61
C GLU B 50 7.34 22.30 24.54
N MET B 51 7.85 22.56 23.33
CA MET B 51 9.21 23.05 23.11
C MET B 51 9.20 24.48 22.61
N ILE B 52 10.08 25.30 23.17
CA ILE B 52 10.41 26.61 22.60
C ILE B 52 11.91 26.61 22.31
N ARG B 53 12.26 26.73 21.01
CA ARG B 53 13.66 26.80 20.59
C ARG B 53 14.26 28.19 20.87
N LEU B 54 15.49 28.21 21.39
CA LEU B 54 16.21 29.43 21.72
C LEU B 54 17.49 29.47 20.88
N SER B 55 17.70 30.55 20.13
CA SER B 55 18.69 30.50 19.07
C SER B 55 19.42 31.82 18.88
N TRP B 56 20.57 31.74 18.19
CA TRP B 56 21.36 32.89 17.77
C TRP B 56 22.13 32.51 16.51
N ALA B 57 22.28 33.49 15.63
CA ALA B 57 23.10 33.27 14.42
C ALA B 57 24.56 33.35 14.83
N ASP B 58 25.39 32.57 14.16
CA ASP B 58 26.84 32.63 14.43
C ASP B 58 27.47 33.55 13.39
N GLN B 59 28.78 33.61 13.34
CA GLN B 59 29.48 34.40 12.31
C GLN B 59 28.98 33.96 10.95
N TYR B 60 28.53 32.71 10.80
CA TYR B 60 28.16 32.28 9.45
C TYR B 60 26.69 32.52 9.13
N GLY B 61 25.92 32.98 10.12
CA GLY B 61 24.48 33.10 9.97
C GLY B 61 23.68 31.85 10.27
N LEU B 62 24.32 30.77 10.71
CA LEU B 62 23.57 29.58 11.07
C LEU B 62 23.04 29.73 12.48
N LEU B 63 21.79 29.29 12.68
CA LEU B 63 21.12 29.36 13.97
C LEU B 63 21.63 28.25 14.89
N ARG B 64 22.07 28.63 16.09
CA ARG B 64 22.60 27.66 17.04
C ARG B 64 21.92 27.81 18.39
N GLY B 65 21.72 26.69 19.09
CA GLY B 65 21.32 26.84 20.47
C GLY B 65 20.70 25.63 21.13
N LYS B 66 19.58 25.87 21.82
CA LYS B 66 18.93 24.82 22.58
C LYS B 66 17.45 24.81 22.29
N SER B 67 16.86 23.62 22.40
CA SER B 67 15.42 23.46 22.53
C SER B 67 15.10 23.46 24.03
N LEU B 68 14.11 24.26 24.43
CA LEU B 68 13.76 24.41 25.82
C LEU B 68 12.36 23.90 26.10
N THR B 69 12.14 23.47 27.34
CA THR B 69 10.80 23.16 27.81
C THR B 69 10.14 24.42 28.34
N VAL B 70 8.82 24.39 28.41
CA VAL B 70 8.07 25.53 28.95
C VAL B 70 8.59 25.89 30.32
N ALA B 71 8.95 24.89 31.10
CA ALA B 71 9.49 25.15 32.46
C ALA B 71 10.78 25.96 32.37
N SER B 72 11.71 25.55 31.52
CA SER B 72 13.03 26.22 31.44
C SER B 72 12.94 27.55 30.68
N LEU B 73 11.99 27.71 29.76
CA LEU B 73 11.84 29.03 29.12
C LEU B 73 11.40 30.01 30.21
N LYS B 74 10.40 29.63 31.00
CA LYS B 74 10.02 30.52 32.10
C LYS B 74 11.24 30.92 32.91
N SER B 75 12.16 29.98 33.16
CA SER B 75 13.33 30.27 33.98
C SER B 75 14.34 31.14 33.25
N ALA B 76 14.57 30.87 31.95
CA ALA B 76 15.57 31.62 31.14
C ALA B 76 15.08 33.04 30.89
N PHE B 77 13.80 33.31 31.09
CA PHE B 77 13.24 34.68 30.94
C PHE B 77 13.56 35.45 32.21
N LYS B 78 14.48 34.94 33.02
CA LYS B 78 14.90 35.60 34.28
C LYS B 78 16.40 35.40 34.43
N GLU B 79 16.91 34.23 34.06
CA GLU B 79 18.35 33.98 34.31
C GLU B 79 19.13 33.64 33.05
N GLY B 80 18.47 33.48 31.92
CA GLY B 80 19.15 33.14 30.67
C GLY B 80 19.57 31.69 30.65
N SER B 81 20.19 31.25 29.56
CA SER B 81 20.69 29.86 29.46
C SER B 81 22.17 29.91 29.11
N GLU B 82 22.93 28.94 29.57
CA GLU B 82 24.39 29.01 29.40
C GLU B 82 24.87 28.18 28.21
N VAL B 83 25.58 28.81 27.28
CA VAL B 83 26.22 28.13 26.16
C VAL B 83 27.70 28.40 26.22
N ALA B 84 28.48 27.45 25.73
CA ALA B 84 29.87 27.72 25.42
C ALA B 84 29.98 28.43 24.09
N ILE B 85 30.97 29.33 23.98
CA ILE B 85 31.17 30.15 22.79
C ILE B 85 31.63 29.36 21.58
N GLY B 86 32.00 28.09 21.76
CA GLY B 86 32.76 27.25 20.83
C GLY B 86 32.41 27.40 19.34
N PRO B 87 31.14 27.49 18.93
CA PRO B 87 30.88 27.73 17.51
C PRO B 87 31.68 28.89 16.93
N PHE B 88 31.92 29.93 17.74
CA PHE B 88 32.61 31.11 17.22
C PHE B 88 34.05 30.82 16.89
N PHE B 89 34.69 29.87 17.56
CA PHE B 89 36.07 29.52 17.26
C PHE B 89 36.18 28.39 16.25
N PHE B 90 35.05 27.81 15.87
CA PHE B 90 35.03 26.77 14.87
C PHE B 90 34.71 27.37 13.51
N ASP B 91 35.21 26.73 12.47
CA ASP B 91 34.72 27.02 11.13
C ASP B 91 33.58 26.05 10.84
N LEU B 92 33.17 25.95 9.56
CA LEU B 92 31.99 25.17 9.22
C LEU B 92 32.21 23.66 9.37
N VAL B 93 33.45 23.18 9.35
CA VAL B 93 33.75 21.76 9.47
C VAL B 93 34.47 21.46 10.80
N SER B 94 34.32 22.36 11.78
CA SER B 94 34.92 22.27 13.12
C SER B 94 36.45 22.09 13.09
N SER B 95 37.11 22.90 12.26
CA SER B 95 38.52 23.16 12.49
C SER B 95 38.65 24.10 13.69
N MET B 96 39.69 23.92 14.48
CA MET B 96 39.88 24.77 15.66
C MET B 96 40.84 25.90 15.29
N VAL B 97 40.26 27.05 14.94
CA VAL B 97 41.03 28.19 14.49
C VAL B 97 41.67 28.94 15.65
N PHE B 98 40.94 29.07 16.75
CA PHE B 98 41.44 29.72 17.95
C PHE B 98 41.48 28.70 19.07
N ASN B 99 42.50 28.80 19.92
CA ASN B 99 42.76 27.75 20.89
C ASN B 99 41.69 27.74 21.98
N LEU B 100 40.76 26.76 21.90
CA LEU B 100 39.73 26.59 22.91
C LEU B 100 40.26 25.96 24.20
N PHE B 101 41.51 25.51 24.22
CA PHE B 101 42.05 24.74 25.34
C PHE B 101 42.97 25.55 26.23
N THR B 102 42.96 26.89 26.13
CA THR B 102 43.78 27.75 26.98
C THR B 102 42.91 28.91 27.46
N THR B 103 42.67 28.99 28.78
CA THR B 103 41.79 30.03 29.30
C THR B 103 42.36 31.41 29.01
N ALA B 104 41.49 32.34 28.61
CA ALA B 104 41.91 33.68 28.24
C ALA B 104 42.04 34.56 29.48
N GLY B 105 43.20 35.18 29.66
CA GLY B 105 43.29 36.28 30.60
C GLY B 105 42.48 37.47 30.13
N ASP B 106 42.71 37.88 28.90
CA ASP B 106 41.98 38.97 28.27
C ASP B 106 41.49 38.48 26.91
N PHE B 107 40.18 38.57 26.69
CA PHE B 107 39.60 38.00 25.49
C PHE B 107 39.93 38.82 24.24
N GLU B 108 39.72 40.14 24.34
CA GLU B 108 40.00 41.06 23.20
C GLU B 108 41.32 40.67 22.55
N ASP B 109 42.40 40.75 23.32
CA ASP B 109 43.74 40.47 22.75
C ASP B 109 43.78 38.98 22.47
N GLU B 110 43.60 38.16 23.50
CA GLU B 110 43.76 36.71 23.28
C GLU B 110 42.44 36.03 22.96
N LEU B 111 42.11 35.92 21.68
CA LEU B 111 40.89 35.17 21.31
C LEU B 111 41.23 33.70 21.57
N SER B 112 40.85 33.19 22.73
CA SER B 112 41.19 31.84 23.16
C SER B 112 40.30 31.41 24.31
N GLY B 113 40.17 30.11 24.47
CA GLY B 113 39.36 29.53 25.53
C GLY B 113 37.93 29.24 25.09
N ASN B 114 37.17 28.70 26.03
CA ASN B 114 35.76 28.40 25.84
C ASN B 114 34.99 28.85 27.08
N PRO B 115 34.85 30.19 27.28
CA PRO B 115 34.00 30.71 28.35
C PRO B 115 32.51 30.45 28.16
N THR B 116 31.78 30.40 29.27
CA THR B 116 30.32 30.22 29.22
C THR B 116 29.67 31.60 29.17
N VAL B 117 28.95 31.91 28.10
CA VAL B 117 28.21 33.20 28.04
C VAL B 117 26.75 32.88 28.36
N VAL B 118 25.90 33.90 28.42
CA VAL B 118 24.48 33.70 28.67
C VAL B 118 23.71 34.12 27.43
N MET B 119 22.74 33.30 27.02
CA MET B 119 21.84 33.65 25.91
C MET B 119 20.64 34.37 26.53
N VAL B 120 20.55 35.69 26.38
CA VAL B 120 19.34 36.41 26.88
C VAL B 120 18.24 36.35 25.82
N PRO B 121 17.09 35.72 26.11
CA PRO B 121 16.00 35.64 25.16
C PRO B 121 15.28 36.94 24.75
N ASP B 122 15.33 37.36 23.48
CA ASP B 122 14.53 38.48 23.01
C ASP B 122 13.11 38.00 22.74
N PRO B 123 12.13 38.41 23.55
CA PRO B 123 10.76 37.88 23.39
C PRO B 123 10.01 38.48 22.21
N THR B 124 10.41 39.65 21.72
CA THR B 124 9.75 40.21 20.55
C THR B 124 9.94 39.36 19.31
N THR B 125 10.90 38.45 19.30
CA THR B 125 11.19 37.65 18.11
C THR B 125 10.39 36.37 18.04
N PHE B 126 9.60 36.08 19.07
CA PHE B 126 8.98 34.77 19.23
C PHE B 126 8.06 34.43 18.08
N LYS B 127 8.17 33.21 17.57
CA LYS B 127 7.31 32.73 16.51
C LYS B 127 6.91 31.30 16.84
N VAL B 128 5.72 30.93 16.46
CA VAL B 128 5.35 29.52 16.43
C VAL B 128 5.79 28.98 15.08
N LEU B 129 6.45 27.81 15.09
CA LEU B 129 6.99 27.24 13.85
C LEU B 129 5.98 26.29 13.23
N PRO B 130 5.49 26.57 12.01
CA PRO B 130 4.36 25.78 11.49
C PRO B 130 4.70 24.32 11.29
N TRP B 131 5.83 24.02 10.66
CA TRP B 131 6.15 22.67 10.22
C TRP B 131 6.51 21.73 11.36
N ALA B 132 6.70 22.23 12.57
CA ALA B 132 7.13 21.39 13.68
C ALA B 132 5.97 21.12 14.64
N ASP B 133 6.13 20.04 15.40
CA ASP B 133 5.17 19.62 16.42
C ASP B 133 5.28 20.50 17.65
N LYS B 134 4.25 21.30 17.89
CA LYS B 134 4.06 22.02 19.15
C LYS B 134 5.33 22.73 19.59
N THR B 135 5.95 23.43 18.64
CA THR B 135 7.27 24.03 18.84
C THR B 135 7.19 25.51 18.52
N GLY B 136 7.55 26.35 19.49
CA GLY B 136 7.75 27.76 19.28
C GLY B 136 9.24 28.11 19.24
N TRP B 137 9.54 29.32 18.77
CA TRP B 137 10.90 29.67 18.38
C TRP B 137 11.21 31.08 18.82
N MET B 138 12.48 31.33 19.14
CA MET B 138 12.86 32.64 19.65
C MET B 138 14.36 32.87 19.51
N LEU B 139 14.73 34.13 19.31
CA LEU B 139 16.11 34.57 19.16
C LEU B 139 16.67 35.08 20.49
N ALA B 140 17.98 34.89 20.71
CA ALA B 140 18.67 35.38 21.90
C ALA B 140 19.85 36.27 21.53
N ASP B 141 20.31 37.06 22.50
CA ASP B 141 21.54 37.84 22.39
C ASP B 141 22.54 37.34 23.43
N LEU B 142 23.80 37.19 23.03
CA LEU B 142 24.81 36.58 23.88
C LEU B 142 25.43 37.60 24.82
N HIS B 143 25.43 37.30 26.11
CA HIS B 143 26.04 38.18 27.11
C HIS B 143 27.01 37.42 28.00
N TRP B 144 28.17 38.05 28.23
CA TRP B 144 29.05 37.62 29.30
C TRP B 144 28.27 37.53 30.61
N LYS B 145 28.76 36.70 31.53
CA LYS B 145 28.13 36.72 32.84
C LYS B 145 28.38 38.05 33.56
N SER B 146 29.35 38.84 33.11
CA SER B 146 29.53 40.20 33.60
C SER B 146 28.42 41.15 33.18
N GLY B 147 27.38 40.65 32.51
CA GLY B 147 26.26 41.44 32.07
C GLY B 147 26.43 42.09 30.72
N GLU B 148 27.71 42.34 30.29
CA GLU B 148 28.06 43.11 29.10
C GLU B 148 28.07 42.22 27.85
N PRO B 149 27.68 42.76 26.71
CA PRO B 149 27.36 41.92 25.56
C PRO B 149 28.58 41.24 24.95
N PHE B 150 28.35 40.06 24.37
CA PHE B 150 29.44 39.27 23.83
C PHE B 150 29.95 39.94 22.56
N PRO B 151 31.23 40.25 22.46
CA PRO B 151 31.72 41.08 21.34
C PRO B 151 31.80 40.39 19.99
N LEU B 152 31.47 39.10 19.86
CA LEU B 152 31.50 38.49 18.53
C LEU B 152 30.12 38.16 18.00
N CYS B 153 29.05 38.46 18.76
CA CYS B 153 27.64 38.23 18.41
C CYS B 153 27.26 39.05 17.19
N PRO B 154 26.97 38.41 16.05
CA PRO B 154 26.61 39.19 14.84
C PRO B 154 25.38 40.05 15.00
N ARG B 155 24.36 39.55 15.70
CA ARG B 155 23.20 40.37 15.97
C ARG B 155 23.58 41.67 16.67
N GLY B 156 24.48 41.60 17.65
CA GLY B 156 24.85 42.80 18.38
C GLY B 156 25.47 43.85 17.48
N ILE B 157 26.25 43.41 16.49
CA ILE B 157 26.85 44.34 15.54
C ILE B 157 25.76 45.06 14.76
N MET B 158 24.68 44.34 14.44
CA MET B 158 23.54 44.94 13.75
C MET B 158 22.85 45.96 14.64
N LYS B 159 22.79 45.68 15.95
CA LYS B 159 22.11 46.58 16.88
C LYS B 159 22.86 47.89 17.03
N LYS B 160 24.22 47.84 17.04
CA LYS B 160 24.99 49.08 17.07
C LYS B 160 24.71 49.92 15.84
N ALA B 161 24.55 49.26 14.68
CA ALA B 161 24.28 49.94 13.42
C ALA B 161 22.91 50.61 13.43
N VAL B 162 21.91 49.97 14.03
CA VAL B 162 20.60 50.60 14.17
C VAL B 162 20.59 51.72 15.21
N LYS B 163 21.42 51.63 16.25
CA LYS B 163 21.49 52.73 17.22
C LYS B 163 22.26 53.93 16.65
N SER B 164 23.30 53.66 15.87
CA SER B 164 24.02 54.74 15.19
C SER B 164 23.12 55.47 14.21
N LEU B 165 22.29 54.72 13.48
CA LEU B 165 21.34 55.36 12.54
C LEU B 165 20.32 56.21 13.30
N SER B 166 19.87 55.75 14.47
CA SER B 166 18.82 56.48 15.21
C SER B 166 19.43 57.73 15.87
N ASP B 167 20.70 57.66 16.25
CA ASP B 167 21.39 58.82 16.84
C ASP B 167 21.43 59.94 15.79
N GLU B 168 21.38 59.59 14.50
CA GLU B 168 21.30 60.61 13.45
C GLU B 168 19.88 60.83 12.96
N GLY B 169 18.89 60.17 13.58
CA GLY B 169 17.50 60.35 13.22
C GLY B 169 17.02 59.58 12.02
N TYR B 170 17.57 58.39 11.78
CA TYR B 170 17.20 57.60 10.62
C TYR B 170 16.79 56.21 11.02
N LEU B 171 15.89 55.64 10.23
CA LEU B 171 15.48 54.25 10.35
C LEU B 171 15.87 53.54 9.06
N PHE B 172 16.29 52.29 9.18
CA PHE B 172 16.78 51.54 8.03
C PHE B 172 15.64 50.74 7.41
N LYS B 173 15.27 51.07 6.17
CA LYS B 173 14.26 50.34 5.42
C LYS B 173 14.94 49.43 4.41
N CYS B 174 14.51 48.18 4.34
CA CYS B 174 15.23 47.14 3.61
C CYS B 174 14.26 46.27 2.82
N GLY B 175 14.66 45.87 1.61
CA GLY B 175 13.80 45.07 0.78
C GLY B 175 14.56 43.91 0.17
N ILE B 176 14.18 42.68 0.56
CA ILE B 176 15.01 41.51 0.29
C ILE B 176 14.60 40.86 -1.03
N GLU B 177 15.59 40.57 -1.88
CA GLU B 177 15.41 39.71 -3.05
C GLU B 177 16.38 38.54 -2.91
N LEU B 178 15.84 37.36 -2.62
CA LEU B 178 16.65 36.21 -2.25
C LEU B 178 16.48 35.12 -3.32
N GLU B 179 17.61 34.67 -3.87
CA GLU B 179 17.65 33.63 -4.91
C GLU B 179 18.24 32.35 -4.33
N TRP B 180 17.60 31.21 -4.58
CA TRP B 180 18.07 29.98 -3.97
C TRP B 180 17.78 28.79 -4.88
N TYR B 181 18.28 27.64 -4.47
CA TYR B 181 18.12 26.41 -5.23
C TYR B 181 17.23 25.45 -4.49
N LEU B 182 16.32 24.84 -5.24
CA LEU B 182 15.30 23.92 -4.76
C LEU B 182 15.64 22.57 -5.38
N THR B 183 16.14 21.64 -4.58
CA THR B 183 16.48 20.34 -5.12
C THR B 183 15.79 19.24 -4.34
N LYS B 184 15.81 18.05 -4.90
CA LYS B 184 15.13 16.92 -4.30
C LYS B 184 16.20 15.97 -3.80
N ILE B 185 16.09 15.55 -2.55
CA ILE B 185 17.13 14.75 -1.92
C ILE B 185 17.14 13.36 -2.54
N VAL B 186 18.32 12.87 -2.92
CA VAL B 186 18.50 11.48 -3.31
C VAL B 186 19.06 10.66 -2.17
N ASP B 187 20.07 11.20 -1.48
CA ASP B 187 20.66 10.56 -0.31
C ASP B 187 21.17 11.64 0.62
N ARG B 188 20.93 11.45 1.91
CA ARG B 188 21.31 12.45 2.92
C ARG B 188 22.74 12.27 3.43
N SER B 189 23.50 11.35 2.85
CA SER B 189 24.92 11.15 3.17
C SER B 189 25.15 10.85 4.66
N LEU B 190 24.37 9.89 5.19
CA LEU B 190 24.44 9.55 6.59
C LEU B 190 25.32 8.34 6.88
N SER B 191 25.98 7.77 5.89
CA SER B 191 26.84 6.62 6.14
C SER B 191 28.03 7.07 6.98
N PRO B 192 28.50 6.24 7.91
CA PRO B 192 29.57 6.70 8.83
C PRO B 192 30.81 7.15 8.08
N GLU B 193 31.10 6.54 6.93
CA GLU B 193 32.24 6.94 6.11
C GLU B 193 32.05 8.32 5.49
N SER B 194 30.83 8.82 5.43
CA SER B 194 30.58 10.15 4.88
C SER B 194 30.64 11.28 5.92
N LEU B 195 30.80 10.97 7.22
CA LEU B 195 30.57 11.99 8.25
C LEU B 195 31.72 12.99 8.39
N GLY B 196 32.90 12.71 7.84
CA GLY B 196 33.99 13.63 8.06
C GLY B 196 34.65 13.47 9.42
N ALA B 197 35.04 14.60 10.00
CA ALA B 197 35.77 14.71 11.26
C ALA B 197 35.98 16.20 11.49
N PRO B 198 36.33 16.64 12.70
CA PRO B 198 36.71 18.05 12.90
C PRO B 198 37.74 18.45 11.84
N GLY B 199 37.53 19.60 11.22
CA GLY B 199 38.39 20.01 10.12
C GLY B 199 38.20 19.27 8.79
N VAL B 200 37.44 18.17 8.76
CA VAL B 200 37.30 17.36 7.56
C VAL B 200 35.87 17.45 7.03
N GLN B 201 35.71 18.07 5.86
CA GLN B 201 34.40 18.23 5.23
C GLN B 201 33.67 16.90 5.13
N PRO B 202 32.42 16.82 5.60
CA PRO B 202 31.61 15.61 5.36
C PRO B 202 31.03 15.60 3.96
N ASP B 203 30.76 14.39 3.49
CA ASP B 203 30.21 14.21 2.15
C ASP B 203 28.91 15.00 2.00
N ALA B 204 28.76 15.57 0.81
CA ALA B 204 27.60 16.45 0.55
C ALA B 204 26.33 15.67 0.21
N ILE B 205 25.18 16.24 0.60
CA ILE B 205 23.86 15.64 0.29
C ILE B 205 23.76 15.43 -1.21
N GLN B 206 23.23 14.28 -1.62
CA GLN B 206 23.01 14.02 -3.05
C GLN B 206 21.59 14.47 -3.40
N VAL B 207 21.45 15.27 -4.44
CA VAL B 207 20.17 15.85 -4.84
C VAL B 207 19.94 15.65 -6.33
N GLN B 208 18.68 15.80 -6.72
CA GLN B 208 18.24 15.87 -8.08
C GLN B 208 17.56 17.21 -8.34
N PRO B 209 17.83 17.87 -9.47
CA PRO B 209 17.07 19.07 -9.80
C PRO B 209 15.58 18.80 -9.90
N VAL B 210 14.79 19.86 -9.79
CA VAL B 210 13.34 19.71 -9.74
C VAL B 210 12.65 20.19 -11.00
N ALA B 211 13.35 20.99 -11.80
CA ALA B 211 12.73 21.57 -13.02
C ALA B 211 13.84 21.78 -14.02
N GLN B 212 13.47 22.06 -15.26
CA GLN B 212 14.49 22.38 -16.29
C GLN B 212 14.63 23.88 -16.27
N GLY B 213 15.35 24.46 -17.22
CA GLY B 213 15.52 25.91 -17.07
C GLY B 213 15.92 26.64 -18.32
N TYR B 214 16.54 27.81 -18.14
CA TYR B 214 16.92 28.66 -19.28
C TYR B 214 15.65 29.16 -19.94
N SER B 215 14.63 29.39 -19.12
CA SER B 215 13.37 29.99 -19.55
C SER B 215 13.01 30.84 -18.34
N VAL B 216 13.36 32.11 -18.38
CA VAL B 216 13.20 32.95 -17.17
C VAL B 216 11.73 33.30 -16.94
N LEU B 217 11.26 33.11 -15.71
CA LEU B 217 9.89 33.48 -15.28
C LEU B 217 8.81 32.65 -15.96
N LEU B 218 9.15 31.43 -16.39
CA LEU B 218 8.15 30.54 -17.01
C LEU B 218 7.12 30.10 -15.96
N GLU B 219 5.87 30.48 -16.17
CA GLU B 219 4.82 30.13 -15.23
C GLU B 219 4.68 28.63 -15.05
N HIS B 220 5.02 27.84 -16.07
CA HIS B 220 4.87 26.41 -15.87
C HIS B 220 5.90 25.88 -14.89
N HIS B 221 7.03 26.57 -14.76
CA HIS B 221 8.01 26.16 -13.76
C HIS B 221 7.49 26.44 -12.35
N LEU B 222 6.74 27.55 -12.17
CA LEU B 222 6.06 27.77 -10.90
C LEU B 222 5.14 26.60 -10.56
N ASP B 223 4.25 26.25 -11.49
CA ASP B 223 3.32 25.17 -11.22
C ASP B 223 4.00 23.82 -11.05
N GLN B 224 5.04 23.53 -11.85
CA GLN B 224 5.73 22.24 -11.68
C GLN B 224 6.22 22.04 -10.25
N VAL B 225 6.71 23.12 -9.60
CA VAL B 225 7.31 23.02 -8.27
C VAL B 225 6.34 23.47 -7.18
N ASP B 226 5.11 23.77 -7.52
CA ASP B 226 4.24 24.21 -6.44
C ASP B 226 3.75 23.09 -5.54
N ASP B 227 4.13 21.85 -5.80
CA ASP B 227 3.80 20.79 -4.87
C ASP B 227 4.51 21.00 -3.53
N ILE B 228 5.81 21.27 -3.58
CA ILE B 228 6.57 21.60 -2.38
C ILE B 228 6.51 23.09 -2.09
N MET B 229 6.72 23.92 -3.12
CA MET B 229 6.82 25.37 -2.96
C MET B 229 5.62 25.97 -2.25
N SER B 230 4.47 25.31 -2.34
CA SER B 230 3.25 25.82 -1.72
C SER B 230 3.26 25.67 -0.21
N LYS B 231 4.08 24.76 0.31
CA LYS B 231 4.24 24.62 1.74
C LYS B 231 5.25 25.61 2.28
N VAL B 232 6.29 25.89 1.50
CA VAL B 232 7.18 26.98 1.81
C VAL B 232 6.42 28.29 1.86
N ARG B 233 5.59 28.52 0.84
CA ARG B 233 4.74 29.71 0.82
C ARG B 233 3.86 29.78 2.07
N LYS B 234 3.16 28.68 2.36
CA LYS B 234 2.30 28.60 3.54
C LYS B 234 3.08 28.91 4.82
N GLY B 235 4.14 28.14 5.08
CA GLY B 235 4.92 28.39 6.27
C GLY B 235 5.37 29.84 6.39
N LEU B 236 5.91 30.40 5.31
CA LEU B 236 6.33 31.80 5.36
C LEU B 236 5.15 32.70 5.74
N LEU B 237 4.00 32.50 5.10
CA LEU B 237 2.87 33.36 5.43
C LEU B 237 2.44 33.19 6.87
N GLU B 238 2.54 31.96 7.40
CA GLU B 238 2.06 31.69 8.77
C GLU B 238 2.97 32.27 9.84
N LEU B 239 4.26 32.41 9.57
CA LEU B 239 5.19 33.15 10.42
C LEU B 239 4.95 34.66 10.35
N ASN B 240 3.97 35.09 9.57
CA ASN B 240 3.74 36.48 9.24
C ASN B 240 5.01 37.13 8.69
N LEU B 241 5.59 36.50 7.78
CA LEU B 241 6.63 37.20 7.08
C LEU B 241 6.04 37.90 5.86
N PRO B 242 6.66 39.02 5.44
CA PRO B 242 6.10 39.85 4.35
C PRO B 242 6.50 39.33 2.97
N LEU B 243 6.18 38.07 2.71
CA LEU B 243 6.41 37.48 1.39
C LEU B 243 5.67 38.29 0.32
N ARG B 244 6.42 38.66 -0.72
CA ARG B 244 5.93 39.51 -1.81
C ARG B 244 5.72 38.74 -3.10
N SER B 245 6.58 37.78 -3.39
CA SER B 245 6.58 37.12 -4.68
C SER B 245 7.45 35.88 -4.64
N ILE B 246 7.02 34.87 -5.37
CA ILE B 246 7.83 33.75 -5.77
C ILE B 246 7.97 33.83 -7.28
N GLU B 247 9.18 33.58 -7.77
CA GLU B 247 9.43 33.61 -9.20
C GLU B 247 10.36 32.46 -9.56
N ASP B 248 10.33 32.08 -10.84
CA ASP B 248 11.29 31.12 -11.37
C ASP B 248 12.49 31.89 -11.93
N GLU B 249 13.66 31.70 -11.32
CA GLU B 249 14.85 32.33 -11.87
C GLU B 249 15.38 31.55 -13.07
N TRP B 250 16.43 32.09 -13.65
CA TRP B 250 16.90 31.70 -14.98
C TRP B 250 17.49 30.31 -15.00
N ALA B 251 18.31 29.97 -14.01
CA ALA B 251 18.96 28.66 -13.98
C ALA B 251 17.95 27.57 -13.66
N PRO B 252 18.24 26.33 -14.07
CA PRO B 252 17.28 25.25 -13.78
C PRO B 252 17.15 25.06 -12.29
N SER B 253 15.93 24.85 -11.82
CA SER B 253 15.68 24.61 -10.40
C SER B 253 16.18 25.74 -9.50
N GLN B 254 16.43 26.92 -10.06
CA GLN B 254 16.74 28.10 -9.26
C GLN B 254 15.47 28.90 -9.06
N MET B 255 15.28 29.42 -7.84
CA MET B 255 14.07 30.12 -7.43
C MET B 255 14.43 31.45 -6.79
N GLU B 256 13.50 32.40 -6.87
CA GLU B 256 13.63 33.71 -6.22
C GLU B 256 12.35 34.02 -5.45
N THR B 257 12.51 34.27 -4.15
CA THR B 257 11.43 34.76 -3.27
C THR B 257 11.83 36.15 -2.80
N THR B 258 10.95 37.13 -2.99
CA THR B 258 11.26 38.50 -2.60
C THR B 258 10.24 38.95 -1.56
N PHE B 259 10.62 40.00 -0.82
CA PHE B 259 9.94 40.35 0.41
C PHE B 259 9.66 41.84 0.44
N ASP B 260 8.66 42.21 1.22
CA ASP B 260 8.33 43.62 1.28
C ASP B 260 9.27 44.31 2.26
N VAL B 261 9.08 45.61 2.41
CA VAL B 261 9.99 46.45 3.18
C VAL B 261 9.87 46.11 4.65
N MET B 262 11.02 45.94 5.30
CA MET B 262 11.07 45.71 6.75
C MET B 262 12.03 46.71 7.38
N GLU B 263 12.23 46.67 8.70
CA GLU B 263 13.01 47.73 9.36
C GLU B 263 14.04 47.21 10.36
N GLY B 264 15.27 47.73 10.29
CA GLY B 264 16.33 47.41 11.26
C GLY B 264 16.48 45.98 11.70
N LEU B 265 16.52 45.77 13.01
CA LEU B 265 16.67 44.41 13.56
C LEU B 265 15.67 43.49 12.89
N GLU B 266 14.39 43.88 12.85
CA GLU B 266 13.32 43.03 12.28
C GLU B 266 13.71 42.50 10.91
N ALA B 267 14.19 43.34 10.01
CA ALA B 267 14.60 42.90 8.66
C ALA B 267 15.65 41.80 8.75
N ALA B 268 16.70 42.00 9.55
CA ALA B 268 17.81 41.03 9.70
C ALA B 268 17.29 39.78 10.40
N ASP B 269 16.53 39.95 11.48
CA ASP B 269 15.92 38.78 12.09
C ASP B 269 14.99 38.06 11.10
N ALA B 270 14.20 38.82 10.34
CA ALA B 270 13.32 38.20 9.35
C ALA B 270 14.11 37.44 8.32
N ALA B 271 15.12 38.08 7.73
CA ALA B 271 16.02 37.42 6.78
C ALA B 271 16.52 36.09 7.32
N LEU B 272 16.98 36.07 8.58
CA LEU B 272 17.40 34.83 9.23
C LEU B 272 16.29 33.78 9.29
N LEU B 273 15.07 34.20 9.62
CA LEU B 273 13.96 33.25 9.72
C LEU B 273 13.56 32.73 8.35
N ILE B 274 13.61 33.59 7.32
CA ILE B 274 13.22 33.21 5.97
C ILE B 274 14.08 32.06 5.47
N LYS B 275 15.40 32.17 5.60
CA LYS B 275 16.26 31.11 5.11
C LYS B 275 16.13 29.86 5.98
N SER B 276 16.04 30.04 7.30
CA SER B 276 15.85 28.92 8.22
C SER B 276 14.60 28.15 7.87
N ALA B 277 13.47 28.85 7.80
CA ALA B 277 12.20 28.23 7.48
C ALA B 277 12.25 27.54 6.12
N ILE B 278 12.79 28.21 5.10
CA ILE B 278 12.79 27.60 3.78
C ILE B 278 13.53 26.26 3.83
N LYS B 279 14.73 26.27 4.41
CA LYS B 279 15.53 25.05 4.51
C LYS B 279 14.81 23.97 5.30
N GLN B 280 14.21 24.34 6.44
CA GLN B 280 13.61 23.34 7.31
C GLN B 280 12.36 22.74 6.69
N ILE B 281 11.49 23.58 6.10
CA ILE B 281 10.28 23.05 5.48
C ILE B 281 10.64 22.09 4.36
N CYS B 282 11.61 22.48 3.52
CA CYS B 282 12.00 21.63 2.39
C CYS B 282 12.48 20.28 2.89
N SER B 283 13.40 20.27 3.87
CA SER B 283 13.92 19.00 4.37
C SER B 283 12.83 18.14 5.00
N ARG B 284 11.76 18.74 5.51
CA ARG B 284 10.69 17.94 6.07
C ARG B 284 9.95 17.16 5.01
N HIS B 285 10.10 17.54 3.74
CA HIS B 285 9.45 16.85 2.63
C HIS B 285 10.43 16.23 1.65
N GLY B 286 11.68 15.98 2.07
CA GLY B 286 12.63 15.33 1.19
C GLY B 286 13.21 16.23 0.14
N TYR B 287 13.20 17.55 0.36
CA TYR B 287 13.86 18.51 -0.49
C TYR B 287 14.99 19.22 0.25
N HIS B 288 16.07 19.50 -0.48
CA HIS B 288 17.19 20.27 0.03
C HIS B 288 17.13 21.64 -0.61
N ALA B 289 16.95 22.67 0.20
CA ALA B 289 17.14 24.04 -0.26
C ALA B 289 18.56 24.49 0.09
N THR B 290 19.14 25.35 -0.73
CA THR B 290 20.46 25.84 -0.40
C THR B 290 20.67 27.27 -0.89
N PHE B 291 21.27 28.08 -0.02
CA PHE B 291 21.68 29.43 -0.37
C PHE B 291 23.16 29.48 -0.70
N MET B 292 23.74 28.33 -1.02
CA MET B 292 25.06 28.33 -1.62
C MET B 292 25.00 29.02 -2.96
N CYS B 293 25.93 29.94 -3.19
CA CYS B 293 25.86 30.81 -4.36
C CYS B 293 25.80 30.02 -5.66
N LYS B 294 26.80 29.18 -5.93
CA LYS B 294 26.85 28.42 -7.16
C LYS B 294 27.11 26.94 -6.87
N PRO B 295 26.06 26.10 -6.69
CA PRO B 295 26.30 24.72 -6.34
C PRO B 295 27.04 24.00 -7.47
N ALA B 296 27.85 23.02 -7.11
CA ALA B 296 28.61 22.24 -8.11
C ALA B 296 27.66 21.21 -8.68
N ILE B 297 26.50 21.65 -9.15
CA ILE B 297 25.55 20.76 -9.83
C ILE B 297 25.57 21.33 -11.24
N ASN B 298 25.44 20.50 -12.25
CA ASN B 298 25.68 20.93 -13.62
C ASN B 298 24.55 21.83 -14.12
N GLY B 299 24.92 22.99 -14.65
CA GLY B 299 23.95 23.93 -15.17
C GLY B 299 23.53 24.99 -14.18
N PHE B 300 23.86 24.80 -12.90
CA PHE B 300 23.51 25.77 -11.87
C PHE B 300 24.38 27.02 -11.99
N PHE B 301 23.75 28.19 -12.16
CA PHE B 301 24.43 29.48 -12.20
C PHE B 301 24.39 30.16 -10.83
N ALA B 302 25.21 31.20 -10.65
CA ALA B 302 25.28 31.87 -9.35
C ALA B 302 23.95 32.50 -8.96
N SER B 303 23.64 32.39 -7.66
CA SER B 303 22.49 33.04 -7.04
C SER B 303 22.93 34.36 -6.40
N GLY B 304 21.98 35.28 -6.27
CA GLY B 304 22.27 36.58 -5.73
C GLY B 304 21.35 36.96 -4.59
N TRP B 305 21.83 37.91 -3.79
CA TRP B 305 21.02 38.55 -2.76
C TRP B 305 21.10 40.05 -2.99
N HIS B 306 20.00 40.62 -3.46
CA HIS B 306 19.88 42.06 -3.68
C HIS B 306 19.23 42.68 -2.45
N MET B 307 19.83 43.78 -2.00
CA MET B 307 19.32 44.55 -0.89
C MET B 307 18.92 45.92 -1.42
N HIS B 308 17.61 46.14 -1.56
CA HIS B 308 17.09 47.50 -1.71
C HIS B 308 17.14 48.22 -0.38
N GLN B 309 17.58 49.47 -0.39
CA GLN B 309 17.78 50.21 0.84
C GLN B 309 17.26 51.64 0.71
N SER B 310 16.98 52.24 1.87
CA SER B 310 16.58 53.63 1.97
C SER B 310 16.45 54.02 3.44
N LEU B 311 16.61 55.30 3.74
CA LEU B 311 16.50 55.81 5.09
C LEU B 311 15.24 56.67 5.23
N VAL B 312 14.57 56.57 6.39
CA VAL B 312 13.44 57.43 6.72
C VAL B 312 13.73 58.10 8.06
N ASP B 313 13.07 59.24 8.28
CA ASP B 313 13.18 59.92 9.57
C ASP B 313 12.49 59.08 10.64
N LYS B 314 13.09 59.03 11.83
CA LYS B 314 12.46 58.33 12.94
C LYS B 314 11.25 59.09 13.49
N ASP B 315 11.10 60.36 13.10
CA ASP B 315 9.99 61.21 13.61
C ASP B 315 8.97 61.44 12.50
N THR B 316 9.39 62.09 11.41
CA THR B 316 8.47 62.37 10.27
C THR B 316 8.03 61.09 9.56
N ARG B 317 8.87 60.05 9.56
CA ARG B 317 8.57 58.73 8.92
C ARG B 317 8.48 58.89 7.40
N LYS B 318 9.32 59.75 6.84
CA LYS B 318 9.27 60.04 5.38
C LYS B 318 10.61 59.66 4.75
N ASN B 319 10.58 59.25 3.49
CA ASN B 319 11.81 58.84 2.77
C ASN B 319 12.75 60.01 2.52
N LEU B 320 13.95 59.95 3.12
CA LEU B 320 14.92 61.05 2.98
C LEU B 320 15.77 60.89 1.73
N PHE B 321 15.51 59.85 0.92
CA PHE B 321 16.19 59.73 -0.36
C PHE B 321 15.40 60.32 -1.53
N ILE B 322 14.21 60.83 -1.27
CA ILE B 322 13.28 61.28 -2.31
C ILE B 322 13.91 62.38 -3.15
N PRO B 323 14.01 62.19 -4.47
CA PRO B 323 14.74 63.12 -5.32
C PRO B 323 13.91 64.35 -5.70
N SER B 324 14.64 65.47 -5.88
CA SER B 324 13.97 66.71 -6.33
C SER B 324 14.25 66.89 -7.81
N GLU B 325 13.89 68.05 -8.35
CA GLU B 325 14.11 68.35 -9.78
C GLU B 325 15.59 68.22 -10.12
N GLY B 326 15.91 67.49 -11.20
CA GLY B 326 17.30 67.37 -11.65
C GLY B 326 18.17 66.54 -10.72
N GLU B 327 17.54 65.90 -9.73
CA GLU B 327 18.30 65.10 -8.73
C GLU B 327 18.06 63.62 -8.97
N VAL B 328 19.12 62.83 -9.04
CA VAL B 328 18.94 61.36 -9.17
C VAL B 328 18.44 60.90 -7.80
N LEU B 329 19.06 61.39 -6.74
CA LEU B 329 18.58 61.08 -5.37
C LEU B 329 18.69 62.36 -4.56
N SER B 330 18.18 62.36 -3.35
CA SER B 330 18.35 63.51 -2.45
C SER B 330 19.83 63.65 -2.06
N PRO B 331 20.38 64.80 -1.59
CA PRO B 331 21.78 64.81 -1.13
C PRO B 331 22.09 63.68 -0.15
N LEU B 332 21.19 63.40 0.80
CA LEU B 332 21.40 62.28 1.73
C LEU B 332 21.57 60.97 0.97
N GLY B 333 20.61 60.65 0.10
CA GLY B 333 20.71 59.43 -0.67
C GLY B 333 21.93 59.37 -1.57
N ARG B 334 22.34 60.51 -2.12
CA ARG B 334 23.58 60.53 -2.88
C ARG B 334 24.76 60.27 -1.95
N ALA B 335 24.75 60.89 -0.76
CA ALA B 335 25.79 60.62 0.24
C ALA B 335 25.80 59.14 0.64
N TYR B 336 24.63 58.61 1.06
CA TYR B 336 24.53 57.20 1.46
C TYR B 336 25.00 56.26 0.36
N ALA B 337 24.74 56.60 -0.90
CA ALA B 337 25.26 55.81 -2.01
C ALA B 337 26.76 55.96 -2.16
N GLY B 338 27.31 57.14 -1.82
CA GLY B 338 28.75 57.31 -1.85
C GLY B 338 29.46 56.47 -0.79
N GLY B 339 28.86 56.36 0.40
CA GLY B 339 29.39 55.45 1.40
C GLY B 339 29.39 53.99 0.97
N LEU B 340 28.41 53.59 0.15
CA LEU B 340 28.34 52.21 -0.31
C LEU B 340 29.50 51.89 -1.25
N LEU B 341 29.64 52.70 -2.29
CA LEU B 341 30.68 52.45 -3.28
C LEU B 341 32.06 52.61 -2.67
N ALA B 342 32.23 53.58 -1.76
CA ALA B 342 33.53 53.81 -1.13
C ALA B 342 33.97 52.58 -0.37
N ASN B 343 33.21 52.18 0.64
CA ASN B 343 33.55 51.03 1.46
C ASN B 343 33.14 49.68 0.86
N GLY B 344 32.79 49.61 -0.42
CA GLY B 344 32.32 48.35 -0.97
C GLY B 344 33.38 47.28 -1.10
N SER B 345 34.64 47.68 -1.22
CA SER B 345 35.69 46.67 -1.33
C SER B 345 35.98 46.04 0.03
N ALA B 346 36.06 46.85 1.09
CA ALA B 346 36.36 46.29 2.42
C ALA B 346 35.17 45.54 3.00
N ALA B 347 33.95 45.95 2.62
CA ALA B 347 32.74 45.23 2.99
C ALA B 347 32.56 43.92 2.24
N SER B 348 33.39 43.64 1.22
CA SER B 348 33.24 42.44 0.40
C SER B 348 33.16 41.15 1.24
N SER B 349 33.95 41.08 2.31
CA SER B 349 33.95 39.95 3.23
C SER B 349 32.58 39.71 3.86
N PHE B 350 31.82 40.79 4.15
CA PHE B 350 30.55 40.66 4.86
C PHE B 350 29.33 40.57 3.94
N THR B 351 29.43 41.11 2.73
CA THR B 351 28.33 41.02 1.73
C THR B 351 28.49 39.73 0.95
N THR B 352 29.73 39.39 0.61
CA THR B 352 30.04 38.12 -0.10
C THR B 352 30.97 37.31 0.81
N PRO B 353 30.47 36.59 1.82
CA PRO B 353 31.35 35.89 2.74
C PRO B 353 31.97 34.55 2.35
N THR B 354 31.62 33.97 1.22
CA THR B 354 32.11 32.61 0.90
C THR B 354 33.03 32.63 -0.31
N VAL B 355 33.96 31.68 -0.37
CA VAL B 355 34.85 31.53 -1.56
C VAL B 355 33.98 31.34 -2.79
N ASN B 356 32.95 30.51 -2.69
CA ASN B 356 32.03 30.23 -3.82
C ASN B 356 31.30 31.50 -4.22
N GLY B 357 31.04 32.36 -3.26
CA GLY B 357 30.31 33.55 -3.65
C GLY B 357 31.01 34.41 -4.69
N TYR B 358 32.29 34.14 -4.94
CA TYR B 358 33.09 34.99 -5.86
C TYR B 358 33.20 34.37 -7.24
N ARG B 359 32.58 33.21 -7.45
CA ARG B 359 32.52 32.59 -8.80
C ARG B 359 31.32 33.22 -9.50
N ARG B 360 31.08 34.51 -9.26
CA ARG B 360 29.90 35.21 -9.80
C ARG B 360 30.11 35.46 -11.29
N ARG B 361 31.35 35.42 -11.76
CA ARG B 361 31.62 35.74 -13.17
C ARG B 361 31.36 34.50 -14.05
N GLN B 362 30.49 34.63 -15.06
CA GLN B 362 30.27 33.51 -16.01
C GLN B 362 30.29 34.19 -17.38
N PRO B 363 30.56 33.54 -18.55
CA PRO B 363 30.47 34.26 -19.83
C PRO B 363 29.04 34.18 -20.36
N TYR B 364 28.08 33.90 -19.48
CA TYR B 364 26.67 33.72 -19.92
C TYR B 364 25.87 34.99 -19.62
N SER B 365 26.23 35.71 -18.57
CA SER B 365 25.59 37.02 -18.31
C SER B 365 26.64 37.95 -17.69
N LEU B 366 26.20 39.02 -17.04
CA LEU B 366 27.14 39.95 -16.38
C LEU B 366 26.98 39.98 -14.87
N ALA B 367 28.00 40.42 -14.14
CA ALA B 367 27.95 40.39 -12.66
C ALA B 367 28.37 41.73 -12.10
N PRO B 368 27.76 42.23 -11.01
CA PRO B 368 28.20 43.45 -10.38
C PRO B 368 29.66 43.24 -9.95
N ASP B 369 30.59 43.85 -10.67
CA ASP B 369 32.03 43.64 -10.40
C ASP B 369 32.71 45.00 -10.31
N ARG B 370 31.97 46.08 -10.54
CA ARG B 370 32.56 47.42 -10.55
C ARG B 370 31.99 48.24 -9.39
N ARG B 371 32.86 49.03 -8.76
CA ARG B 371 32.45 49.90 -7.65
C ARG B 371 31.94 51.22 -8.22
N ALA B 372 30.67 51.21 -8.59
CA ALA B 372 30.07 52.35 -9.28
C ALA B 372 28.55 52.27 -9.17
N TRP B 373 27.91 53.19 -9.87
CA TRP B 373 26.58 53.69 -9.64
C TRP B 373 25.88 53.70 -10.98
N ALA B 374 24.68 53.15 -11.10
CA ALA B 374 23.99 53.27 -12.41
C ALA B 374 22.48 53.13 -12.29
N LYS B 375 21.77 53.32 -13.42
CA LYS B 375 20.31 53.13 -13.43
C LYS B 375 20.00 52.01 -14.42
N ASP B 376 20.99 51.62 -15.23
CA ASP B 376 20.80 50.52 -16.21
C ASP B 376 22.15 50.01 -16.70
N ASN B 377 22.86 49.25 -15.88
CA ASN B 377 24.15 48.62 -16.27
C ASN B 377 24.27 47.56 -15.18
N LYS B 378 24.42 46.29 -15.53
CA LYS B 378 24.40 45.26 -14.46
C LYS B 378 25.72 45.25 -13.68
N ALA B 379 26.76 45.78 -14.28
CA ALA B 379 28.10 45.76 -13.64
C ALA B 379 28.05 46.77 -12.51
N ALA B 380 26.98 47.54 -12.42
CA ALA B 380 26.83 48.52 -11.33
C ALA B 380 26.61 47.79 -10.00
N MET B 381 27.51 47.97 -9.06
CA MET B 381 27.33 47.37 -7.74
C MET B 381 26.01 47.92 -7.22
N VAL B 382 25.79 49.22 -7.37
CA VAL B 382 24.60 49.87 -6.81
C VAL B 382 23.68 50.30 -7.95
N ARG B 383 22.41 49.96 -7.82
CA ARG B 383 21.37 50.33 -8.76
C ARG B 383 20.42 51.30 -8.08
N VAL B 384 20.23 52.46 -8.71
CA VAL B 384 19.23 53.44 -8.26
C VAL B 384 17.95 53.23 -9.04
N VAL B 385 16.86 53.16 -8.32
CA VAL B 385 15.54 53.12 -8.93
C VAL B 385 14.79 54.26 -8.26
N SER B 386 14.86 55.44 -8.85
CA SER B 386 14.32 56.63 -8.25
C SER B 386 13.67 57.52 -9.32
N ALA B 387 12.72 58.34 -8.87
CA ALA B 387 12.03 59.30 -9.73
C ALA B 387 11.76 60.57 -8.92
N THR B 388 11.58 61.69 -9.62
CA THR B 388 11.33 62.98 -8.97
C THR B 388 10.04 62.93 -8.15
N GLY B 389 10.15 62.88 -6.82
CA GLY B 389 9.00 62.79 -5.94
C GLY B 389 8.52 61.38 -5.66
N ASP B 390 9.12 60.37 -6.25
CA ASP B 390 8.70 59.00 -5.99
C ASP B 390 9.00 58.58 -4.56
N PRO B 391 7.99 58.25 -3.75
CA PRO B 391 8.26 57.81 -2.38
C PRO B 391 8.98 56.49 -2.27
N ALA B 392 9.10 55.72 -3.35
CA ALA B 392 9.79 54.45 -3.31
C ALA B 392 11.21 54.54 -3.84
N SER B 393 11.74 55.76 -4.01
CA SER B 393 13.10 55.96 -4.49
C SER B 393 14.10 55.32 -3.52
N ARG B 394 14.99 54.51 -4.08
CA ARG B 394 15.92 53.76 -3.22
C ARG B 394 17.16 53.33 -4.00
N ILE B 395 18.05 52.63 -3.32
CA ILE B 395 19.25 52.07 -4.00
C ILE B 395 19.24 50.56 -3.78
N GLU B 396 19.83 49.81 -4.69
CA GLU B 396 19.85 48.33 -4.62
C GLU B 396 21.29 47.85 -4.69
N ASN B 397 21.89 47.43 -3.59
CA ASN B 397 23.25 46.83 -3.71
C ASN B 397 22.96 45.42 -4.23
N ARG B 398 23.76 44.97 -5.20
CA ARG B 398 23.49 43.66 -5.82
C ARG B 398 24.71 42.75 -5.73
N ILE B 399 25.62 43.02 -4.80
CA ILE B 399 26.87 42.22 -4.75
C ILE B 399 26.72 41.29 -3.56
N GLY B 400 25.52 41.21 -3.01
CA GLY B 400 25.32 40.29 -1.90
C GLY B 400 25.13 38.87 -2.41
N GLU B 401 25.27 37.94 -1.48
CA GLU B 401 25.25 36.50 -1.66
C GLU B 401 24.11 35.93 -0.84
N PRO B 402 23.29 34.99 -1.36
CA PRO B 402 22.17 34.47 -0.54
C PRO B 402 22.65 33.87 0.78
N GLY B 403 23.82 33.23 0.78
CA GLY B 403 24.37 32.72 2.01
C GLY B 403 24.91 33.77 2.97
N ALA B 404 24.79 35.06 2.66
CA ALA B 404 25.34 36.06 3.55
C ALA B 404 24.67 36.01 4.94
N ASN B 405 25.48 36.30 5.97
CA ASN B 405 25.00 36.58 7.32
C ASN B 405 24.10 37.82 7.29
N PRO B 406 22.81 37.66 7.58
CA PRO B 406 21.90 38.81 7.48
C PRO B 406 22.30 39.98 8.37
N TYR B 407 22.87 39.74 9.55
CA TYR B 407 23.29 40.87 10.37
C TYR B 407 24.51 41.54 9.76
N LEU B 408 25.47 40.76 9.27
CA LEU B 408 26.70 41.39 8.80
C LEU B 408 26.50 41.95 7.40
N TYR B 409 25.57 41.38 6.63
CA TYR B 409 25.19 42.00 5.37
C TYR B 409 24.53 43.36 5.62
N MET B 410 23.45 43.37 6.40
CA MET B 410 22.72 44.61 6.58
C MET B 410 23.52 45.61 7.41
N ALA B 411 24.29 45.14 8.40
CA ALA B 411 25.12 46.07 9.16
C ALA B 411 26.17 46.70 8.27
N SER B 412 26.76 45.92 7.37
CA SER B 412 27.74 46.51 6.47
C SER B 412 27.12 47.64 5.66
N GLN B 413 25.88 47.48 5.27
CA GLN B 413 25.20 48.47 4.44
C GLN B 413 24.90 49.73 5.24
N ILE B 414 24.40 49.57 6.46
CA ILE B 414 24.11 50.69 7.34
C ILE B 414 25.37 51.47 7.68
N VAL B 415 26.44 50.75 8.00
CA VAL B 415 27.71 51.40 8.34
C VAL B 415 28.27 52.15 7.14
N SER B 416 28.28 51.51 5.97
CA SER B 416 28.78 52.15 4.76
C SER B 416 28.03 53.45 4.46
N GLY B 417 26.70 53.40 4.51
CA GLY B 417 25.91 54.58 4.14
C GLY B 417 26.13 55.74 5.09
N LEU B 418 25.98 55.49 6.40
CA LEU B 418 26.16 56.58 7.36
C LEU B 418 27.52 57.26 7.19
N ASP B 419 28.55 56.49 6.88
CA ASP B 419 29.86 57.07 6.59
C ASP B 419 29.79 57.96 5.34
N GLY B 420 29.06 57.53 4.32
CA GLY B 420 28.81 58.42 3.19
C GLY B 420 28.06 59.68 3.61
N ILE B 421 27.11 59.55 4.54
CA ILE B 421 26.31 60.69 4.96
C ILE B 421 27.13 61.65 5.83
N LYS B 422 27.98 61.12 6.70
CA LYS B 422 28.75 61.97 7.63
C LYS B 422 29.92 62.66 6.93
N ASN B 423 30.59 61.97 6.02
CA ASN B 423 31.72 62.51 5.29
C ASN B 423 31.32 63.01 3.91
N LYS B 424 30.02 63.15 3.64
CA LYS B 424 29.52 63.68 2.38
C LYS B 424 30.24 63.07 1.18
N LYS B 425 30.30 61.74 1.16
CA LYS B 425 31.01 61.06 0.08
C LYS B 425 30.19 61.15 -1.20
N ASP B 426 30.88 61.19 -2.32
CA ASP B 426 30.17 61.34 -3.57
C ASP B 426 30.15 60.03 -4.33
N PRO B 427 29.00 59.60 -4.85
CA PRO B 427 28.96 58.38 -5.65
C PRO B 427 29.39 58.56 -7.09
N GLY B 428 29.95 59.74 -7.40
CA GLY B 428 30.46 60.00 -8.75
C GLY B 428 29.33 60.24 -9.73
N GLU B 429 29.49 59.73 -10.95
CA GLU B 429 28.47 59.91 -12.01
C GLU B 429 27.81 58.56 -12.26
N LEU B 430 26.60 58.55 -12.82
CA LEU B 430 25.98 57.25 -13.17
C LEU B 430 26.74 56.58 -14.32
N GLN B 431 27.45 55.48 -14.06
CA GLN B 431 28.24 54.77 -15.11
C GLN B 431 27.37 53.76 -15.83
N GLU B 432 26.91 54.11 -17.04
CA GLU B 432 26.04 53.23 -17.80
C GLU B 432 26.76 52.49 -18.92
N SER B 433 28.08 52.66 -19.05
CA SER B 433 28.89 51.92 -20.02
C SER B 433 28.77 50.39 -19.86
N ALA B 437 34.02 51.09 -18.81
CA ALA B 437 35.08 52.09 -18.59
C ALA B 437 36.18 51.55 -17.67
N GLN B 438 36.80 52.43 -16.88
CA GLN B 438 37.82 52.03 -15.90
C GLN B 438 37.48 52.65 -14.54
N VAL B 439 36.44 52.12 -13.90
CA VAL B 439 36.20 52.35 -12.48
C VAL B 439 36.91 51.25 -11.69
N PRO B 440 37.05 51.39 -10.37
CA PRO B 440 37.69 50.32 -9.59
C PRO B 440 36.86 49.04 -9.63
N MET B 441 37.57 47.90 -9.58
CA MET B 441 36.97 46.56 -9.56
C MET B 441 36.85 46.07 -8.12
N LEU B 442 35.66 45.56 -7.76
CA LEU B 442 35.48 44.95 -6.44
C LEU B 442 36.40 43.75 -6.30
N PRO B 443 36.69 43.33 -5.07
CA PRO B 443 37.56 42.16 -4.90
C PRO B 443 36.95 40.92 -5.51
N THR B 444 37.79 40.09 -6.12
CA THR B 444 37.35 38.95 -6.91
C THR B 444 37.45 37.61 -6.19
N THR B 445 38.07 37.57 -5.00
CA THR B 445 38.16 36.39 -4.18
C THR B 445 37.96 36.81 -2.73
N LEU B 446 37.54 35.84 -1.90
CA LEU B 446 37.46 36.08 -0.47
C LEU B 446 38.82 36.52 0.08
N ALA B 447 39.89 35.94 -0.46
CA ALA B 447 41.25 36.37 -0.10
C ALA B 447 41.45 37.84 -0.41
N GLU B 448 41.00 38.27 -1.60
CA GLU B 448 41.11 39.68 -1.95
C GLU B 448 40.18 40.53 -1.08
N ALA B 449 38.99 40.01 -0.74
CA ALA B 449 38.09 40.73 0.12
C ALA B 449 38.71 40.97 1.49
N LEU B 450 39.44 39.97 2.01
CA LEU B 450 40.08 40.05 3.33
C LEU B 450 41.27 41.00 3.30
N ASP B 451 42.06 40.95 2.23
CA ASP B 451 43.10 41.94 2.02
C ASP B 451 42.52 43.36 2.00
N ALA B 452 41.48 43.58 1.20
CA ALA B 452 40.84 44.88 1.17
C ALA B 452 40.45 45.34 2.56
N LEU B 453 39.77 44.48 3.32
CA LEU B 453 39.36 44.84 4.68
C LEU B 453 40.55 45.10 5.60
N GLU B 454 41.64 44.32 5.46
CA GLU B 454 42.84 44.62 6.25
C GLU B 454 43.45 45.96 5.87
N HIS B 455 43.37 46.34 4.60
CA HIS B 455 43.89 47.67 4.17
C HIS B 455 43.07 48.80 4.77
N ASP B 456 41.80 48.96 4.38
CA ASP B 456 40.94 49.98 5.04
C ASP B 456 40.22 49.30 6.20
N SER B 457 40.75 49.40 7.42
CA SER B 457 40.15 48.68 8.56
C SER B 457 39.40 49.63 9.49
N GLU B 458 39.73 50.91 9.43
CA GLU B 458 39.17 51.92 10.37
C GLU B 458 37.66 51.94 10.57
N LEU B 459 36.85 51.97 9.51
CA LEU B 459 35.41 52.14 9.64
C LEU B 459 34.77 50.89 10.24
N PHE B 460 35.23 49.71 9.84
CA PHE B 460 34.66 48.48 10.38
C PHE B 460 35.21 48.13 11.76
N ARG B 461 36.44 48.57 12.06
CA ARG B 461 36.92 48.46 13.43
C ARG B 461 36.17 49.43 14.33
N SER B 462 35.85 50.61 13.80
CA SER B 462 35.10 51.60 14.58
C SER B 462 33.70 51.10 14.89
N CYS B 463 32.99 50.55 13.89
CA CYS B 463 31.57 50.28 14.02
C CYS B 463 31.25 48.82 14.36
N PHE B 464 32.00 47.84 13.85
CA PHE B 464 31.80 46.45 14.23
C PHE B 464 32.63 46.04 15.44
N GLY B 465 33.63 46.82 15.80
CA GLY B 465 34.45 46.49 16.95
C GLY B 465 35.85 46.07 16.53
N ASP B 466 36.84 46.48 17.32
CA ASP B 466 38.20 46.10 16.97
C ASP B 466 38.42 44.60 17.13
N THR B 467 37.93 44.02 18.23
CA THR B 467 38.10 42.58 18.47
C THR B 467 37.43 41.74 17.38
N PHE B 468 36.25 42.18 16.88
CA PHE B 468 35.54 41.37 15.90
C PHE B 468 36.25 41.40 14.55
N ILE B 469 36.86 42.52 14.18
CA ILE B 469 37.63 42.55 12.94
C ILE B 469 38.87 41.68 13.07
N LYS B 470 39.54 41.73 14.22
CA LYS B 470 40.66 40.82 14.48
C LYS B 470 40.24 39.37 14.28
N TYR B 471 39.19 38.95 15.00
CA TYR B 471 38.64 37.61 14.89
C TYR B 471 38.19 37.29 13.47
N TRP B 472 37.51 38.24 12.80
CA TRP B 472 37.01 37.98 11.45
C TRP B 472 38.15 37.67 10.49
N LEU B 473 39.16 38.52 10.45
CA LEU B 473 40.27 38.28 9.52
C LEU B 473 40.98 36.96 9.84
N GLN B 474 41.13 36.65 11.12
CA GLN B 474 41.86 35.45 11.51
C GLN B 474 41.08 34.19 11.19
N LEU B 475 39.75 34.24 11.30
CA LEU B 475 38.93 33.09 10.99
C LEU B 475 38.82 32.85 9.48
N ARG B 476 38.51 33.90 8.71
CA ARG B 476 38.19 33.73 7.29
C ARG B 476 39.45 33.46 6.47
N ARG B 477 40.59 34.01 6.89
CA ARG B 477 41.85 33.66 6.26
C ARG B 477 42.16 32.20 6.49
N SER B 478 41.76 31.68 7.65
CA SER B 478 41.98 30.26 7.96
C SER B 478 41.20 29.38 6.99
N GLU B 479 39.96 29.79 6.63
CA GLU B 479 39.18 29.01 5.66
C GLU B 479 39.79 29.11 4.26
N TRP B 480 40.33 30.27 3.92
CA TRP B 480 40.94 30.43 2.59
C TRP B 480 42.14 29.51 2.41
N ALA B 481 42.92 29.32 3.48
CA ALA B 481 44.08 28.45 3.41
C ALA B 481 43.68 27.00 3.16
N ARG B 482 42.69 26.51 3.93
CA ARG B 482 42.11 25.19 3.69
C ARG B 482 41.75 25.03 2.22
N PHE B 483 40.95 25.96 1.69
CA PHE B 483 40.52 25.89 0.30
C PHE B 483 41.71 25.82 -0.64
N LEU B 484 42.61 26.79 -0.55
CA LEU B 484 43.79 26.80 -1.41
C LEU B 484 44.60 25.52 -1.27
N ASP B 485 44.77 25.04 -0.04
CA ASP B 485 45.45 23.76 0.19
C ASP B 485 44.83 22.63 -0.62
N ALA B 486 43.51 22.48 -0.53
CA ALA B 486 42.85 21.32 -1.13
C ALA B 486 42.65 21.45 -2.64
N GLU B 487 42.60 22.67 -3.19
CA GLU B 487 42.32 22.89 -4.60
C GLU B 487 43.40 23.64 -5.36
N GLY B 488 44.29 24.39 -4.70
CA GLY B 488 45.32 25.12 -5.39
C GLY B 488 44.84 26.44 -5.99
N ALA B 489 45.80 27.31 -6.31
CA ALA B 489 45.48 28.67 -6.68
C ALA B 489 44.83 28.78 -8.06
N GLU B 490 45.10 27.83 -8.94
CA GLU B 490 44.46 27.88 -10.25
C GLU B 490 42.98 27.62 -10.14
N ALA B 491 42.58 26.67 -9.28
CA ALA B 491 41.16 26.50 -8.98
C ALA B 491 40.59 27.68 -8.21
N ALA B 492 41.44 28.44 -7.50
CA ALA B 492 40.96 29.61 -6.79
C ALA B 492 40.57 30.72 -7.75
N GLU B 493 40.99 30.63 -9.02
CA GLU B 493 40.61 31.56 -10.06
C GLU B 493 39.10 31.73 -10.06
N PRO B 494 38.60 32.89 -9.64
CA PRO B 494 37.16 33.05 -9.45
C PRO B 494 36.36 32.79 -10.71
N THR B 495 36.98 33.00 -11.87
CA THR B 495 36.33 32.70 -13.13
C THR B 495 36.11 31.20 -13.32
N GLY B 496 36.97 30.37 -12.71
CA GLY B 496 36.95 28.94 -12.92
C GLY B 496 35.76 28.22 -12.32
N ALA B 497 35.73 26.91 -12.58
CA ALA B 497 34.60 26.06 -12.21
C ALA B 497 34.48 25.92 -10.70
N VAL B 498 33.30 25.49 -10.26
CA VAL B 498 33.06 25.27 -8.85
C VAL B 498 33.84 24.05 -8.38
N THR B 499 34.52 24.17 -7.25
CA THR B 499 35.33 23.07 -6.77
C THR B 499 34.52 22.13 -5.89
N GLN B 500 35.06 20.93 -5.71
CA GLN B 500 34.49 20.00 -4.75
C GLN B 500 34.72 20.45 -3.31
N TRP B 501 35.82 21.20 -3.05
CA TRP B 501 35.98 21.81 -1.74
C TRP B 501 34.78 22.71 -1.43
N GLU B 502 34.35 23.48 -2.43
CA GLU B 502 33.22 24.38 -2.26
C GLU B 502 31.94 23.62 -2.01
N GLN B 503 31.69 22.53 -2.74
CA GLN B 503 30.44 21.82 -2.57
C GLN B 503 30.36 21.22 -1.16
N LYS B 504 31.46 20.68 -0.67
CA LYS B 504 31.47 20.04 0.63
C LYS B 504 31.70 21.01 1.77
N GLU B 505 31.92 22.30 1.46
CA GLU B 505 31.94 23.34 2.49
C GLU B 505 30.58 23.99 2.70
N TYR B 506 29.84 24.27 1.63
CA TYR B 506 28.66 25.13 1.71
C TYR B 506 27.34 24.45 1.35
N PHE B 507 27.34 23.34 0.60
CA PHE B 507 26.06 22.89 0.04
C PHE B 507 25.11 22.41 1.13
N ASN B 508 25.62 21.71 2.14
CA ASN B 508 24.75 21.18 3.17
C ASN B 508 24.23 22.26 4.11
N LEU B 509 25.11 23.13 4.63
CA LEU B 509 24.67 24.01 5.70
C LEU B 509 24.05 25.30 5.21
N LEU B 510 24.52 25.84 4.10
CA LEU B 510 23.99 27.12 3.67
C LEU B 510 22.63 26.97 2.94
N ASP C 21 -30.81 -41.46 26.48
CA ASP C 21 -29.59 -40.99 25.83
C ASP C 21 -28.33 -41.46 26.57
N PHE C 22 -27.23 -41.53 25.81
CA PHE C 22 -25.99 -42.15 26.25
C PHE C 22 -25.39 -41.48 27.49
N ILE C 23 -25.73 -40.23 27.73
CA ILE C 23 -25.12 -39.51 28.88
C ILE C 23 -25.95 -39.78 30.14
N THR C 24 -27.27 -39.77 30.03
CA THR C 24 -28.15 -40.06 31.19
C THR C 24 -28.19 -41.57 31.36
N LYS C 25 -28.06 -42.35 30.30
CA LYS C 25 -28.21 -43.82 30.49
C LYS C 25 -27.04 -44.30 31.34
N ASN C 26 -25.87 -43.71 31.13
CA ASN C 26 -24.66 -44.22 31.83
C ASN C 26 -24.27 -43.23 32.92
N ASN C 27 -25.14 -42.26 33.23
CA ASN C 27 -24.90 -41.28 34.32
C ASN C 27 -23.50 -40.69 34.20
N LEU C 28 -23.26 -39.93 33.13
CA LEU C 28 -21.90 -39.38 32.88
C LEU C 28 -21.86 -37.87 33.19
N TRP C 29 -22.99 -37.29 33.61
CA TRP C 29 -23.05 -35.83 33.91
C TRP C 29 -23.72 -35.51 35.25
N THR C 30 -22.98 -35.01 36.23
CA THR C 30 -23.52 -34.50 37.47
C THR C 30 -24.41 -33.30 37.16
N ASN C 31 -25.18 -32.87 38.17
CA ASN C 31 -26.08 -31.74 37.96
C ASN C 31 -25.31 -30.45 37.66
N GLU C 32 -24.14 -30.27 38.29
CA GLU C 32 -23.32 -29.11 37.94
C GLU C 32 -22.94 -29.15 36.48
N GLN C 33 -22.52 -30.31 35.98
CA GLN C 33 -22.23 -30.47 34.55
C GLN C 33 -23.47 -30.25 33.70
N ARG C 34 -24.62 -30.74 34.15
CA ARG C 34 -25.86 -30.53 33.41
C ARG C 34 -26.29 -29.08 33.46
N ASP C 35 -26.23 -28.46 34.65
CA ASP C 35 -26.52 -27.04 34.74
C ASP C 35 -25.63 -26.26 33.78
N ALA C 36 -24.34 -26.61 33.74
CA ALA C 36 -23.41 -25.95 32.84
C ALA C 36 -23.73 -26.22 31.38
N ALA C 37 -24.36 -27.36 31.08
CA ALA C 37 -24.84 -27.59 29.73
C ALA C 37 -25.75 -26.46 29.30
N ASP C 38 -26.85 -26.28 30.03
CA ASP C 38 -27.79 -25.22 29.70
C ASP C 38 -27.10 -23.87 29.69
N LYS C 39 -26.15 -23.66 30.60
CA LYS C 39 -25.44 -22.39 30.63
C LYS C 39 -24.68 -22.15 29.34
N VAL C 40 -23.99 -23.18 28.85
CA VAL C 40 -23.19 -23.05 27.63
C VAL C 40 -24.08 -22.76 26.42
N LEU C 41 -25.18 -23.50 26.28
CA LEU C 41 -26.07 -23.25 25.17
C LEU C 41 -26.52 -21.80 25.16
N ALA C 42 -26.85 -21.26 26.33
CA ALA C 42 -27.27 -19.87 26.44
C ALA C 42 -26.18 -18.94 25.92
N GLU C 43 -24.94 -19.17 26.34
CA GLU C 43 -23.79 -18.43 25.82
C GLU C 43 -23.73 -18.54 24.31
N ILE C 44 -23.99 -19.74 23.78
CA ILE C 44 -23.85 -19.94 22.35
C ILE C 44 -24.86 -19.07 21.61
N ASP C 45 -26.04 -18.90 22.18
CA ASP C 45 -27.07 -18.12 21.50
C ASP C 45 -26.72 -16.64 21.48
N SER C 46 -26.47 -16.05 22.65
CA SER C 46 -26.24 -14.61 22.71
C SER C 46 -25.02 -14.23 21.90
N LEU C 47 -23.96 -15.03 21.98
CA LEU C 47 -22.75 -14.72 21.24
C LEU C 47 -22.90 -14.93 19.74
N GLY C 48 -23.81 -15.80 19.32
CA GLY C 48 -23.95 -16.08 17.89
C GLY C 48 -22.84 -16.96 17.36
N LEU C 49 -22.38 -17.91 18.16
CA LEU C 49 -21.33 -18.83 17.74
C LEU C 49 -21.87 -19.79 16.70
N GLU C 50 -21.01 -20.18 15.77
CA GLU C 50 -21.38 -21.11 14.71
C GLU C 50 -20.73 -22.46 14.86
N MET C 51 -19.70 -22.56 15.71
CA MET C 51 -18.79 -23.69 15.70
C MET C 51 -18.30 -23.91 17.12
N ILE C 52 -18.39 -25.15 17.60
CA ILE C 52 -17.81 -25.49 18.91
C ILE C 52 -16.81 -26.62 18.69
N ARG C 53 -15.58 -26.43 19.13
CA ARG C 53 -14.58 -27.47 19.07
C ARG C 53 -14.73 -28.39 20.28
N LEU C 54 -14.85 -29.69 20.01
CA LEU C 54 -14.90 -30.73 21.03
C LEU C 54 -13.60 -31.52 20.94
N SER C 55 -12.76 -31.45 21.96
CA SER C 55 -11.41 -31.97 21.81
C SER C 55 -10.99 -32.75 23.04
N TRP C 56 -9.96 -33.56 22.85
CA TRP C 56 -9.43 -34.35 23.95
C TRP C 56 -7.92 -34.52 23.79
N ALA C 57 -7.24 -34.51 24.92
CA ALA C 57 -5.78 -34.65 24.92
C ALA C 57 -5.38 -36.07 24.54
N ASP C 58 -4.40 -36.18 23.66
CA ASP C 58 -3.90 -37.50 23.24
C ASP C 58 -2.78 -37.90 24.21
N GLN C 59 -2.23 -39.08 24.00
CA GLN C 59 -1.12 -39.56 24.85
C GLN C 59 -0.02 -38.50 24.95
N TYR C 60 0.11 -37.63 23.95
CA TYR C 60 1.19 -36.64 24.04
C TYR C 60 0.72 -35.31 24.61
N GLY C 61 -0.57 -35.15 24.87
CA GLY C 61 -1.10 -33.86 25.21
C GLY C 61 -1.61 -33.04 24.03
N LEU C 62 -1.41 -33.49 22.79
CA LEU C 62 -1.93 -32.76 21.64
C LEU C 62 -3.46 -32.88 21.62
N LEU C 63 -4.14 -31.74 21.46
CA LEU C 63 -5.60 -31.72 21.46
C LEU C 63 -6.12 -32.28 20.14
N ARG C 64 -7.00 -33.28 20.23
CA ARG C 64 -7.63 -33.83 19.04
C ARG C 64 -9.15 -33.82 19.18
N GLY C 65 -9.84 -33.77 18.04
CA GLY C 65 -11.29 -33.82 18.06
C GLY C 65 -11.89 -33.33 16.74
N LYS C 66 -13.10 -32.79 16.86
CA LYS C 66 -13.80 -32.26 15.68
C LYS C 66 -14.34 -30.87 15.99
N SER C 67 -14.75 -30.15 14.96
CA SER C 67 -15.42 -28.86 15.18
C SER C 67 -16.88 -29.13 14.87
N LEU C 68 -17.72 -28.98 15.86
CA LEU C 68 -19.14 -29.30 15.65
C LEU C 68 -19.91 -28.02 15.47
N THR C 69 -20.98 -28.07 14.69
CA THR C 69 -21.91 -26.96 14.58
C THR C 69 -22.79 -26.91 15.82
N VAL C 70 -23.49 -25.79 15.99
CA VAL C 70 -24.35 -25.69 17.17
C VAL C 70 -25.32 -26.87 17.19
N ALA C 71 -25.95 -27.14 16.04
CA ALA C 71 -26.87 -28.26 15.91
C ALA C 71 -26.24 -29.56 16.37
N SER C 72 -25.10 -29.88 15.78
CA SER C 72 -24.43 -31.13 16.11
C SER C 72 -24.09 -31.21 17.60
N LEU C 73 -23.68 -30.08 18.19
CA LEU C 73 -23.28 -30.07 19.59
C LEU C 73 -24.44 -30.45 20.47
N LYS C 74 -25.62 -29.85 20.21
CA LYS C 74 -26.82 -30.18 20.96
C LYS C 74 -27.11 -31.69 20.92
N SER C 75 -26.80 -32.34 19.80
CA SER C 75 -26.93 -33.79 19.75
C SER C 75 -25.89 -34.46 20.65
N ALA C 76 -24.67 -33.93 20.70
CA ALA C 76 -23.62 -34.56 21.50
C ALA C 76 -23.92 -34.44 22.99
N PHE C 77 -24.47 -33.30 23.42
CA PHE C 77 -24.92 -33.10 24.80
C PHE C 77 -25.93 -34.17 25.23
N LYS C 78 -26.41 -34.97 24.30
CA LYS C 78 -27.23 -36.13 24.66
C LYS C 78 -26.57 -37.46 24.30
N GLU C 79 -26.08 -37.64 23.07
CA GLU C 79 -25.58 -38.95 22.66
C GLU C 79 -24.10 -38.97 22.34
N GLY C 80 -23.38 -37.88 22.58
CA GLY C 80 -21.96 -37.87 22.29
C GLY C 80 -21.68 -37.80 20.79
N SER C 81 -20.44 -38.09 20.45
CA SER C 81 -19.97 -37.95 19.07
C SER C 81 -18.88 -38.98 18.84
N GLU C 82 -19.12 -39.89 17.91
CA GLU C 82 -18.24 -41.04 17.73
C GLU C 82 -16.87 -40.54 17.25
N VAL C 83 -15.83 -41.26 17.62
CA VAL C 83 -14.47 -40.97 17.18
C VAL C 83 -13.66 -42.25 17.26
N ALA C 84 -12.80 -42.47 16.28
CA ALA C 84 -11.96 -43.64 16.29
C ALA C 84 -10.79 -43.38 17.24
N ILE C 85 -10.18 -44.45 17.76
CA ILE C 85 -9.09 -44.31 18.78
C ILE C 85 -7.77 -44.32 18.03
N GLY C 86 -7.78 -44.12 16.73
CA GLY C 86 -6.57 -44.17 15.89
C GLY C 86 -5.40 -43.41 16.49
N PRO C 87 -5.51 -42.10 16.74
CA PRO C 87 -4.37 -41.34 17.24
C PRO C 87 -3.69 -41.94 18.49
N PHE C 88 -4.35 -42.83 19.21
CA PHE C 88 -3.71 -43.47 20.36
C PHE C 88 -2.70 -44.52 19.90
N PHE C 89 -2.92 -45.10 18.74
CA PHE C 89 -2.07 -46.17 18.23
C PHE C 89 -1.00 -45.65 17.26
N PHE C 90 -0.92 -44.34 17.10
CA PHE C 90 0.03 -43.65 16.25
C PHE C 90 1.08 -42.94 17.10
N ASP C 91 2.22 -42.66 16.51
CA ASP C 91 3.12 -41.77 17.23
C ASP C 91 2.96 -40.35 16.66
N LEU C 92 3.90 -39.46 16.97
CA LEU C 92 3.77 -38.10 16.49
C LEU C 92 3.77 -38.01 14.97
N VAL C 93 4.43 -38.94 14.29
CA VAL C 93 4.51 -38.92 12.83
C VAL C 93 3.69 -40.05 12.21
N SER C 94 2.72 -40.57 12.94
CA SER C 94 1.78 -41.58 12.43
C SER C 94 2.48 -42.87 12.02
N SER C 95 3.59 -43.20 12.67
CA SER C 95 3.96 -44.61 12.69
C SER C 95 2.81 -45.37 13.32
N MET C 96 2.48 -46.53 12.75
CA MET C 96 1.47 -47.39 13.35
C MET C 96 2.21 -48.30 14.33
N VAL C 97 2.11 -47.98 15.62
CA VAL C 97 2.80 -48.76 16.66
C VAL C 97 2.03 -50.02 17.00
N PHE C 98 0.74 -49.89 17.25
CA PHE C 98 -0.15 -51.02 17.51
C PHE C 98 -1.08 -51.20 16.32
N ASN C 99 -1.31 -52.46 15.94
CA ASN C 99 -2.01 -52.78 14.70
C ASN C 99 -3.47 -52.30 14.74
N LEU C 100 -3.89 -51.65 13.65
CA LEU C 100 -5.23 -51.06 13.53
C LEU C 100 -6.21 -51.95 12.78
N PHE C 101 -5.77 -53.08 12.26
CA PHE C 101 -6.64 -53.89 11.37
C PHE C 101 -6.93 -55.32 11.79
N THR C 102 -7.26 -55.51 13.07
CA THR C 102 -7.55 -56.84 13.65
C THR C 102 -8.23 -56.56 14.98
N THR C 103 -9.36 -57.20 15.29
CA THR C 103 -10.16 -56.98 16.54
C THR C 103 -11.07 -55.78 16.34
N GLU C 110 -4.80 -58.04 22.30
CA GLU C 110 -4.83 -56.80 23.12
C GLU C 110 -4.03 -55.73 22.40
N LEU C 111 -4.32 -54.46 22.69
CA LEU C 111 -3.65 -53.32 22.02
C LEU C 111 -3.70 -53.54 20.52
N SER C 112 -4.91 -53.60 19.96
CA SER C 112 -5.08 -53.82 18.52
C SER C 112 -6.46 -53.33 18.08
N GLY C 113 -6.58 -53.08 16.76
CA GLY C 113 -7.81 -52.62 16.18
C GLY C 113 -7.94 -51.11 16.18
N ASN C 114 -8.96 -50.61 15.48
CA ASN C 114 -9.25 -49.15 15.53
C ASN C 114 -10.70 -49.00 15.94
N PRO C 115 -11.15 -49.25 17.20
CA PRO C 115 -12.57 -49.13 17.52
C PRO C 115 -13.09 -47.69 17.59
N THR C 116 -14.41 -47.55 17.66
CA THR C 116 -15.02 -46.21 17.79
C THR C 116 -15.46 -45.97 19.23
N VAL C 117 -14.98 -44.91 19.86
CA VAL C 117 -15.36 -44.56 21.25
C VAL C 117 -16.28 -43.34 21.14
N VAL C 118 -16.86 -42.91 22.24
CA VAL C 118 -17.82 -41.82 22.24
C VAL C 118 -17.18 -40.61 22.92
N MET C 119 -17.24 -39.47 22.26
CA MET C 119 -16.75 -38.22 22.83
C MET C 119 -17.86 -37.68 23.70
N VAL C 120 -17.66 -37.65 25.02
CA VAL C 120 -18.65 -37.12 25.94
C VAL C 120 -18.20 -35.71 26.35
N PRO C 121 -18.85 -34.66 25.87
CA PRO C 121 -18.41 -33.30 26.21
C PRO C 121 -18.46 -33.06 27.71
N ASP C 122 -17.60 -32.17 28.19
CA ASP C 122 -17.68 -31.70 29.56
C ASP C 122 -18.05 -30.20 29.59
N PRO C 123 -19.32 -29.87 29.88
CA PRO C 123 -19.78 -28.48 29.69
C PRO C 123 -19.15 -27.48 30.63
N THR C 124 -18.67 -27.92 31.80
CA THR C 124 -17.96 -27.05 32.71
C THR C 124 -16.67 -26.51 32.11
N THR C 125 -16.13 -27.15 31.06
CA THR C 125 -14.85 -26.74 30.49
C THR C 125 -14.99 -25.72 29.35
N PHE C 126 -16.21 -25.28 29.03
CA PHE C 126 -16.46 -24.51 27.81
C PHE C 126 -15.86 -23.11 27.87
N LYS C 127 -15.25 -22.70 26.76
CA LYS C 127 -14.58 -21.40 26.60
C LYS C 127 -14.78 -20.90 25.17
N VAL C 128 -14.66 -19.59 25.01
CA VAL C 128 -14.86 -18.89 23.72
C VAL C 128 -13.50 -18.42 23.22
N LEU C 129 -13.01 -19.02 22.11
CA LEU C 129 -11.66 -18.76 21.62
C LEU C 129 -11.57 -17.41 20.91
N PRO C 130 -10.96 -16.40 21.54
CA PRO C 130 -10.96 -15.05 20.97
C PRO C 130 -10.08 -14.88 19.75
N TRP C 131 -9.28 -15.85 19.35
CA TRP C 131 -8.57 -15.64 18.11
C TRP C 131 -9.33 -16.20 16.90
N ALA C 132 -10.37 -16.99 17.12
CA ALA C 132 -11.13 -17.64 16.07
C ALA C 132 -12.49 -16.98 15.87
N ASP C 133 -13.07 -17.19 14.69
CA ASP C 133 -14.36 -16.55 14.32
C ASP C 133 -15.56 -17.36 14.83
N LYS C 134 -16.41 -16.75 15.64
CA LYS C 134 -17.65 -17.38 16.16
C LYS C 134 -17.38 -18.83 16.51
N THR C 135 -16.35 -19.07 17.33
CA THR C 135 -15.95 -20.45 17.65
C THR C 135 -15.86 -20.69 19.15
N GLY C 136 -16.60 -21.67 19.65
CA GLY C 136 -16.43 -22.10 21.03
C GLY C 136 -15.61 -23.37 21.16
N TRP C 137 -15.33 -23.76 22.40
CA TRP C 137 -14.32 -24.78 22.66
C TRP C 137 -14.67 -25.50 23.96
N MET C 138 -14.41 -26.80 23.98
CA MET C 138 -14.86 -27.64 25.07
C MET C 138 -14.05 -28.91 25.10
N LEU C 139 -13.63 -29.31 26.29
CA LEU C 139 -12.95 -30.57 26.42
C LEU C 139 -13.96 -31.72 26.40
N ALA C 140 -13.49 -32.92 26.02
CA ALA C 140 -14.35 -34.11 25.99
C ALA C 140 -13.71 -35.30 26.72
N ASP C 141 -14.56 -36.19 27.23
CA ASP C 141 -14.11 -37.43 27.85
C ASP C 141 -14.39 -38.61 26.93
N LEU C 142 -13.47 -39.56 26.89
CA LEU C 142 -13.56 -40.70 25.98
C LEU C 142 -14.12 -41.92 26.71
N HIS C 143 -15.24 -42.45 26.23
CA HIS C 143 -15.91 -43.62 26.80
C HIS C 143 -16.13 -44.69 25.73
N TRP C 144 -16.21 -45.94 26.15
CA TRP C 144 -16.55 -47.03 25.21
C TRP C 144 -18.05 -46.95 24.93
N LYS C 145 -18.54 -47.72 23.98
CA LYS C 145 -19.98 -47.65 23.61
C LYS C 145 -20.81 -48.51 24.55
N SER C 146 -20.45 -48.51 25.84
CA SER C 146 -21.15 -49.32 26.86
C SER C 146 -21.23 -48.43 28.09
N GLY C 147 -20.49 -47.32 28.06
CA GLY C 147 -20.45 -46.39 29.19
C GLY C 147 -19.12 -46.55 29.92
N GLU C 148 -18.45 -47.66 29.69
CA GLU C 148 -17.17 -47.95 30.38
C GLU C 148 -16.14 -46.93 29.94
N PRO C 149 -15.43 -46.25 30.86
CA PRO C 149 -14.48 -45.22 30.50
C PRO C 149 -13.39 -45.77 29.57
N PHE C 150 -12.92 -44.96 28.61
CA PHE C 150 -11.84 -45.43 27.79
C PHE C 150 -10.55 -45.46 28.60
N PRO C 151 -9.81 -46.58 28.62
CA PRO C 151 -8.73 -46.72 29.59
C PRO C 151 -7.46 -45.96 29.26
N LEU C 152 -7.21 -45.64 27.99
CA LEU C 152 -5.97 -44.95 27.65
C LEU C 152 -6.08 -43.43 27.74
N CYS C 153 -7.25 -42.92 28.12
CA CYS C 153 -7.53 -41.48 28.12
C CYS C 153 -6.66 -40.72 29.11
N PRO C 154 -5.75 -39.84 28.67
CA PRO C 154 -4.92 -39.08 29.64
C PRO C 154 -5.75 -38.39 30.71
N ARG C 155 -6.70 -37.53 30.32
CA ARG C 155 -7.52 -36.84 31.31
C ARG C 155 -8.19 -37.82 32.27
N GLY C 156 -8.45 -39.05 31.82
CA GLY C 156 -9.02 -40.03 32.73
C GLY C 156 -8.07 -40.43 33.83
N ILE C 157 -6.78 -40.61 33.49
CA ILE C 157 -5.78 -40.98 34.47
C ILE C 157 -5.62 -39.89 35.54
N MET C 158 -5.71 -38.63 35.15
CA MET C 158 -5.58 -37.55 36.12
C MET C 158 -6.83 -37.43 36.99
N LYS C 159 -8.01 -37.68 36.41
CA LYS C 159 -9.23 -37.74 37.22
C LYS C 159 -9.11 -38.84 38.27
N LYS C 160 -8.49 -39.95 37.91
CA LYS C 160 -8.32 -41.04 38.85
C LYS C 160 -7.46 -40.59 40.02
N ALA C 161 -6.32 -39.97 39.72
CA ALA C 161 -5.44 -39.46 40.78
C ALA C 161 -6.16 -38.45 41.67
N VAL C 162 -6.77 -37.42 41.06
CA VAL C 162 -7.51 -36.42 41.83
C VAL C 162 -8.49 -37.08 42.81
N LYS C 163 -9.23 -38.10 42.34
CA LYS C 163 -10.24 -38.71 43.19
C LYS C 163 -9.62 -39.44 44.37
N SER C 164 -8.57 -40.21 44.10
CA SER C 164 -7.88 -40.89 45.19
C SER C 164 -7.33 -39.87 46.19
N LEU C 165 -6.87 -38.72 45.69
CA LEU C 165 -6.38 -37.67 46.57
C LEU C 165 -7.48 -37.16 47.49
N SER C 166 -8.72 -37.09 46.99
CA SER C 166 -9.81 -36.57 47.80
C SER C 166 -10.43 -37.66 48.67
N ASP C 167 -10.21 -38.93 48.33
CA ASP C 167 -10.57 -40.01 49.23
C ASP C 167 -9.63 -40.12 50.43
N GLU C 168 -8.52 -39.38 50.42
CA GLU C 168 -7.69 -39.16 51.60
C GLU C 168 -7.83 -37.73 52.16
N GLY C 169 -8.91 -37.03 51.78
CA GLY C 169 -9.18 -35.69 52.26
C GLY C 169 -8.26 -34.61 51.74
N TYR C 170 -7.54 -34.84 50.64
CA TYR C 170 -6.49 -33.93 50.17
C TYR C 170 -6.85 -33.37 48.80
N LEU C 171 -6.50 -32.10 48.58
CA LEU C 171 -6.70 -31.42 47.31
C LEU C 171 -5.35 -31.00 46.75
N PHE C 172 -5.17 -31.15 45.43
CA PHE C 172 -3.90 -30.83 44.76
C PHE C 172 -3.92 -29.38 44.31
N LYS C 173 -2.98 -28.58 44.83
CA LYS C 173 -2.82 -27.19 44.42
C LYS C 173 -1.51 -27.05 43.63
N CYS C 174 -1.61 -26.46 42.44
CA CYS C 174 -0.52 -26.42 41.47
C CYS C 174 -0.44 -25.05 40.82
N GLY C 175 0.76 -24.45 40.86
CA GLY C 175 1.02 -23.20 40.19
C GLY C 175 1.82 -23.44 38.91
N ILE C 176 1.23 -23.08 37.79
CA ILE C 176 1.81 -23.37 36.49
C ILE C 176 2.89 -22.33 36.17
N GLU C 177 4.09 -22.82 35.80
CA GLU C 177 5.22 -21.97 35.43
C GLU C 177 5.86 -22.61 34.20
N LEU C 178 5.53 -22.08 33.02
CA LEU C 178 5.94 -22.64 31.73
C LEU C 178 6.96 -21.73 31.07
N GLU C 179 8.06 -22.33 30.64
CA GLU C 179 9.08 -21.63 29.87
C GLU C 179 8.91 -22.07 28.42
N TRP C 180 8.91 -21.11 27.50
CA TRP C 180 8.69 -21.46 26.11
C TRP C 180 9.41 -20.46 25.20
N TYR C 181 9.47 -20.82 23.93
CA TYR C 181 10.26 -20.08 22.93
C TYR C 181 9.34 -19.40 21.93
N LEU C 182 9.54 -18.11 21.76
CA LEU C 182 8.82 -17.34 20.78
C LEU C 182 9.72 -17.20 19.55
N THR C 183 9.20 -17.56 18.38
CA THR C 183 9.94 -17.33 17.15
C THR C 183 9.06 -16.76 16.06
N LYS C 184 9.73 -16.17 15.05
CA LYS C 184 9.08 -15.59 13.87
C LYS C 184 9.14 -16.54 12.70
N ILE C 185 7.99 -16.77 12.06
CA ILE C 185 7.88 -17.81 11.05
C ILE C 185 8.49 -17.29 9.76
N VAL C 186 9.50 -18.00 9.26
CA VAL C 186 10.10 -17.64 7.98
C VAL C 186 9.42 -18.45 6.89
N ASP C 187 9.55 -19.78 6.96
CA ASP C 187 8.77 -20.67 6.11
C ASP C 187 8.00 -21.71 6.93
N ARG C 188 6.79 -22.03 6.48
CA ARG C 188 5.88 -22.95 7.16
C ARG C 188 6.01 -24.39 6.66
N SER C 189 6.90 -24.64 5.68
CA SER C 189 7.23 -25.98 5.19
C SER C 189 5.99 -26.73 4.68
N LEU C 190 5.31 -26.10 3.73
CA LEU C 190 4.11 -26.66 3.12
C LEU C 190 4.33 -27.23 1.72
N SER C 191 5.58 -27.24 1.22
CA SER C 191 5.85 -27.78 -0.12
C SER C 191 5.65 -29.29 -0.10
N PRO C 192 4.92 -29.85 -1.06
CA PRO C 192 4.64 -31.31 -1.02
C PRO C 192 5.86 -32.16 -0.69
N GLU C 193 7.04 -31.71 -1.12
CA GLU C 193 8.25 -32.44 -0.82
C GLU C 193 8.68 -32.37 0.65
N SER C 194 8.05 -31.51 1.47
CA SER C 194 8.39 -31.43 2.88
C SER C 194 7.44 -32.19 3.77
N LEU C 195 6.34 -32.72 3.24
CA LEU C 195 5.23 -33.22 4.05
C LEU C 195 5.51 -34.56 4.71
N GLY C 196 6.68 -35.17 4.53
CA GLY C 196 6.88 -36.47 5.14
C GLY C 196 5.89 -37.51 4.61
N ALA C 197 5.52 -38.45 5.52
CA ALA C 197 4.58 -39.57 5.32
C ALA C 197 4.30 -40.23 6.66
N PRO C 198 3.45 -41.25 6.74
CA PRO C 198 3.41 -42.02 7.99
C PRO C 198 4.78 -42.61 8.30
N GLY C 199 5.20 -42.53 9.57
CA GLY C 199 6.50 -43.01 9.97
C GLY C 199 7.67 -42.11 9.58
N VAL C 200 7.51 -41.20 8.63
CA VAL C 200 8.58 -40.32 8.16
C VAL C 200 8.29 -38.91 8.65
N GLN C 201 9.26 -38.28 9.32
CA GLN C 201 9.02 -36.96 9.87
C GLN C 201 8.88 -35.92 8.76
N PRO C 202 8.01 -34.94 8.94
CA PRO C 202 7.95 -33.82 8.00
C PRO C 202 9.04 -32.81 8.31
N ASP C 203 9.34 -31.98 7.31
CA ASP C 203 10.27 -30.88 7.53
C ASP C 203 9.81 -30.03 8.69
N ALA C 204 10.79 -29.49 9.41
CA ALA C 204 10.51 -28.56 10.49
C ALA C 204 10.25 -27.18 9.92
N ILE C 205 9.28 -26.50 10.52
CA ILE C 205 9.03 -25.08 10.23
C ILE C 205 10.34 -24.29 10.39
N GLN C 206 10.56 -23.34 9.48
CA GLN C 206 11.75 -22.48 9.53
C GLN C 206 11.42 -21.17 10.25
N VAL C 207 12.19 -20.86 11.30
CA VAL C 207 11.86 -19.74 12.18
C VAL C 207 13.07 -18.82 12.28
N GLN C 208 12.90 -17.74 13.05
CA GLN C 208 13.92 -16.71 13.35
C GLN C 208 13.67 -16.13 14.74
N PRO C 209 14.70 -16.05 15.61
CA PRO C 209 14.48 -15.51 16.96
C PRO C 209 13.85 -14.13 16.95
N VAL C 210 13.25 -13.73 18.06
CA VAL C 210 12.53 -12.43 18.12
C VAL C 210 13.33 -11.43 18.95
N ALA C 211 14.21 -11.91 19.83
CA ALA C 211 14.97 -11.00 20.65
C ALA C 211 16.29 -11.68 20.97
N GLN C 212 17.28 -10.88 21.38
CA GLN C 212 18.54 -11.45 21.85
C GLN C 212 18.38 -11.91 23.30
N GLY C 213 19.42 -12.55 23.85
CA GLY C 213 19.28 -13.08 25.19
C GLY C 213 20.49 -13.13 26.08
N TYR C 214 20.38 -13.96 27.11
CA TYR C 214 21.39 -14.12 28.14
C TYR C 214 21.54 -12.84 28.96
N SER C 215 20.43 -12.09 29.05
CA SER C 215 20.24 -11.02 30.03
C SER C 215 18.88 -11.29 30.67
N VAL C 216 18.87 -12.18 31.67
CA VAL C 216 17.60 -12.67 32.19
C VAL C 216 16.77 -11.53 32.77
N LEU C 217 15.44 -11.67 32.65
CA LEU C 217 14.46 -10.75 33.21
C LEU C 217 14.65 -9.33 32.75
N LEU C 218 15.31 -9.11 31.63
CA LEU C 218 15.56 -7.75 31.19
C LEU C 218 14.26 -7.11 30.66
N GLU C 219 13.86 -5.99 31.28
CA GLU C 219 12.61 -5.34 30.89
C GLU C 219 12.61 -4.94 29.43
N HIS C 220 13.77 -4.57 28.89
CA HIS C 220 13.81 -4.18 27.48
C HIS C 220 13.51 -5.35 26.55
N HIS C 221 13.78 -6.59 26.99
CA HIS C 221 13.39 -7.75 26.17
C HIS C 221 11.87 -7.86 26.09
N LEU C 222 11.18 -7.59 27.21
CA LEU C 222 9.74 -7.67 27.21
C LEU C 222 9.15 -6.60 26.29
N ASP C 223 9.57 -5.36 26.44
CA ASP C 223 8.98 -4.33 25.58
C ASP C 223 9.25 -4.62 24.10
N GLN C 224 10.43 -5.15 23.80
CA GLN C 224 10.77 -5.49 22.43
C GLN C 224 9.77 -6.49 21.84
N VAL C 225 9.38 -7.50 22.62
CA VAL C 225 8.53 -8.57 22.11
C VAL C 225 7.06 -8.33 22.41
N ASP C 226 6.69 -7.17 22.93
CA ASP C 226 5.26 -6.99 23.33
C ASP C 226 4.34 -6.65 22.16
N ASP C 227 4.80 -6.79 20.94
CA ASP C 227 3.89 -6.60 19.78
C ASP C 227 3.07 -7.88 19.66
N ILE C 228 3.71 -9.04 19.72
CA ILE C 228 3.01 -10.35 19.69
C ILE C 228 2.66 -10.71 21.14
N MET C 229 3.57 -10.47 22.08
CA MET C 229 3.33 -10.91 23.45
C MET C 229 2.06 -10.28 24.02
N SER C 230 1.71 -9.07 23.58
CA SER C 230 0.49 -8.44 24.09
C SER C 230 -0.75 -9.17 23.58
N LYS C 231 -0.68 -9.75 22.38
CA LYS C 231 -1.81 -10.50 21.85
C LYS C 231 -1.98 -11.82 22.58
N VAL C 232 -0.88 -12.54 22.82
CA VAL C 232 -0.92 -13.71 23.69
C VAL C 232 -1.45 -13.31 25.07
N ARG C 233 -0.93 -12.22 25.62
CA ARG C 233 -1.36 -11.77 26.94
C ARG C 233 -2.87 -11.54 26.98
N LYS C 234 -3.39 -10.75 26.05
CA LYS C 234 -4.82 -10.43 26.04
C LYS C 234 -5.65 -11.69 25.82
N GLY C 235 -5.22 -12.56 24.91
CA GLY C 235 -5.97 -13.77 24.64
C GLY C 235 -6.17 -14.61 25.89
N LEU C 236 -5.08 -14.81 26.64
CA LEU C 236 -5.17 -15.58 27.89
C LEU C 236 -6.11 -14.91 28.87
N LEU C 237 -5.98 -13.60 29.05
CA LEU C 237 -6.91 -12.95 29.95
C LEU C 237 -8.36 -13.09 29.50
N GLU C 238 -8.61 -13.11 28.19
CA GLU C 238 -9.99 -13.21 27.66
C GLU C 238 -10.49 -14.65 27.78
N LEU C 239 -9.57 -15.60 27.95
CA LEU C 239 -9.98 -17.01 28.20
C LEU C 239 -10.08 -17.19 29.71
N ASN C 240 -10.08 -16.08 30.47
CA ASN C 240 -10.23 -16.11 31.93
C ASN C 240 -9.20 -17.02 32.57
N LEU C 241 -8.04 -17.14 31.98
CA LEU C 241 -7.04 -17.91 32.67
C LEU C 241 -6.36 -17.02 33.72
N PRO C 242 -5.93 -17.59 34.84
CA PRO C 242 -5.30 -16.80 35.93
C PRO C 242 -3.82 -16.50 35.68
N LEU C 243 -3.54 -15.80 34.58
CA LEU C 243 -2.19 -15.36 34.30
C LEU C 243 -1.67 -14.51 35.45
N ARG C 244 -0.51 -14.88 35.97
CA ARG C 244 0.12 -14.13 37.05
C ARG C 244 1.17 -13.18 36.49
N SER C 245 2.19 -13.70 35.79
CA SER C 245 3.27 -12.87 35.29
C SER C 245 3.73 -13.31 33.89
N ILE C 246 4.33 -12.36 33.18
CA ILE C 246 5.03 -12.61 31.92
C ILE C 246 6.45 -12.09 32.07
N GLU C 247 7.44 -12.93 31.78
CA GLU C 247 8.84 -12.65 32.11
C GLU C 247 9.74 -13.10 30.97
N ASP C 248 10.86 -12.41 30.80
CA ASP C 248 11.82 -12.78 29.77
C ASP C 248 12.80 -13.78 30.35
N GLU C 249 12.79 -15.01 29.83
CA GLU C 249 13.65 -16.03 30.43
C GLU C 249 15.08 -15.85 29.93
N TRP C 250 15.97 -16.73 30.43
CA TRP C 250 17.40 -16.55 30.26
C TRP C 250 17.81 -16.45 28.79
N ALA C 251 17.54 -17.49 28.00
CA ALA C 251 18.04 -17.58 26.62
C ALA C 251 17.35 -16.56 25.69
N PRO C 252 17.91 -16.35 24.49
CA PRO C 252 17.25 -15.47 23.51
C PRO C 252 15.91 -16.04 23.07
N SER C 253 14.90 -15.19 23.06
CA SER C 253 13.55 -15.53 22.59
C SER C 253 12.85 -16.53 23.50
N GLN C 254 13.36 -16.77 24.69
CA GLN C 254 12.75 -17.69 25.63
C GLN C 254 11.92 -16.89 26.63
N MET C 255 10.67 -17.30 26.80
CA MET C 255 9.74 -16.58 27.67
C MET C 255 9.36 -17.44 28.87
N GLU C 256 8.80 -16.79 29.88
CA GLU C 256 8.10 -17.50 30.94
C GLU C 256 6.76 -16.81 31.17
N THR C 257 5.69 -17.60 31.21
CA THR C 257 4.38 -17.14 31.65
C THR C 257 3.94 -18.03 32.81
N THR C 258 3.75 -17.42 33.97
CA THR C 258 3.24 -18.11 35.12
C THR C 258 1.77 -17.77 35.28
N PHE C 259 1.06 -18.64 36.00
CA PHE C 259 -0.34 -18.42 36.34
C PHE C 259 -0.52 -18.58 37.84
N ASP C 260 -1.65 -18.11 38.34
CA ASP C 260 -1.91 -18.25 39.78
C ASP C 260 -2.31 -19.70 40.09
N VAL C 261 -2.52 -19.97 41.37
CA VAL C 261 -2.76 -21.31 41.86
C VAL C 261 -4.09 -21.84 41.34
N MET C 262 -4.10 -23.10 40.86
CA MET C 262 -5.32 -23.80 40.50
C MET C 262 -5.32 -25.19 41.14
N GLU C 263 -6.50 -25.81 41.17
CA GLU C 263 -6.69 -27.05 41.93
C GLU C 263 -7.04 -28.22 41.02
N GLY C 264 -6.42 -29.36 41.29
CA GLY C 264 -6.83 -30.62 40.68
C GLY C 264 -6.97 -30.59 39.16
N LEU C 265 -8.07 -31.18 38.68
CA LEU C 265 -8.28 -31.39 37.24
C LEU C 265 -8.38 -30.07 36.49
N GLU C 266 -9.04 -29.08 37.08
CA GLU C 266 -9.06 -27.76 36.48
C GLU C 266 -7.64 -27.26 36.17
N ALA C 267 -6.68 -27.58 37.04
CA ALA C 267 -5.29 -27.15 36.83
C ALA C 267 -4.66 -27.83 35.61
N ALA C 268 -5.03 -29.06 35.30
CA ALA C 268 -4.48 -29.65 34.09
C ALA C 268 -5.26 -29.24 32.86
N ASP C 269 -6.57 -29.05 33.00
CA ASP C 269 -7.37 -28.52 31.91
C ASP C 269 -6.84 -27.16 31.46
N ALA C 270 -6.62 -26.27 32.43
CA ALA C 270 -6.08 -24.94 32.13
C ALA C 270 -4.73 -25.02 31.43
N ALA C 271 -3.76 -25.71 32.06
CA ALA C 271 -2.43 -25.89 31.46
C ALA C 271 -2.54 -26.26 29.99
N LEU C 272 -3.40 -27.25 29.70
CA LEU C 272 -3.59 -27.74 28.34
C LEU C 272 -4.10 -26.64 27.42
N LEU C 273 -5.06 -25.85 27.92
CA LEU C 273 -5.62 -24.76 27.13
C LEU C 273 -4.62 -23.60 27.00
N ILE C 274 -3.90 -23.30 28.08
CA ILE C 274 -2.84 -22.30 28.04
C ILE C 274 -1.90 -22.56 26.87
N LYS C 275 -1.42 -23.80 26.76
CA LYS C 275 -0.42 -24.09 25.74
C LYS C 275 -1.02 -24.06 24.35
N SER C 276 -2.27 -24.51 24.23
CA SER C 276 -2.95 -24.49 22.94
C SER C 276 -3.17 -23.07 22.47
N ALA C 277 -3.56 -22.19 23.41
CA ALA C 277 -3.88 -20.80 23.10
C ALA C 277 -2.64 -20.03 22.70
N ILE C 278 -1.52 -20.22 23.42
CA ILE C 278 -0.27 -19.56 23.05
C ILE C 278 0.10 -19.94 21.62
N LYS C 279 0.09 -21.23 21.32
CA LYS C 279 0.44 -21.66 19.98
C LYS C 279 -0.50 -21.07 18.93
N GLN C 280 -1.82 -21.19 19.15
CA GLN C 280 -2.75 -20.75 18.11
C GLN C 280 -2.71 -19.25 17.93
N ILE C 281 -2.43 -18.51 18.99
CA ILE C 281 -2.34 -17.06 18.83
C ILE C 281 -1.07 -16.67 18.09
N CYS C 282 0.06 -17.27 18.46
CA CYS C 282 1.31 -16.97 17.75
C CYS C 282 1.16 -17.27 16.26
N SER C 283 0.61 -18.45 15.93
CA SER C 283 0.46 -18.85 14.53
C SER C 283 -0.43 -17.90 13.75
N ARG C 284 -1.52 -17.42 14.36
CA ARG C 284 -2.42 -16.50 13.66
C ARG C 284 -1.77 -15.19 13.29
N HIS C 285 -0.61 -14.86 13.87
CA HIS C 285 0.11 -13.67 13.47
C HIS C 285 1.48 -13.98 12.90
N GLY C 286 1.72 -15.22 12.50
CA GLY C 286 2.96 -15.52 11.83
C GLY C 286 4.14 -15.78 12.75
N TYR C 287 3.87 -15.97 14.04
CA TYR C 287 4.88 -16.39 14.99
C TYR C 287 4.65 -17.86 15.36
N HIS C 288 5.67 -18.42 16.02
CA HIS C 288 5.71 -19.82 16.39
C HIS C 288 6.10 -19.93 17.84
N ALA C 289 5.19 -20.50 18.64
CA ALA C 289 5.49 -20.88 20.02
C ALA C 289 5.81 -22.36 20.02
N THR C 290 6.91 -22.73 20.64
CA THR C 290 7.17 -24.15 20.86
C THR C 290 7.39 -24.43 22.34
N PHE C 291 6.97 -25.62 22.74
CA PHE C 291 7.26 -26.16 24.05
C PHE C 291 8.19 -27.37 23.96
N MET C 292 8.79 -27.59 22.80
CA MET C 292 10.00 -28.39 22.73
C MET C 292 10.95 -27.97 23.83
N CYS C 293 11.50 -28.96 24.53
CA CYS C 293 12.42 -28.62 25.61
C CYS C 293 13.58 -27.79 25.08
N LYS C 294 14.26 -28.25 24.03
CA LYS C 294 15.46 -27.60 23.50
C LYS C 294 15.53 -27.66 21.97
N PRO C 295 14.94 -26.66 21.29
CA PRO C 295 14.98 -26.66 19.82
C PRO C 295 16.40 -26.66 19.27
N ALA C 296 16.53 -27.14 18.03
CA ALA C 296 17.81 -27.14 17.32
C ALA C 296 18.06 -25.79 16.66
N ILE C 297 18.13 -24.75 17.47
CA ILE C 297 18.46 -23.41 17.01
C ILE C 297 19.61 -22.87 17.86
N ASN C 298 20.61 -22.27 17.22
CA ASN C 298 21.81 -21.86 17.93
C ASN C 298 21.48 -20.82 18.99
N GLY C 299 22.01 -21.02 20.19
CA GLY C 299 21.81 -20.10 21.27
C GLY C 299 20.64 -20.43 22.17
N PHE C 300 19.91 -21.51 21.87
CA PHE C 300 18.68 -21.85 22.58
C PHE C 300 19.04 -22.80 23.71
N PHE C 301 18.79 -22.35 24.94
CA PHE C 301 19.01 -23.13 26.13
C PHE C 301 17.72 -23.86 26.47
N ALA C 302 17.84 -24.96 27.20
CA ALA C 302 16.66 -25.77 27.44
C ALA C 302 15.63 -25.01 28.29
N SER C 303 14.34 -25.21 27.95
CA SER C 303 13.20 -24.71 28.72
C SER C 303 12.72 -25.80 29.67
N GLY C 304 12.10 -25.40 30.77
CA GLY C 304 11.56 -26.34 31.74
C GLY C 304 10.17 -25.96 32.21
N TRP C 305 9.41 -26.99 32.59
CA TRP C 305 8.12 -26.87 33.29
C TRP C 305 8.32 -27.24 34.76
N HIS C 306 8.60 -26.24 35.60
CA HIS C 306 8.76 -26.46 37.03
C HIS C 306 7.39 -26.47 37.70
N MET C 307 7.05 -27.56 38.36
CA MET C 307 5.72 -27.69 38.92
C MET C 307 5.76 -27.26 40.37
N HIS C 308 5.05 -26.17 40.67
CA HIS C 308 4.86 -25.72 42.04
C HIS C 308 3.62 -26.43 42.58
N GLN C 309 3.76 -27.16 43.68
CA GLN C 309 2.68 -28.01 44.11
C GLN C 309 2.61 -28.07 45.62
N SER C 310 1.40 -27.92 46.13
CA SER C 310 1.15 -28.13 47.54
C SER C 310 -0.09 -29.02 47.69
N LEU C 311 -0.32 -29.50 48.92
CA LEU C 311 -1.56 -30.27 49.22
C LEU C 311 -2.23 -29.46 50.32
N VAL C 312 -3.53 -29.25 50.18
CA VAL C 312 -4.34 -28.53 51.19
C VAL C 312 -5.37 -29.53 51.66
N ASP C 313 -6.03 -29.30 52.80
CA ASP C 313 -7.10 -30.23 53.21
C ASP C 313 -8.43 -30.03 52.49
N LYS C 314 -9.13 -31.12 52.22
CA LYS C 314 -10.38 -31.03 51.47
C LYS C 314 -11.42 -30.19 52.21
N ASP C 315 -11.54 -30.40 53.52
CA ASP C 315 -12.47 -29.60 54.32
C ASP C 315 -11.84 -28.27 54.73
N THR C 316 -10.87 -28.32 55.66
CA THR C 316 -10.31 -27.09 56.23
C THR C 316 -9.68 -26.19 55.19
N ARG C 317 -9.50 -26.66 53.95
CA ARG C 317 -9.07 -25.82 52.83
C ARG C 317 -7.83 -25.00 53.21
N LYS C 318 -6.86 -25.68 53.82
CA LYS C 318 -5.66 -25.01 54.30
C LYS C 318 -4.43 -25.86 53.96
N ASN C 319 -3.34 -25.16 53.67
CA ASN C 319 -2.09 -25.77 53.22
C ASN C 319 -1.45 -26.58 54.34
N LEU C 320 -1.52 -27.91 54.22
CA LEU C 320 -0.91 -28.81 55.20
C LEU C 320 0.58 -29.01 54.99
N PHE C 321 1.22 -28.21 54.13
CA PHE C 321 2.66 -28.24 53.96
C PHE C 321 3.40 -27.23 54.84
N ILE C 322 2.67 -26.28 55.43
CA ILE C 322 3.26 -25.16 56.23
C ILE C 322 4.26 -25.67 57.25
N PRO C 323 5.53 -25.18 57.21
CA PRO C 323 6.58 -25.66 58.10
C PRO C 323 6.74 -25.03 59.48
N SER C 324 7.31 -25.78 60.43
CA SER C 324 7.52 -25.26 61.81
C SER C 324 8.86 -24.54 61.89
N GLU C 325 9.18 -23.95 63.04
CA GLU C 325 10.51 -23.32 63.17
C GLU C 325 11.44 -24.53 63.29
N GLY C 326 12.50 -24.56 62.49
CA GLY C 326 13.43 -25.70 62.51
C GLY C 326 13.07 -26.68 61.42
N GLU C 327 11.96 -26.44 60.74
CA GLU C 327 11.48 -27.36 59.68
C GLU C 327 11.32 -26.56 58.39
N VAL C 328 11.83 -27.08 57.27
CA VAL C 328 11.72 -26.41 55.94
C VAL C 328 10.40 -26.83 55.32
N LEU C 329 9.83 -27.94 55.79
CA LEU C 329 8.49 -28.34 55.30
C LEU C 329 7.80 -29.07 56.45
N SER C 330 6.46 -29.05 56.54
CA SER C 330 5.79 -29.83 57.54
C SER C 330 6.20 -31.30 57.36
N PRO C 331 6.01 -32.15 58.37
CA PRO C 331 6.28 -33.57 58.14
C PRO C 331 5.41 -34.14 57.02
N LEU C 332 4.15 -33.70 56.92
CA LEU C 332 3.31 -34.15 55.81
C LEU C 332 3.92 -33.73 54.47
N GLY C 333 4.34 -32.46 54.35
CA GLY C 333 4.94 -32.00 53.10
C GLY C 333 6.25 -32.69 52.78
N ARG C 334 7.09 -32.92 53.79
CA ARG C 334 8.28 -33.74 53.58
C ARG C 334 7.89 -35.19 53.28
N ALA C 335 6.76 -35.64 53.81
CA ALA C 335 6.27 -36.96 53.43
C ALA C 335 5.90 -37.00 51.95
N TYR C 336 5.13 -36.00 51.49
CA TYR C 336 4.91 -35.85 50.06
C TYR C 336 6.23 -35.80 49.30
N ALA C 337 7.18 -34.99 49.77
CA ALA C 337 8.44 -34.83 49.05
C ALA C 337 9.13 -36.17 48.84
N GLY C 338 9.24 -36.99 49.89
CA GLY C 338 9.90 -38.28 49.77
C GLY C 338 9.37 -39.15 48.65
N GLY C 339 8.05 -39.14 48.45
CA GLY C 339 7.49 -39.91 47.35
C GLY C 339 8.00 -39.48 45.99
N LEU C 340 8.09 -38.16 45.77
CA LEU C 340 8.61 -37.65 44.49
C LEU C 340 10.06 -38.04 44.29
N LEU C 341 10.89 -37.87 45.30
CA LEU C 341 12.28 -38.31 45.17
C LEU C 341 12.37 -39.81 44.96
N ALA C 342 11.50 -40.58 45.64
CA ALA C 342 11.55 -42.04 45.51
C ALA C 342 11.02 -42.48 44.15
N ASN C 343 9.85 -41.99 43.79
CA ASN C 343 9.21 -42.39 42.54
C ASN C 343 9.73 -41.64 41.30
N GLY C 344 10.85 -40.91 41.41
CA GLY C 344 11.23 -39.97 40.35
C GLY C 344 11.89 -40.58 39.14
N SER C 345 12.60 -41.70 39.30
CA SER C 345 13.13 -42.39 38.13
C SER C 345 11.99 -42.96 37.28
N ALA C 346 11.23 -43.89 37.83
CA ALA C 346 10.11 -44.51 37.13
C ALA C 346 9.22 -43.46 36.46
N ALA C 347 8.84 -42.40 37.20
CA ALA C 347 7.98 -41.34 36.67
C ALA C 347 8.68 -40.43 35.67
N SER C 348 10.00 -40.57 35.43
CA SER C 348 10.68 -39.65 34.54
C SER C 348 10.20 -39.74 33.09
N SER C 349 9.44 -40.79 32.76
CA SER C 349 8.82 -40.92 31.44
C SER C 349 7.62 -40.00 31.26
N PHE C 350 6.96 -39.59 32.35
CA PHE C 350 5.78 -38.75 32.24
C PHE C 350 6.07 -37.29 32.52
N THR C 351 7.11 -37.00 33.27
CA THR C 351 7.51 -35.62 33.48
C THR C 351 8.39 -35.13 32.35
N THR C 352 9.07 -36.03 31.68
CA THR C 352 10.00 -35.71 30.61
C THR C 352 9.75 -36.77 29.55
N PRO C 353 8.67 -36.62 28.77
CA PRO C 353 8.29 -37.69 27.83
C PRO C 353 9.04 -37.67 26.51
N THR C 354 9.70 -36.58 26.14
CA THR C 354 10.33 -36.44 24.83
C THR C 354 11.82 -36.79 24.92
N VAL C 355 12.34 -37.43 23.85
CA VAL C 355 13.77 -37.72 23.76
C VAL C 355 14.57 -36.47 24.06
N ASN C 356 14.16 -35.37 23.45
CA ASN C 356 14.87 -34.11 23.53
C ASN C 356 14.87 -33.55 24.95
N GLY C 357 13.85 -33.89 25.73
CA GLY C 357 13.78 -33.40 27.11
C GLY C 357 14.95 -33.84 27.97
N TYR C 358 15.69 -34.85 27.54
CA TYR C 358 16.77 -35.41 28.35
C TYR C 358 18.10 -34.70 28.09
N ARG C 359 18.14 -33.73 27.19
CA ARG C 359 19.31 -32.89 27.08
C ARG C 359 19.37 -31.87 28.21
N ARG C 360 18.33 -31.83 29.04
CA ARG C 360 18.34 -31.06 30.28
C ARG C 360 18.79 -31.88 31.48
N ARG C 361 19.06 -33.18 31.29
CA ARG C 361 19.49 -34.06 32.39
C ARG C 361 21.01 -33.96 32.49
N GLN C 362 21.47 -32.93 33.18
CA GLN C 362 22.84 -32.47 33.00
C GLN C 362 23.31 -31.79 34.27
N PRO C 363 24.59 -31.91 34.61
CA PRO C 363 25.13 -31.10 35.71
C PRO C 363 25.39 -29.67 35.27
N TYR C 364 25.43 -28.78 36.25
CA TYR C 364 25.88 -27.40 36.07
C TYR C 364 25.03 -26.66 35.06
N SER C 365 23.75 -27.00 35.03
CA SER C 365 22.69 -26.19 34.45
C SER C 365 21.74 -25.84 35.59
N LEU C 366 20.60 -25.21 35.25
CA LEU C 366 19.57 -24.94 36.25
C LEU C 366 18.48 -26.01 36.26
N ALA C 367 18.84 -27.25 35.88
CA ALA C 367 17.99 -28.43 35.81
C ALA C 367 18.59 -29.58 36.63
N PRO C 368 17.76 -30.48 37.14
CA PRO C 368 18.27 -31.60 37.96
C PRO C 368 18.80 -32.76 37.12
N ASP C 369 19.88 -33.37 37.64
CA ASP C 369 20.36 -34.67 37.17
C ASP C 369 20.34 -35.71 38.30
N ARG C 370 19.82 -35.34 39.47
CA ARG C 370 19.78 -36.19 40.63
C ARG C 370 18.48 -35.95 41.37
N ARG C 371 18.10 -36.95 42.17
CA ARG C 371 16.86 -36.93 42.94
C ARG C 371 17.08 -36.27 44.30
N ALA C 372 17.70 -35.10 44.29
CA ALA C 372 18.02 -34.37 45.50
C ALA C 372 16.90 -33.39 45.85
N TRP C 373 16.87 -32.98 47.12
CA TRP C 373 15.97 -31.94 47.56
C TRP C 373 16.72 -30.92 48.41
N ALA C 374 16.28 -29.67 48.30
CA ALA C 374 16.98 -28.52 48.86
C ALA C 374 15.96 -27.43 49.15
N LYS C 375 16.29 -26.56 50.12
CA LYS C 375 15.44 -25.42 50.43
C LYS C 375 15.43 -24.48 49.23
N ASP C 376 16.57 -23.90 48.85
CA ASP C 376 16.56 -23.11 47.59
C ASP C 376 17.93 -23.14 46.93
N ASN C 377 18.12 -24.06 45.97
CA ASN C 377 19.42 -24.17 45.25
C ASN C 377 19.18 -24.12 43.74
N LYS C 378 17.93 -24.33 43.30
CA LYS C 378 17.58 -24.29 41.86
C LYS C 378 18.49 -25.25 41.10
N ALA C 379 19.01 -26.28 41.78
CA ALA C 379 19.88 -27.29 41.15
C ALA C 379 19.35 -28.64 41.61
N ALA C 380 18.42 -28.62 42.55
CA ALA C 380 17.85 -29.84 43.09
C ALA C 380 16.61 -30.27 42.32
N MET C 381 16.24 -31.54 42.48
CA MET C 381 15.05 -32.06 41.79
C MET C 381 13.79 -31.44 42.38
N VAL C 382 13.54 -31.75 43.63
CA VAL C 382 12.50 -31.10 44.41
C VAL C 382 13.13 -29.90 45.12
N ARG C 383 12.45 -28.77 45.07
CA ARG C 383 12.89 -27.55 45.73
C ARG C 383 11.78 -27.07 46.65
N VAL C 384 12.17 -26.64 47.85
CA VAL C 384 11.19 -26.23 48.88
C VAL C 384 11.06 -24.72 48.92
N VAL C 385 10.04 -24.19 48.26
CA VAL C 385 9.78 -22.74 48.43
C VAL C 385 8.95 -22.67 49.70
N SER C 386 9.56 -22.29 50.82
CA SER C 386 8.83 -22.33 52.11
C SER C 386 9.32 -21.30 53.11
N ALA C 387 8.45 -20.94 54.05
CA ALA C 387 8.83 -20.02 55.13
C ALA C 387 7.95 -20.39 56.33
N THR C 388 8.42 -20.14 57.55
CA THR C 388 7.67 -20.58 58.72
C THR C 388 6.31 -19.89 58.80
N GLY C 389 5.26 -20.70 58.96
CA GLY C 389 3.90 -20.21 59.02
C GLY C 389 3.31 -19.76 57.70
N ASP C 390 4.12 -19.68 56.65
CA ASP C 390 3.74 -19.13 55.33
C ASP C 390 2.73 -20.03 54.61
N PRO C 391 1.53 -19.54 54.27
CA PRO C 391 0.56 -20.39 53.55
C PRO C 391 0.97 -20.74 52.13
N ALA C 392 1.94 -20.05 51.54
CA ALA C 392 2.40 -20.40 50.20
C ALA C 392 3.56 -21.38 50.22
N SER C 393 3.88 -21.96 51.38
CA SER C 393 4.88 -23.02 51.45
C SER C 393 4.44 -24.20 50.59
N ARG C 394 5.36 -24.71 49.77
CA ARG C 394 4.99 -25.68 48.75
C ARG C 394 6.26 -26.34 48.23
N ILE C 395 6.08 -27.23 47.26
CA ILE C 395 7.18 -27.94 46.61
C ILE C 395 7.26 -27.50 45.17
N GLU C 396 8.48 -27.32 44.67
CA GLU C 396 8.73 -27.11 43.26
C GLU C 396 9.44 -28.34 42.72
N ASN C 397 8.86 -28.98 41.72
CA ASN C 397 9.53 -30.09 41.04
C ASN C 397 10.05 -29.62 39.70
N ARG C 398 11.37 -29.73 39.52
CA ARG C 398 12.04 -29.16 38.37
C ARG C 398 12.46 -30.19 37.34
N ILE C 399 11.95 -31.42 37.42
CA ILE C 399 12.27 -32.39 36.36
C ILE C 399 11.52 -32.09 35.06
N GLY C 400 10.35 -31.46 35.15
CA GLY C 400 9.39 -31.51 34.06
C GLY C 400 9.82 -30.76 32.82
N GLU C 401 9.40 -31.28 31.66
CA GLU C 401 9.65 -30.42 30.53
C GLU C 401 8.35 -29.75 30.10
N PRO C 402 8.48 -28.58 29.46
CA PRO C 402 7.28 -27.80 29.13
C PRO C 402 6.38 -28.50 28.14
N GLY C 403 6.92 -29.42 27.34
CA GLY C 403 6.11 -30.16 26.40
C GLY C 403 5.66 -31.50 26.96
N ALA C 404 5.15 -31.48 28.19
CA ALA C 404 4.64 -32.68 28.85
C ALA C 404 3.13 -32.71 28.71
N ASN C 405 2.54 -33.91 28.91
CA ASN C 405 1.09 -34.04 28.99
C ASN C 405 0.62 -33.55 30.35
N PRO C 406 -0.03 -32.40 30.42
CA PRO C 406 -0.39 -31.83 31.73
C PRO C 406 -1.09 -32.82 32.63
N TYR C 407 -1.83 -33.78 32.05
CA TYR C 407 -2.53 -34.79 32.83
C TYR C 407 -1.56 -35.80 33.43
N LEU C 408 -0.64 -36.30 32.61
CA LEU C 408 0.31 -37.31 33.09
C LEU C 408 1.28 -36.71 34.10
N TYR C 409 1.80 -35.52 33.80
CA TYR C 409 2.72 -34.83 34.71
C TYR C 409 2.09 -34.61 36.07
N MET C 410 1.00 -33.86 36.13
CA MET C 410 0.36 -33.55 37.40
C MET C 410 -0.09 -34.81 38.12
N ALA C 411 -0.55 -35.83 37.36
CA ALA C 411 -1.00 -37.08 37.99
C ALA C 411 0.18 -37.91 38.50
N SER C 412 1.30 -37.94 37.76
CA SER C 412 2.50 -38.60 38.27
C SER C 412 3.00 -37.95 39.55
N GLN C 413 2.77 -36.64 39.73
CA GLN C 413 3.00 -35.99 41.03
C GLN C 413 2.04 -36.54 42.08
N ILE C 414 0.74 -36.41 41.84
CA ILE C 414 -0.21 -36.83 42.85
C ILE C 414 0.05 -38.29 43.23
N VAL C 415 0.38 -39.12 42.24
CA VAL C 415 0.65 -40.53 42.54
C VAL C 415 1.96 -40.67 43.31
N SER C 416 3.03 -39.98 42.88
CA SER C 416 4.30 -40.05 43.60
C SER C 416 4.19 -39.51 45.02
N GLY C 417 3.48 -38.38 45.20
CA GLY C 417 3.43 -37.76 46.53
C GLY C 417 2.61 -38.56 47.51
N LEU C 418 1.41 -38.99 47.11
CA LEU C 418 0.53 -39.76 47.98
C LEU C 418 1.25 -41.01 48.50
N ASP C 419 2.04 -41.65 47.64
CA ASP C 419 2.89 -42.77 48.05
C ASP C 419 3.75 -42.40 49.25
N GLY C 420 4.54 -41.32 49.10
CA GLY C 420 5.37 -40.88 50.21
C GLY C 420 4.58 -40.49 51.44
N ILE C 421 3.30 -40.16 51.28
CA ILE C 421 2.47 -39.92 52.45
C ILE C 421 2.01 -41.24 53.04
N LYS C 422 1.55 -42.17 52.21
CA LYS C 422 1.03 -43.48 52.70
C LYS C 422 2.13 -44.42 53.18
N ASN C 423 3.38 -44.19 52.81
CA ASN C 423 4.46 -45.14 53.18
C ASN C 423 5.55 -44.45 54.01
N LYS C 424 5.33 -43.20 54.39
CA LYS C 424 6.29 -42.41 55.22
C LYS C 424 7.72 -42.55 54.72
N LYS C 425 7.95 -42.20 53.45
CA LYS C 425 9.33 -42.27 52.90
C LYS C 425 10.05 -41.02 53.37
N ASP C 426 11.24 -41.19 53.96
CA ASP C 426 12.04 -40.04 54.45
C ASP C 426 12.78 -39.45 53.25
N PRO C 427 12.49 -38.22 52.74
CA PRO C 427 13.33 -37.66 51.68
C PRO C 427 14.78 -37.66 52.04
N GLY C 428 15.12 -37.66 53.32
CA GLY C 428 16.49 -37.58 53.70
C GLY C 428 16.92 -36.17 54.05
N GLU C 429 18.17 -35.84 53.75
CA GLU C 429 18.80 -34.62 54.23
C GLU C 429 18.91 -33.60 53.10
N LEU C 430 18.60 -32.34 53.40
CA LEU C 430 18.63 -31.32 52.34
C LEU C 430 20.05 -31.11 51.83
N GLN C 431 20.19 -30.89 50.52
CA GLN C 431 21.54 -30.77 49.92
C GLN C 431 21.95 -29.33 49.68
N GLU C 432 23.23 -29.02 49.79
CA GLU C 432 23.70 -27.63 49.62
C GLU C 432 24.40 -27.56 48.27
N SER C 433 25.06 -28.65 47.88
CA SER C 433 25.66 -28.72 46.54
C SER C 433 25.07 -29.89 45.75
N PRO C 434 23.91 -29.79 45.03
CA PRO C 434 23.34 -30.99 44.41
C PRO C 434 24.26 -31.64 43.41
N TYR C 435 24.90 -30.85 42.53
CA TYR C 435 25.80 -31.43 41.53
C TYR C 435 27.03 -32.08 42.15
N ASP C 436 27.21 -31.93 43.48
CA ASP C 436 28.23 -32.62 44.25
C ASP C 436 27.57 -33.40 45.39
N ALA C 437 26.37 -33.94 45.12
CA ALA C 437 25.65 -34.79 46.06
C ALA C 437 25.59 -36.20 45.51
N GLN C 438 26.03 -37.17 46.31
CA GLN C 438 25.95 -38.59 45.92
C GLN C 438 24.59 -39.16 46.35
N VAL C 439 23.57 -38.72 45.61
CA VAL C 439 22.20 -39.17 45.73
C VAL C 439 21.98 -40.00 44.46
N PRO C 440 21.01 -40.92 44.38
CA PRO C 440 20.82 -41.68 43.13
C PRO C 440 20.64 -40.76 41.92
N MET C 441 21.35 -41.07 40.85
CA MET C 441 21.24 -40.27 39.65
C MET C 441 19.82 -40.36 39.07
N LEU C 442 19.44 -39.31 38.19
CA LEU C 442 18.19 -39.40 37.46
C LEU C 442 18.46 -40.00 36.08
N PRO C 443 17.48 -40.68 35.41
CA PRO C 443 17.70 -41.19 34.05
C PRO C 443 18.25 -40.12 33.10
N THR C 444 19.16 -40.52 32.22
CA THR C 444 19.83 -39.56 31.32
C THR C 444 19.23 -39.65 29.93
N THR C 445 18.45 -40.70 29.68
CA THR C 445 17.80 -40.89 28.37
C THR C 445 16.33 -41.28 28.58
N LEU C 446 15.53 -41.26 27.51
CA LEU C 446 14.12 -41.72 27.61
C LEU C 446 14.16 -43.23 27.70
N ALA C 447 15.10 -43.84 26.98
CA ALA C 447 15.25 -45.29 27.15
C ALA C 447 15.43 -45.64 28.61
N GLU C 448 16.34 -44.93 29.27
CA GLU C 448 16.60 -45.24 30.66
C GLU C 448 15.36 -44.96 31.53
N ALA C 449 14.61 -43.90 31.22
CA ALA C 449 13.42 -43.59 32.02
C ALA C 449 12.30 -44.58 31.78
N LEU C 450 12.33 -45.28 30.64
CA LEU C 450 11.41 -46.39 30.40
C LEU C 450 11.82 -47.61 31.23
N ASP C 451 13.11 -47.99 31.14
CA ASP C 451 13.65 -49.01 32.02
C ASP C 451 13.31 -48.72 33.48
N ALA C 452 13.52 -47.49 33.92
CA ALA C 452 13.19 -47.15 35.31
C ALA C 452 11.69 -47.35 35.58
N LEU C 453 10.84 -47.17 34.56
CA LEU C 453 9.42 -47.48 34.73
C LEU C 453 9.19 -48.99 34.69
N GLU C 454 9.76 -49.66 33.67
CA GLU C 454 9.58 -51.10 33.53
C GLU C 454 9.82 -51.83 34.83
N HIS C 455 10.80 -51.38 35.62
CA HIS C 455 11.22 -52.11 36.85
C HIS C 455 10.72 -51.46 38.13
N ASP C 456 9.79 -50.50 38.06
CA ASP C 456 9.15 -49.92 39.26
C ASP C 456 7.75 -49.58 38.75
N SER C 457 7.08 -50.56 38.17
CA SER C 457 5.78 -50.27 37.53
C SER C 457 4.59 -50.43 38.48
N GLU C 458 4.76 -51.07 39.64
CA GLU C 458 3.60 -51.40 40.51
C GLU C 458 2.81 -50.19 40.98
N LEU C 459 3.46 -49.06 41.25
CA LEU C 459 2.83 -47.85 41.75
C LEU C 459 2.00 -47.25 40.62
N PHE C 460 2.61 -47.10 39.44
CA PHE C 460 1.87 -46.51 38.33
C PHE C 460 0.98 -47.50 37.61
N ARG C 461 1.22 -48.82 37.70
CA ARG C 461 0.21 -49.75 37.19
C ARG C 461 -1.02 -49.70 38.04
N SER C 462 -0.85 -49.53 39.35
CA SER C 462 -1.99 -49.46 40.24
C SER C 462 -2.78 -48.18 40.05
N CYS C 463 -2.12 -47.07 39.71
CA CYS C 463 -2.77 -45.76 39.75
C CYS C 463 -3.03 -45.14 38.38
N PHE C 464 -2.29 -45.52 37.35
CA PHE C 464 -2.56 -45.12 35.96
C PHE C 464 -3.27 -46.23 35.18
N GLY C 465 -3.45 -47.40 35.78
CA GLY C 465 -4.03 -48.53 35.07
C GLY C 465 -2.98 -49.44 34.48
N ASP C 466 -3.17 -50.76 34.63
CA ASP C 466 -2.20 -51.68 34.08
C ASP C 466 -2.23 -51.68 32.55
N THR C 467 -3.42 -51.56 31.95
CA THR C 467 -3.51 -51.45 30.50
C THR C 467 -2.71 -50.25 29.99
N PHE C 468 -2.83 -49.11 30.67
CA PHE C 468 -2.10 -47.90 30.25
C PHE C 468 -0.59 -48.12 30.25
N ILE C 469 -0.04 -48.76 31.30
CA ILE C 469 1.41 -48.87 31.42
C ILE C 469 1.99 -49.79 30.35
N LYS C 470 1.29 -50.89 30.04
CA LYS C 470 1.76 -51.76 28.97
C LYS C 470 1.81 -51.01 27.65
N TYR C 471 0.73 -50.27 27.35
CA TYR C 471 0.63 -49.45 26.14
C TYR C 471 1.71 -48.36 26.11
N TRP C 472 1.93 -47.68 27.24
CA TRP C 472 2.93 -46.62 27.29
C TRP C 472 4.33 -47.20 27.05
N LEU C 473 4.64 -48.35 27.63
CA LEU C 473 5.99 -48.90 27.45
C LEU C 473 6.20 -49.25 25.98
N GLN C 474 5.20 -49.84 25.36
CA GLN C 474 5.36 -50.29 23.99
C GLN C 474 5.38 -49.11 23.02
N LEU C 475 4.55 -48.09 23.27
CA LEU C 475 4.50 -46.96 22.34
C LEU C 475 5.78 -46.14 22.41
N ARG C 476 6.24 -45.81 23.60
CA ARG C 476 7.41 -44.89 23.72
C ARG C 476 8.76 -45.46 23.35
N ARG C 477 8.85 -46.79 23.27
CA ARG C 477 10.11 -47.49 22.93
C ARG C 477 10.19 -47.65 21.42
N SER C 478 9.06 -47.53 20.74
CA SER C 478 9.03 -47.59 19.26
C SER C 478 9.74 -46.29 18.91
N GLU C 479 9.43 -45.24 19.65
CA GLU C 479 10.03 -43.93 19.36
C GLU C 479 11.51 -43.95 19.69
N TRP C 480 11.91 -44.52 20.83
CA TRP C 480 13.35 -44.61 21.11
C TRP C 480 14.07 -45.34 19.99
N ALA C 481 13.50 -46.47 19.54
CA ALA C 481 14.09 -47.22 18.44
C ALA C 481 14.16 -46.38 17.16
N ARG C 482 13.20 -45.46 16.98
CA ARG C 482 13.23 -44.60 15.80
C ARG C 482 14.36 -43.58 15.89
N PHE C 483 14.49 -42.94 17.06
CA PHE C 483 15.64 -42.07 17.29
C PHE C 483 16.94 -42.86 17.16
N LEU C 484 16.98 -44.05 17.76
CA LEU C 484 18.21 -44.86 17.75
C LEU C 484 18.68 -45.14 16.34
N ASP C 485 17.76 -45.52 15.44
CA ASP C 485 18.18 -45.90 14.10
C ASP C 485 18.45 -44.69 13.22
N ALA C 486 18.20 -43.49 13.72
CA ALA C 486 18.38 -42.27 12.94
C ALA C 486 19.56 -41.43 13.37
N GLU C 487 19.89 -41.41 14.66
CA GLU C 487 21.03 -40.63 15.15
C GLU C 487 22.10 -41.48 15.84
N GLY C 488 21.86 -42.77 16.07
CA GLY C 488 22.79 -43.63 16.78
C GLY C 488 22.75 -43.39 18.28
N ALA C 489 23.27 -44.37 19.03
CA ALA C 489 23.27 -44.27 20.50
C ALA C 489 24.31 -43.23 20.88
N GLU C 490 25.17 -42.86 19.94
CA GLU C 490 26.25 -41.90 20.23
C GLU C 490 25.65 -40.52 20.48
N ALA C 491 24.63 -40.17 19.71
CA ALA C 491 24.03 -38.83 19.79
C ALA C 491 22.92 -38.73 20.82
N ALA C 492 23.06 -39.41 21.95
CA ALA C 492 21.99 -39.42 22.94
C ALA C 492 22.58 -38.88 24.24
N GLU C 493 23.90 -38.84 24.35
CA GLU C 493 24.50 -38.23 25.53
C GLU C 493 23.87 -36.85 25.75
N PRO C 494 23.37 -36.55 26.97
CA PRO C 494 22.61 -35.29 27.17
C PRO C 494 23.41 -34.03 26.88
N THR C 495 24.75 -34.10 26.91
CA THR C 495 25.61 -33.01 26.47
C THR C 495 25.76 -32.93 24.96
N GLY C 496 25.28 -33.94 24.23
CA GLY C 496 25.33 -33.90 22.79
C GLY C 496 24.41 -32.83 22.23
N ALA C 497 24.74 -32.35 21.05
CA ALA C 497 23.93 -31.32 20.42
C ALA C 497 22.56 -31.88 20.04
N VAL C 498 21.59 -30.99 19.88
CA VAL C 498 20.24 -31.42 19.51
C VAL C 498 20.26 -31.94 18.08
N THR C 499 19.70 -33.14 17.89
CA THR C 499 19.72 -33.77 16.59
C THR C 499 18.60 -33.24 15.71
N GLN C 500 18.82 -33.29 14.39
CA GLN C 500 17.74 -32.95 13.49
C GLN C 500 16.54 -33.87 13.67
N TRP C 501 16.75 -35.08 14.20
CA TRP C 501 15.62 -35.99 14.46
C TRP C 501 14.67 -35.37 15.48
N GLU C 502 15.22 -34.89 16.60
CA GLU C 502 14.38 -34.24 17.60
C GLU C 502 13.73 -32.99 17.06
N GLN C 503 14.41 -32.25 16.17
CA GLN C 503 13.79 -31.04 15.64
C GLN C 503 12.57 -31.38 14.81
N LYS C 504 12.71 -32.35 13.91
CA LYS C 504 11.60 -32.79 13.06
C LYS C 504 10.59 -33.66 13.79
N GLU C 505 10.89 -34.13 15.02
CA GLU C 505 9.88 -34.82 15.80
C GLU C 505 9.04 -33.87 16.66
N TYR C 506 9.66 -32.87 17.30
CA TYR C 506 9.03 -32.10 18.36
C TYR C 506 8.74 -30.65 18.01
N PHE C 507 9.52 -30.04 17.11
CA PHE C 507 9.51 -28.58 16.98
C PHE C 507 8.13 -28.06 16.55
N ASN C 508 7.53 -28.68 15.51
CA ASN C 508 6.28 -28.16 14.95
C ASN C 508 5.08 -28.37 15.90
N LEU C 509 4.99 -29.53 16.55
CA LEU C 509 3.76 -29.91 17.26
C LEU C 509 3.75 -29.52 18.73
N LEU C 510 4.91 -29.58 19.38
CA LEU C 510 5.01 -29.36 20.81
C LEU C 510 5.20 -27.86 21.18
N ASP D 21 0.45 56.19 -7.77
CA ASP D 21 -0.52 55.48 -8.62
C ASP D 21 -0.19 55.59 -10.12
N PHE D 22 0.78 54.77 -10.53
CA PHE D 22 1.15 54.63 -11.94
C PHE D 22 -0.09 54.48 -12.83
N ILE D 23 -0.99 53.56 -12.46
CA ILE D 23 -2.11 53.19 -13.33
C ILE D 23 -3.07 54.35 -13.51
N THR D 24 -3.42 55.01 -12.42
CA THR D 24 -4.35 56.13 -12.49
C THR D 24 -3.71 57.36 -13.16
N LYS D 25 -2.44 57.63 -12.85
CA LYS D 25 -1.74 58.78 -13.45
C LYS D 25 -1.65 58.66 -14.96
N ASN D 26 -1.37 57.46 -15.47
CA ASN D 26 -1.25 57.24 -16.90
C ASN D 26 -2.54 56.73 -17.53
N ASN D 27 -3.66 56.79 -16.79
CA ASN D 27 -4.99 56.49 -17.31
C ASN D 27 -5.03 55.14 -18.02
N LEU D 28 -4.58 54.11 -17.30
CA LEU D 28 -4.46 52.77 -17.87
C LEU D 28 -5.64 51.86 -17.57
N TRP D 29 -6.52 52.22 -16.62
CA TRP D 29 -7.71 51.44 -16.38
C TRP D 29 -8.96 52.23 -16.79
N THR D 30 -9.95 51.50 -17.30
CA THR D 30 -11.31 51.95 -17.48
C THR D 30 -12.13 51.62 -16.25
N ASN D 31 -13.24 52.35 -16.04
CA ASN D 31 -14.11 52.09 -14.90
C ASN D 31 -14.46 50.62 -14.79
N GLU D 32 -14.61 49.94 -15.93
CA GLU D 32 -14.87 48.51 -15.92
C GLU D 32 -13.74 47.77 -15.24
N GLN D 33 -12.50 48.02 -15.70
CA GLN D 33 -11.33 47.39 -15.10
C GLN D 33 -11.19 47.79 -13.63
N ARG D 34 -11.56 49.04 -13.28
CA ARG D 34 -11.45 49.48 -11.89
C ARG D 34 -12.41 48.71 -10.98
N ASP D 35 -13.69 48.65 -11.36
CA ASP D 35 -14.64 47.87 -10.56
C ASP D 35 -14.31 46.39 -10.61
N ALA D 36 -13.83 45.92 -11.77
CA ALA D 36 -13.28 44.58 -11.85
C ALA D 36 -12.27 44.37 -10.73
N ALA D 37 -11.36 45.32 -10.58
CA ALA D 37 -10.32 45.20 -9.58
C ALA D 37 -10.91 45.13 -8.19
N ASP D 38 -11.88 46.01 -7.90
CA ASP D 38 -12.55 45.99 -6.60
C ASP D 38 -13.13 44.62 -6.31
N LYS D 39 -13.71 43.99 -7.34
CA LYS D 39 -14.36 42.70 -7.18
C LYS D 39 -13.34 41.56 -7.11
N VAL D 40 -12.25 41.63 -7.90
CA VAL D 40 -11.24 40.58 -7.82
C VAL D 40 -10.65 40.52 -6.43
N LEU D 41 -10.57 41.65 -5.73
CA LEU D 41 -10.10 41.63 -4.36
C LEU D 41 -11.15 41.04 -3.43
N ALA D 42 -12.42 41.27 -3.74
CA ALA D 42 -13.49 40.66 -2.96
C ALA D 42 -13.51 39.16 -3.14
N GLU D 43 -13.32 38.68 -4.36
CA GLU D 43 -13.27 37.23 -4.58
C GLU D 43 -12.05 36.62 -3.90
N ILE D 44 -10.90 37.29 -3.99
CA ILE D 44 -9.69 36.82 -3.31
C ILE D 44 -9.94 36.66 -1.82
N ASP D 45 -10.70 37.58 -1.24
CA ASP D 45 -10.88 37.60 0.20
C ASP D 45 -11.81 36.48 0.66
N SER D 46 -12.94 36.28 -0.03
CA SER D 46 -13.86 35.23 0.37
C SER D 46 -13.32 33.86 0.02
N LEU D 47 -12.57 33.74 -1.07
CA LEU D 47 -11.97 32.49 -1.46
C LEU D 47 -10.73 32.14 -0.65
N GLY D 48 -10.13 33.11 0.04
CA GLY D 48 -8.95 32.84 0.84
C GLY D 48 -7.73 32.52 0.01
N LEU D 49 -7.53 33.24 -1.08
CA LEU D 49 -6.41 32.99 -1.97
C LEU D 49 -5.11 33.55 -1.37
N GLU D 50 -4.05 32.75 -1.44
CA GLU D 50 -2.75 33.12 -0.88
C GLU D 50 -1.75 33.60 -1.91
N MET D 51 -1.87 33.15 -3.16
CA MET D 51 -1.04 33.63 -4.25
C MET D 51 -1.92 34.08 -5.40
N ILE D 52 -1.42 35.03 -6.17
CA ILE D 52 -2.10 35.46 -7.39
C ILE D 52 -1.04 35.59 -8.47
N ARG D 53 -1.08 34.70 -9.45
CA ARG D 53 -0.16 34.76 -10.56
C ARG D 53 -0.49 35.94 -11.47
N LEU D 54 0.56 36.55 -12.00
CA LEU D 54 0.50 37.74 -12.85
C LEU D 54 1.43 37.49 -14.03
N SER D 55 0.84 37.31 -15.23
CA SER D 55 1.54 36.75 -16.38
C SER D 55 1.28 37.57 -17.63
N TRP D 56 2.10 37.30 -18.65
CA TRP D 56 1.97 37.89 -19.97
C TRP D 56 2.62 36.95 -20.97
N ALA D 57 2.08 36.94 -22.20
CA ALA D 57 2.60 36.09 -23.27
C ALA D 57 3.82 36.73 -23.91
N ASP D 58 4.96 36.04 -23.94
CA ASP D 58 6.14 36.53 -24.64
C ASP D 58 6.02 36.31 -26.15
N GLN D 59 7.13 36.51 -26.88
CA GLN D 59 7.07 36.44 -28.33
C GLN D 59 6.60 35.07 -28.81
N TYR D 60 6.81 34.02 -28.02
CA TYR D 60 6.48 32.67 -28.45
C TYR D 60 5.11 32.19 -28.00
N GLY D 61 4.40 32.96 -27.17
CA GLY D 61 3.17 32.53 -26.55
C GLY D 61 3.34 31.93 -25.16
N LEU D 62 4.57 31.87 -24.67
CA LEU D 62 4.85 31.30 -23.36
C LEU D 62 4.56 32.31 -22.26
N LEU D 63 3.93 31.83 -21.19
CA LEU D 63 3.42 32.70 -20.13
C LEU D 63 4.52 32.96 -19.13
N ARG D 64 4.92 34.22 -19.00
CA ARG D 64 5.97 34.59 -18.06
C ARG D 64 5.39 35.58 -17.06
N GLY D 65 6.01 35.65 -15.89
CA GLY D 65 5.60 36.65 -14.94
C GLY D 65 6.07 36.38 -13.52
N LYS D 66 5.19 36.60 -12.56
CA LYS D 66 5.50 36.47 -11.16
C LYS D 66 4.28 35.93 -10.45
N SER D 67 4.50 35.23 -9.35
CA SER D 67 3.41 34.87 -8.47
C SER D 67 3.42 35.83 -7.29
N LEU D 68 2.38 36.64 -7.15
CA LEU D 68 2.34 37.63 -6.09
C LEU D 68 1.56 37.14 -4.87
N THR D 69 1.91 37.68 -3.70
CA THR D 69 1.00 37.52 -2.58
C THR D 69 -0.11 38.56 -2.72
N VAL D 70 -1.14 38.38 -1.88
CA VAL D 70 -2.33 39.22 -1.94
C VAL D 70 -2.08 40.61 -1.36
N ALA D 71 -1.03 40.77 -0.57
CA ALA D 71 -0.62 42.12 -0.17
C ALA D 71 0.03 42.86 -1.33
N SER D 72 0.76 42.13 -2.19
CA SER D 72 1.46 42.72 -3.32
C SER D 72 0.54 42.97 -4.50
N LEU D 73 -0.40 42.06 -4.74
CA LEU D 73 -1.38 42.30 -5.79
C LEU D 73 -2.07 43.64 -5.55
N LYS D 74 -2.51 43.86 -4.31
CA LYS D 74 -3.18 45.11 -3.95
C LYS D 74 -2.27 46.31 -4.17
N SER D 75 -0.96 46.13 -4.05
CA SER D 75 -0.06 47.22 -4.40
C SER D 75 0.16 47.29 -5.90
N ALA D 76 0.30 46.13 -6.56
CA ALA D 76 0.36 46.14 -8.02
C ALA D 76 -0.92 46.72 -8.64
N PHE D 77 -2.04 46.76 -7.92
CA PHE D 77 -3.25 47.44 -8.40
C PHE D 77 -3.13 48.96 -8.36
N LYS D 78 -1.98 49.49 -7.91
CA LYS D 78 -1.74 50.93 -7.93
C LYS D 78 -0.46 51.25 -8.68
N GLU D 79 0.61 50.49 -8.39
CA GLU D 79 1.97 50.77 -8.91
C GLU D 79 2.37 49.88 -10.08
N GLY D 80 1.78 48.72 -10.25
CA GLY D 80 2.29 47.76 -11.20
C GLY D 80 3.38 46.95 -10.51
N SER D 81 4.01 46.06 -11.27
CA SER D 81 5.11 45.24 -10.70
C SER D 81 6.28 45.27 -11.67
N GLU D 82 7.48 45.53 -11.18
CA GLU D 82 8.65 45.69 -12.06
C GLU D 82 9.12 44.36 -12.62
N VAL D 83 9.38 44.30 -13.92
CA VAL D 83 9.97 43.11 -14.53
C VAL D 83 10.96 43.54 -15.60
N ALA D 84 12.01 42.76 -15.79
CA ALA D 84 12.97 43.02 -16.88
C ALA D 84 12.43 42.40 -18.16
N ILE D 85 12.88 42.87 -19.33
CA ILE D 85 12.31 42.39 -20.63
C ILE D 85 13.22 41.33 -21.25
N GLY D 86 14.14 40.80 -20.47
CA GLY D 86 15.03 39.75 -20.95
C GLY D 86 14.33 38.61 -21.67
N PRO D 87 13.20 38.02 -21.23
CA PRO D 87 12.57 36.98 -22.06
C PRO D 87 12.44 37.33 -23.55
N PHE D 88 12.14 38.60 -23.85
CA PHE D 88 11.95 39.06 -25.23
C PHE D 88 13.21 39.00 -26.06
N PHE D 89 14.38 38.97 -25.42
CA PHE D 89 15.65 39.01 -26.10
C PHE D 89 16.31 37.65 -26.17
N PHE D 90 15.66 36.66 -25.56
CA PHE D 90 16.21 35.28 -25.52
C PHE D 90 15.39 34.40 -26.46
N ASP D 91 15.90 33.23 -26.81
CA ASP D 91 15.09 32.28 -27.61
C ASP D 91 14.39 31.32 -26.63
N LEU D 92 13.82 30.22 -27.13
CA LEU D 92 13.22 29.22 -26.22
C LEU D 92 14.37 28.66 -25.41
N VAL D 93 15.48 28.33 -26.04
CA VAL D 93 16.71 27.98 -25.29
C VAL D 93 17.29 29.37 -25.03
N SER D 94 17.88 29.65 -23.89
CA SER D 94 18.20 31.07 -23.63
C SER D 94 19.48 31.60 -24.27
N SER D 95 19.52 31.66 -25.60
CA SER D 95 20.67 32.28 -26.28
C SER D 95 20.36 33.76 -26.49
N MET D 96 21.36 34.63 -26.39
CA MET D 96 21.12 36.09 -26.48
C MET D 96 21.20 36.52 -27.95
N VAL D 97 20.05 36.68 -28.59
CA VAL D 97 20.02 37.14 -30.00
C VAL D 97 20.37 38.63 -29.96
N PHE D 98 19.86 39.32 -28.95
CA PHE D 98 20.15 40.74 -28.83
C PHE D 98 21.01 40.97 -27.60
N ASN D 99 21.92 41.94 -27.68
CA ASN D 99 22.86 42.21 -26.56
C ASN D 99 22.06 42.72 -25.35
N LEU D 100 22.33 42.20 -24.17
CA LEU D 100 21.50 42.56 -22.99
C LEU D 100 22.31 43.48 -22.10
N PHE D 101 23.55 43.76 -22.47
CA PHE D 101 24.41 44.54 -21.60
C PHE D 101 25.04 45.64 -22.45
N THR D 102 24.28 46.72 -22.68
CA THR D 102 24.76 47.84 -23.49
C THR D 102 23.85 49.09 -23.35
N LEU D 111 17.71 48.10 -30.10
CA LEU D 111 17.35 46.75 -29.67
C LEU D 111 18.43 46.08 -28.78
N SER D 112 18.62 46.60 -27.56
CA SER D 112 19.75 46.19 -26.74
C SER D 112 19.49 46.49 -25.28
N GLY D 113 20.29 45.87 -24.41
CA GLY D 113 20.18 46.10 -22.99
C GLY D 113 18.93 45.46 -22.44
N ASN D 114 18.74 45.65 -21.14
CA ASN D 114 17.62 45.03 -20.41
C ASN D 114 16.91 46.06 -19.55
N PRO D 115 16.12 46.95 -20.17
CA PRO D 115 15.32 47.89 -19.39
C PRO D 115 14.27 47.16 -18.59
N THR D 116 13.76 47.84 -17.57
CA THR D 116 12.82 47.24 -16.63
C THR D 116 11.46 47.91 -16.83
N VAL D 117 10.45 47.10 -17.19
CA VAL D 117 9.13 47.63 -17.53
C VAL D 117 8.11 47.25 -16.47
N VAL D 118 6.97 47.95 -16.51
CA VAL D 118 5.92 47.78 -15.52
C VAL D 118 4.90 46.75 -15.98
N MET D 119 4.69 45.73 -15.16
CA MET D 119 3.59 44.79 -15.39
C MET D 119 2.33 45.46 -14.88
N VAL D 120 1.39 45.74 -15.77
CA VAL D 120 0.15 46.42 -15.39
C VAL D 120 -0.97 45.38 -15.37
N PRO D 121 -1.50 45.02 -14.21
CA PRO D 121 -2.55 43.98 -14.16
C PRO D 121 -3.87 44.45 -14.77
N ASP D 122 -4.49 43.54 -15.54
CA ASP D 122 -5.80 43.68 -16.15
C ASP D 122 -6.79 42.84 -15.35
N PRO D 123 -7.55 43.44 -14.41
CA PRO D 123 -8.37 42.67 -13.47
C PRO D 123 -9.52 41.92 -14.11
N THR D 124 -9.96 42.36 -15.29
CA THR D 124 -11.03 41.71 -16.00
C THR D 124 -10.66 40.29 -16.40
N THR D 125 -9.37 39.96 -16.44
CA THR D 125 -8.88 38.65 -16.89
C THR D 125 -8.70 37.64 -15.76
N PHE D 126 -9.08 37.97 -14.54
CA PHE D 126 -8.84 37.11 -13.37
C PHE D 126 -9.51 35.74 -13.52
N LYS D 127 -8.86 34.72 -12.97
CA LYS D 127 -9.42 33.38 -12.91
C LYS D 127 -8.84 32.71 -11.66
N VAL D 128 -9.62 31.82 -11.04
CA VAL D 128 -9.15 31.08 -9.88
C VAL D 128 -8.66 29.71 -10.38
N LEU D 129 -7.35 29.55 -10.55
CA LEU D 129 -6.81 28.31 -11.09
C LEU D 129 -7.24 27.12 -10.23
N PRO D 130 -7.94 26.12 -10.80
CA PRO D 130 -8.50 25.04 -9.98
C PRO D 130 -7.54 23.90 -9.69
N TRP D 131 -6.42 23.77 -10.40
CA TRP D 131 -5.48 22.68 -10.15
C TRP D 131 -4.38 23.05 -9.16
N ALA D 132 -4.33 24.33 -8.79
CA ALA D 132 -3.32 24.88 -7.90
C ALA D 132 -3.91 25.09 -6.52
N ASP D 133 -3.04 25.20 -5.53
CA ASP D 133 -3.47 25.40 -4.16
C ASP D 133 -3.67 26.90 -3.93
N LYS D 134 -4.93 27.31 -3.74
CA LYS D 134 -5.26 28.67 -3.27
C LYS D 134 -4.57 29.76 -4.08
N THR D 135 -4.47 29.57 -5.40
CA THR D 135 -3.74 30.45 -6.31
C THR D 135 -4.71 31.06 -7.33
N GLY D 136 -4.72 32.39 -7.42
CA GLY D 136 -5.40 33.08 -8.50
C GLY D 136 -4.46 33.34 -9.65
N TRP D 137 -4.99 33.98 -10.70
CA TRP D 137 -4.29 34.18 -11.97
C TRP D 137 -4.94 35.30 -12.75
N MET D 138 -4.13 36.11 -13.40
CA MET D 138 -4.67 37.26 -14.12
C MET D 138 -3.56 37.80 -15.02
N LEU D 139 -3.93 38.29 -16.19
CA LEU D 139 -2.90 38.64 -17.16
C LEU D 139 -2.40 40.07 -16.91
N ALA D 140 -1.25 40.38 -17.52
CA ALA D 140 -0.60 41.69 -17.36
C ALA D 140 -0.18 42.26 -18.71
N ASP D 141 -0.28 43.58 -18.84
CA ASP D 141 0.20 44.34 -19.99
C ASP D 141 1.55 45.00 -19.67
N LEU D 142 2.41 45.12 -20.69
CA LEU D 142 3.78 45.60 -20.49
C LEU D 142 3.91 47.05 -20.93
N HIS D 143 4.48 47.89 -20.06
CA HIS D 143 4.57 49.32 -20.23
C HIS D 143 5.95 49.83 -19.85
N TRP D 144 6.49 50.75 -20.65
CA TRP D 144 7.64 51.51 -20.20
C TRP D 144 7.30 52.29 -18.93
N LYS D 145 8.34 52.68 -18.17
CA LYS D 145 8.09 53.46 -16.96
C LYS D 145 7.49 54.83 -17.26
N SER D 146 7.72 55.38 -18.46
CA SER D 146 7.03 56.61 -18.84
C SER D 146 5.53 56.40 -18.93
N GLY D 147 5.09 55.18 -19.23
CA GLY D 147 3.68 54.87 -19.38
C GLY D 147 3.26 54.46 -20.76
N GLU D 148 4.08 54.71 -21.79
CA GLU D 148 3.72 54.29 -23.12
C GLU D 148 3.80 52.78 -23.27
N PRO D 149 3.10 52.20 -24.26
CA PRO D 149 3.08 50.73 -24.37
C PRO D 149 4.42 50.18 -24.82
N PHE D 150 4.84 49.07 -24.19
CA PHE D 150 6.02 48.37 -24.65
C PHE D 150 5.78 47.78 -26.04
N PRO D 151 6.64 48.07 -27.02
CA PRO D 151 6.33 47.71 -28.41
C PRO D 151 6.56 46.26 -28.78
N LEU D 152 7.02 45.41 -27.87
CA LEU D 152 7.17 44.00 -28.20
C LEU D 152 6.06 43.13 -27.63
N CYS D 153 5.21 43.69 -26.74
CA CYS D 153 4.14 43.00 -26.02
C CYS D 153 3.13 42.44 -27.02
N PRO D 154 3.16 41.11 -27.26
CA PRO D 154 2.28 40.56 -28.31
C PRO D 154 0.82 40.84 -28.08
N ARG D 155 0.37 40.79 -26.83
CA ARG D 155 -1.00 41.17 -26.52
C ARG D 155 -1.31 42.57 -27.04
N GLY D 156 -0.31 43.48 -26.99
CA GLY D 156 -0.54 44.84 -27.46
C GLY D 156 -0.78 44.90 -28.95
N ILE D 157 -0.16 43.99 -29.69
CA ILE D 157 -0.41 43.81 -31.12
C ILE D 157 -1.85 43.38 -31.41
N MET D 158 -2.46 42.56 -30.52
CA MET D 158 -3.87 42.17 -30.69
C MET D 158 -4.81 43.30 -30.31
N LYS D 159 -4.48 44.07 -29.26
CA LYS D 159 -5.25 45.27 -28.94
C LYS D 159 -5.25 46.24 -30.11
N LYS D 160 -4.08 46.44 -30.73
CA LYS D 160 -3.96 47.34 -31.87
C LYS D 160 -4.86 46.90 -33.01
N ALA D 161 -4.87 45.59 -33.30
CA ALA D 161 -5.72 45.03 -34.36
C ALA D 161 -7.19 45.17 -34.03
N VAL D 162 -7.58 44.86 -32.79
CA VAL D 162 -8.98 44.95 -32.41
C VAL D 162 -9.44 46.41 -32.43
N LYS D 163 -8.56 47.35 -32.04
CA LYS D 163 -8.94 48.76 -32.08
C LYS D 163 -9.21 49.21 -33.51
N SER D 164 -8.29 48.93 -34.42
CA SER D 164 -8.49 49.29 -35.82
C SER D 164 -9.72 48.60 -36.42
N LEU D 165 -10.07 47.39 -36.01
CA LEU D 165 -11.30 46.78 -36.55
C LEU D 165 -12.52 47.52 -35.99
N SER D 166 -12.38 48.15 -34.82
CA SER D 166 -13.54 48.83 -34.19
C SER D 166 -13.72 50.19 -34.84
N ASP D 167 -12.73 50.62 -35.60
CA ASP D 167 -12.78 51.96 -36.25
C ASP D 167 -13.26 51.76 -37.69
N GLU D 168 -13.45 50.51 -38.10
CA GLU D 168 -13.93 50.22 -39.47
C GLU D 168 -15.35 49.65 -39.37
N GLY D 169 -15.77 49.31 -38.15
CA GLY D 169 -17.14 48.90 -38.00
C GLY D 169 -17.38 47.43 -37.69
N TYR D 170 -16.37 46.71 -37.20
CA TYR D 170 -16.43 45.26 -37.12
C TYR D 170 -15.93 44.78 -35.76
N LEU D 171 -16.45 43.63 -35.36
CA LEU D 171 -15.93 42.91 -34.21
C LEU D 171 -15.47 41.54 -34.69
N PHE D 172 -14.32 41.09 -34.20
CA PHE D 172 -13.73 39.83 -34.64
C PHE D 172 -14.23 38.69 -33.78
N LYS D 173 -14.78 37.67 -34.43
CA LYS D 173 -15.38 36.52 -33.72
C LYS D 173 -14.58 35.26 -34.04
N CYS D 174 -14.10 34.55 -33.00
CA CYS D 174 -13.23 33.37 -33.22
C CYS D 174 -13.72 32.08 -32.57
N GLY D 175 -13.70 30.99 -33.33
CA GLY D 175 -14.00 29.66 -32.78
C GLY D 175 -12.68 28.91 -32.61
N ILE D 176 -12.29 28.59 -31.38
CA ILE D 176 -11.00 27.99 -31.10
C ILE D 176 -11.16 26.48 -31.21
N GLU D 177 -10.41 25.88 -32.15
CA GLU D 177 -10.37 24.44 -32.34
C GLU D 177 -8.91 24.03 -32.30
N LEU D 178 -8.54 23.27 -31.27
CA LEU D 178 -7.14 22.98 -30.97
C LEU D 178 -6.90 21.48 -31.05
N GLU D 179 -5.95 21.07 -31.92
CA GLU D 179 -5.46 19.69 -32.03
C GLU D 179 -4.14 19.57 -31.30
N TRP D 180 -4.04 18.60 -30.40
CA TRP D 180 -2.83 18.50 -29.60
C TRP D 180 -2.61 17.04 -29.23
N TYR D 181 -1.49 16.76 -28.57
CA TYR D 181 -1.12 15.38 -28.24
C TYR D 181 -1.14 15.13 -26.73
N LEU D 182 -1.38 13.88 -26.36
CA LEU D 182 -1.63 13.52 -24.98
C LEU D 182 -0.79 12.31 -24.64
N THR D 183 0.15 12.48 -23.69
CA THR D 183 1.11 11.42 -23.40
C THR D 183 1.32 11.31 -21.89
N LYS D 184 1.69 10.12 -21.44
CA LYS D 184 2.02 9.87 -20.04
C LYS D 184 3.52 10.01 -19.85
N ILE D 185 3.93 10.71 -18.79
CA ILE D 185 5.34 11.03 -18.63
C ILE D 185 6.09 9.82 -18.13
N VAL D 186 7.16 9.44 -18.82
CA VAL D 186 7.99 8.32 -18.38
C VAL D 186 9.11 8.86 -17.49
N ASP D 187 9.89 9.79 -17.99
CA ASP D 187 10.99 10.43 -17.27
C ASP D 187 10.94 11.92 -17.57
N ARG D 188 11.09 12.74 -16.54
CA ARG D 188 10.96 14.19 -16.63
C ARG D 188 12.23 14.90 -17.08
N SER D 189 13.32 14.16 -17.29
CA SER D 189 14.56 14.67 -17.87
C SER D 189 15.19 15.76 -17.01
N LEU D 190 15.30 15.46 -15.71
CA LEU D 190 15.77 16.39 -14.70
C LEU D 190 17.20 16.17 -14.25
N SER D 191 17.85 15.08 -14.66
CA SER D 191 19.23 14.84 -14.27
C SER D 191 20.11 16.01 -14.72
N PRO D 192 21.08 16.44 -13.90
CA PRO D 192 21.99 17.51 -14.32
C PRO D 192 22.51 17.36 -15.73
N GLU D 193 22.77 16.13 -16.16
CA GLU D 193 23.29 15.84 -17.50
C GLU D 193 22.34 16.30 -18.61
N SER D 194 21.05 16.45 -18.30
CA SER D 194 20.03 16.78 -19.28
C SER D 194 19.67 18.26 -19.33
N LEU D 195 20.28 19.10 -18.50
CA LEU D 195 19.80 20.46 -18.32
C LEU D 195 20.24 21.40 -19.46
N GLY D 196 21.21 20.99 -20.27
CA GLY D 196 21.65 21.89 -21.33
C GLY D 196 22.36 23.11 -20.78
N ALA D 197 22.15 24.25 -21.44
CA ALA D 197 22.85 25.49 -21.15
C ALA D 197 22.26 26.55 -22.06
N PRO D 198 22.38 27.84 -21.69
CA PRO D 198 21.87 28.90 -22.58
C PRO D 198 22.39 28.72 -23.99
N GLY D 199 21.50 28.41 -24.93
CA GLY D 199 21.85 28.04 -26.28
C GLY D 199 21.93 26.55 -26.53
N VAL D 200 22.00 25.75 -25.47
CA VAL D 200 22.12 24.30 -25.57
C VAL D 200 20.81 23.73 -25.06
N GLN D 201 19.97 23.28 -26.00
CA GLN D 201 18.66 22.72 -25.71
C GLN D 201 18.77 21.65 -24.63
N PRO D 202 17.86 21.61 -23.67
CA PRO D 202 17.82 20.49 -22.74
C PRO D 202 17.07 19.32 -23.36
N ASP D 203 17.20 18.18 -22.69
CA ASP D 203 16.60 16.96 -23.21
C ASP D 203 15.07 17.09 -23.21
N ALA D 204 14.44 16.40 -24.16
CA ALA D 204 12.99 16.31 -24.13
C ALA D 204 12.54 15.43 -22.98
N ILE D 205 11.46 15.86 -22.31
CA ILE D 205 10.67 14.98 -21.45
C ILE D 205 10.42 13.66 -22.20
N GLN D 206 10.58 12.53 -21.50
CA GLN D 206 10.34 11.22 -22.09
C GLN D 206 8.90 10.76 -21.83
N VAL D 207 8.16 10.47 -22.91
CA VAL D 207 6.73 10.21 -22.86
C VAL D 207 6.39 8.90 -23.55
N GLN D 208 5.17 8.42 -23.33
CA GLN D 208 4.62 7.29 -24.09
C GLN D 208 3.16 7.55 -24.46
N PRO D 209 2.70 7.05 -25.61
CA PRO D 209 1.33 7.37 -26.04
C PRO D 209 0.28 6.78 -25.12
N VAL D 210 -0.89 7.42 -25.09
CA VAL D 210 -2.00 6.98 -24.25
C VAL D 210 -3.01 6.11 -25.01
N ALA D 211 -3.07 6.19 -26.33
CA ALA D 211 -3.94 5.28 -27.06
C ALA D 211 -3.41 5.10 -28.47
N GLN D 212 -3.84 4.08 -29.18
CA GLN D 212 -3.29 4.02 -30.55
C GLN D 212 -4.40 4.43 -31.49
N GLY D 213 -4.31 3.98 -32.73
CA GLY D 213 -5.48 4.12 -33.61
C GLY D 213 -5.50 5.25 -34.57
N TYR D 214 -5.43 4.91 -35.84
CA TYR D 214 -5.65 5.95 -36.85
C TYR D 214 -7.16 5.94 -37.12
N SER D 215 -7.95 5.24 -36.33
CA SER D 215 -9.42 5.33 -36.48
C SER D 215 -9.89 6.67 -35.92
N VAL D 216 -10.38 7.58 -36.76
CA VAL D 216 -10.78 8.95 -36.32
C VAL D 216 -12.18 8.96 -35.71
N LEU D 217 -12.40 9.79 -34.68
CA LEU D 217 -13.73 10.00 -34.03
C LEU D 217 -14.22 8.81 -33.22
N LEU D 218 -13.37 7.81 -33.00
CA LEU D 218 -13.80 6.59 -32.28
C LEU D 218 -14.17 6.92 -30.84
N GLU D 219 -15.39 6.59 -30.45
CA GLU D 219 -15.82 6.81 -29.07
C GLU D 219 -14.97 6.00 -28.11
N HIS D 220 -14.48 4.84 -28.55
CA HIS D 220 -13.69 4.00 -27.64
C HIS D 220 -12.40 4.67 -27.23
N HIS D 221 -11.78 5.46 -28.11
CA HIS D 221 -10.57 6.17 -27.70
C HIS D 221 -10.90 7.28 -26.71
N LEU D 222 -12.06 7.92 -26.86
CA LEU D 222 -12.51 8.87 -25.86
C LEU D 222 -12.57 8.22 -24.49
N ASP D 223 -13.38 7.17 -24.34
CA ASP D 223 -13.52 6.55 -23.02
C ASP D 223 -12.21 5.99 -22.51
N GLN D 224 -11.30 5.58 -23.40
CA GLN D 224 -10.01 5.08 -22.94
C GLN D 224 -9.19 6.17 -22.25
N VAL D 225 -9.10 7.36 -22.87
CA VAL D 225 -8.29 8.43 -22.33
C VAL D 225 -9.02 9.28 -21.31
N ASP D 226 -10.29 8.98 -20.99
CA ASP D 226 -11.07 9.88 -20.16
C ASP D 226 -10.66 9.87 -18.69
N ASP D 227 -9.86 8.89 -18.27
CA ASP D 227 -9.25 8.96 -16.94
C ASP D 227 -8.59 10.31 -16.72
N ILE D 228 -7.71 10.69 -17.65
CA ILE D 228 -7.03 11.97 -17.60
C ILE D 228 -7.89 13.06 -18.24
N MET D 229 -8.58 12.74 -19.33
CA MET D 229 -9.31 13.78 -20.06
C MET D 229 -10.43 14.38 -19.22
N SER D 230 -11.01 13.60 -18.30
CA SER D 230 -12.07 14.13 -17.48
C SER D 230 -11.54 15.19 -16.52
N LYS D 231 -10.26 15.10 -16.20
CA LYS D 231 -9.63 16.12 -15.38
C LYS D 231 -9.38 17.40 -16.19
N VAL D 232 -8.98 17.28 -17.45
CA VAL D 232 -8.84 18.47 -18.27
C VAL D 232 -10.20 19.07 -18.56
N ARG D 233 -11.19 18.22 -18.86
CA ARG D 233 -12.55 18.71 -19.12
C ARG D 233 -13.09 19.48 -17.93
N LYS D 234 -12.93 18.91 -16.73
CA LYS D 234 -13.43 19.58 -15.53
C LYS D 234 -12.70 20.88 -15.26
N GLY D 235 -11.40 20.95 -15.59
CA GLY D 235 -10.65 22.17 -15.34
C GLY D 235 -11.08 23.32 -16.25
N LEU D 236 -11.23 23.04 -17.55
CA LEU D 236 -11.74 24.04 -18.47
C LEU D 236 -13.11 24.57 -18.04
N LEU D 237 -13.96 23.69 -17.52
CA LEU D 237 -15.29 24.11 -17.08
C LEU D 237 -15.22 25.00 -15.85
N GLU D 238 -14.34 24.68 -14.90
CA GLU D 238 -14.23 25.48 -13.66
C GLU D 238 -13.67 26.87 -13.95
N LEU D 239 -12.83 27.00 -15.00
CA LEU D 239 -12.34 28.30 -15.44
C LEU D 239 -13.41 29.13 -16.13
N ASN D 240 -14.64 28.63 -16.17
CA ASN D 240 -15.73 29.24 -16.92
C ASN D 240 -15.32 29.55 -18.36
N LEU D 241 -14.57 28.61 -18.96
CA LEU D 241 -14.21 28.59 -20.37
C LEU D 241 -15.28 27.89 -21.20
N PRO D 242 -15.60 28.40 -22.36
CA PRO D 242 -16.78 27.89 -23.10
C PRO D 242 -16.43 26.67 -23.95
N LEU D 243 -16.01 25.61 -23.28
CA LEU D 243 -15.68 24.37 -23.94
C LEU D 243 -16.88 23.87 -24.73
N ARG D 244 -16.63 23.44 -25.97
CA ARG D 244 -17.68 22.96 -26.86
C ARG D 244 -17.63 21.45 -27.00
N SER D 245 -16.54 20.91 -27.53
CA SER D 245 -16.43 19.49 -27.79
C SER D 245 -15.05 18.97 -27.40
N ILE D 246 -14.98 17.66 -27.16
CA ILE D 246 -13.74 16.94 -26.91
C ILE D 246 -13.78 15.72 -27.82
N GLU D 247 -12.79 15.61 -28.71
CA GLU D 247 -12.84 14.68 -29.82
C GLU D 247 -11.56 13.86 -29.90
N ASP D 248 -11.67 12.65 -30.42
CA ASP D 248 -10.47 11.86 -30.72
C ASP D 248 -10.01 12.21 -32.13
N GLU D 249 -8.96 13.01 -32.24
CA GLU D 249 -8.41 13.28 -33.54
C GLU D 249 -7.74 12.03 -34.12
N TRP D 250 -7.36 12.16 -35.38
CA TRP D 250 -7.01 11.02 -36.21
C TRP D 250 -5.89 10.17 -35.59
N ALA D 251 -4.79 10.80 -35.22
CA ALA D 251 -3.56 10.09 -34.90
C ALA D 251 -3.66 9.39 -33.54
N PRO D 252 -2.73 8.46 -33.27
CA PRO D 252 -2.64 7.84 -31.93
C PRO D 252 -2.30 8.86 -30.86
N SER D 253 -3.14 8.94 -29.83
CA SER D 253 -3.00 9.89 -28.72
C SER D 253 -3.18 11.35 -29.14
N GLN D 254 -3.73 11.60 -30.33
CA GLN D 254 -4.05 12.96 -30.75
C GLN D 254 -5.51 13.27 -30.41
N MET D 255 -5.74 14.50 -29.94
CA MET D 255 -6.99 14.92 -29.33
C MET D 255 -7.46 16.24 -29.95
N GLU D 256 -8.74 16.54 -29.82
CA GLU D 256 -9.22 17.83 -30.28
C GLU D 256 -10.19 18.40 -29.26
N THR D 257 -9.88 19.57 -28.75
CA THR D 257 -10.78 20.33 -27.90
C THR D 257 -11.16 21.58 -28.67
N THR D 258 -12.46 21.77 -28.85
CA THR D 258 -12.99 22.95 -29.51
C THR D 258 -13.80 23.76 -28.51
N PHE D 259 -13.98 25.04 -28.84
CA PHE D 259 -14.61 25.97 -27.93
C PHE D 259 -15.62 26.78 -28.73
N ASP D 260 -16.63 27.29 -28.02
CA ASP D 260 -17.62 28.11 -28.67
C ASP D 260 -17.01 29.46 -29.06
N VAL D 261 -17.78 30.24 -29.82
CA VAL D 261 -17.25 31.49 -30.34
C VAL D 261 -17.00 32.46 -29.19
N MET D 262 -15.85 33.15 -29.24
CA MET D 262 -15.56 34.26 -28.37
C MET D 262 -15.15 35.46 -29.24
N GLU D 263 -15.11 36.65 -28.64
CA GLU D 263 -15.00 37.90 -29.40
C GLU D 263 -13.72 38.66 -29.03
N GLY D 264 -12.87 38.92 -30.02
CA GLY D 264 -11.82 39.92 -29.91
C GLY D 264 -10.65 39.50 -29.01
N LEU D 265 -10.15 40.48 -28.26
CA LEU D 265 -9.05 40.23 -27.34
C LEU D 265 -9.38 39.08 -26.41
N GLU D 266 -10.64 38.97 -26.00
CA GLU D 266 -11.13 37.89 -25.15
C GLU D 266 -10.76 36.52 -25.69
N ALA D 267 -10.92 36.31 -27.00
CA ALA D 267 -10.61 35.00 -27.57
C ALA D 267 -9.12 34.68 -27.46
N ALA D 268 -8.27 35.69 -27.63
CA ALA D 268 -6.83 35.47 -27.53
C ALA D 268 -6.43 35.16 -26.09
N ASP D 269 -6.94 35.94 -25.15
CA ASP D 269 -6.74 35.62 -23.73
C ASP D 269 -7.25 34.24 -23.40
N ALA D 270 -8.25 33.75 -24.11
CA ALA D 270 -8.84 32.46 -23.77
C ALA D 270 -8.06 31.30 -24.37
N ALA D 271 -7.62 31.43 -25.64
CA ALA D 271 -6.69 30.45 -26.18
C ALA D 271 -5.47 30.30 -25.27
N LEU D 272 -4.90 31.42 -24.86
CA LEU D 272 -3.76 31.43 -23.95
C LEU D 272 -4.03 30.55 -22.74
N LEU D 273 -5.10 30.89 -22.01
CA LEU D 273 -5.46 30.14 -20.81
C LEU D 273 -5.72 28.68 -21.14
N ILE D 274 -6.39 28.42 -22.28
CA ILE D 274 -6.76 27.05 -22.63
C ILE D 274 -5.52 26.17 -22.79
N LYS D 275 -4.46 26.69 -23.45
CA LYS D 275 -3.25 25.89 -23.67
C LYS D 275 -2.44 25.73 -22.38
N SER D 276 -2.39 26.79 -21.57
CA SER D 276 -1.69 26.73 -20.29
C SER D 276 -2.37 25.73 -19.36
N ALA D 277 -3.70 25.77 -19.30
CA ALA D 277 -4.43 24.93 -18.36
C ALA D 277 -4.34 23.46 -18.76
N ILE D 278 -4.50 23.17 -20.05
CA ILE D 278 -4.32 21.80 -20.52
C ILE D 278 -2.93 21.28 -20.16
N LYS D 279 -1.89 22.09 -20.38
CA LYS D 279 -0.55 21.62 -20.06
C LYS D 279 -0.35 21.46 -18.56
N GLN D 280 -0.80 22.44 -17.78
CA GLN D 280 -0.52 22.36 -16.35
C GLN D 280 -1.29 21.21 -15.72
N ILE D 281 -2.56 21.06 -16.10
CA ILE D 281 -3.41 20.02 -15.54
C ILE D 281 -2.84 18.64 -15.84
N CYS D 282 -2.45 18.41 -17.09
CA CYS D 282 -1.87 17.11 -17.41
C CYS D 282 -0.62 16.85 -16.57
N SER D 283 0.22 17.86 -16.39
CA SER D 283 1.49 17.64 -15.71
C SER D 283 1.31 17.30 -14.24
N ARG D 284 0.38 18.00 -13.54
CA ARG D 284 0.07 17.67 -12.15
C ARG D 284 -0.23 16.19 -11.96
N HIS D 285 -0.95 15.59 -12.93
CA HIS D 285 -1.30 14.19 -12.89
C HIS D 285 -0.33 13.31 -13.69
N GLY D 286 0.83 13.85 -14.09
CA GLY D 286 1.88 13.01 -14.65
C GLY D 286 1.74 12.76 -16.13
N TYR D 287 1.06 13.64 -16.83
CA TYR D 287 0.91 13.55 -18.27
C TYR D 287 1.59 14.75 -18.91
N HIS D 288 1.88 14.62 -20.20
CA HIS D 288 2.50 15.68 -20.98
C HIS D 288 1.60 15.99 -22.18
N ALA D 289 1.09 17.22 -22.22
CA ALA D 289 0.37 17.74 -23.36
C ALA D 289 1.33 18.59 -24.17
N THR D 290 1.39 18.37 -25.47
CA THR D 290 2.20 19.23 -26.31
C THR D 290 1.41 19.75 -27.49
N PHE D 291 1.65 21.04 -27.79
CA PHE D 291 1.11 21.72 -28.96
C PHE D 291 2.16 21.88 -30.03
N MET D 292 3.33 21.26 -29.83
CA MET D 292 4.30 21.14 -30.90
C MET D 292 3.60 20.49 -32.09
N CYS D 293 3.81 21.07 -33.27
CA CYS D 293 3.03 20.67 -34.44
C CYS D 293 3.12 19.18 -34.68
N LYS D 294 4.34 18.66 -34.82
CA LYS D 294 4.55 17.25 -35.16
C LYS D 294 5.69 16.72 -34.30
N PRO D 295 5.37 16.01 -33.20
CA PRO D 295 6.43 15.47 -32.35
C PRO D 295 7.22 14.42 -33.09
N ALA D 296 8.48 14.27 -32.68
CA ALA D 296 9.40 13.30 -33.26
C ALA D 296 9.21 11.96 -32.54
N ILE D 297 8.01 11.39 -32.73
CA ILE D 297 7.60 10.12 -32.14
C ILE D 297 6.84 9.32 -33.20
N ASN D 298 7.32 8.11 -33.50
CA ASN D 298 6.73 7.30 -34.55
C ASN D 298 5.21 7.22 -34.38
N GLY D 299 4.49 7.22 -35.51
CA GLY D 299 3.04 7.22 -35.46
C GLY D 299 2.38 8.56 -35.17
N PHE D 300 3.14 9.60 -34.84
CA PHE D 300 2.55 10.90 -34.59
C PHE D 300 2.47 11.69 -35.90
N PHE D 301 1.26 12.14 -36.23
CA PHE D 301 0.93 12.95 -37.39
C PHE D 301 0.89 14.42 -36.99
N ALA D 302 1.07 15.31 -37.96
CA ALA D 302 1.06 16.76 -37.68
C ALA D 302 -0.28 17.22 -37.09
N SER D 303 -0.21 18.12 -36.11
CA SER D 303 -1.39 18.76 -35.52
C SER D 303 -1.62 20.11 -36.17
N GLY D 304 -2.88 20.51 -36.27
CA GLY D 304 -3.23 21.79 -36.85
C GLY D 304 -4.12 22.61 -35.95
N TRP D 305 -3.99 23.93 -36.07
CA TRP D 305 -4.87 24.89 -35.39
C TRP D 305 -5.64 25.63 -36.48
N HIS D 306 -6.80 25.09 -36.83
CA HIS D 306 -7.67 25.76 -37.77
C HIS D 306 -8.43 26.87 -37.05
N MET D 307 -8.54 28.02 -37.70
CA MET D 307 -9.05 29.21 -37.03
C MET D 307 -10.36 29.58 -37.71
N HIS D 308 -11.46 29.42 -36.99
CA HIS D 308 -12.77 29.80 -37.48
C HIS D 308 -13.03 31.27 -37.19
N GLN D 309 -13.19 32.07 -38.24
CA GLN D 309 -13.31 33.52 -38.11
C GLN D 309 -14.57 34.01 -38.81
N SER D 310 -15.20 35.02 -38.19
CA SER D 310 -16.24 35.80 -38.83
C SER D 310 -16.16 37.25 -38.34
N LEU D 311 -16.83 38.17 -39.05
CA LEU D 311 -16.88 39.58 -38.60
C LEU D 311 -18.33 39.92 -38.29
N VAL D 312 -18.56 40.81 -37.34
CA VAL D 312 -19.94 41.10 -36.87
C VAL D 312 -20.03 42.62 -36.75
N ASP D 313 -21.18 43.23 -37.04
CA ASP D 313 -21.22 44.70 -37.00
C ASP D 313 -21.11 45.12 -35.55
N LYS D 314 -20.21 46.04 -35.23
CA LYS D 314 -20.02 46.43 -33.83
C LYS D 314 -21.30 46.96 -33.20
N ASP D 315 -22.15 47.61 -34.00
CA ASP D 315 -23.46 48.06 -33.53
C ASP D 315 -24.48 46.91 -33.61
N THR D 316 -24.75 46.43 -34.83
CA THR D 316 -25.83 45.46 -35.08
C THR D 316 -25.55 44.09 -34.44
N ARG D 317 -24.29 43.75 -34.24
CA ARG D 317 -23.96 42.40 -33.71
C ARG D 317 -24.62 41.31 -34.54
N LYS D 318 -24.40 41.32 -35.85
CA LYS D 318 -24.91 40.25 -36.72
C LYS D 318 -23.81 39.88 -37.70
N ASN D 319 -23.61 38.59 -37.94
CA ASN D 319 -22.53 38.12 -38.84
C ASN D 319 -22.63 38.82 -40.18
N LEU D 320 -21.58 39.53 -40.55
CA LEU D 320 -21.60 40.26 -41.83
C LEU D 320 -21.00 39.35 -42.89
N PHE D 321 -20.87 38.06 -42.57
CA PHE D 321 -20.38 37.10 -43.55
C PHE D 321 -21.49 36.32 -44.21
N ILE D 322 -22.73 36.44 -43.72
CA ILE D 322 -23.84 35.58 -44.17
C ILE D 322 -24.07 35.77 -45.66
N PRO D 323 -24.06 34.69 -46.44
CA PRO D 323 -24.22 34.85 -47.89
C PRO D 323 -25.68 34.85 -48.26
N SER D 324 -25.95 34.95 -49.55
CA SER D 324 -27.31 34.83 -50.05
C SER D 324 -27.41 33.62 -50.97
N GLU D 325 -28.41 33.59 -51.84
CA GLU D 325 -28.46 32.56 -52.87
C GLU D 325 -27.40 32.85 -53.94
N GLY D 326 -26.62 31.82 -54.31
CA GLY D 326 -25.57 31.96 -55.28
C GLY D 326 -24.21 32.31 -54.71
N GLU D 327 -24.18 32.90 -53.53
CA GLU D 327 -22.95 33.28 -52.83
C GLU D 327 -22.55 32.20 -51.84
N VAL D 328 -21.24 31.97 -51.71
CA VAL D 328 -20.74 31.19 -50.58
C VAL D 328 -20.31 32.09 -49.43
N LEU D 329 -20.28 33.41 -49.63
CA LEU D 329 -19.99 34.40 -48.60
C LEU D 329 -20.56 35.73 -49.04
N SER D 330 -20.96 36.53 -48.06
CA SER D 330 -21.30 37.90 -48.34
C SER D 330 -20.10 38.58 -49.01
N PRO D 331 -20.34 39.65 -49.77
CA PRO D 331 -19.21 40.37 -50.36
C PRO D 331 -18.15 40.75 -49.34
N LEU D 332 -18.57 41.24 -48.17
CA LEU D 332 -17.64 41.50 -47.08
C LEU D 332 -16.76 40.29 -46.80
N GLY D 333 -17.39 39.17 -46.44
CA GLY D 333 -16.64 37.97 -46.13
C GLY D 333 -15.78 37.52 -47.29
N ARG D 334 -16.29 37.67 -48.52
CA ARG D 334 -15.46 37.40 -49.69
C ARG D 334 -14.21 38.27 -49.69
N ALA D 335 -14.35 39.56 -49.37
CA ALA D 335 -13.19 40.42 -49.30
C ALA D 335 -12.24 40.00 -48.19
N TYR D 336 -12.79 39.68 -47.01
CA TYR D 336 -11.98 39.14 -45.92
C TYR D 336 -11.15 37.98 -46.40
N ALA D 337 -11.80 37.00 -47.05
CA ALA D 337 -11.11 35.85 -47.64
C ALA D 337 -10.01 36.23 -48.63
N GLY D 338 -10.21 37.31 -49.39
CA GLY D 338 -9.18 37.72 -50.34
C GLY D 338 -7.90 38.13 -49.64
N GLY D 339 -8.02 38.96 -48.60
CA GLY D 339 -6.85 39.40 -47.88
C GLY D 339 -6.25 38.32 -47.02
N LEU D 340 -7.07 37.38 -46.55
CA LEU D 340 -6.53 36.20 -45.90
C LEU D 340 -5.65 35.42 -46.87
N LEU D 341 -6.08 35.30 -48.12
CA LEU D 341 -5.28 34.60 -49.12
C LEU D 341 -4.12 35.46 -49.61
N ALA D 342 -4.38 36.75 -49.88
CA ALA D 342 -3.34 37.64 -50.38
C ALA D 342 -2.17 37.73 -49.41
N ASN D 343 -2.46 37.83 -48.11
CA ASN D 343 -1.41 38.11 -47.14
C ASN D 343 -0.86 36.88 -46.43
N GLY D 344 -1.47 35.71 -46.62
CA GLY D 344 -1.10 34.53 -45.85
C GLY D 344 0.36 34.13 -45.99
N SER D 345 1.06 34.60 -47.04
CA SER D 345 2.47 34.28 -47.19
C SER D 345 3.35 35.14 -46.29
N ALA D 346 3.13 36.45 -46.29
CA ALA D 346 3.83 37.31 -45.33
C ALA D 346 3.50 36.88 -43.90
N ALA D 347 2.25 36.45 -43.66
CA ALA D 347 1.75 36.08 -42.35
C ALA D 347 2.23 34.72 -41.85
N SER D 348 2.95 33.95 -42.67
CA SER D 348 3.14 32.54 -42.35
C SER D 348 3.97 32.34 -41.09
N SER D 349 5.00 33.18 -40.88
CA SER D 349 5.83 33.07 -39.67
C SER D 349 5.01 33.32 -38.41
N PHE D 350 3.86 33.99 -38.53
CA PHE D 350 2.95 34.21 -37.42
C PHE D 350 1.98 33.05 -37.25
N THR D 351 1.37 32.60 -38.35
CA THR D 351 0.50 31.43 -38.25
C THR D 351 1.28 30.17 -37.93
N THR D 352 2.55 30.13 -38.34
CA THR D 352 3.41 28.96 -38.15
C THR D 352 4.75 29.47 -37.64
N PRO D 353 4.83 29.79 -36.34
CA PRO D 353 6.08 30.34 -35.80
C PRO D 353 7.21 29.33 -35.82
N THR D 354 6.90 28.06 -35.60
CA THR D 354 7.93 27.08 -35.36
C THR D 354 8.50 26.57 -36.67
N VAL D 355 9.78 26.23 -36.63
CA VAL D 355 10.37 25.35 -37.65
C VAL D 355 9.47 24.15 -37.87
N ASN D 356 9.30 23.35 -36.81
CA ASN D 356 8.60 22.06 -36.89
C ASN D 356 7.22 22.19 -37.54
N GLY D 357 6.61 23.35 -37.47
CA GLY D 357 5.25 23.51 -38.03
C GLY D 357 5.20 23.51 -39.54
N TYR D 358 6.37 23.48 -40.20
CA TYR D 358 6.38 23.59 -41.68
C TYR D 358 6.43 22.21 -42.31
N ARG D 359 6.22 21.16 -41.52
CA ARG D 359 6.14 19.80 -42.08
C ARG D 359 4.67 19.64 -42.47
N ARG D 360 3.87 20.66 -42.11
CA ARG D 360 2.44 20.74 -42.52
C ARG D 360 2.22 21.40 -43.93
N ARG D 361 3.32 21.96 -44.41
CA ARG D 361 3.38 22.50 -45.79
C ARG D 361 3.62 21.33 -46.73
N GLN D 362 2.58 20.58 -47.02
CA GLN D 362 2.74 19.31 -47.72
C GLN D 362 1.47 19.02 -48.51
N PRO D 363 1.55 18.22 -49.58
CA PRO D 363 0.33 17.77 -50.24
C PRO D 363 -0.21 16.50 -49.61
N TYR D 364 -1.50 16.27 -49.87
CA TYR D 364 -2.20 15.03 -49.47
C TYR D 364 -2.03 14.76 -47.98
N SER D 365 -2.43 15.76 -47.19
CA SER D 365 -2.16 15.72 -45.75
C SER D 365 -3.26 16.40 -44.93
N LEU D 366 -4.37 16.82 -45.55
CA LEU D 366 -5.42 17.61 -44.88
C LEU D 366 -4.89 18.93 -44.34
N ALA D 367 -3.80 19.45 -44.94
CA ALA D 367 -3.19 20.73 -44.57
C ALA D 367 -2.92 21.52 -45.85
N PRO D 368 -2.70 22.83 -45.73
CA PRO D 368 -2.63 23.67 -46.94
C PRO D 368 -1.22 23.89 -47.43
N ASP D 369 -0.90 23.47 -48.65
CA ASP D 369 0.40 23.78 -49.22
C ASP D 369 0.35 24.97 -50.17
N ARG D 370 -0.81 25.58 -50.35
CA ARG D 370 -0.93 26.70 -51.27
C ARG D 370 -2.17 27.51 -50.92
N ARG D 371 -2.17 28.75 -51.38
CA ARG D 371 -3.20 29.72 -51.03
C ARG D 371 -4.42 29.43 -51.89
N ALA D 372 -5.17 28.43 -51.46
CA ALA D 372 -6.41 28.09 -52.13
C ALA D 372 -7.58 28.32 -51.17
N TRP D 373 -8.74 28.63 -51.74
CA TRP D 373 -9.97 28.65 -50.96
C TRP D 373 -11.02 27.80 -51.67
N ALA D 374 -11.98 27.32 -50.89
CA ALA D 374 -12.93 26.31 -51.32
C ALA D 374 -14.06 26.25 -50.29
N LYS D 375 -15.22 25.80 -50.75
CA LYS D 375 -16.33 25.57 -49.80
C LYS D 375 -16.32 24.07 -49.50
N ASP D 376 -16.04 23.69 -48.26
CA ASP D 376 -15.98 22.27 -47.85
C ASP D 376 -14.85 21.51 -48.55
N ASN D 377 -13.59 21.87 -48.31
CA ASN D 377 -12.44 21.10 -48.84
C ASN D 377 -11.28 21.31 -47.86
N LYS D 378 -10.85 20.26 -47.19
CA LYS D 378 -9.83 20.39 -46.11
C LYS D 378 -8.42 20.52 -46.69
N ALA D 379 -8.26 20.41 -48.00
CA ALA D 379 -6.97 20.57 -48.64
C ALA D 379 -6.69 22.02 -48.99
N ALA D 380 -7.54 22.94 -48.54
CA ALA D 380 -7.44 24.36 -48.86
C ALA D 380 -6.87 25.14 -47.68
N MET D 381 -6.38 26.35 -48.00
CA MET D 381 -5.89 27.27 -46.97
C MET D 381 -7.05 27.96 -46.26
N VAL D 382 -7.99 28.49 -47.03
CA VAL D 382 -9.23 29.04 -46.50
C VAL D 382 -10.34 28.07 -46.86
N ARG D 383 -11.10 27.64 -45.85
CA ARG D 383 -12.26 26.79 -46.05
C ARG D 383 -13.49 27.55 -45.59
N VAL D 384 -14.49 27.61 -46.46
CA VAL D 384 -15.76 28.29 -46.19
C VAL D 384 -16.75 27.30 -45.59
N VAL D 385 -17.24 27.61 -44.39
CA VAL D 385 -18.34 26.89 -43.74
C VAL D 385 -19.51 27.86 -43.73
N SER D 386 -20.44 27.69 -44.67
CA SER D 386 -21.50 28.66 -44.84
C SER D 386 -22.72 27.99 -45.43
N ALA D 387 -23.86 28.67 -45.30
CA ALA D 387 -25.08 28.26 -45.97
C ALA D 387 -25.96 29.49 -46.10
N THR D 388 -26.85 29.46 -47.07
CA THR D 388 -27.67 30.64 -47.32
C THR D 388 -28.46 30.99 -46.06
N GLY D 389 -28.31 32.24 -45.60
CA GLY D 389 -28.98 32.72 -44.40
C GLY D 389 -28.43 32.22 -43.08
N ASP D 390 -27.36 31.40 -43.08
CA ASP D 390 -26.85 30.75 -41.86
C ASP D 390 -26.01 31.69 -41.00
N PRO D 391 -26.54 32.11 -39.84
CA PRO D 391 -25.81 33.10 -39.02
C PRO D 391 -24.45 32.62 -38.53
N ALA D 392 -24.12 31.33 -38.76
CA ALA D 392 -22.81 30.77 -38.41
C ALA D 392 -21.85 30.67 -39.60
N SER D 393 -22.24 31.18 -40.77
CA SER D 393 -21.32 31.22 -41.91
C SER D 393 -20.04 31.95 -41.53
N ARG D 394 -18.90 31.42 -41.96
CA ARG D 394 -17.61 31.88 -41.46
C ARG D 394 -16.51 31.29 -42.34
N ILE D 395 -15.28 31.70 -42.06
CA ILE D 395 -14.09 31.21 -42.74
C ILE D 395 -13.29 30.33 -41.79
N GLU D 396 -12.70 29.28 -42.33
CA GLU D 396 -11.76 28.45 -41.59
C GLU D 396 -10.40 28.57 -42.29
N ASN D 397 -9.47 29.26 -41.62
CA ASN D 397 -8.10 29.34 -42.15
C ASN D 397 -7.36 28.18 -41.53
N ARG D 398 -6.73 27.38 -42.36
CA ARG D 398 -6.07 26.19 -41.85
C ARG D 398 -4.58 26.34 -42.04
N ILE D 399 -4.01 27.52 -42.13
CA ILE D 399 -2.51 27.59 -42.26
C ILE D 399 -1.93 27.67 -40.85
N GLY D 400 -2.79 27.58 -39.83
CA GLY D 400 -2.35 27.76 -38.43
C GLY D 400 -1.69 26.58 -37.79
N GLU D 401 -0.94 26.85 -36.71
CA GLU D 401 -0.18 25.80 -36.00
C GLU D 401 -0.63 25.76 -34.54
N PRO D 402 -0.87 24.59 -33.87
CA PRO D 402 -1.34 24.59 -32.46
C PRO D 402 -0.46 25.39 -31.50
N GLY D 403 0.86 25.37 -31.68
CA GLY D 403 1.73 26.13 -30.81
C GLY D 403 1.89 27.60 -31.13
N ALA D 404 1.09 28.14 -32.05
CA ALA D 404 1.21 29.55 -32.38
C ALA D 404 0.88 30.41 -31.18
N ASN D 405 1.35 31.65 -31.23
CA ASN D 405 1.09 32.70 -30.26
C ASN D 405 -0.31 33.22 -30.54
N PRO D 406 -1.29 32.98 -29.66
CA PRO D 406 -2.67 33.37 -29.96
C PRO D 406 -2.86 34.85 -30.26
N TYR D 407 -1.97 35.74 -29.80
CA TYR D 407 -2.15 37.14 -30.13
C TYR D 407 -1.66 37.44 -31.53
N LEU D 408 -0.60 36.74 -31.98
CA LEU D 408 -0.03 36.98 -33.32
C LEU D 408 -0.80 36.24 -34.41
N TYR D 409 -1.35 35.08 -34.07
CA TYR D 409 -2.18 34.35 -35.03
C TYR D 409 -3.48 35.10 -35.31
N MET D 410 -4.21 35.44 -34.27
CA MET D 410 -5.51 36.09 -34.42
C MET D 410 -5.38 37.49 -34.98
N ALA D 411 -4.40 38.27 -34.50
CA ALA D 411 -4.20 39.60 -35.07
C ALA D 411 -3.74 39.50 -36.53
N SER D 412 -2.94 38.48 -36.84
CA SER D 412 -2.68 38.13 -38.23
C SER D 412 -3.97 38.07 -39.05
N GLN D 413 -4.94 37.28 -38.58
CA GLN D 413 -6.21 37.17 -39.29
C GLN D 413 -6.94 38.51 -39.35
N ILE D 414 -6.89 39.30 -38.27
CA ILE D 414 -7.57 40.59 -38.29
C ILE D 414 -6.91 41.52 -39.30
N VAL D 415 -5.56 41.56 -39.28
CA VAL D 415 -4.84 42.44 -40.20
C VAL D 415 -5.00 41.95 -41.64
N SER D 416 -4.81 40.64 -41.86
CA SER D 416 -4.89 40.05 -43.19
C SER D 416 -6.23 40.35 -43.84
N GLY D 417 -7.32 39.97 -43.17
CA GLY D 417 -8.66 40.17 -43.68
C GLY D 417 -8.99 41.62 -43.93
N LEU D 418 -8.96 42.48 -42.90
CA LEU D 418 -9.31 43.90 -43.06
C LEU D 418 -8.55 44.56 -44.20
N ASP D 419 -7.39 44.03 -44.59
CA ASP D 419 -6.74 44.44 -45.83
C ASP D 419 -7.58 44.03 -47.05
N GLY D 420 -8.06 42.79 -47.06
CA GLY D 420 -8.91 42.35 -48.14
C GLY D 420 -10.17 43.19 -48.26
N ILE D 421 -10.81 43.49 -47.14
CA ILE D 421 -11.96 44.40 -47.16
C ILE D 421 -11.55 45.74 -47.77
N LYS D 422 -10.51 46.36 -47.20
CA LYS D 422 -10.13 47.72 -47.60
C LYS D 422 -9.77 47.79 -49.07
N ASN D 423 -9.10 46.77 -49.60
CA ASN D 423 -8.59 46.78 -50.95
C ASN D 423 -9.41 45.92 -51.91
N LYS D 424 -10.56 45.40 -51.47
CA LYS D 424 -11.51 44.67 -52.32
C LYS D 424 -10.81 43.56 -53.11
N LYS D 425 -10.06 42.72 -52.40
CA LYS D 425 -9.23 41.70 -53.04
C LYS D 425 -10.08 40.47 -53.31
N ASP D 426 -10.36 40.23 -54.59
CA ASP D 426 -11.07 39.01 -54.96
C ASP D 426 -10.23 37.81 -54.54
N PRO D 427 -10.82 36.85 -53.83
CA PRO D 427 -10.10 35.60 -53.54
C PRO D 427 -9.88 34.72 -54.76
N GLY D 428 -10.47 35.06 -55.90
CA GLY D 428 -10.37 34.19 -57.04
C GLY D 428 -11.46 33.16 -57.05
N GLU D 429 -11.12 31.92 -57.40
CA GLU D 429 -12.12 30.90 -57.68
C GLU D 429 -12.01 29.75 -56.70
N LEU D 430 -13.15 29.36 -56.13
CA LEU D 430 -13.19 28.22 -55.24
C LEU D 430 -12.66 27.00 -55.98
N GLN D 431 -11.77 26.27 -55.32
CA GLN D 431 -10.97 25.26 -55.99
C GLN D 431 -11.49 23.86 -55.66
N GLU D 432 -11.87 23.12 -56.71
CA GLU D 432 -12.41 21.79 -56.52
C GLU D 432 -11.33 20.77 -56.11
N SER D 433 -10.07 21.05 -56.41
CA SER D 433 -8.97 20.21 -55.95
C SER D 433 -7.79 21.10 -55.60
N PRO D 434 -7.72 21.55 -54.34
CA PRO D 434 -6.66 22.50 -53.95
C PRO D 434 -5.26 21.98 -54.21
N TYR D 435 -5.05 20.67 -54.17
CA TYR D 435 -3.73 20.10 -54.41
C TYR D 435 -3.41 19.99 -55.90
N ASP D 436 -4.30 20.42 -56.77
CA ASP D 436 -4.02 20.63 -58.19
C ASP D 436 -4.11 22.09 -58.59
N ALA D 437 -4.42 22.97 -57.65
CA ALA D 437 -4.66 24.38 -57.96
C ALA D 437 -3.40 25.04 -58.48
N GLN D 438 -3.54 25.84 -59.53
CA GLN D 438 -2.44 26.69 -59.97
C GLN D 438 -2.49 28.05 -59.30
N VAL D 439 -2.71 28.03 -57.98
CA VAL D 439 -2.67 29.23 -57.14
C VAL D 439 -1.24 29.37 -56.61
N PRO D 440 -0.86 30.50 -56.02
CA PRO D 440 0.49 30.62 -55.47
C PRO D 440 0.71 29.68 -54.29
N MET D 441 1.90 29.09 -54.26
CA MET D 441 2.26 28.17 -53.19
C MET D 441 2.52 28.92 -51.89
N LEU D 442 2.37 28.19 -50.76
CA LEU D 442 2.77 28.74 -49.47
C LEU D 442 4.22 28.41 -49.18
N PRO D 443 4.87 29.19 -48.32
CA PRO D 443 6.23 28.87 -47.90
C PRO D 443 6.32 27.49 -47.24
N THR D 444 7.48 26.87 -47.40
CA THR D 444 7.68 25.52 -46.95
C THR D 444 8.76 25.38 -45.88
N THR D 445 9.47 26.44 -45.54
CA THR D 445 10.33 26.49 -44.36
C THR D 445 10.05 27.78 -43.58
N LEU D 446 10.54 27.84 -42.34
CA LEU D 446 10.38 29.08 -41.59
C LEU D 446 11.27 30.18 -42.17
N ALA D 447 12.43 29.81 -42.73
CA ALA D 447 13.20 30.79 -43.49
C ALA D 447 12.36 31.42 -44.59
N GLU D 448 11.62 30.61 -45.35
CA GLU D 448 10.82 31.14 -46.46
C GLU D 448 9.75 32.10 -45.98
N ALA D 449 9.07 31.75 -44.89
CA ALA D 449 8.04 32.62 -44.33
C ALA D 449 8.62 33.96 -43.88
N LEU D 450 9.86 33.94 -43.37
CA LEU D 450 10.52 35.16 -42.96
C LEU D 450 10.88 36.00 -44.18
N ASP D 451 11.50 35.36 -45.18
CA ASP D 451 11.76 36.02 -46.46
C ASP D 451 10.49 36.70 -46.99
N ALA D 452 9.37 35.97 -47.00
CA ALA D 452 8.13 36.52 -47.54
C ALA D 452 7.66 37.75 -46.75
N LEU D 453 7.95 37.82 -45.46
CA LEU D 453 7.59 39.02 -44.72
C LEU D 453 8.54 40.16 -45.05
N GLU D 454 9.83 39.86 -45.24
CA GLU D 454 10.79 40.89 -45.62
C GLU D 454 10.37 41.61 -46.91
N HIS D 455 9.91 40.87 -47.91
CA HIS D 455 9.55 41.47 -49.20
C HIS D 455 8.07 41.82 -49.30
N ASP D 456 7.38 41.90 -48.15
CA ASP D 456 5.98 42.38 -48.07
C ASP D 456 5.97 42.95 -46.66
N SER D 457 6.93 43.82 -46.38
CA SER D 457 7.08 44.39 -45.01
C SER D 457 5.82 45.16 -44.56
N GLU D 458 5.22 45.88 -45.49
CA GLU D 458 4.09 46.77 -45.16
C GLU D 458 2.85 46.04 -44.65
N LEU D 459 1.86 46.79 -44.14
CA LEU D 459 0.61 46.23 -43.54
C LEU D 459 0.89 45.65 -42.15
N PHE D 460 1.86 44.75 -42.05
CA PHE D 460 2.25 44.20 -40.73
C PHE D 460 3.15 45.23 -40.06
N ARG D 461 3.91 46.01 -40.80
CA ARG D 461 4.74 47.08 -40.19
C ARG D 461 3.85 48.26 -39.84
N SER D 462 2.74 48.42 -40.55
CA SER D 462 1.80 49.50 -40.24
C SER D 462 0.94 49.07 -39.05
N CYS D 463 0.69 47.77 -38.94
CA CYS D 463 -0.23 47.34 -37.89
C CYS D 463 0.50 46.79 -36.67
N PHE D 464 1.43 45.86 -36.87
CA PHE D 464 2.14 45.30 -35.73
C PHE D 464 3.13 46.30 -35.16
N GLY D 465 3.56 47.26 -35.96
CA GLY D 465 4.62 48.18 -35.57
C GLY D 465 5.90 47.88 -36.31
N ASP D 466 6.53 48.91 -36.87
CA ASP D 466 7.80 48.72 -37.59
C ASP D 466 8.85 48.09 -36.68
N THR D 467 8.94 48.59 -35.44
CA THR D 467 9.93 48.08 -34.50
C THR D 467 9.73 46.60 -34.22
N PHE D 468 8.48 46.17 -34.10
CA PHE D 468 8.23 44.76 -33.86
C PHE D 468 8.77 43.90 -34.99
N ILE D 469 8.47 44.26 -36.26
CA ILE D 469 8.86 43.39 -37.38
C ILE D 469 10.37 43.32 -37.53
N LYS D 470 11.07 44.45 -37.37
CA LYS D 470 12.52 44.41 -37.31
C LYS D 470 12.98 43.42 -36.25
N TYR D 471 12.46 43.58 -35.04
CA TYR D 471 12.77 42.63 -33.98
C TYR D 471 12.40 41.21 -34.38
N TRP D 472 11.17 41.01 -34.85
CA TRP D 472 10.70 39.67 -35.19
C TRP D 472 11.60 39.03 -36.24
N LEU D 473 11.89 39.76 -37.31
CA LEU D 473 12.77 39.22 -38.35
C LEU D 473 14.11 38.79 -37.76
N GLN D 474 14.74 39.65 -36.96
CA GLN D 474 16.08 39.34 -36.47
C GLN D 474 16.07 38.12 -35.57
N LEU D 475 15.12 38.06 -34.63
CA LEU D 475 15.09 36.97 -33.68
C LEU D 475 14.78 35.64 -34.35
N ARG D 476 13.74 35.59 -35.19
CA ARG D 476 13.38 34.29 -35.74
C ARG D 476 14.44 33.79 -36.74
N ARG D 477 15.10 34.70 -37.45
CA ARG D 477 16.16 34.25 -38.35
C ARG D 477 17.31 33.62 -37.56
N SER D 478 17.49 34.03 -36.30
CA SER D 478 18.53 33.43 -35.50
C SER D 478 18.22 31.97 -35.20
N GLU D 479 16.94 31.64 -35.00
CA GLU D 479 16.61 30.26 -34.67
C GLU D 479 16.69 29.37 -35.91
N TRP D 480 16.28 29.89 -37.07
CA TRP D 480 16.54 29.19 -38.34
C TRP D 480 18.02 28.85 -38.47
N ALA D 481 18.89 29.82 -38.21
CA ALA D 481 20.33 29.59 -38.26
C ALA D 481 20.77 28.44 -37.36
N ARG D 482 20.14 28.30 -36.18
CA ARG D 482 20.53 27.22 -35.27
C ARG D 482 20.02 25.87 -35.75
N PHE D 483 18.81 25.82 -36.30
CA PHE D 483 18.36 24.58 -36.92
C PHE D 483 19.29 24.17 -38.03
N LEU D 484 19.66 25.12 -38.89
CA LEU D 484 20.52 24.81 -40.02
C LEU D 484 21.85 24.18 -39.62
N ASP D 485 22.52 24.75 -38.63
CA ASP D 485 23.87 24.26 -38.23
C ASP D 485 23.76 22.96 -37.44
N ALA D 486 22.58 22.62 -36.95
CA ALA D 486 22.38 21.38 -36.20
C ALA D 486 21.94 20.28 -37.16
N GLU D 487 20.97 20.55 -38.04
CA GLU D 487 20.45 19.47 -38.86
C GLU D 487 20.84 19.56 -40.33
N GLY D 488 21.15 20.75 -40.85
CA GLY D 488 21.46 20.95 -42.26
C GLY D 488 20.25 21.36 -43.07
N ALA D 489 20.48 21.67 -44.34
CA ALA D 489 19.39 22.20 -45.16
C ALA D 489 18.46 21.10 -45.68
N GLU D 490 19.01 19.92 -45.97
CA GLU D 490 18.20 18.81 -46.48
C GLU D 490 17.25 18.23 -45.44
N ALA D 491 17.47 18.49 -44.15
CA ALA D 491 16.50 18.06 -43.13
C ALA D 491 15.30 18.98 -43.07
N ALA D 492 15.43 20.21 -43.56
CA ALA D 492 14.33 21.14 -43.57
C ALA D 492 13.21 20.73 -44.51
N GLU D 493 13.44 19.76 -45.38
CA GLU D 493 12.42 19.34 -46.34
C GLU D 493 11.15 18.89 -45.64
N PRO D 494 10.01 19.54 -45.89
CA PRO D 494 8.79 19.25 -45.10
C PRO D 494 8.43 17.78 -45.01
N THR D 495 8.49 17.06 -46.13
CA THR D 495 8.22 15.63 -46.10
C THR D 495 9.24 14.88 -45.26
N GLY D 496 10.33 15.52 -44.90
CA GLY D 496 11.38 14.84 -44.16
C GLY D 496 10.95 14.40 -42.77
N ALA D 497 11.85 13.65 -42.16
CA ALA D 497 11.67 13.17 -40.81
C ALA D 497 11.88 14.30 -39.81
N VAL D 498 11.16 14.22 -38.69
CA VAL D 498 11.20 15.24 -37.67
C VAL D 498 12.54 15.15 -36.96
N THR D 499 13.28 16.25 -36.94
CA THR D 499 14.64 16.17 -36.41
C THR D 499 14.65 16.29 -34.90
N GLN D 500 15.74 15.82 -34.29
CA GLN D 500 15.89 15.94 -32.84
C GLN D 500 15.99 17.39 -32.40
N TRP D 501 16.45 18.29 -33.28
CA TRP D 501 16.48 19.70 -32.91
C TRP D 501 15.07 20.24 -32.70
N GLU D 502 14.13 19.83 -33.55
CA GLU D 502 12.73 20.17 -33.35
C GLU D 502 12.21 19.60 -32.02
N GLN D 503 12.55 18.35 -31.73
CA GLN D 503 12.04 17.76 -30.50
C GLN D 503 12.55 18.52 -29.29
N LYS D 504 13.86 18.80 -29.26
CA LYS D 504 14.46 19.52 -28.15
C LYS D 504 14.40 21.02 -28.31
N GLU D 505 13.51 21.52 -29.15
CA GLU D 505 13.15 22.93 -29.10
C GLU D 505 11.69 23.15 -28.70
N TYR D 506 10.77 22.28 -29.13
CA TYR D 506 9.36 22.55 -29.01
C TYR D 506 8.58 21.57 -28.13
N PHE D 507 9.08 20.35 -27.89
CA PHE D 507 8.24 19.36 -27.23
C PHE D 507 8.00 19.70 -25.75
N ASN D 508 9.05 20.11 -25.01
CA ASN D 508 8.87 20.38 -23.58
C ASN D 508 7.98 21.60 -23.36
N LEU D 509 8.23 22.70 -24.09
CA LEU D 509 7.63 24.00 -23.79
C LEU D 509 6.32 24.26 -24.51
N LEU D 510 6.21 23.81 -25.75
CA LEU D 510 5.01 24.07 -26.51
C LEU D 510 3.96 22.98 -26.22
N PHE E 20 2.31 -11.57 59.24
CA PHE E 20 1.02 -11.09 58.76
C PHE E 20 1.00 -11.15 57.23
N ASP E 21 1.15 -9.99 56.60
CA ASP E 21 1.64 -9.93 55.24
C ASP E 21 3.04 -9.36 55.27
N PHE E 22 3.84 -9.71 54.24
CA PHE E 22 5.28 -9.49 54.27
C PHE E 22 5.63 -8.01 54.47
N ILE E 23 4.94 -7.11 53.78
CA ILE E 23 5.29 -5.69 53.87
C ILE E 23 4.97 -5.13 55.25
N THR E 24 3.80 -5.47 55.79
CA THR E 24 3.43 -4.99 57.12
C THR E 24 4.25 -5.68 58.20
N LYS E 25 4.36 -7.01 58.13
CA LYS E 25 5.16 -7.77 59.09
C LYS E 25 6.52 -7.13 59.32
N ASN E 26 7.10 -6.47 58.31
CA ASN E 26 8.47 -5.98 58.38
C ASN E 26 8.57 -4.46 58.27
N ASN E 27 7.46 -3.74 58.42
CA ASN E 27 7.41 -2.28 58.29
C ASN E 27 8.24 -1.78 57.11
N LEU E 28 7.93 -2.32 55.94
CA LEU E 28 8.67 -2.02 54.72
C LEU E 28 8.04 -0.90 53.91
N TRP E 29 6.74 -0.64 54.09
CA TRP E 29 6.12 0.56 53.53
C TRP E 29 6.08 1.66 54.58
N THR E 30 5.77 2.87 54.12
CA THR E 30 5.44 3.98 55.01
C THR E 30 4.00 4.39 54.77
N ASN E 31 3.55 5.38 55.53
CA ASN E 31 2.17 5.80 55.44
C ASN E 31 1.85 6.37 54.07
N GLU E 32 2.76 7.18 53.54
CA GLU E 32 2.60 7.70 52.19
C GLU E 32 2.59 6.58 51.16
N GLN E 33 3.40 5.53 51.40
CA GLN E 33 3.42 4.38 50.51
C GLN E 33 2.21 3.48 50.64
N ARG E 34 1.30 3.72 51.58
CA ARG E 34 0.07 2.95 51.61
C ARG E 34 -1.09 3.68 50.96
N ASP E 35 -1.24 4.97 51.25
CA ASP E 35 -2.20 5.77 50.49
C ASP E 35 -1.90 5.68 49.00
N ALA E 36 -0.61 5.73 48.64
CA ALA E 36 -0.20 5.56 47.26
C ALA E 36 -0.72 4.26 46.66
N ALA E 37 -0.62 3.16 47.41
CA ALA E 37 -1.03 1.86 46.90
C ALA E 37 -2.50 1.86 46.50
N ASP E 38 -3.33 2.52 47.29
CA ASP E 38 -4.74 2.61 46.93
C ASP E 38 -4.93 3.58 45.78
N LYS E 39 -4.02 4.54 45.62
CA LYS E 39 -4.11 5.45 44.49
C LYS E 39 -3.80 4.75 43.18
N VAL E 40 -2.67 4.05 43.12
CA VAL E 40 -2.28 3.44 41.84
C VAL E 40 -3.23 2.30 41.52
N LEU E 41 -3.71 1.60 42.54
CA LEU E 41 -4.65 0.53 42.28
C LEU E 41 -5.91 1.07 41.60
N ALA E 42 -6.43 2.19 42.09
CA ALA E 42 -7.59 2.79 41.46
C ALA E 42 -7.25 3.38 40.10
N GLU E 43 -6.02 3.87 39.92
CA GLU E 43 -5.64 4.31 38.58
C GLU E 43 -5.61 3.14 37.62
N ILE E 44 -5.26 1.95 38.09
CA ILE E 44 -5.24 0.78 37.21
C ILE E 44 -6.64 0.43 36.74
N ASP E 45 -7.62 0.48 37.65
CA ASP E 45 -8.98 0.14 37.27
C ASP E 45 -9.60 1.23 36.39
N SER E 46 -9.21 2.49 36.61
CA SER E 46 -9.78 3.58 35.82
C SER E 46 -9.29 3.51 34.38
N LEU E 47 -8.00 3.28 34.21
CA LEU E 47 -7.39 3.26 32.89
C LEU E 47 -7.60 1.94 32.16
N GLY E 48 -7.93 0.87 32.88
CA GLY E 48 -8.08 -0.43 32.24
C GLY E 48 -6.78 -1.16 32.01
N LEU E 49 -5.75 -0.87 32.80
CA LEU E 49 -4.47 -1.52 32.62
C LEU E 49 -4.61 -3.01 32.90
N GLU E 50 -3.93 -3.80 32.08
CA GLU E 50 -3.91 -5.25 32.23
C GLU E 50 -2.56 -5.77 32.70
N MET E 51 -1.59 -4.87 32.89
CA MET E 51 -0.20 -5.29 33.01
C MET E 51 0.56 -4.22 33.78
N ILE E 52 1.35 -4.64 34.76
CA ILE E 52 2.11 -3.69 35.58
C ILE E 52 3.53 -4.24 35.72
N ARG E 53 4.50 -3.49 35.25
CA ARG E 53 5.89 -3.98 35.30
C ARG E 53 6.48 -3.67 36.66
N LEU E 54 7.01 -4.68 37.33
CA LEU E 54 7.70 -4.48 38.61
C LEU E 54 9.17 -4.59 38.27
N SER E 55 9.95 -3.54 38.55
CA SER E 55 11.36 -3.54 38.10
C SER E 55 12.33 -3.04 39.16
N TRP E 56 13.55 -3.52 39.09
CA TRP E 56 14.61 -3.04 39.97
C TRP E 56 15.91 -2.98 39.18
N ALA E 57 16.73 -1.98 39.48
CA ALA E 57 18.03 -1.85 38.83
C ALA E 57 18.96 -2.98 39.28
N ASP E 58 19.87 -3.38 38.41
CA ASP E 58 20.91 -4.33 38.76
C ASP E 58 22.22 -3.58 38.94
N GLN E 59 23.33 -4.33 39.06
CA GLN E 59 24.62 -3.70 39.28
C GLN E 59 25.02 -2.79 38.12
N TYR E 60 24.53 -3.06 36.90
CA TYR E 60 24.80 -2.19 35.77
C TYR E 60 23.73 -1.12 35.60
N GLY E 61 22.72 -1.11 36.46
CA GLY E 61 21.65 -0.16 36.30
C GLY E 61 20.63 -0.56 35.25
N LEU E 62 20.74 -1.77 34.71
CA LEU E 62 19.73 -2.30 33.81
C LEU E 62 18.51 -2.75 34.60
N LEU E 63 17.33 -2.42 34.06
CA LEU E 63 16.04 -2.68 34.67
C LEU E 63 15.64 -4.13 34.46
N ARG E 64 15.77 -4.94 35.51
CA ARG E 64 15.25 -6.30 35.55
C ARG E 64 13.94 -6.33 36.32
N GLY E 65 13.13 -7.34 36.04
CA GLY E 65 11.95 -7.55 36.86
C GLY E 65 11.00 -8.57 36.25
N LYS E 66 9.71 -8.37 36.51
CA LYS E 66 8.67 -9.18 35.90
C LYS E 66 7.56 -8.27 35.43
N SER E 67 6.63 -8.87 34.71
CA SER E 67 5.43 -8.22 34.22
C SER E 67 4.26 -8.97 34.82
N LEU E 68 3.55 -8.33 35.75
CA LEU E 68 2.45 -8.94 36.47
C LEU E 68 1.12 -8.38 35.96
N THR E 69 0.06 -9.16 36.19
CA THR E 69 -1.29 -8.72 35.93
C THR E 69 -1.79 -7.96 37.14
N VAL E 70 -3.01 -7.42 37.05
CA VAL E 70 -3.61 -6.74 38.19
C VAL E 70 -3.83 -7.70 39.36
N ALA E 71 -4.05 -8.98 39.07
CA ALA E 71 -4.24 -9.95 40.13
C ALA E 71 -2.97 -10.13 40.96
N SER E 72 -1.82 -10.26 40.31
CA SER E 72 -0.59 -10.53 41.05
C SER E 72 -0.03 -9.29 41.70
N LEU E 73 -0.32 -8.11 41.14
CA LEU E 73 0.15 -6.87 41.76
C LEU E 73 -0.55 -6.62 43.09
N LYS E 74 -1.87 -6.84 43.13
CA LYS E 74 -2.58 -6.78 44.41
C LYS E 74 -1.94 -7.71 45.44
N SER E 75 -1.76 -9.00 45.10
CA SER E 75 -1.03 -9.91 45.99
C SER E 75 0.36 -9.38 46.33
N ALA E 76 1.03 -8.78 45.35
CA ALA E 76 2.37 -8.25 45.58
C ALA E 76 2.35 -7.09 46.57
N PHE E 77 1.31 -6.24 46.52
CA PHE E 77 1.16 -5.12 47.44
C PHE E 77 1.02 -5.56 48.90
N LYS E 78 0.93 -6.87 49.16
CA LYS E 78 0.95 -7.43 50.50
C LYS E 78 2.14 -8.33 50.73
N GLU E 79 2.48 -9.21 49.78
CA GLU E 79 3.54 -10.18 49.99
C GLU E 79 4.66 -10.13 48.95
N GLY E 80 4.65 -9.16 48.04
CA GLY E 80 5.73 -9.10 47.06
C GLY E 80 5.67 -10.19 45.99
N SER E 81 6.78 -10.29 45.24
CA SER E 81 7.03 -11.35 44.27
C SER E 81 8.43 -11.89 44.45
N GLU E 82 8.54 -13.19 44.42
CA GLU E 82 9.83 -13.81 44.62
C GLU E 82 10.64 -13.75 43.34
N VAL E 83 11.89 -13.34 43.43
CA VAL E 83 12.79 -13.33 42.28
C VAL E 83 14.15 -13.86 42.73
N ALA E 84 14.77 -14.66 41.88
CA ALA E 84 16.13 -15.09 42.16
C ALA E 84 17.11 -13.93 41.91
N ILE E 85 18.25 -13.96 42.62
CA ILE E 85 19.23 -12.87 42.56
C ILE E 85 20.18 -13.06 41.37
N GLY E 86 19.92 -14.08 40.55
CA GLY E 86 20.76 -14.47 39.45
C GLY E 86 21.43 -13.37 38.64
N PRO E 87 20.69 -12.32 38.26
CA PRO E 87 21.34 -11.20 37.54
C PRO E 87 22.59 -10.66 38.26
N PHE E 88 22.58 -10.62 39.58
CA PHE E 88 23.69 -10.01 40.30
C PHE E 88 25.00 -10.81 40.13
N PHE E 89 24.91 -12.13 40.00
CA PHE E 89 26.10 -12.95 39.83
C PHE E 89 26.47 -13.14 38.36
N PHE E 90 25.75 -12.47 37.47
CA PHE E 90 26.01 -12.49 36.05
C PHE E 90 26.74 -11.23 35.65
N ASP E 91 27.61 -11.33 34.65
CA ASP E 91 28.11 -10.16 33.97
C ASP E 91 27.17 -9.86 32.79
N LEU E 92 27.53 -8.91 31.94
CA LEU E 92 26.58 -8.44 30.94
C LEU E 92 26.25 -9.51 29.91
N VAL E 93 27.14 -10.50 29.71
CA VAL E 93 26.94 -11.60 28.75
C VAL E 93 26.67 -12.93 29.47
N SER E 94 26.36 -12.88 30.76
CA SER E 94 25.94 -14.05 31.55
C SER E 94 27.06 -15.06 31.78
N SER E 95 28.32 -14.66 31.71
CA SER E 95 29.35 -15.43 32.39
C SER E 95 28.89 -15.70 33.81
N MET E 96 29.13 -16.89 34.32
CA MET E 96 28.88 -17.12 35.73
C MET E 96 30.14 -16.75 36.51
N VAL E 97 30.03 -15.72 37.35
CA VAL E 97 31.18 -15.19 38.07
C VAL E 97 31.17 -15.59 39.54
N PHE E 98 30.01 -15.82 40.14
CA PHE E 98 29.91 -16.42 41.47
C PHE E 98 29.04 -17.66 41.38
N ASN E 99 29.34 -18.68 42.19
CA ASN E 99 28.70 -19.98 42.02
C ASN E 99 27.24 -19.96 42.48
N LEU E 100 26.34 -20.15 41.51
CA LEU E 100 24.90 -20.16 41.69
C LEU E 100 24.38 -21.48 42.25
N PHE E 101 25.18 -22.54 42.18
CA PHE E 101 24.70 -23.89 42.45
C PHE E 101 25.06 -24.39 43.84
N THR E 102 25.53 -23.49 44.70
CA THR E 102 25.95 -23.87 46.08
C THR E 102 25.36 -22.90 47.10
N THR E 103 24.32 -23.31 47.83
CA THR E 103 23.77 -22.44 48.89
C THR E 103 24.86 -22.26 49.93
N ALA E 104 25.04 -21.04 50.42
CA ALA E 104 26.19 -20.84 51.32
C ALA E 104 25.76 -20.14 52.61
N GLY E 105 26.69 -19.94 53.54
CA GLY E 105 26.41 -19.24 54.78
C GLY E 105 26.91 -17.79 54.76
N ASP E 106 26.39 -17.00 55.68
CA ASP E 106 26.89 -15.64 55.87
C ASP E 106 28.30 -15.67 56.44
N ASP E 109 25.91 -12.36 53.67
CA ASP E 109 26.86 -11.25 53.41
C ASP E 109 28.27 -11.83 53.28
N GLU E 110 28.40 -13.11 52.92
CA GLU E 110 29.72 -13.75 52.68
C GLU E 110 29.51 -14.96 51.78
N LEU E 111 30.48 -15.31 50.92
CA LEU E 111 30.37 -16.43 49.95
C LEU E 111 29.32 -16.10 48.88
N SER E 112 28.75 -17.10 48.19
CA SER E 112 27.80 -16.84 47.07
C SER E 112 26.88 -18.04 46.79
N GLY E 113 25.71 -17.82 46.17
CA GLY E 113 24.75 -18.89 45.81
C GLY E 113 23.69 -18.41 44.82
N ASN E 114 22.41 -18.78 44.99
CA ASN E 114 21.34 -18.21 44.14
C ASN E 114 20.06 -18.23 44.98
N PRO E 115 19.91 -17.55 46.16
CA PRO E 115 18.66 -17.67 46.91
C PRO E 115 17.53 -16.88 46.26
N THR E 116 16.36 -16.93 46.90
CA THR E 116 15.19 -16.19 46.48
C THR E 116 15.01 -14.96 47.37
N VAL E 117 14.79 -13.81 46.76
CA VAL E 117 14.51 -12.57 47.48
C VAL E 117 13.14 -12.07 47.05
N VAL E 118 12.49 -11.35 47.95
CA VAL E 118 11.21 -10.70 47.66
C VAL E 118 11.47 -9.35 47.02
N MET E 119 10.79 -9.07 45.90
CA MET E 119 10.67 -7.70 45.41
C MET E 119 9.58 -6.98 46.19
N VAL E 120 9.89 -5.81 46.73
CA VAL E 120 8.89 -5.09 47.51
C VAL E 120 8.45 -3.88 46.69
N PRO E 121 7.30 -3.98 46.02
CA PRO E 121 6.88 -2.91 45.11
C PRO E 121 6.76 -1.58 45.84
N ASP E 122 7.33 -0.53 45.24
CA ASP E 122 7.30 0.81 45.83
C ASP E 122 6.27 1.66 45.10
N PRO E 123 5.04 1.77 45.60
CA PRO E 123 3.98 2.48 44.85
C PRO E 123 4.29 3.92 44.54
N THR E 124 5.21 4.55 45.28
CA THR E 124 5.48 5.95 45.00
C THR E 124 6.09 6.16 43.63
N THR E 125 6.67 5.13 43.04
CA THR E 125 7.34 5.25 41.75
C THR E 125 6.43 4.95 40.57
N PHE E 126 5.15 4.70 40.80
CA PHE E 126 4.28 4.21 39.72
C PHE E 126 4.22 5.20 38.56
N LYS E 127 4.23 4.64 37.35
CA LYS E 127 4.02 5.41 36.12
C LYS E 127 3.21 4.56 35.14
N VAL E 128 2.64 5.22 34.15
CA VAL E 128 1.97 4.57 33.02
C VAL E 128 2.86 4.72 31.80
N LEU E 129 3.12 3.62 31.10
CA LEU E 129 4.07 3.67 29.99
C LEU E 129 3.36 4.05 28.70
N PRO E 130 3.56 5.28 28.17
CA PRO E 130 2.73 5.76 27.05
C PRO E 130 2.93 4.97 25.77
N TRP E 131 4.03 4.23 25.64
CA TRP E 131 4.42 3.62 24.39
C TRP E 131 4.01 2.16 24.30
N ALA E 132 3.38 1.67 25.36
CA ALA E 132 3.02 0.25 25.47
C ALA E 132 1.53 0.09 25.68
N ASP E 133 1.03 -1.11 25.42
CA ASP E 133 -0.42 -1.37 25.54
C ASP E 133 -0.83 -1.65 26.97
N LYS E 134 -1.58 -0.74 27.57
CA LYS E 134 -2.16 -0.96 28.92
C LYS E 134 -1.10 -1.51 29.88
N THR E 135 -0.02 -0.75 30.09
CA THR E 135 1.05 -1.25 30.94
C THR E 135 1.47 -0.16 31.93
N GLY E 136 1.43 -0.50 33.22
CA GLY E 136 1.98 0.35 34.25
C GLY E 136 3.38 -0.12 34.63
N TRP E 137 3.96 0.59 35.60
CA TRP E 137 5.37 0.39 35.88
C TRP E 137 5.69 0.94 37.25
N MET E 138 6.59 0.26 37.95
CA MET E 138 6.92 0.60 39.32
C MET E 138 8.30 0.04 39.65
N LEU E 139 8.97 0.67 40.58
CA LEU E 139 10.22 0.16 41.11
C LEU E 139 9.95 -0.72 42.33
N ALA E 140 10.85 -1.68 42.58
CA ALA E 140 10.81 -2.56 43.74
C ALA E 140 12.18 -2.64 44.38
N ASP E 141 12.22 -2.70 45.71
CA ASP E 141 13.46 -2.87 46.46
C ASP E 141 13.68 -4.36 46.77
N LEU E 142 14.95 -4.77 46.82
CA LEU E 142 15.27 -6.18 47.01
C LEU E 142 15.47 -6.52 48.50
N HIS E 143 14.80 -7.58 48.95
CA HIS E 143 14.69 -7.92 50.38
C HIS E 143 14.79 -9.43 50.56
N TRP E 144 15.55 -9.87 51.56
CA TRP E 144 15.45 -11.27 51.99
C TRP E 144 14.04 -11.54 52.52
N LYS E 145 13.63 -12.83 52.51
CA LYS E 145 12.31 -13.13 53.07
C LYS E 145 12.27 -13.02 54.59
N SER E 146 13.37 -12.62 55.22
CA SER E 146 13.40 -12.30 56.63
C SER E 146 12.99 -10.85 56.92
N GLY E 147 12.98 -9.99 55.89
CA GLY E 147 12.68 -8.59 56.02
C GLY E 147 13.84 -7.66 55.78
N GLU E 148 15.06 -8.18 55.75
CA GLU E 148 16.31 -7.44 55.63
C GLU E 148 16.64 -7.14 54.17
N PRO E 149 17.19 -5.96 53.86
CA PRO E 149 17.48 -5.61 52.46
C PRO E 149 18.57 -6.48 51.86
N PHE E 150 18.51 -6.63 50.54
CA PHE E 150 19.52 -7.40 49.82
C PHE E 150 20.78 -6.56 49.68
N PRO E 151 21.90 -6.98 50.25
CA PRO E 151 23.04 -6.05 50.41
C PRO E 151 23.69 -5.61 49.10
N LEU E 152 23.39 -6.20 47.96
CA LEU E 152 23.91 -5.70 46.69
C LEU E 152 22.93 -4.81 45.93
N CYS E 153 21.81 -4.43 46.55
CA CYS E 153 20.79 -3.63 45.86
C CYS E 153 21.32 -2.22 45.60
N PRO E 154 21.49 -1.80 44.34
CA PRO E 154 21.95 -0.43 44.09
C PRO E 154 21.04 0.62 44.67
N ARG E 155 19.72 0.39 44.66
CA ARG E 155 18.79 1.39 45.20
C ARG E 155 18.95 1.56 46.70
N GLY E 156 19.19 0.46 47.42
CA GLY E 156 19.34 0.56 48.86
C GLY E 156 20.64 1.23 49.24
N ILE E 157 21.64 1.10 48.39
CA ILE E 157 22.84 1.93 48.55
C ILE E 157 22.45 3.41 48.52
N MET E 158 21.61 3.81 47.56
CA MET E 158 21.17 5.19 47.51
C MET E 158 20.34 5.59 48.73
N LYS E 159 19.40 4.74 49.15
CA LYS E 159 18.64 5.05 50.36
C LYS E 159 19.56 5.26 51.54
N LYS E 160 20.65 4.48 51.62
CA LYS E 160 21.64 4.67 52.66
C LYS E 160 22.29 6.05 52.56
N ALA E 161 22.72 6.41 51.36
CA ALA E 161 23.38 7.70 51.16
C ALA E 161 22.43 8.87 51.42
N VAL E 162 21.13 8.70 51.14
CA VAL E 162 20.19 9.80 51.34
C VAL E 162 19.91 10.05 52.82
N LYS E 163 19.80 8.95 53.58
CA LYS E 163 19.50 9.09 55.03
C LYS E 163 20.69 9.72 55.74
N SER E 164 21.90 9.24 55.51
CA SER E 164 23.11 9.83 56.08
C SER E 164 23.28 11.27 55.64
N LEU E 165 22.61 11.67 54.55
CA LEU E 165 22.45 13.09 54.25
C LEU E 165 21.40 13.73 55.13
N SER E 166 20.26 13.05 55.33
CA SER E 166 19.23 13.63 56.20
C SER E 166 19.65 13.65 57.67
N ASP E 167 20.57 12.76 58.09
CA ASP E 167 20.99 12.70 59.50
C ASP E 167 21.98 13.79 59.87
N GLU E 168 22.65 14.41 58.88
CA GLU E 168 23.37 15.64 59.14
C GLU E 168 22.54 16.86 58.81
N GLY E 169 21.26 16.66 58.43
CA GLY E 169 20.33 17.74 58.15
C GLY E 169 20.28 18.21 56.71
N TYR E 170 20.80 17.43 55.76
CA TYR E 170 21.05 17.88 54.41
C TYR E 170 20.18 17.14 53.40
N LEU E 171 20.07 17.73 52.21
CA LEU E 171 19.28 17.19 51.11
C LEU E 171 20.06 17.33 49.81
N PHE E 172 20.06 16.25 49.04
CA PHE E 172 20.74 16.20 47.75
C PHE E 172 19.83 16.78 46.67
N LYS E 173 20.23 17.91 46.08
CA LYS E 173 19.63 18.40 44.85
C LYS E 173 20.56 18.07 43.70
N CYS E 174 19.99 17.56 42.62
CA CYS E 174 20.78 17.00 41.53
C CYS E 174 20.18 17.46 40.21
N GLY E 175 21.02 17.95 39.31
CA GLY E 175 20.61 18.39 37.99
C GLY E 175 21.37 17.67 36.90
N ILE E 176 20.67 16.97 36.04
CA ILE E 176 21.24 16.01 35.09
C ILE E 176 21.51 16.65 33.72
N GLU E 177 22.67 16.34 33.12
CA GLU E 177 22.92 16.59 31.69
C GLU E 177 23.33 15.25 31.08
N LEU E 178 22.49 14.70 30.20
CA LEU E 178 22.70 13.36 29.69
C LEU E 178 22.91 13.38 28.17
N GLU E 179 24.06 12.86 27.72
CA GLU E 179 24.42 12.83 26.32
C GLU E 179 24.28 11.41 25.81
N TRP E 180 23.75 11.25 24.60
CA TRP E 180 23.51 9.92 24.07
C TRP E 180 23.42 9.99 22.55
N TYR E 181 23.55 8.81 21.94
CA TYR E 181 23.56 8.67 20.49
C TYR E 181 22.23 8.13 20.01
N LEU E 182 21.72 8.74 18.95
CA LEU E 182 20.46 8.35 18.33
C LEU E 182 20.76 7.87 16.92
N THR E 183 20.46 6.60 16.66
CA THR E 183 20.78 5.97 15.40
C THR E 183 19.58 5.16 14.89
N LYS E 184 19.55 4.98 13.56
CA LYS E 184 18.50 4.23 12.90
C LYS E 184 18.89 2.77 12.83
N ILE E 185 17.96 1.87 13.16
CA ILE E 185 18.25 0.45 13.16
C ILE E 185 18.29 -0.06 11.72
N VAL E 186 19.38 -0.74 11.37
CA VAL E 186 19.53 -1.39 10.07
C VAL E 186 19.25 -2.89 10.16
N ASP E 187 19.85 -3.58 11.15
CA ASP E 187 19.65 -5.00 11.39
C ASP E 187 19.64 -5.27 12.88
N ARG E 188 18.72 -6.10 13.33
CA ARG E 188 18.57 -6.32 14.76
C ARG E 188 19.42 -7.48 15.27
N SER E 189 20.22 -8.11 14.42
CA SER E 189 21.16 -9.13 14.84
C SER E 189 20.46 -10.30 15.55
N LEU E 190 19.39 -10.80 14.95
CA LEU E 190 18.57 -11.87 15.52
C LEU E 190 18.83 -13.25 14.92
N SER E 191 19.76 -13.37 13.98
CA SER E 191 20.10 -14.70 13.49
C SER E 191 20.66 -15.55 14.62
N PRO E 192 20.27 -16.82 14.72
CA PRO E 192 20.88 -17.73 15.72
C PRO E 192 22.39 -17.64 15.81
N GLU E 193 23.08 -17.47 14.69
CA GLU E 193 24.53 -17.37 14.68
C GLU E 193 25.04 -16.07 15.29
N SER E 194 24.17 -15.15 15.68
CA SER E 194 24.57 -13.89 16.31
C SER E 194 24.21 -13.82 17.77
N LEU E 195 23.52 -14.83 18.30
CA LEU E 195 22.91 -14.70 19.62
C LEU E 195 23.89 -14.95 20.76
N GLY E 196 25.08 -15.44 20.47
CA GLY E 196 26.00 -15.75 21.55
C GLY E 196 25.65 -16.99 22.36
N ALA E 197 26.02 -16.93 23.63
CA ALA E 197 25.89 -18.05 24.55
C ALA E 197 26.29 -17.51 25.91
N PRO E 198 26.08 -18.24 26.99
CA PRO E 198 26.63 -17.79 28.29
C PRO E 198 28.12 -17.51 28.14
N GLY E 199 28.55 -16.36 28.68
CA GLY E 199 29.94 -15.94 28.55
C GLY E 199 30.33 -15.41 27.19
N VAL E 200 29.48 -15.57 26.16
CA VAL E 200 29.78 -15.16 24.80
C VAL E 200 29.03 -13.87 24.50
N GLN E 201 29.72 -12.95 23.86
CA GLN E 201 29.05 -11.73 23.40
C GLN E 201 28.25 -12.02 22.13
N PRO E 202 27.02 -11.50 22.04
CA PRO E 202 26.26 -11.52 20.78
C PRO E 202 26.79 -10.47 19.81
N ASP E 203 26.21 -10.43 18.62
CA ASP E 203 26.56 -9.38 17.67
C ASP E 203 25.91 -8.06 18.06
N ALA E 204 26.63 -6.97 17.82
CA ALA E 204 26.01 -5.66 17.99
C ALA E 204 24.92 -5.47 16.95
N ILE E 205 23.82 -4.82 17.38
CA ILE E 205 22.83 -4.31 16.46
C ILE E 205 23.54 -3.48 15.38
N GLN E 206 23.07 -3.60 14.14
CA GLN E 206 23.55 -2.79 13.03
C GLN E 206 22.70 -1.54 12.91
N VAL E 207 23.36 -0.37 12.87
CA VAL E 207 22.69 0.93 12.91
C VAL E 207 23.20 1.82 11.78
N GLN E 208 22.50 2.92 11.58
CA GLN E 208 22.97 4.00 10.74
C GLN E 208 22.81 5.32 11.48
N PRO E 209 23.71 6.28 11.27
CA PRO E 209 23.50 7.63 11.81
C PRO E 209 22.19 8.24 11.31
N VAL E 210 21.79 9.33 11.95
CA VAL E 210 20.54 10.00 11.60
C VAL E 210 20.75 11.45 11.16
N ALA E 211 21.85 12.09 11.53
CA ALA E 211 22.19 13.40 11.03
C ALA E 211 23.70 13.43 10.82
N GLN E 212 24.18 14.42 10.08
CA GLN E 212 25.61 14.65 10.06
C GLN E 212 26.00 15.45 11.32
N GLY E 213 27.29 15.75 11.50
CA GLY E 213 27.69 16.48 12.68
C GLY E 213 28.82 17.49 12.54
N TYR E 214 29.55 17.69 13.64
CA TYR E 214 30.61 18.70 13.69
C TYR E 214 30.08 20.07 13.23
N SER E 215 28.84 20.36 13.66
CA SER E 215 28.19 21.67 13.60
C SER E 215 27.39 21.76 14.89
N VAL E 216 28.08 22.08 15.99
CA VAL E 216 27.50 21.91 17.32
C VAL E 216 26.30 22.84 17.52
N LEU E 217 25.24 22.30 18.12
CA LEU E 217 24.03 23.05 18.47
C LEU E 217 23.26 23.57 17.24
N LEU E 218 23.46 22.99 16.05
CA LEU E 218 22.79 23.48 14.85
C LEU E 218 21.29 23.26 14.94
N GLU E 219 20.50 24.33 14.77
CA GLU E 219 19.05 24.21 14.91
C GLU E 219 18.49 23.23 13.90
N HIS E 220 19.01 23.26 12.67
CA HIS E 220 18.53 22.35 11.65
C HIS E 220 18.64 20.90 12.11
N HIS E 221 19.78 20.55 12.71
CA HIS E 221 19.96 19.20 13.21
C HIS E 221 18.85 18.81 14.21
N LEU E 222 18.38 19.77 15.01
CA LEU E 222 17.24 19.47 15.88
C LEU E 222 16.01 19.12 15.04
N ASP E 223 15.71 19.95 14.05
CA ASP E 223 14.51 19.72 13.25
C ASP E 223 14.65 18.42 12.46
N GLN E 224 15.84 18.09 12.01
CA GLN E 224 16.04 16.90 11.17
C GLN E 224 15.65 15.62 11.93
N VAL E 225 15.92 15.58 13.24
CA VAL E 225 15.62 14.37 14.00
C VAL E 225 14.34 14.49 14.81
N ASP E 226 13.65 15.62 14.75
CA ASP E 226 12.44 15.67 15.55
C ASP E 226 11.36 14.70 15.06
N ASP E 227 11.61 13.98 13.97
CA ASP E 227 10.78 12.85 13.60
C ASP E 227 10.60 11.91 14.78
N ILE E 228 11.71 11.37 15.24
CA ILE E 228 11.67 10.47 16.38
C ILE E 228 11.76 11.23 17.69
N MET E 229 12.51 12.33 17.75
CA MET E 229 12.75 13.03 19.03
C MET E 229 11.47 13.69 19.56
N SER E 230 10.46 13.88 18.72
CA SER E 230 9.17 14.39 19.22
C SER E 230 8.52 13.29 20.06
N LYS E 231 8.70 12.03 19.66
CA LYS E 231 8.13 10.89 20.41
C LYS E 231 8.90 10.72 21.71
N VAL E 232 10.22 10.88 21.69
CA VAL E 232 11.02 10.82 22.95
C VAL E 232 10.61 12.03 23.79
N ARG E 233 10.47 13.21 23.18
CA ARG E 233 10.02 14.39 23.90
C ARG E 233 8.67 14.15 24.53
N LYS E 234 7.72 13.64 23.74
CA LYS E 234 6.37 13.44 24.24
C LYS E 234 6.33 12.42 25.38
N GLY E 235 7.06 11.30 25.22
CA GLY E 235 7.03 10.26 26.24
C GLY E 235 7.65 10.69 27.54
N LEU E 236 8.72 11.47 27.50
CA LEU E 236 9.42 11.87 28.74
C LEU E 236 8.56 12.88 29.49
N LEU E 237 7.76 13.66 28.78
CA LEU E 237 6.92 14.69 29.41
C LEU E 237 5.68 14.02 29.99
N GLU E 238 5.24 12.90 29.43
CA GLU E 238 4.01 12.21 29.90
C GLU E 238 4.31 11.34 31.11
N LEU E 239 5.58 11.11 31.40
CA LEU E 239 5.98 10.33 32.60
C LEU E 239 6.31 11.40 33.63
N ASN E 240 5.78 12.60 33.47
CA ASN E 240 6.05 13.76 34.37
C ASN E 240 7.54 13.84 34.68
N LEU E 241 8.37 13.67 33.66
CA LEU E 241 9.82 13.81 33.90
C LEU E 241 10.21 15.29 33.70
N PRO E 242 11.17 15.89 34.46
CA PRO E 242 11.42 17.33 34.35
C PRO E 242 12.30 17.78 33.18
N LEU E 243 11.92 17.38 31.97
CA LEU E 243 12.72 17.71 30.77
C LEU E 243 13.07 19.18 30.79
N ARG E 244 14.32 19.48 30.55
CA ARG E 244 14.77 20.87 30.54
C ARG E 244 15.10 21.34 29.14
N SER E 245 15.89 20.58 28.40
CA SER E 245 16.34 21.01 27.09
C SER E 245 16.69 19.79 26.26
N ILE E 246 16.56 19.92 24.95
CA ILE E 246 17.12 18.96 24.02
C ILE E 246 18.09 19.73 23.14
N GLU E 247 19.23 19.10 22.81
CA GLU E 247 20.32 19.80 22.16
C GLU E 247 21.07 18.89 21.19
N ASP E 248 21.61 19.49 20.15
CA ASP E 248 22.45 18.76 19.22
C ASP E 248 23.89 18.84 19.71
N GLU E 249 24.48 17.69 20.05
CA GLU E 249 25.88 17.66 20.45
C GLU E 249 26.80 17.63 19.24
N TRP E 250 28.09 17.72 19.56
CA TRP E 250 29.13 17.87 18.54
C TRP E 250 29.11 16.72 17.54
N ALA E 251 29.32 15.48 18.02
CA ALA E 251 29.52 14.35 17.12
C ALA E 251 28.28 14.06 16.28
N PRO E 252 28.44 13.43 15.11
CA PRO E 252 27.26 13.04 14.34
C PRO E 252 26.23 12.26 15.15
N SER E 253 24.96 12.69 15.04
CA SER E 253 23.77 12.10 15.69
C SER E 253 23.94 11.89 17.20
N GLN E 254 24.81 12.69 17.83
CA GLN E 254 24.95 12.73 19.27
C GLN E 254 23.97 13.76 19.82
N MET E 255 23.15 13.34 20.78
CA MET E 255 22.12 14.16 21.40
C MET E 255 22.51 14.47 22.84
N GLU E 256 21.99 15.57 23.36
CA GLU E 256 22.05 15.88 24.79
C GLU E 256 20.64 16.18 25.28
N THR E 257 20.23 15.53 26.35
CA THR E 257 18.96 15.88 27.01
C THR E 257 19.25 16.23 28.47
N THR E 258 18.98 17.47 28.86
CA THR E 258 19.17 17.89 30.23
C THR E 258 17.82 17.95 30.95
N PHE E 259 17.89 17.95 32.29
CA PHE E 259 16.70 17.93 33.14
C PHE E 259 16.84 18.93 34.27
N ASP E 260 15.69 19.38 34.78
CA ASP E 260 15.65 20.30 35.91
C ASP E 260 16.10 19.59 37.18
N VAL E 261 16.33 20.37 38.23
CA VAL E 261 16.87 19.82 39.46
C VAL E 261 15.87 18.90 40.12
N MET E 262 16.38 17.82 40.70
CA MET E 262 15.55 16.81 41.34
C MET E 262 16.25 16.37 42.63
N GLU E 263 15.46 15.88 43.58
CA GLU E 263 15.93 15.67 44.95
C GLU E 263 16.14 14.21 45.27
N GLY E 264 17.33 13.92 45.81
CA GLY E 264 17.61 12.64 46.44
C GLY E 264 17.19 11.46 45.62
N LEU E 265 16.51 10.52 46.30
CA LEU E 265 16.18 9.23 45.69
C LEU E 265 15.32 9.36 44.44
N GLU E 266 14.49 10.41 44.34
CA GLU E 266 13.67 10.60 43.13
C GLU E 266 14.55 10.79 41.90
N ALA E 267 15.54 11.69 41.99
CA ALA E 267 16.47 11.93 40.89
C ALA E 267 17.03 10.63 40.34
N ALA E 268 17.49 9.74 41.22
CA ALA E 268 18.02 8.47 40.76
C ALA E 268 16.96 7.65 40.02
N ASP E 269 15.80 7.45 40.65
CA ASP E 269 14.71 6.73 39.99
C ASP E 269 14.36 7.35 38.64
N ALA E 270 14.35 8.69 38.58
CA ALA E 270 14.01 9.36 37.34
C ALA E 270 15.09 9.14 36.27
N ALA E 271 16.36 9.27 36.65
CA ALA E 271 17.44 9.01 35.69
C ALA E 271 17.45 7.57 35.25
N LEU E 272 16.94 6.68 36.10
CA LEU E 272 16.74 5.29 35.68
C LEU E 272 15.66 5.22 34.60
N LEU E 273 14.57 5.95 34.82
CA LEU E 273 13.41 5.89 33.94
C LEU E 273 13.66 6.62 32.64
N ILE E 274 14.25 7.83 32.73
CA ILE E 274 14.59 8.60 31.55
C ILE E 274 15.34 7.76 30.54
N LYS E 275 16.36 7.02 31.01
CA LYS E 275 17.11 6.18 30.09
C LYS E 275 16.27 5.01 29.60
N SER E 276 15.49 4.40 30.50
CA SER E 276 14.64 3.29 30.08
C SER E 276 13.68 3.74 29.00
N ALA E 277 13.01 4.88 29.23
CA ALA E 277 11.96 5.35 28.33
C ALA E 277 12.52 5.82 27.00
N ILE E 278 13.70 6.41 27.00
CA ILE E 278 14.33 6.80 25.75
C ILE E 278 14.61 5.56 24.91
N LYS E 279 15.17 4.52 25.50
CA LYS E 279 15.54 3.33 24.73
C LYS E 279 14.31 2.61 24.18
N GLN E 280 13.30 2.41 25.02
CA GLN E 280 12.15 1.65 24.56
C GLN E 280 11.36 2.42 23.53
N ILE E 281 11.35 3.74 23.63
CA ILE E 281 10.57 4.54 22.70
C ILE E 281 11.25 4.51 21.34
N CYS E 282 12.55 4.81 21.33
CA CYS E 282 13.34 4.70 20.11
C CYS E 282 13.17 3.34 19.45
N SER E 283 13.35 2.27 20.23
CA SER E 283 13.25 0.92 19.67
C SER E 283 11.84 0.60 19.12
N ARG E 284 10.78 1.11 19.76
CA ARG E 284 9.42 0.94 19.23
C ARG E 284 9.19 1.65 17.90
N HIS E 285 10.17 2.42 17.40
CA HIS E 285 10.04 3.03 16.07
C HIS E 285 11.22 2.71 15.16
N GLY E 286 12.02 1.71 15.50
CA GLY E 286 13.13 1.35 14.65
C GLY E 286 14.36 2.21 14.81
N TYR E 287 14.48 2.92 15.91
CA TYR E 287 15.71 3.60 16.27
C TYR E 287 16.35 2.93 17.48
N HIS E 288 17.66 3.12 17.60
CA HIS E 288 18.43 2.55 18.71
C HIS E 288 19.11 3.71 19.43
N ALA E 289 18.68 3.96 20.66
CA ALA E 289 19.32 4.93 21.53
C ALA E 289 20.38 4.20 22.34
N THR E 290 21.57 4.78 22.44
CA THR E 290 22.65 4.08 23.14
C THR E 290 23.40 5.04 24.05
N PHE E 291 23.53 4.64 25.31
CA PHE E 291 24.26 5.38 26.32
C PHE E 291 25.65 4.80 26.52
N MET E 292 26.05 3.88 25.66
CA MET E 292 27.45 3.53 25.52
C MET E 292 28.24 4.83 25.33
N CYS E 293 29.29 5.00 26.14
CA CYS E 293 30.11 6.21 26.11
C CYS E 293 30.61 6.55 24.70
N LYS E 294 31.37 5.65 24.07
CA LYS E 294 31.93 5.91 22.75
C LYS E 294 31.79 4.68 21.87
N PRO E 295 30.69 4.58 21.11
CA PRO E 295 30.51 3.44 20.20
C PRO E 295 31.66 3.32 19.20
N ALA E 296 31.93 2.09 18.78
CA ALA E 296 32.81 1.85 17.65
C ALA E 296 32.04 2.11 16.36
N ILE E 297 31.77 3.39 16.10
CA ILE E 297 31.12 3.84 14.88
C ILE E 297 31.90 5.03 14.36
N ASN E 298 32.33 4.96 13.11
CA ASN E 298 33.26 5.96 12.61
C ASN E 298 32.68 7.35 12.83
N GLY E 299 33.34 8.15 13.69
CA GLY E 299 33.00 9.55 13.90
C GLY E 299 32.35 9.85 15.24
N PHE E 300 31.94 8.84 16.00
CA PHE E 300 31.29 9.05 17.29
C PHE E 300 32.32 9.41 18.35
N PHE E 301 31.99 10.41 19.16
CA PHE E 301 32.83 10.89 20.24
C PHE E 301 32.20 10.55 21.58
N ALA E 302 33.02 10.47 22.61
CA ALA E 302 32.54 10.05 23.93
C ALA E 302 31.36 10.90 24.43
N SER E 303 30.27 10.22 24.79
CA SER E 303 29.15 10.88 25.44
C SER E 303 29.43 11.03 26.95
N GLY E 304 28.79 12.01 27.56
CA GLY E 304 29.08 12.35 28.93
C GLY E 304 27.80 12.57 29.72
N TRP E 305 27.89 12.26 31.02
CA TRP E 305 26.77 12.53 31.96
C TRP E 305 27.36 13.48 32.98
N HIS E 306 26.98 14.75 32.89
CA HIS E 306 27.48 15.75 33.84
C HIS E 306 26.46 15.88 34.96
N MET E 307 26.93 15.91 36.21
CA MET E 307 26.00 15.93 37.36
C MET E 307 26.19 17.19 38.19
N HIS E 308 25.23 18.10 38.14
CA HIS E 308 25.26 19.26 39.01
C HIS E 308 24.78 18.88 40.41
N GLN E 309 25.49 19.33 41.45
CA GLN E 309 25.25 18.87 42.81
C GLN E 309 25.24 20.03 43.81
N SER E 310 24.16 20.14 44.57
CA SER E 310 24.02 21.10 45.66
C SER E 310 23.32 20.45 46.84
N LEU E 311 23.77 20.80 48.05
CA LEU E 311 23.15 20.36 49.29
C LEU E 311 22.30 21.49 49.85
N VAL E 312 21.06 21.19 50.19
CA VAL E 312 20.18 22.20 50.86
C VAL E 312 19.85 21.72 52.28
N ASP E 313 19.32 22.60 53.14
CA ASP E 313 18.99 22.25 54.54
C ASP E 313 17.61 21.60 54.60
N LYS E 314 17.50 20.46 55.26
CA LYS E 314 16.23 19.71 55.25
C LYS E 314 15.11 20.59 55.81
N ASP E 315 15.48 21.56 56.66
CA ASP E 315 14.48 22.42 57.28
C ASP E 315 14.30 23.75 56.55
N THR E 316 15.28 24.65 56.50
CA THR E 316 15.22 25.96 55.79
C THR E 316 14.89 25.80 54.30
N ARG E 317 15.37 24.74 53.64
CA ARG E 317 15.19 24.55 52.18
C ARG E 317 15.99 25.62 51.43
N LYS E 318 17.22 25.88 51.86
CA LYS E 318 18.07 26.90 51.26
C LYS E 318 19.38 26.25 50.83
N ASN E 319 19.89 26.69 49.68
CA ASN E 319 21.13 26.11 49.15
C ASN E 319 22.30 26.50 50.05
N LEU E 320 22.97 25.49 50.64
CA LEU E 320 24.03 25.69 51.63
C LEU E 320 25.42 25.88 51.01
N PHE E 321 25.52 25.89 49.69
CA PHE E 321 26.80 26.13 49.04
C PHE E 321 27.04 27.60 48.73
N ILE E 322 26.04 28.45 48.96
CA ILE E 322 26.05 29.82 48.40
C ILE E 322 27.24 30.59 48.96
N PRO E 323 28.06 31.22 48.11
CA PRO E 323 29.28 31.88 48.57
C PRO E 323 29.05 33.32 49.00
N SER E 324 30.00 33.83 49.77
CA SER E 324 30.00 35.22 50.18
C SER E 324 31.01 36.00 49.34
N GLU E 325 31.41 37.17 49.83
CA GLU E 325 32.41 37.96 49.14
C GLU E 325 33.79 37.33 49.31
N GLY E 326 34.44 37.01 48.19
CA GLY E 326 35.78 36.45 48.22
C GLY E 326 35.84 34.95 48.39
N GLU E 327 34.71 34.29 48.51
CA GLU E 327 34.63 32.84 48.61
C GLU E 327 34.28 32.26 47.25
N VAL E 328 34.97 31.17 46.87
CA VAL E 328 34.58 30.45 45.66
C VAL E 328 33.21 29.81 45.86
N LEU E 329 33.12 28.92 46.83
CA LEU E 329 31.87 28.38 47.34
C LEU E 329 31.78 28.72 48.83
N SER E 330 30.61 28.43 49.40
CA SER E 330 30.53 28.39 50.84
C SER E 330 31.52 27.34 51.37
N PRO E 331 32.03 27.51 52.59
CA PRO E 331 32.96 26.52 53.14
C PRO E 331 32.36 25.14 53.22
N LEU E 332 31.04 25.00 53.13
CA LEU E 332 30.46 23.67 53.08
C LEU E 332 30.50 23.11 51.66
N GLY E 333 30.10 23.93 50.66
CA GLY E 333 30.32 23.53 49.28
C GLY E 333 31.78 23.32 48.97
N ARG E 334 32.65 24.09 49.65
CA ARG E 334 34.08 23.93 49.47
C ARG E 334 34.58 22.62 50.07
N ALA E 335 34.01 22.20 51.21
CA ALA E 335 34.37 20.90 51.79
C ALA E 335 33.80 19.76 50.95
N TYR E 336 32.56 19.90 50.50
CA TYR E 336 31.93 18.87 49.67
C TYR E 336 32.68 18.71 48.35
N ALA E 337 33.11 19.84 47.78
CA ALA E 337 33.96 19.79 46.59
C ALA E 337 35.27 19.07 46.88
N GLY E 338 35.83 19.27 48.06
CA GLY E 338 37.07 18.59 48.40
C GLY E 338 36.89 17.08 48.38
N GLY E 339 35.80 16.59 48.98
CA GLY E 339 35.58 15.16 49.03
C GLY E 339 35.38 14.54 47.67
N LEU E 340 34.84 15.31 46.73
CA LEU E 340 34.70 14.82 45.37
C LEU E 340 36.07 14.62 44.74
N LEU E 341 37.02 15.49 45.07
CA LEU E 341 38.35 15.40 44.46
C LEU E 341 39.23 14.37 45.16
N ALA E 342 39.12 14.27 46.49
CA ALA E 342 40.00 13.46 47.33
C ALA E 342 39.60 12.00 47.40
N ASN E 343 38.38 11.66 46.93
CA ASN E 343 37.91 10.29 46.77
C ASN E 343 37.60 9.97 45.32
N GLY E 344 37.97 10.85 44.39
CA GLY E 344 37.53 10.70 43.02
C GLY E 344 38.15 9.52 42.32
N SER E 345 39.39 9.18 42.68
CA SER E 345 40.02 8.02 42.05
C SER E 345 39.32 6.73 42.46
N ALA E 346 39.03 6.56 43.76
CA ALA E 346 38.28 5.38 44.19
C ALA E 346 36.91 5.34 43.55
N ALA E 347 36.22 6.49 43.50
CA ALA E 347 34.84 6.61 43.05
C ALA E 347 34.67 6.37 41.56
N SER E 348 35.78 6.21 40.82
CA SER E 348 35.81 6.25 39.37
C SER E 348 35.04 5.11 38.72
N SER E 349 35.01 3.92 39.37
CA SER E 349 34.29 2.77 38.85
C SER E 349 32.78 2.84 39.09
N PHE E 350 32.30 3.72 39.99
CA PHE E 350 30.86 3.99 40.12
C PHE E 350 30.39 5.17 39.27
N THR E 351 31.28 6.09 38.90
CA THR E 351 30.90 7.14 37.96
C THR E 351 31.24 6.79 36.52
N THR E 352 32.19 5.88 36.30
CA THR E 352 32.62 5.48 34.96
C THR E 352 32.83 3.98 34.99
N PRO E 353 31.75 3.20 34.98
CA PRO E 353 31.89 1.76 35.23
C PRO E 353 32.29 0.91 34.04
N THR E 354 32.20 1.42 32.80
CA THR E 354 32.46 0.57 31.65
C THR E 354 33.91 0.71 31.21
N VAL E 355 34.48 -0.38 30.68
CA VAL E 355 35.80 -0.26 30.07
C VAL E 355 35.78 0.88 29.07
N ASN E 356 34.69 0.98 28.32
CA ASN E 356 34.59 1.93 27.24
C ASN E 356 34.55 3.36 27.75
N GLY E 357 34.10 3.57 28.99
CA GLY E 357 33.94 4.93 29.51
C GLY E 357 35.24 5.68 29.73
N TYR E 358 36.38 5.00 29.61
CA TYR E 358 37.69 5.61 29.73
C TYR E 358 38.29 5.98 28.40
N ARG E 359 37.61 5.70 27.29
CA ARG E 359 38.02 6.14 25.96
C ARG E 359 37.62 7.60 25.78
N ARG E 360 38.41 8.51 26.33
CA ARG E 360 38.00 9.91 26.32
C ARG E 360 38.98 10.81 25.54
N ARG E 361 39.58 10.31 24.47
CA ARG E 361 40.38 11.17 23.61
C ARG E 361 39.59 11.85 22.51
N LEU E 366 40.83 18.41 26.32
CA LEU E 366 39.57 17.94 25.73
C LEU E 366 38.77 17.15 26.76
N ALA E 367 39.45 16.25 27.53
CA ALA E 367 38.83 15.33 28.49
C ALA E 367 39.06 15.77 29.93
N PRO E 368 38.10 15.48 30.84
CA PRO E 368 38.23 15.89 32.27
C PRO E 368 38.96 14.86 33.13
N ASP E 369 40.27 14.71 32.91
CA ASP E 369 41.08 13.63 33.47
C ASP E 369 41.82 14.01 34.76
N ARG E 370 41.61 15.22 35.28
CA ARG E 370 42.43 15.68 36.43
C ARG E 370 41.50 15.78 37.64
N ARG E 371 41.98 15.32 38.80
CA ARG E 371 41.24 15.41 40.09
C ARG E 371 41.34 16.84 40.55
N ALA E 372 40.73 17.75 39.80
CA ALA E 372 40.91 19.16 40.13
C ALA E 372 39.65 19.99 40.13
N TRP E 373 39.71 21.11 40.82
CA TRP E 373 38.65 22.10 40.89
C TRP E 373 38.94 23.19 39.87
N ALA E 374 37.89 23.72 39.24
CA ALA E 374 38.08 24.81 38.28
C ALA E 374 36.74 25.46 37.96
N LYS E 375 36.82 26.59 37.27
CA LYS E 375 35.66 27.38 36.86
C LYS E 375 35.52 27.44 35.35
N ASP E 376 36.64 27.60 34.63
CA ASP E 376 36.65 27.66 33.18
C ASP E 376 37.71 26.75 32.57
N ASN E 377 38.18 25.72 33.28
CA ASN E 377 39.07 24.72 32.70
C ASN E 377 38.29 23.44 32.49
N LYS E 378 38.30 22.96 31.25
CA LYS E 378 37.56 21.78 30.83
C LYS E 378 38.27 20.48 31.15
N ALA E 379 39.51 20.53 31.64
CA ALA E 379 40.19 19.33 32.10
C ALA E 379 39.84 18.96 33.53
N ALA E 380 39.30 19.90 34.29
CA ALA E 380 39.03 19.64 35.69
C ALA E 380 37.85 18.67 35.84
N MET E 381 38.02 17.69 36.73
CA MET E 381 36.91 16.81 37.12
C MET E 381 35.66 17.62 37.48
N VAL E 382 35.81 18.58 38.40
CA VAL E 382 34.69 19.35 38.95
C VAL E 382 34.78 20.79 38.49
N ARG E 383 33.68 21.29 37.94
CA ARG E 383 33.54 22.71 37.60
C ARG E 383 32.58 23.36 38.58
N VAL E 384 32.95 24.56 39.03
CA VAL E 384 32.18 25.33 40.00
C VAL E 384 31.41 26.41 39.26
N VAL E 385 30.11 26.51 39.56
CA VAL E 385 29.25 27.55 38.98
C VAL E 385 28.69 28.45 40.09
N SER E 386 29.56 29.36 40.53
CA SER E 386 29.23 30.14 41.73
C SER E 386 29.37 31.65 41.59
N ALA E 387 28.39 32.39 42.10
CA ALA E 387 28.44 33.84 42.20
C ALA E 387 28.01 34.22 43.60
N THR E 388 28.64 35.25 44.17
CA THR E 388 28.31 35.70 45.53
C THR E 388 26.81 35.94 45.67
N GLY E 389 26.20 35.24 46.62
CA GLY E 389 24.77 35.28 46.81
C GLY E 389 24.00 34.87 45.56
N ASP E 390 24.37 33.74 44.97
CA ASP E 390 23.62 33.18 43.85
C ASP E 390 23.02 31.86 44.27
N PRO E 391 21.70 31.79 44.49
CA PRO E 391 21.05 30.52 44.83
C PRO E 391 21.43 29.37 43.92
N ALA E 392 21.75 29.65 42.67
CA ALA E 392 22.10 28.63 41.69
C ALA E 392 23.51 28.10 41.89
N SER E 393 24.25 28.60 42.88
CA SER E 393 25.61 28.16 43.07
C SER E 393 25.65 26.66 43.33
N ARG E 394 26.44 25.94 42.54
CA ARG E 394 26.50 24.49 42.66
C ARG E 394 27.85 24.03 42.13
N ILE E 395 28.02 22.73 41.98
CA ILE E 395 29.20 22.16 41.34
C ILE E 395 28.72 21.18 40.27
N GLU E 396 29.62 20.89 39.31
CA GLU E 396 29.31 19.97 38.21
C GLU E 396 30.43 18.94 38.14
N ASN E 397 30.10 17.68 38.42
CA ASN E 397 31.03 16.60 38.19
C ASN E 397 30.92 16.10 36.77
N ARG E 398 32.04 16.12 36.03
CA ARG E 398 32.00 15.83 34.58
C ARG E 398 32.83 14.62 34.18
N ILE E 399 33.04 13.67 35.07
CA ILE E 399 33.78 12.44 34.68
C ILE E 399 32.78 11.31 34.49
N GLY E 400 31.51 11.60 34.78
CA GLY E 400 30.47 10.59 34.65
C GLY E 400 30.17 10.22 33.22
N GLU E 401 29.86 8.95 32.98
CA GLU E 401 29.45 8.50 31.65
C GLU E 401 27.94 8.24 31.63
N PRO E 402 27.30 8.32 30.45
CA PRO E 402 25.83 8.20 30.39
C PRO E 402 25.30 6.83 30.78
N GLY E 403 26.02 5.76 30.48
CA GLY E 403 25.52 4.44 30.79
C GLY E 403 25.78 3.96 32.20
N ALA E 404 26.26 4.82 33.11
CA ALA E 404 26.52 4.43 34.48
C ALA E 404 25.21 4.09 35.21
N ASN E 405 25.35 3.40 36.34
CA ASN E 405 24.18 3.04 37.14
C ASN E 405 23.75 4.27 37.93
N PRO E 406 22.52 4.77 37.74
CA PRO E 406 22.12 5.99 38.46
C PRO E 406 22.38 5.90 39.95
N TYR E 407 22.09 4.79 40.59
CA TYR E 407 22.32 4.74 42.03
C TYR E 407 23.82 4.84 42.35
N LEU E 408 24.65 4.00 41.74
CA LEU E 408 26.07 4.00 42.10
C LEU E 408 26.76 5.33 41.77
N TYR E 409 26.29 6.07 40.77
CA TYR E 409 26.88 7.41 40.49
C TYR E 409 26.38 8.43 41.53
N MET E 410 25.08 8.56 41.72
CA MET E 410 24.59 9.63 42.62
C MET E 410 25.05 9.43 44.07
N ALA E 411 25.22 8.19 44.53
CA ALA E 411 25.63 7.95 45.93
C ALA E 411 27.12 8.17 46.02
N SER E 412 27.85 7.81 44.99
CA SER E 412 29.27 8.14 45.01
C SER E 412 29.52 9.65 45.15
N GLN E 413 28.53 10.47 44.79
CA GLN E 413 28.62 11.91 45.00
C GLN E 413 28.07 12.32 46.36
N ILE E 414 27.04 11.64 46.87
CA ILE E 414 26.62 11.90 48.24
C ILE E 414 27.69 11.44 49.23
N VAL E 415 28.35 10.32 48.93
CA VAL E 415 29.28 9.75 49.89
C VAL E 415 30.59 10.54 49.89
N SER E 416 31.23 10.69 48.73
CA SER E 416 32.48 11.46 48.68
C SER E 416 32.25 12.88 49.17
N GLY E 417 31.09 13.45 48.90
CA GLY E 417 30.82 14.82 49.29
C GLY E 417 30.62 15.01 50.77
N LEU E 418 30.16 13.96 51.48
CA LEU E 418 30.04 14.04 52.93
C LEU E 418 31.38 13.79 53.62
N ASP E 419 32.21 12.91 53.06
CA ASP E 419 33.56 12.71 53.58
C ASP E 419 34.37 14.00 53.48
N GLY E 420 34.24 14.73 52.37
CA GLY E 420 34.86 16.04 52.30
C GLY E 420 34.34 17.00 53.34
N ILE E 421 33.09 16.81 53.77
CA ILE E 421 32.51 17.69 54.77
C ILE E 421 33.01 17.32 56.16
N LYS E 422 32.89 16.04 56.52
CA LYS E 422 33.15 15.66 57.91
C LYS E 422 34.64 15.81 58.27
N ASN E 423 35.54 15.68 57.30
CA ASN E 423 36.97 15.85 57.49
C ASN E 423 37.50 17.21 57.02
N LYS E 424 36.62 18.11 56.61
CA LYS E 424 36.99 19.43 56.10
C LYS E 424 38.17 19.33 55.12
N LYS E 425 37.94 18.62 54.02
CA LYS E 425 38.97 18.40 53.03
C LYS E 425 39.10 19.63 52.14
N ASP E 426 40.32 19.91 51.67
CA ASP E 426 40.59 21.16 50.96
C ASP E 426 40.67 20.95 49.44
N PRO E 427 39.75 21.52 48.65
CA PRO E 427 39.79 21.34 47.18
C PRO E 427 40.83 22.20 46.49
N GLY E 428 41.84 22.66 47.22
CA GLY E 428 42.88 23.54 46.72
C GLY E 428 42.33 24.82 46.11
N GLU E 429 43.18 25.45 45.31
CA GLU E 429 42.76 26.60 44.51
C GLU E 429 42.24 26.11 43.17
N LEU E 430 41.55 27.00 42.45
CA LEU E 430 41.01 26.68 41.13
C LEU E 430 42.15 26.54 40.12
N GLN E 431 42.46 25.31 39.72
CA GLN E 431 43.43 25.11 38.65
C GLN E 431 42.79 25.60 37.34
N GLU E 432 43.53 26.38 36.57
CA GLU E 432 43.02 26.88 35.31
C GLU E 432 43.95 26.66 34.12
N SER E 433 45.17 26.18 34.35
CA SER E 433 46.17 26.04 33.29
C SER E 433 46.45 24.56 33.04
N PRO E 434 45.80 23.94 32.06
CA PRO E 434 46.08 22.52 31.81
C PRO E 434 47.30 22.33 30.91
N ALA E 437 52.26 21.69 35.08
CA ALA E 437 51.03 21.11 35.60
C ALA E 437 51.40 20.01 36.59
N GLN E 438 51.15 20.30 37.86
CA GLN E 438 51.30 19.32 38.92
C GLN E 438 49.98 18.72 39.32
N VAL E 439 49.04 18.62 38.40
CA VAL E 439 47.67 18.26 38.74
C VAL E 439 47.57 16.74 38.88
N PRO E 440 46.88 16.22 39.90
CA PRO E 440 46.80 14.76 40.05
C PRO E 440 45.75 14.16 39.11
N MET E 441 46.06 12.97 38.56
CA MET E 441 45.32 12.40 37.44
C MET E 441 44.39 11.29 37.86
N LEU E 442 43.16 11.34 37.35
CA LEU E 442 42.18 10.29 37.59
C LEU E 442 42.63 9.00 36.91
N PRO E 443 42.10 7.84 37.33
CA PRO E 443 42.52 6.57 36.73
C PRO E 443 42.31 6.54 35.22
N THR E 444 43.26 5.93 34.52
CA THR E 444 43.29 5.99 33.07
C THR E 444 42.48 4.88 32.40
N THR E 445 42.25 3.75 33.09
CA THR E 445 41.52 2.62 32.54
C THR E 445 40.57 2.08 33.61
N LEU E 446 39.79 1.05 33.25
CA LEU E 446 38.87 0.48 34.22
C LEU E 446 39.61 -0.26 35.33
N ALA E 447 40.62 -1.07 34.98
CA ALA E 447 41.38 -1.77 36.00
C ALA E 447 41.98 -0.80 37.04
N GLU E 448 42.43 0.36 36.59
CA GLU E 448 42.98 1.34 37.53
C GLU E 448 41.92 1.92 38.45
N ALA E 449 40.68 2.12 37.96
CA ALA E 449 39.61 2.65 38.81
C ALA E 449 39.18 1.64 39.86
N LEU E 450 39.39 0.35 39.58
CA LEU E 450 39.20 -0.68 40.61
C LEU E 450 40.41 -0.77 41.54
N ASP E 451 41.63 -0.70 40.97
CA ASP E 451 42.85 -0.65 41.78
C ASP E 451 42.76 0.44 42.82
N ALA E 452 42.36 1.65 42.40
CA ALA E 452 42.19 2.76 43.33
C ALA E 452 41.14 2.46 44.38
N LEU E 453 40.08 1.74 44.02
CA LEU E 453 39.10 1.34 45.03
C LEU E 453 39.70 0.36 46.01
N GLU E 454 40.51 -0.57 45.50
CA GLU E 454 41.11 -1.60 46.36
C GLU E 454 42.08 -1.00 47.37
N HIS E 455 42.85 0.01 46.95
CA HIS E 455 43.90 0.58 47.84
C HIS E 455 43.34 1.72 48.67
N ASP E 456 42.06 2.05 48.52
CA ASP E 456 41.38 3.06 49.37
C ASP E 456 40.02 2.43 49.62
N SER E 457 40.01 1.28 50.29
CA SER E 457 38.76 0.50 50.46
C SER E 457 37.71 1.07 51.40
N GLU E 458 38.12 1.70 52.48
CA GLU E 458 37.13 2.18 53.46
C GLU E 458 36.36 3.40 52.97
N LEU E 459 35.39 3.90 53.75
CA LEU E 459 34.45 4.97 53.30
C LEU E 459 33.48 4.35 52.30
N PHE E 460 34.00 3.73 51.24
CA PHE E 460 33.12 3.02 50.29
C PHE E 460 32.78 1.65 50.86
N ARG E 461 33.64 1.12 51.72
CA ARG E 461 33.33 -0.15 52.41
C ARG E 461 32.44 0.16 53.61
N SER E 462 32.24 1.44 53.91
CA SER E 462 31.49 1.82 55.13
C SER E 462 30.12 2.39 54.75
N CYS E 463 30.06 3.23 53.73
CA CYS E 463 28.79 3.90 53.40
C CYS E 463 28.08 3.18 52.25
N PHE E 464 28.75 2.27 51.55
CA PHE E 464 28.08 1.49 50.48
C PHE E 464 27.82 0.07 51.00
N GLY E 465 28.66 -0.39 51.92
CA GLY E 465 28.50 -1.74 52.43
C GLY E 465 29.75 -2.55 52.15
N ASP E 466 30.19 -3.34 53.11
CA ASP E 466 31.45 -4.04 52.94
C ASP E 466 31.30 -5.20 51.97
N THR E 467 30.24 -6.00 52.14
CA THR E 467 29.96 -7.09 51.22
C THR E 467 29.86 -6.57 49.79
N PHE E 468 29.10 -5.47 49.59
CA PHE E 468 28.84 -5.01 48.23
C PHE E 468 30.12 -4.76 47.45
N ILE E 469 31.09 -4.07 48.05
CA ILE E 469 32.25 -3.74 47.24
C ILE E 469 33.22 -4.94 47.14
N LYS E 470 33.22 -5.85 48.12
CA LYS E 470 33.84 -7.16 47.91
C LYS E 470 33.27 -7.84 46.67
N TYR E 471 31.96 -7.69 46.45
CA TYR E 471 31.28 -8.25 45.28
C TYR E 471 31.54 -7.41 44.04
N TRP E 472 31.48 -6.09 44.20
CA TRP E 472 31.80 -5.18 43.11
C TRP E 472 33.21 -5.39 42.59
N LEU E 473 34.19 -5.55 43.50
CA LEU E 473 35.57 -5.71 43.07
C LEU E 473 35.76 -6.95 42.20
N GLN E 474 35.11 -8.05 42.57
CA GLN E 474 35.31 -9.31 41.85
C GLN E 474 34.51 -9.38 40.55
N LEU E 475 33.29 -8.81 40.53
CA LEU E 475 32.52 -8.78 39.30
C LEU E 475 33.27 -8.03 38.21
N ARG E 476 33.78 -6.83 38.52
CA ARG E 476 34.34 -5.98 37.46
C ARG E 476 35.76 -6.39 37.05
N ARG E 477 36.54 -6.96 37.97
CA ARG E 477 37.82 -7.49 37.56
C ARG E 477 37.67 -8.61 36.53
N SER E 478 36.60 -9.42 36.62
CA SER E 478 36.42 -10.49 35.64
C SER E 478 36.15 -9.90 34.27
N GLU E 479 35.40 -8.81 34.21
CA GLU E 479 35.13 -8.20 32.91
C GLU E 479 36.42 -7.69 32.29
N TRP E 480 37.26 -7.00 33.09
CA TRP E 480 38.52 -6.50 32.55
C TRP E 480 39.37 -7.63 31.99
N ALA E 481 39.46 -8.75 32.72
CA ALA E 481 40.23 -9.87 32.21
C ALA E 481 39.62 -10.42 30.94
N ARG E 482 38.28 -10.40 30.84
CA ARG E 482 37.62 -10.87 29.63
C ARG E 482 38.00 -10.02 28.43
N PHE E 483 38.23 -8.73 28.63
CA PHE E 483 38.55 -7.81 27.56
C PHE E 483 40.03 -7.87 27.22
N LEU E 484 40.88 -7.90 28.26
CA LEU E 484 42.31 -8.09 28.06
C LEU E 484 42.58 -9.42 27.35
N ASP E 485 41.85 -10.48 27.73
CA ASP E 485 41.94 -11.73 26.99
C ASP E 485 41.34 -11.59 25.59
N ALA E 486 40.36 -10.71 25.42
CA ALA E 486 39.78 -10.55 24.10
C ALA E 486 40.65 -9.67 23.20
N GLU E 487 41.17 -8.56 23.72
CA GLU E 487 41.74 -7.55 22.86
C GLU E 487 43.20 -7.24 23.13
N GLY E 488 43.78 -7.73 24.22
CA GLY E 488 45.20 -7.54 24.49
C GLY E 488 45.50 -6.23 25.18
N ALA E 489 46.64 -6.22 25.89
CA ALA E 489 47.00 -5.09 26.74
C ALA E 489 47.23 -3.81 25.95
N GLU E 490 47.68 -3.92 24.69
CA GLU E 490 47.87 -2.74 23.84
C GLU E 490 46.54 -2.10 23.44
N ALA E 491 45.53 -2.92 23.09
CA ALA E 491 44.22 -2.35 22.80
C ALA E 491 43.52 -1.82 24.04
N ALA E 492 44.05 -2.11 25.23
CA ALA E 492 43.45 -1.65 26.48
C ALA E 492 43.85 -0.22 26.82
N GLU E 493 45.00 0.23 26.32
CA GLU E 493 45.46 1.61 26.47
C GLU E 493 44.31 2.56 26.16
N PRO E 494 43.91 3.41 27.11
CA PRO E 494 42.74 4.28 26.89
C PRO E 494 42.81 5.10 25.62
N THR E 495 44.03 5.36 25.14
CA THR E 495 44.26 6.31 24.07
C THR E 495 43.89 5.79 22.69
N GLY E 496 43.37 4.56 22.58
CA GLY E 496 43.28 3.87 21.32
C GLY E 496 41.87 3.72 20.78
N ALA E 497 41.81 3.14 19.58
CA ALA E 497 40.53 2.93 18.89
C ALA E 497 39.57 2.08 19.73
N VAL E 498 38.27 2.39 19.66
CA VAL E 498 37.27 1.59 20.36
C VAL E 498 37.31 0.18 19.81
N THR E 499 37.38 -0.80 20.70
CA THR E 499 37.52 -2.18 20.29
C THR E 499 36.15 -2.81 20.06
N GLN E 500 36.15 -3.89 19.30
CA GLN E 500 34.92 -4.63 19.05
C GLN E 500 34.41 -5.28 20.33
N TRP E 501 35.30 -5.69 21.24
CA TRP E 501 34.84 -6.19 22.53
C TRP E 501 33.95 -5.15 23.21
N GLU E 502 34.31 -3.87 23.09
CA GLU E 502 33.52 -2.83 23.74
C GLU E 502 32.19 -2.64 23.04
N GLN E 503 32.17 -2.72 21.71
CA GLN E 503 30.90 -2.67 21.00
C GLN E 503 30.03 -3.84 21.42
N LYS E 504 30.49 -5.07 21.22
CA LYS E 504 29.61 -6.20 21.54
C LYS E 504 29.36 -6.37 23.03
N GLU E 505 30.01 -5.58 23.90
CA GLU E 505 29.75 -5.62 25.34
C GLU E 505 28.72 -4.59 25.79
N TYR E 506 28.80 -3.36 25.26
CA TYR E 506 27.97 -2.25 25.72
C TYR E 506 26.95 -1.71 24.72
N PHE E 507 27.13 -1.91 23.41
CA PHE E 507 26.34 -1.14 22.45
C PHE E 507 24.85 -1.47 22.54
N ASN E 508 24.50 -2.76 22.50
CA ASN E 508 23.09 -3.16 22.48
C ASN E 508 22.37 -2.79 23.79
N LEU E 509 22.99 -3.13 24.93
CA LEU E 509 22.26 -3.12 26.19
C LEU E 509 22.34 -1.78 26.89
N LEU E 510 23.45 -1.07 26.75
CA LEU E 510 23.61 0.25 27.35
C LEU E 510 23.06 1.34 26.42
N ASP F 21 -33.58 27.16 -36.85
CA ASP F 21 -33.68 25.80 -36.33
C ASP F 21 -33.64 24.77 -37.48
N PHE F 22 -32.47 24.14 -37.61
CA PHE F 22 -32.23 23.12 -38.65
C PHE F 22 -33.23 21.98 -38.54
N ILE F 23 -33.55 21.56 -37.32
CA ILE F 23 -34.31 20.32 -37.14
C ILE F 23 -35.81 20.55 -37.29
N THR F 24 -36.31 21.73 -36.89
CA THR F 24 -37.69 22.07 -37.24
C THR F 24 -37.81 22.39 -38.74
N LYS F 25 -36.79 23.06 -39.30
CA LYS F 25 -36.83 23.48 -40.70
C LYS F 25 -37.05 22.30 -41.65
N ASN F 26 -36.33 21.20 -41.42
CA ASN F 26 -36.49 19.99 -42.21
C ASN F 26 -37.36 18.96 -41.51
N ASN F 27 -38.02 19.35 -40.41
CA ASN F 27 -38.92 18.50 -39.63
C ASN F 27 -38.32 17.12 -39.41
N LEU F 28 -37.13 17.10 -38.80
CA LEU F 28 -36.43 15.84 -38.57
C LEU F 28 -36.82 15.19 -37.26
N TRP F 29 -37.74 15.78 -36.50
CA TRP F 29 -38.12 15.30 -35.18
C TRP F 29 -39.63 15.18 -35.13
N THR F 30 -40.12 13.98 -34.83
CA THR F 30 -41.53 13.85 -34.47
C THR F 30 -41.80 14.54 -33.15
N ASN F 31 -43.08 14.63 -32.79
CA ASN F 31 -43.42 15.23 -31.51
C ASN F 31 -42.82 14.44 -30.37
N GLU F 32 -42.74 13.12 -30.52
CA GLU F 32 -42.16 12.29 -29.47
C GLU F 32 -40.67 12.58 -29.32
N GLN F 33 -39.96 12.70 -30.44
CA GLN F 33 -38.58 13.18 -30.40
C GLN F 33 -38.48 14.53 -29.71
N ARG F 34 -39.56 15.30 -29.69
CA ARG F 34 -39.58 16.59 -29.02
C ARG F 34 -40.14 16.50 -27.60
N ASP F 35 -40.90 15.46 -27.26
CA ASP F 35 -41.34 15.34 -25.85
C ASP F 35 -40.17 14.76 -25.07
N ALA F 36 -39.15 14.31 -25.79
CA ALA F 36 -38.03 13.64 -25.11
C ALA F 36 -36.95 14.66 -24.79
N ALA F 37 -36.47 15.37 -25.82
CA ALA F 37 -35.40 16.36 -25.65
C ALA F 37 -35.68 17.20 -24.41
N ASP F 38 -36.94 17.52 -24.17
CA ASP F 38 -37.28 18.41 -23.03
C ASP F 38 -36.93 17.72 -21.72
N LYS F 39 -37.16 16.41 -21.62
CA LYS F 39 -36.80 15.61 -20.41
C LYS F 39 -35.36 15.13 -20.54
N VAL F 40 -34.82 15.05 -21.76
CA VAL F 40 -33.39 14.69 -21.88
C VAL F 40 -32.65 15.82 -21.17
N LEU F 41 -32.97 17.06 -21.54
CA LEU F 41 -32.32 18.19 -20.88
C LEU F 41 -32.64 18.19 -19.40
N ALA F 42 -33.82 17.70 -19.03
CA ALA F 42 -34.24 17.75 -17.63
C ALA F 42 -33.41 16.84 -16.73
N GLU F 43 -33.13 15.60 -17.15
CA GLU F 43 -32.28 14.80 -16.28
C GLU F 43 -30.81 15.11 -16.46
N ILE F 44 -30.37 15.63 -17.62
CA ILE F 44 -29.02 16.18 -17.71
C ILE F 44 -28.80 17.19 -16.60
N ASP F 45 -29.80 18.05 -16.38
CA ASP F 45 -29.76 19.02 -15.31
C ASP F 45 -29.93 18.36 -13.95
N SER F 46 -30.97 17.54 -13.81
CA SER F 46 -31.22 16.84 -12.54
C SER F 46 -29.97 16.12 -12.02
N LEU F 47 -29.31 15.37 -12.89
CA LEU F 47 -28.16 14.59 -12.47
C LEU F 47 -26.85 15.37 -12.50
N GLY F 48 -26.81 16.49 -13.22
CA GLY F 48 -25.59 17.27 -13.27
C GLY F 48 -24.54 16.76 -14.23
N LEU F 49 -24.95 16.23 -15.37
CA LEU F 49 -24.01 15.75 -16.38
C LEU F 49 -23.21 16.91 -16.96
N GLU F 50 -21.98 16.60 -17.38
CA GLU F 50 -21.07 17.61 -17.94
C GLU F 50 -20.66 17.31 -19.37
N MET F 51 -20.82 16.08 -19.83
CA MET F 51 -20.55 15.70 -21.20
C MET F 51 -21.71 14.85 -21.70
N ILE F 52 -22.09 15.05 -22.95
CA ILE F 52 -23.00 14.14 -23.65
C ILE F 52 -22.33 13.71 -24.95
N ARG F 53 -22.13 12.41 -25.11
CA ARG F 53 -21.56 11.92 -26.36
C ARG F 53 -22.64 11.91 -27.43
N LEU F 54 -22.25 12.26 -28.64
CA LEU F 54 -23.09 12.10 -29.82
C LEU F 54 -22.34 11.23 -30.81
N SER F 55 -22.83 10.02 -31.02
CA SER F 55 -22.10 8.98 -31.73
C SER F 55 -22.96 8.42 -32.86
N TRP F 56 -22.29 7.80 -33.83
CA TRP F 56 -23.01 7.17 -34.92
C TRP F 56 -22.19 6.00 -35.46
N ALA F 57 -22.91 5.02 -36.01
CA ALA F 57 -22.30 3.80 -36.53
C ALA F 57 -21.76 4.04 -37.92
N ASP F 58 -20.45 3.81 -38.12
CA ASP F 58 -19.88 3.92 -39.45
C ASP F 58 -20.15 2.63 -40.24
N GLN F 59 -19.47 2.45 -41.38
CA GLN F 59 -19.73 1.29 -42.22
C GLN F 59 -19.46 -0.01 -41.48
N TYR F 60 -18.59 0.03 -40.46
CA TYR F 60 -18.17 -1.14 -39.70
C TYR F 60 -18.98 -1.38 -38.44
N GLY F 61 -19.93 -0.51 -38.11
CA GLY F 61 -20.61 -0.61 -36.84
C GLY F 61 -19.87 0.02 -35.69
N LEU F 62 -18.74 0.68 -35.95
CA LEU F 62 -17.89 1.24 -34.90
C LEU F 62 -18.35 2.64 -34.61
N LEU F 63 -18.52 2.93 -33.33
CA LEU F 63 -19.18 4.14 -32.88
C LEU F 63 -18.24 5.35 -33.01
N ARG F 64 -18.50 6.20 -34.00
CA ARG F 64 -17.80 7.46 -34.24
C ARG F 64 -18.61 8.65 -33.74
N GLY F 65 -17.93 9.72 -33.33
CA GLY F 65 -18.66 10.93 -33.00
C GLY F 65 -17.84 12.00 -32.29
N LYS F 66 -18.52 12.74 -31.40
CA LYS F 66 -17.97 13.84 -30.62
C LYS F 66 -18.53 13.76 -29.20
N SER F 67 -17.84 14.42 -28.26
CA SER F 67 -18.34 14.59 -26.90
C SER F 67 -18.63 16.06 -26.65
N LEU F 68 -19.91 16.39 -26.47
CA LEU F 68 -20.36 17.77 -26.38
C LEU F 68 -20.68 18.16 -24.94
N THR F 69 -20.32 19.39 -24.60
CA THR F 69 -20.72 20.06 -23.37
C THR F 69 -22.26 20.13 -23.30
N VAL F 70 -22.79 20.30 -22.08
CA VAL F 70 -24.21 20.62 -21.92
C VAL F 70 -24.59 21.82 -22.78
N ALA F 71 -23.91 22.95 -22.57
CA ALA F 71 -24.21 24.15 -23.35
C ALA F 71 -24.20 23.85 -24.84
N SER F 72 -23.27 23.00 -25.29
CA SER F 72 -23.11 22.72 -26.71
C SER F 72 -24.16 21.75 -27.23
N LEU F 73 -24.62 20.79 -26.41
CA LEU F 73 -25.68 19.88 -26.84
C LEU F 73 -27.03 20.58 -26.89
N LYS F 74 -27.25 21.56 -26.02
CA LYS F 74 -28.45 22.38 -26.15
C LYS F 74 -28.49 23.04 -27.52
N SER F 75 -27.33 23.34 -28.10
CA SER F 75 -27.32 23.93 -29.44
C SER F 75 -27.67 22.90 -30.50
N ALA F 76 -27.20 21.67 -30.34
CA ALA F 76 -27.38 20.63 -31.37
C ALA F 76 -28.83 20.18 -31.43
N PHE F 77 -29.60 20.47 -30.39
CA PHE F 77 -31.03 20.11 -30.37
C PHE F 77 -31.80 21.14 -31.21
N LYS F 78 -31.08 22.05 -31.86
CA LYS F 78 -31.70 23.10 -32.69
C LYS F 78 -30.95 23.11 -34.02
N GLU F 79 -29.63 23.13 -33.98
CA GLU F 79 -28.88 23.28 -35.21
C GLU F 79 -28.11 22.04 -35.63
N GLY F 80 -28.14 20.97 -34.84
CA GLY F 80 -27.27 19.84 -35.13
C GLY F 80 -25.83 20.14 -34.76
N SER F 81 -24.95 19.24 -35.21
CA SER F 81 -23.51 19.37 -34.98
C SER F 81 -22.79 18.78 -36.18
N GLU F 82 -21.84 19.53 -36.72
CA GLU F 82 -21.20 19.14 -37.96
C GLU F 82 -20.07 18.12 -37.72
N VAL F 83 -19.71 17.41 -38.78
CA VAL F 83 -18.72 16.35 -38.72
C VAL F 83 -18.37 15.97 -40.15
N ALA F 84 -17.11 15.64 -40.41
CA ALA F 84 -16.68 15.23 -41.75
C ALA F 84 -17.07 13.78 -42.01
N ILE F 85 -16.96 13.32 -43.25
CA ILE F 85 -17.43 11.95 -43.60
C ILE F 85 -16.23 11.03 -43.73
N GLY F 86 -15.05 11.52 -43.37
CA GLY F 86 -13.81 10.73 -43.49
C GLY F 86 -13.96 9.30 -43.01
N PRO F 87 -14.46 8.96 -41.80
CA PRO F 87 -14.61 7.55 -41.47
C PRO F 87 -15.16 6.66 -42.60
N PHE F 88 -16.17 7.11 -43.35
CA PHE F 88 -16.75 6.30 -44.41
C PHE F 88 -15.74 5.98 -45.50
N PHE F 89 -14.78 6.87 -45.74
CA PHE F 89 -13.78 6.66 -46.78
C PHE F 89 -12.50 6.04 -46.25
N PHE F 90 -12.42 5.86 -44.94
CA PHE F 90 -11.19 5.31 -44.33
C PHE F 90 -11.40 3.83 -44.03
N ASP F 91 -10.31 3.09 -43.97
CA ASP F 91 -10.36 1.65 -43.64
C ASP F 91 -10.38 1.53 -42.11
N LEU F 92 -10.31 0.30 -41.61
CA LEU F 92 -10.23 0.10 -40.16
C LEU F 92 -8.90 0.70 -39.72
N VAL F 93 -7.87 0.55 -40.55
CA VAL F 93 -6.54 1.12 -40.26
C VAL F 93 -6.28 2.40 -41.07
N SER F 94 -7.33 3.04 -41.59
CA SER F 94 -7.32 4.42 -42.12
C SER F 94 -6.51 4.58 -43.41
N SER F 95 -6.47 3.55 -44.25
CA SER F 95 -6.12 3.76 -45.65
C SER F 95 -7.20 4.61 -46.29
N MET F 96 -6.83 5.40 -47.30
CA MET F 96 -7.81 6.27 -47.98
C MET F 96 -8.39 5.55 -49.20
N VAL F 97 -9.58 4.96 -49.04
CA VAL F 97 -10.20 4.20 -50.14
C VAL F 97 -10.66 5.13 -51.25
N PHE F 98 -11.17 6.32 -50.89
CA PHE F 98 -11.74 7.29 -51.82
C PHE F 98 -11.06 8.65 -51.64
N ASN F 99 -10.75 9.29 -52.77
CA ASN F 99 -10.03 10.57 -52.75
C ASN F 99 -10.79 11.59 -51.91
N LEU F 100 -10.16 12.03 -50.84
CA LEU F 100 -10.79 12.92 -49.89
C LEU F 100 -10.58 14.41 -50.22
N PHE F 101 -9.72 14.74 -51.19
CA PHE F 101 -9.27 16.12 -51.37
C PHE F 101 -9.84 16.80 -52.61
N THR F 102 -10.63 16.10 -53.41
CA THR F 102 -11.29 16.67 -54.58
C THR F 102 -12.80 16.70 -54.33
N THR F 103 -13.36 17.91 -54.16
CA THR F 103 -14.81 18.05 -54.01
C THR F 103 -15.51 17.46 -55.21
N ALA F 104 -16.70 16.90 -54.98
CA ALA F 104 -17.42 16.14 -56.00
C ALA F 104 -18.58 16.95 -56.56
N GLY F 105 -18.91 16.71 -57.84
CA GLY F 105 -20.11 17.36 -58.44
C GLY F 105 -21.34 16.61 -57.98
N ASP F 106 -21.51 15.37 -58.43
CA ASP F 106 -22.60 14.51 -57.90
C ASP F 106 -21.91 13.48 -57.01
N PHE F 107 -21.71 13.80 -55.74
CA PHE F 107 -20.97 12.90 -54.81
C PHE F 107 -21.42 11.47 -55.04
N GLU F 108 -22.71 11.28 -55.29
CA GLU F 108 -23.29 9.91 -55.38
C GLU F 108 -22.99 9.26 -56.73
N ASP F 109 -22.04 9.80 -57.49
CA ASP F 109 -21.67 9.17 -58.78
C ASP F 109 -20.15 9.12 -58.91
N GLU F 110 -19.43 9.91 -58.11
CA GLU F 110 -17.94 9.93 -58.16
C GLU F 110 -17.39 9.48 -56.82
N LEU F 111 -18.08 9.78 -55.72
CA LEU F 111 -17.64 9.36 -54.36
C LEU F 111 -16.26 9.96 -54.06
N SER F 112 -16.23 11.27 -53.84
CA SER F 112 -14.93 11.95 -53.60
C SER F 112 -15.13 13.17 -52.70
N GLY F 113 -14.20 13.40 -51.77
CA GLY F 113 -14.27 14.58 -50.94
C GLY F 113 -14.52 14.26 -49.48
N ASN F 114 -14.42 15.29 -48.65
CA ASN F 114 -14.72 15.21 -47.23
C ASN F 114 -15.80 16.23 -46.85
N PRO F 115 -17.03 16.13 -47.44
CA PRO F 115 -18.09 17.03 -47.07
C PRO F 115 -18.46 17.05 -45.59
N THR F 116 -18.88 18.21 -45.12
CA THR F 116 -19.34 18.31 -43.73
C THR F 116 -20.82 17.92 -43.72
N VAL F 117 -21.19 16.94 -42.90
CA VAL F 117 -22.63 16.60 -42.76
C VAL F 117 -23.08 17.05 -41.38
N VAL F 118 -24.38 17.11 -41.16
CA VAL F 118 -24.90 17.51 -39.83
C VAL F 118 -25.32 16.28 -39.04
N MET F 119 -24.95 16.22 -37.76
CA MET F 119 -25.38 15.13 -36.87
C MET F 119 -26.68 15.57 -36.22
N VAL F 120 -27.76 14.85 -36.46
CA VAL F 120 -29.07 15.17 -35.91
C VAL F 120 -29.28 14.29 -34.69
N PRO F 121 -29.21 14.84 -33.48
CA PRO F 121 -29.37 14.03 -32.27
C PRO F 121 -30.75 13.41 -32.19
N ASP F 122 -30.79 12.16 -31.76
CA ASP F 122 -32.03 11.42 -31.53
C ASP F 122 -32.26 11.23 -30.04
N PRO F 123 -33.14 12.02 -29.42
CA PRO F 123 -33.35 11.93 -27.97
C PRO F 123 -33.94 10.61 -27.48
N THR F 124 -34.57 9.84 -28.35
CA THR F 124 -35.13 8.60 -27.84
C THR F 124 -34.05 7.56 -27.54
N THR F 125 -32.77 7.88 -27.81
CA THR F 125 -31.65 7.00 -27.52
C THR F 125 -30.85 7.43 -26.29
N PHE F 126 -31.32 8.41 -25.53
CA PHE F 126 -30.50 8.96 -24.47
C PHE F 126 -30.19 7.93 -23.39
N LYS F 127 -28.94 7.97 -22.90
CA LYS F 127 -28.52 7.15 -21.77
C LYS F 127 -27.46 7.89 -20.97
N VAL F 128 -27.47 7.68 -19.66
CA VAL F 128 -26.34 7.99 -18.79
C VAL F 128 -25.44 6.77 -18.75
N LEU F 129 -24.18 6.93 -19.18
CA LEU F 129 -23.25 5.81 -19.20
C LEU F 129 -22.77 5.55 -17.78
N PRO F 130 -23.02 4.35 -17.22
CA PRO F 130 -22.65 4.11 -15.81
C PRO F 130 -21.16 4.22 -15.52
N TRP F 131 -20.30 3.74 -16.44
CA TRP F 131 -18.86 3.60 -16.20
C TRP F 131 -18.08 4.89 -16.41
N ALA F 132 -18.72 5.92 -16.95
CA ALA F 132 -18.05 7.17 -17.28
C ALA F 132 -18.40 8.25 -16.26
N ASP F 133 -17.54 9.27 -16.23
CA ASP F 133 -17.70 10.40 -15.32
C ASP F 133 -18.74 11.37 -15.86
N LYS F 134 -19.92 11.38 -15.25
CA LYS F 134 -20.96 12.40 -15.50
C LYS F 134 -21.15 12.64 -16.99
N THR F 135 -21.40 11.56 -17.73
CA THR F 135 -21.36 11.61 -19.19
C THR F 135 -22.56 10.90 -19.79
N GLY F 136 -23.24 11.58 -20.70
CA GLY F 136 -24.39 11.03 -21.37
C GLY F 136 -24.05 10.59 -22.78
N TRP F 137 -25.05 10.03 -23.45
CA TRP F 137 -24.84 9.40 -24.74
C TRP F 137 -26.16 9.41 -25.51
N MET F 138 -26.09 9.76 -26.80
CA MET F 138 -27.21 9.61 -27.70
C MET F 138 -26.66 9.24 -29.07
N LEU F 139 -27.54 8.79 -29.95
CA LEU F 139 -27.18 8.49 -31.32
C LEU F 139 -27.53 9.68 -32.20
N ALA F 140 -26.84 9.79 -33.32
CA ALA F 140 -27.11 10.85 -34.29
C ALA F 140 -27.34 10.23 -35.66
N ASP F 141 -28.16 10.91 -36.47
CA ASP F 141 -28.41 10.59 -37.86
C ASP F 141 -27.64 11.57 -38.73
N LEU F 142 -26.98 11.08 -39.78
CA LEU F 142 -26.17 11.94 -40.63
C LEU F 142 -27.02 12.50 -41.76
N HIS F 143 -27.12 13.83 -41.82
CA HIS F 143 -27.84 14.53 -42.89
C HIS F 143 -26.91 15.51 -43.60
N TRP F 144 -27.07 15.61 -44.92
CA TRP F 144 -26.50 16.71 -45.70
C TRP F 144 -26.99 18.03 -45.13
N LYS F 145 -26.19 19.08 -45.27
CA LYS F 145 -26.67 20.39 -44.84
C LYS F 145 -27.95 20.78 -45.57
N SER F 146 -28.14 20.26 -46.79
CA SER F 146 -29.40 20.40 -47.52
C SER F 146 -30.63 19.87 -46.77
N GLY F 147 -30.46 19.13 -45.67
CA GLY F 147 -31.57 18.58 -44.91
C GLY F 147 -31.89 17.14 -45.24
N GLU F 148 -31.40 16.62 -46.37
CA GLU F 148 -31.69 15.29 -46.86
C GLU F 148 -30.67 14.27 -46.33
N PRO F 149 -31.10 13.05 -46.01
CA PRO F 149 -30.23 12.13 -45.25
C PRO F 149 -29.02 11.64 -46.05
N PHE F 150 -27.89 11.52 -45.36
CA PHE F 150 -26.64 11.13 -46.00
C PHE F 150 -26.75 9.69 -46.49
N PRO F 151 -26.27 9.40 -47.71
CA PRO F 151 -26.66 8.15 -48.39
C PRO F 151 -25.97 6.90 -47.89
N LEU F 152 -24.96 7.00 -47.03
CA LEU F 152 -24.28 5.81 -46.54
C LEU F 152 -24.59 5.52 -45.08
N CYS F 153 -25.35 6.38 -44.40
CA CYS F 153 -25.62 6.21 -42.97
C CYS F 153 -26.27 4.85 -42.75
N PRO F 154 -25.56 3.89 -42.17
CA PRO F 154 -26.15 2.55 -41.96
C PRO F 154 -27.43 2.59 -41.15
N ARG F 155 -27.51 3.46 -40.13
CA ARG F 155 -28.75 3.55 -39.37
C ARG F 155 -29.90 4.02 -40.25
N GLY F 156 -29.60 4.83 -41.26
CA GLY F 156 -30.62 5.16 -42.25
C GLY F 156 -31.04 3.95 -43.07
N ILE F 157 -30.09 3.08 -43.42
CA ILE F 157 -30.40 1.89 -44.20
C ILE F 157 -31.27 0.93 -43.41
N MET F 158 -31.15 0.94 -42.08
CA MET F 158 -32.07 0.23 -41.21
C MET F 158 -33.41 0.94 -41.12
N LYS F 159 -33.39 2.28 -41.02
CA LYS F 159 -34.63 3.07 -41.00
C LYS F 159 -35.48 2.76 -42.22
N LYS F 160 -34.81 2.52 -43.37
CA LYS F 160 -35.51 2.25 -44.60
C LYS F 160 -36.22 0.89 -44.54
N ALA F 161 -35.50 -0.16 -44.11
CA ALA F 161 -36.12 -1.47 -43.99
C ALA F 161 -37.34 -1.42 -43.09
N VAL F 162 -37.22 -0.80 -41.92
CA VAL F 162 -38.36 -0.72 -41.00
C VAL F 162 -39.54 -0.02 -41.66
N LYS F 163 -39.28 0.99 -42.49
CA LYS F 163 -40.37 1.66 -43.21
C LYS F 163 -41.08 0.72 -44.19
N SER F 164 -40.35 0.26 -45.22
CA SER F 164 -40.91 -0.68 -46.20
C SER F 164 -41.63 -1.84 -45.52
N LEU F 165 -41.11 -2.27 -44.36
CA LEU F 165 -41.79 -3.27 -43.55
C LEU F 165 -43.12 -2.76 -43.02
N SER F 166 -43.16 -1.56 -42.44
CA SER F 166 -44.41 -1.04 -41.85
C SER F 166 -45.36 -0.72 -43.00
N ASP F 167 -44.81 -0.54 -44.20
CA ASP F 167 -45.63 -0.18 -45.38
C ASP F 167 -46.18 -1.47 -45.97
N GLU F 168 -45.88 -2.62 -45.37
CA GLU F 168 -46.46 -3.91 -45.82
C GLU F 168 -47.19 -4.50 -44.62
N GLY F 169 -47.19 -3.80 -43.49
CA GLY F 169 -47.99 -4.26 -42.36
C GLY F 169 -47.27 -5.01 -41.25
N TYR F 170 -45.94 -5.07 -41.26
CA TYR F 170 -45.19 -5.93 -40.36
C TYR F 170 -44.21 -5.13 -39.52
N LEU F 171 -44.00 -5.58 -38.28
CA LEU F 171 -42.90 -5.12 -37.45
C LEU F 171 -41.85 -6.23 -37.35
N PHE F 172 -40.60 -5.80 -37.26
CA PHE F 172 -39.49 -6.73 -37.07
C PHE F 172 -39.31 -7.02 -35.59
N LYS F 173 -39.41 -8.29 -35.23
CA LYS F 173 -39.15 -8.71 -33.83
C LYS F 173 -37.82 -9.47 -33.82
N CYS F 174 -36.82 -9.00 -33.09
CA CYS F 174 -35.50 -9.65 -33.13
C CYS F 174 -34.90 -10.14 -31.82
N GLY F 175 -34.46 -11.39 -31.79
CA GLY F 175 -33.80 -11.96 -30.59
C GLY F 175 -32.32 -12.07 -30.85
N ILE F 176 -31.50 -11.62 -29.91
CA ILE F 176 -30.05 -11.59 -30.13
C ILE F 176 -29.39 -12.68 -29.28
N GLU F 177 -28.46 -13.43 -29.90
CA GLU F 177 -27.59 -14.38 -29.21
C GLU F 177 -26.16 -14.02 -29.62
N LEU F 178 -25.42 -13.37 -28.74
CA LEU F 178 -24.16 -12.75 -29.09
C LEU F 178 -23.00 -13.41 -28.33
N GLU F 179 -22.06 -14.00 -29.06
CA GLU F 179 -20.91 -14.64 -28.44
C GLU F 179 -19.73 -13.69 -28.54
N TRP F 180 -18.81 -13.78 -27.57
CA TRP F 180 -17.63 -12.94 -27.60
C TRP F 180 -16.60 -13.51 -26.65
N TYR F 181 -15.40 -12.95 -26.73
CA TYR F 181 -14.32 -13.39 -25.85
C TYR F 181 -14.04 -12.36 -24.77
N LEU F 182 -13.82 -12.82 -23.53
CA LEU F 182 -13.42 -11.92 -22.41
C LEU F 182 -12.01 -12.30 -22.04
N THR F 183 -11.07 -11.37 -22.09
CA THR F 183 -9.66 -11.63 -21.82
C THR F 183 -9.06 -10.51 -20.98
N LYS F 184 -8.03 -10.86 -20.20
CA LYS F 184 -7.32 -9.89 -19.36
C LYS F 184 -6.19 -9.27 -20.17
N ILE F 185 -5.97 -7.98 -19.98
CA ILE F 185 -4.99 -7.28 -20.78
C ILE F 185 -3.61 -7.46 -20.18
N VAL F 186 -2.64 -7.82 -21.02
CA VAL F 186 -1.26 -7.96 -20.56
C VAL F 186 -0.45 -6.76 -21.03
N ASP F 187 -0.82 -6.20 -22.18
CA ASP F 187 -0.12 -5.04 -22.74
C ASP F 187 -1.06 -4.36 -23.72
N ARG F 188 -1.19 -3.04 -23.59
CA ARG F 188 -2.09 -2.28 -24.46
C ARG F 188 -1.42 -1.87 -25.75
N SER F 189 -0.20 -2.33 -26.00
CA SER F 189 0.52 -2.12 -27.26
C SER F 189 0.57 -0.64 -27.65
N LEU F 190 0.93 0.21 -26.68
CA LEU F 190 0.99 1.65 -26.84
C LEU F 190 2.39 2.18 -27.09
N SER F 191 3.40 1.33 -27.09
CA SER F 191 4.75 1.75 -27.43
C SER F 191 4.77 2.36 -28.84
N PRO F 192 5.47 3.46 -29.06
CA PRO F 192 5.39 4.13 -30.38
C PRO F 192 5.64 3.25 -31.60
N GLU F 193 6.41 2.17 -31.49
CA GLU F 193 6.63 1.30 -32.64
C GLU F 193 5.46 0.36 -32.88
N SER F 194 4.44 0.38 -32.01
CA SER F 194 3.21 -0.40 -32.17
C SER F 194 2.07 0.39 -32.81
N LEU F 195 2.19 1.71 -32.95
CA LEU F 195 1.03 2.56 -33.21
C LEU F 195 0.51 2.47 -34.64
N GLY F 196 1.34 1.98 -35.55
CA GLY F 196 0.99 1.93 -36.96
C GLY F 196 1.17 3.25 -37.66
N ALA F 197 0.62 3.30 -38.85
CA ALA F 197 0.63 4.48 -39.70
C ALA F 197 -0.67 4.46 -40.49
N PRO F 198 -1.06 5.58 -41.10
CA PRO F 198 -2.25 5.54 -41.96
C PRO F 198 -2.06 4.41 -42.96
N GLY F 199 -3.07 3.55 -43.08
CA GLY F 199 -2.96 2.34 -43.88
C GLY F 199 -2.20 1.19 -43.25
N VAL F 200 -1.45 1.40 -42.17
CA VAL F 200 -0.64 0.37 -41.53
C VAL F 200 -1.37 -0.13 -40.31
N GLN F 201 -1.41 -1.46 -40.15
CA GLN F 201 -2.05 -2.07 -38.99
C GLN F 201 -1.27 -1.80 -37.71
N PRO F 202 -1.90 -1.27 -36.67
CA PRO F 202 -1.22 -1.17 -35.36
C PRO F 202 -1.06 -2.55 -34.76
N ASP F 203 -0.22 -2.64 -33.73
CA ASP F 203 -0.08 -3.92 -33.05
C ASP F 203 -1.35 -4.26 -32.28
N ALA F 204 -1.56 -5.55 -32.12
CA ALA F 204 -2.68 -6.03 -31.33
C ALA F 204 -2.34 -5.99 -29.84
N ILE F 205 -3.32 -5.51 -29.08
CA ILE F 205 -3.33 -5.64 -27.65
C ILE F 205 -2.94 -7.06 -27.24
N GLN F 206 -2.03 -7.19 -26.27
CA GLN F 206 -1.64 -8.50 -25.74
C GLN F 206 -2.54 -8.86 -24.57
N VAL F 207 -3.03 -10.11 -24.57
CA VAL F 207 -4.04 -10.57 -23.62
C VAL F 207 -3.72 -11.96 -23.10
N GLN F 208 -4.55 -12.38 -22.14
CA GLN F 208 -4.49 -13.66 -21.47
C GLN F 208 -5.92 -14.14 -21.19
N PRO F 209 -6.22 -15.42 -21.48
CA PRO F 209 -7.54 -15.97 -21.16
C PRO F 209 -7.89 -15.79 -19.69
N VAL F 210 -9.19 -15.87 -19.37
CA VAL F 210 -9.67 -15.72 -17.99
C VAL F 210 -10.15 -17.02 -17.36
N ALA F 211 -10.62 -17.99 -18.14
CA ALA F 211 -10.98 -19.30 -17.62
C ALA F 211 -10.42 -20.34 -18.56
N GLN F 212 -10.38 -21.59 -18.10
CA GLN F 212 -10.21 -22.64 -19.09
C GLN F 212 -11.58 -22.94 -19.69
N GLY F 213 -11.61 -23.85 -20.67
CA GLY F 213 -12.85 -24.13 -21.40
C GLY F 213 -12.95 -25.55 -21.87
N TYR F 214 -13.60 -25.75 -23.01
CA TYR F 214 -13.94 -27.08 -23.51
C TYR F 214 -14.69 -27.88 -22.45
N SER F 215 -15.59 -27.16 -21.74
CA SER F 215 -16.46 -27.68 -20.69
C SER F 215 -17.70 -26.78 -20.70
N VAL F 216 -18.57 -27.05 -21.67
CA VAL F 216 -19.59 -26.07 -22.06
C VAL F 216 -20.64 -25.90 -20.97
N LEU F 217 -21.02 -24.65 -20.72
CA LEU F 217 -22.05 -24.25 -19.77
C LEU F 217 -21.68 -24.49 -18.31
N LEU F 218 -20.39 -24.62 -17.99
CA LEU F 218 -19.99 -25.03 -16.65
C LEU F 218 -20.17 -23.90 -15.64
N GLU F 219 -21.07 -24.09 -14.67
CA GLU F 219 -21.41 -23.04 -13.72
C GLU F 219 -20.16 -22.47 -13.05
N HIS F 220 -19.16 -23.30 -12.80
CA HIS F 220 -17.98 -22.81 -12.10
C HIS F 220 -17.19 -21.86 -12.98
N HIS F 221 -17.27 -22.04 -14.30
CA HIS F 221 -16.70 -21.04 -15.20
C HIS F 221 -17.40 -19.70 -15.06
N LEU F 222 -18.72 -19.74 -14.89
CA LEU F 222 -19.45 -18.49 -14.76
C LEU F 222 -19.03 -17.75 -13.49
N ASP F 223 -19.14 -18.41 -12.34
CA ASP F 223 -18.69 -17.82 -11.07
C ASP F 223 -17.21 -17.41 -11.12
N GLN F 224 -16.40 -18.10 -11.94
CA GLN F 224 -14.98 -17.77 -11.98
C GLN F 224 -14.75 -16.40 -12.62
N VAL F 225 -15.54 -16.04 -13.63
CA VAL F 225 -15.35 -14.79 -14.37
C VAL F 225 -16.26 -13.69 -13.87
N ASP F 226 -17.05 -13.94 -12.84
CA ASP F 226 -18.04 -12.97 -12.43
C ASP F 226 -17.46 -11.76 -11.74
N ASP F 227 -16.15 -11.71 -11.50
CA ASP F 227 -15.59 -10.49 -10.91
C ASP F 227 -15.77 -9.31 -11.84
N ILE F 228 -15.44 -9.47 -13.12
CA ILE F 228 -15.74 -8.44 -14.11
C ILE F 228 -17.10 -8.68 -14.77
N MET F 229 -17.45 -9.95 -15.03
CA MET F 229 -18.72 -10.27 -15.66
C MET F 229 -19.89 -9.61 -14.94
N SER F 230 -19.83 -9.50 -13.61
CA SER F 230 -20.87 -8.80 -12.87
C SER F 230 -20.87 -7.31 -13.18
N LYS F 231 -19.69 -6.75 -13.45
CA LYS F 231 -19.62 -5.34 -13.85
C LYS F 231 -20.24 -5.12 -15.21
N VAL F 232 -20.14 -6.10 -16.12
CA VAL F 232 -20.80 -5.99 -17.42
C VAL F 232 -22.30 -6.13 -17.25
N ARG F 233 -22.74 -7.24 -16.64
CA ARG F 233 -24.15 -7.46 -16.28
C ARG F 233 -24.76 -6.21 -15.69
N LYS F 234 -24.15 -5.67 -14.63
CA LYS F 234 -24.69 -4.50 -13.97
C LYS F 234 -24.78 -3.29 -14.93
N GLY F 235 -23.75 -3.06 -15.74
CA GLY F 235 -23.80 -1.96 -16.70
C GLY F 235 -24.89 -2.12 -17.74
N LEU F 236 -25.04 -3.33 -18.28
CA LEU F 236 -26.11 -3.57 -19.24
C LEU F 236 -27.47 -3.36 -18.60
N LEU F 237 -27.62 -3.76 -17.34
CA LEU F 237 -28.89 -3.64 -16.64
C LEU F 237 -29.23 -2.16 -16.38
N GLU F 238 -28.23 -1.36 -15.98
CA GLU F 238 -28.52 0.06 -15.76
C GLU F 238 -28.91 0.76 -17.05
N LEU F 239 -28.42 0.31 -18.19
CA LEU F 239 -28.76 0.87 -19.48
C LEU F 239 -30.17 0.47 -19.92
N ASN F 240 -30.88 -0.31 -19.11
CA ASN F 240 -32.20 -0.85 -19.44
C ASN F 240 -32.14 -1.68 -20.71
N LEU F 241 -31.01 -2.31 -20.95
CA LEU F 241 -30.90 -3.27 -22.03
C LEU F 241 -31.48 -4.61 -21.59
N PRO F 242 -32.29 -5.24 -22.38
CA PRO F 242 -33.10 -6.39 -21.90
C PRO F 242 -32.33 -7.70 -21.89
N LEU F 243 -31.26 -7.74 -21.06
CA LEU F 243 -30.40 -8.92 -20.98
C LEU F 243 -31.22 -10.14 -20.56
N ARG F 244 -31.03 -11.24 -21.28
CA ARG F 244 -31.76 -12.49 -21.04
C ARG F 244 -30.94 -13.49 -20.26
N SER F 245 -29.68 -13.65 -20.63
CA SER F 245 -28.88 -14.72 -20.08
C SER F 245 -27.41 -14.39 -20.31
N ILE F 246 -26.59 -14.88 -19.41
CA ILE F 246 -25.15 -14.99 -19.60
C ILE F 246 -24.84 -16.47 -19.53
N GLU F 247 -24.04 -16.96 -20.47
CA GLU F 247 -23.76 -18.38 -20.55
C GLU F 247 -22.27 -18.57 -20.80
N ASP F 248 -21.77 -19.74 -20.41
CA ASP F 248 -20.38 -20.09 -20.64
C ASP F 248 -20.31 -20.95 -21.90
N GLU F 249 -19.61 -20.45 -22.91
CA GLU F 249 -19.50 -21.12 -24.18
C GLU F 249 -18.40 -22.18 -24.16
N TRP F 250 -18.29 -22.89 -25.29
CA TRP F 250 -17.45 -24.07 -25.39
C TRP F 250 -15.97 -23.72 -25.19
N ALA F 251 -15.47 -22.70 -25.94
CA ALA F 251 -14.05 -22.42 -25.98
C ALA F 251 -13.56 -21.67 -24.73
N PRO F 252 -12.26 -21.81 -24.39
CA PRO F 252 -11.72 -21.11 -23.24
C PRO F 252 -11.97 -19.62 -23.33
N SER F 253 -12.45 -19.02 -22.23
CA SER F 253 -12.74 -17.60 -22.13
C SER F 253 -13.83 -17.11 -23.08
N GLN F 254 -14.59 -17.99 -23.69
CA GLN F 254 -15.65 -17.55 -24.59
C GLN F 254 -16.96 -17.43 -23.82
N MET F 255 -17.67 -16.33 -24.04
CA MET F 255 -18.99 -16.16 -23.44
C MET F 255 -20.04 -16.06 -24.52
N GLU F 256 -21.29 -16.18 -24.10
CA GLU F 256 -22.47 -15.83 -24.86
C GLU F 256 -23.35 -14.99 -23.94
N THR F 257 -23.87 -13.89 -24.45
CA THR F 257 -24.84 -13.08 -23.73
C THR F 257 -26.03 -12.91 -24.66
N THR F 258 -27.19 -13.42 -24.24
CA THR F 258 -28.42 -13.34 -25.00
C THR F 258 -29.40 -12.30 -24.42
N PHE F 259 -30.33 -11.84 -25.26
CA PHE F 259 -31.21 -10.72 -24.93
C PHE F 259 -32.66 -11.06 -25.29
N ASP F 260 -33.59 -10.39 -24.62
CA ASP F 260 -34.99 -10.61 -24.98
C ASP F 260 -35.30 -9.89 -26.29
N VAL F 261 -36.49 -10.19 -26.81
CA VAL F 261 -36.87 -9.72 -28.13
C VAL F 261 -36.96 -8.21 -28.14
N MET F 262 -36.42 -7.61 -29.19
CA MET F 262 -36.53 -6.19 -29.40
C MET F 262 -37.03 -5.94 -30.81
N GLU F 263 -37.44 -4.70 -31.07
CA GLU F 263 -38.24 -4.36 -32.22
C GLU F 263 -37.53 -3.35 -33.13
N GLY F 264 -37.49 -3.66 -34.42
CA GLY F 264 -37.10 -2.70 -35.44
C GLY F 264 -35.83 -1.94 -35.12
N LEU F 265 -35.93 -0.60 -35.18
CA LEU F 265 -34.75 0.23 -34.96
C LEU F 265 -34.20 0.09 -33.55
N GLU F 266 -35.08 -0.10 -32.56
CA GLU F 266 -34.63 -0.23 -31.19
C GLU F 266 -33.66 -1.40 -31.01
N ALA F 267 -33.95 -2.55 -31.65
CA ALA F 267 -33.07 -3.72 -31.52
C ALA F 267 -31.68 -3.47 -32.10
N ALA F 268 -31.60 -2.79 -33.25
CA ALA F 268 -30.30 -2.48 -33.83
C ALA F 268 -29.57 -1.42 -33.01
N ASP F 269 -30.29 -0.38 -32.56
CA ASP F 269 -29.69 0.61 -31.66
C ASP F 269 -29.14 -0.09 -30.42
N ALA F 270 -29.93 -0.95 -29.81
CA ALA F 270 -29.50 -1.67 -28.62
C ALA F 270 -28.34 -2.61 -28.91
N ALA F 271 -28.43 -3.36 -30.01
CA ALA F 271 -27.32 -4.21 -30.41
C ALA F 271 -26.01 -3.41 -30.40
N LEU F 272 -26.02 -2.26 -31.05
CA LEU F 272 -24.85 -1.39 -31.06
C LEU F 272 -24.42 -1.01 -29.64
N LEU F 273 -25.36 -0.52 -28.82
CA LEU F 273 -25.01 -0.13 -27.47
C LEU F 273 -24.57 -1.32 -26.65
N ILE F 274 -25.10 -2.51 -26.94
CA ILE F 274 -24.70 -3.71 -26.22
C ILE F 274 -23.21 -3.93 -26.37
N LYS F 275 -22.74 -3.93 -27.61
CA LYS F 275 -21.33 -4.18 -27.82
C LYS F 275 -20.50 -3.03 -27.27
N SER F 276 -21.01 -1.80 -27.38
CA SER F 276 -20.27 -0.62 -26.91
C SER F 276 -20.05 -0.68 -25.40
N ALA F 277 -21.13 -0.92 -24.65
CA ALA F 277 -21.00 -1.05 -23.21
C ALA F 277 -20.06 -2.18 -22.82
N ILE F 278 -20.15 -3.31 -23.52
CA ILE F 278 -19.37 -4.47 -23.13
C ILE F 278 -17.88 -4.17 -23.26
N LYS F 279 -17.47 -3.52 -24.35
CA LYS F 279 -16.05 -3.23 -24.54
C LYS F 279 -15.58 -2.12 -23.61
N GLN F 280 -16.36 -1.05 -23.49
CA GLN F 280 -15.93 0.07 -22.67
C GLN F 280 -15.79 -0.33 -21.20
N ILE F 281 -16.74 -1.13 -20.68
CA ILE F 281 -16.67 -1.54 -19.27
C ILE F 281 -15.47 -2.45 -19.04
N CYS F 282 -15.27 -3.46 -19.91
CA CYS F 282 -14.18 -4.40 -19.71
C CYS F 282 -12.83 -3.70 -19.72
N SER F 283 -12.62 -2.79 -20.68
CA SER F 283 -11.36 -2.07 -20.77
C SER F 283 -11.12 -1.18 -19.55
N ARG F 284 -12.20 -0.64 -18.97
CA ARG F 284 -12.05 0.25 -17.84
C ARG F 284 -11.58 -0.46 -16.58
N HIS F 285 -11.83 -1.77 -16.46
CA HIS F 285 -11.24 -2.59 -15.41
C HIS F 285 -10.09 -3.48 -15.89
N GLY F 286 -9.51 -3.22 -17.06
CA GLY F 286 -8.31 -3.91 -17.48
C GLY F 286 -8.51 -5.24 -18.17
N TYR F 287 -9.70 -5.49 -18.72
CA TYR F 287 -9.95 -6.66 -19.55
C TYR F 287 -10.21 -6.20 -20.96
N HIS F 288 -10.13 -7.15 -21.88
CA HIS F 288 -10.37 -6.87 -23.29
C HIS F 288 -11.50 -7.78 -23.75
N ALA F 289 -12.66 -7.18 -24.06
CA ALA F 289 -13.75 -7.86 -24.73
C ALA F 289 -13.59 -7.68 -26.23
N THR F 290 -13.83 -8.75 -26.99
CA THR F 290 -13.61 -8.70 -28.43
C THR F 290 -14.73 -9.44 -29.17
N PHE F 291 -15.15 -8.82 -30.26
CA PHE F 291 -16.18 -9.39 -31.14
C PHE F 291 -15.57 -9.87 -32.45
N MET F 292 -14.25 -9.90 -32.53
CA MET F 292 -13.55 -10.73 -33.51
C MET F 292 -14.09 -12.15 -33.49
N CYS F 293 -14.50 -12.62 -34.66
CA CYS F 293 -15.08 -13.96 -34.75
C CYS F 293 -14.15 -15.01 -34.17
N LYS F 294 -12.90 -15.07 -34.65
CA LYS F 294 -11.93 -16.07 -34.21
C LYS F 294 -10.54 -15.45 -34.01
N PRO F 295 -10.18 -15.09 -32.78
CA PRO F 295 -8.87 -14.50 -32.55
C PRO F 295 -7.73 -15.47 -32.82
N ALA F 296 -6.58 -14.91 -33.18
CA ALA F 296 -5.36 -15.68 -33.39
C ALA F 296 -4.70 -16.02 -32.05
N ILE F 297 -5.44 -16.76 -31.22
CA ILE F 297 -5.00 -17.14 -29.89
C ILE F 297 -5.30 -18.62 -29.71
N ASN F 298 -4.32 -19.36 -29.22
CA ASN F 298 -4.44 -20.82 -29.12
C ASN F 298 -5.69 -21.25 -28.38
N GLY F 299 -6.47 -22.15 -29.00
CA GLY F 299 -7.65 -22.71 -28.38
C GLY F 299 -8.94 -21.95 -28.59
N PHE F 300 -8.87 -20.70 -29.08
CA PHE F 300 -10.07 -19.91 -29.32
C PHE F 300 -10.76 -20.39 -30.60
N PHE F 301 -12.03 -20.81 -30.49
CA PHE F 301 -12.87 -21.18 -31.63
C PHE F 301 -13.71 -19.97 -32.08
N ALA F 302 -14.45 -20.15 -33.18
CA ALA F 302 -15.23 -19.06 -33.77
C ALA F 302 -16.47 -18.71 -32.95
N SER F 303 -16.73 -17.41 -32.83
CA SER F 303 -17.89 -16.88 -32.12
C SER F 303 -18.97 -16.56 -33.13
N GLY F 304 -20.23 -16.63 -32.70
CA GLY F 304 -21.35 -16.42 -33.60
C GLY F 304 -22.31 -15.37 -33.07
N TRP F 305 -23.06 -14.77 -34.00
CA TRP F 305 -24.19 -13.89 -33.65
C TRP F 305 -25.45 -14.43 -34.31
N HIS F 306 -26.13 -15.35 -33.61
CA HIS F 306 -27.40 -15.90 -34.07
C HIS F 306 -28.53 -14.92 -33.85
N MET F 307 -29.43 -14.80 -34.83
CA MET F 307 -30.53 -13.85 -34.76
C MET F 307 -31.83 -14.60 -34.94
N HIS F 308 -32.62 -14.68 -33.88
CA HIS F 308 -34.00 -15.14 -34.02
C HIS F 308 -34.83 -13.99 -34.56
N GLN F 309 -35.66 -14.27 -35.57
CA GLN F 309 -36.51 -13.24 -36.15
C GLN F 309 -37.94 -13.75 -36.32
N SER F 310 -38.89 -12.83 -36.14
CA SER F 310 -40.27 -13.05 -36.51
C SER F 310 -40.88 -11.72 -36.94
N LEU F 311 -41.99 -11.83 -37.66
CA LEU F 311 -42.77 -10.67 -38.05
C LEU F 311 -44.07 -10.69 -37.26
N VAL F 312 -44.50 -9.51 -36.80
CA VAL F 312 -45.82 -9.37 -36.20
C VAL F 312 -46.69 -8.43 -37.03
N ASP F 313 -48.00 -8.58 -36.84
CA ASP F 313 -48.94 -7.62 -37.45
C ASP F 313 -48.79 -6.29 -36.74
N LYS F 314 -48.66 -5.21 -37.53
CA LYS F 314 -48.32 -3.92 -36.93
C LYS F 314 -49.48 -3.33 -36.14
N ASP F 315 -50.72 -3.76 -36.40
CA ASP F 315 -51.84 -3.23 -35.64
C ASP F 315 -52.39 -4.19 -34.60
N THR F 316 -52.28 -5.50 -34.82
CA THR F 316 -52.79 -6.45 -33.85
C THR F 316 -51.71 -6.99 -32.90
N ARG F 317 -50.43 -6.72 -33.18
CA ARG F 317 -49.36 -7.11 -32.26
C ARG F 317 -49.36 -8.62 -32.07
N LYS F 318 -49.27 -9.34 -33.18
CA LYS F 318 -49.49 -10.78 -33.17
C LYS F 318 -48.52 -11.45 -34.13
N ASN F 319 -48.02 -12.62 -33.73
CA ASN F 319 -46.98 -13.30 -34.49
C ASN F 319 -47.56 -13.93 -35.75
N LEU F 320 -47.10 -13.48 -36.91
CA LEU F 320 -47.61 -13.99 -38.17
C LEU F 320 -46.95 -15.29 -38.61
N PHE F 321 -45.91 -15.74 -37.89
CA PHE F 321 -45.25 -16.98 -38.29
C PHE F 321 -45.95 -18.23 -37.76
N ILE F 322 -46.75 -18.09 -36.70
CA ILE F 322 -47.35 -19.20 -35.97
C ILE F 322 -47.92 -20.22 -36.96
N PRO F 323 -47.50 -21.48 -36.91
CA PRO F 323 -47.95 -22.44 -37.91
C PRO F 323 -49.20 -23.19 -37.48
N SER F 324 -49.98 -23.58 -38.50
CA SER F 324 -51.04 -24.56 -38.30
C SER F 324 -50.41 -25.95 -38.28
N GLU F 325 -51.25 -26.96 -38.09
CA GLU F 325 -50.77 -28.33 -38.20
C GLU F 325 -50.46 -28.67 -39.66
N GLY F 326 -49.40 -29.44 -39.87
CA GLY F 326 -49.06 -29.85 -41.21
C GLY F 326 -47.86 -29.12 -41.75
N GLU F 327 -47.80 -27.81 -41.49
CA GLU F 327 -46.70 -26.96 -41.94
C GLU F 327 -45.81 -26.62 -40.76
N VAL F 328 -44.54 -26.32 -41.05
CA VAL F 328 -43.64 -25.99 -39.95
C VAL F 328 -43.76 -24.51 -39.59
N LEU F 329 -44.02 -23.66 -40.58
CA LEU F 329 -44.27 -22.24 -40.37
C LEU F 329 -45.58 -21.90 -41.06
N SER F 330 -46.13 -20.74 -40.74
CA SER F 330 -47.19 -20.19 -41.55
C SER F 330 -46.65 -19.90 -42.96
N PRO F 331 -47.53 -19.82 -43.97
CA PRO F 331 -47.05 -19.49 -45.31
C PRO F 331 -46.34 -18.15 -45.40
N LEU F 332 -46.62 -17.23 -44.47
CA LEU F 332 -45.87 -15.97 -44.43
C LEU F 332 -44.44 -16.22 -43.98
N GLY F 333 -44.28 -16.95 -42.86
CA GLY F 333 -42.95 -17.26 -42.38
C GLY F 333 -42.18 -18.14 -43.34
N ARG F 334 -42.89 -19.06 -44.02
CA ARG F 334 -42.26 -19.94 -44.99
C ARG F 334 -41.69 -19.14 -46.16
N ALA F 335 -42.43 -18.14 -46.62
CA ALA F 335 -41.95 -17.28 -47.72
C ALA F 335 -40.73 -16.48 -47.27
N TYR F 336 -40.80 -15.85 -46.09
CA TYR F 336 -39.67 -15.09 -45.52
C TYR F 336 -38.41 -15.94 -45.55
N ALA F 337 -38.51 -17.17 -45.05
CA ALA F 337 -37.35 -18.08 -45.00
C ALA F 337 -36.78 -18.25 -46.40
N GLY F 338 -37.64 -18.37 -47.40
CA GLY F 338 -37.13 -18.47 -48.76
C GLY F 338 -36.38 -17.23 -49.20
N GLY F 339 -36.89 -16.05 -48.84
CA GLY F 339 -36.17 -14.83 -49.12
C GLY F 339 -34.89 -14.70 -48.28
N LEU F 340 -34.93 -15.22 -47.05
CA LEU F 340 -33.69 -15.31 -46.29
C LEU F 340 -32.67 -16.13 -47.05
N LEU F 341 -33.11 -17.23 -47.66
CA LEU F 341 -32.19 -18.18 -48.28
C LEU F 341 -31.77 -17.76 -49.69
N ALA F 342 -32.70 -17.26 -50.52
CA ALA F 342 -32.36 -17.03 -51.92
C ALA F 342 -31.43 -15.85 -52.09
N ASN F 343 -31.31 -15.01 -51.08
CA ASN F 343 -30.40 -13.87 -51.09
C ASN F 343 -29.25 -14.04 -50.10
N GLY F 344 -29.16 -15.21 -49.46
CA GLY F 344 -28.24 -15.39 -48.36
C GLY F 344 -26.79 -15.27 -48.78
N SER F 345 -26.45 -15.79 -49.97
CA SER F 345 -25.11 -15.58 -50.49
C SER F 345 -24.88 -14.10 -50.79
N ALA F 346 -25.84 -13.42 -51.41
CA ALA F 346 -25.67 -11.98 -51.62
C ALA F 346 -25.45 -11.25 -50.30
N ALA F 347 -26.28 -11.56 -49.30
CA ALA F 347 -26.24 -10.81 -48.04
C ALA F 347 -25.00 -11.11 -47.22
N SER F 348 -24.23 -12.14 -47.58
CA SER F 348 -23.17 -12.67 -46.73
C SER F 348 -22.22 -11.60 -46.21
N SER F 349 -21.84 -10.65 -47.08
CA SER F 349 -20.90 -9.62 -46.65
C SER F 349 -21.53 -8.66 -45.65
N PHE F 350 -22.86 -8.69 -45.46
CA PHE F 350 -23.52 -7.89 -44.42
C PHE F 350 -23.81 -8.67 -43.15
N THR F 351 -23.85 -10.00 -43.22
CA THR F 351 -23.89 -10.81 -42.00
C THR F 351 -22.51 -11.29 -41.58
N THR F 352 -21.55 -11.31 -42.49
CA THR F 352 -20.20 -11.76 -42.19
C THR F 352 -19.26 -10.80 -42.91
N PRO F 353 -19.12 -9.58 -42.40
CA PRO F 353 -18.32 -8.57 -43.11
C PRO F 353 -16.80 -8.76 -43.02
N THR F 354 -16.29 -9.48 -42.03
CA THR F 354 -14.84 -9.61 -41.86
C THR F 354 -14.30 -10.79 -42.65
N VAL F 355 -13.08 -10.62 -43.15
CA VAL F 355 -12.29 -11.77 -43.59
C VAL F 355 -12.35 -12.86 -42.53
N ASN F 356 -12.18 -12.45 -41.29
CA ASN F 356 -12.03 -13.40 -40.20
C ASN F 356 -13.31 -14.20 -39.98
N GLY F 357 -14.48 -13.65 -40.35
CA GLY F 357 -15.74 -14.29 -40.03
C GLY F 357 -16.02 -15.58 -40.78
N TYR F 358 -15.12 -15.94 -41.68
CA TYR F 358 -15.31 -17.08 -42.55
C TYR F 358 -14.45 -18.27 -42.13
N ARG F 359 -13.70 -18.14 -41.04
CA ARG F 359 -12.85 -19.23 -40.56
C ARG F 359 -13.64 -20.31 -39.85
N ARG F 360 -14.97 -20.25 -39.92
CA ARG F 360 -15.91 -20.96 -39.06
C ARG F 360 -15.88 -22.49 -39.20
N ARG F 361 -15.04 -23.07 -40.07
CA ARG F 361 -15.00 -24.52 -40.22
C ARG F 361 -13.82 -25.08 -39.43
N GLN F 362 -14.12 -25.98 -38.50
CA GLN F 362 -13.15 -26.58 -37.59
C GLN F 362 -13.38 -28.07 -37.49
N PRO F 363 -12.36 -28.83 -37.06
CA PRO F 363 -12.50 -30.29 -36.93
C PRO F 363 -13.47 -30.76 -35.86
N TYR F 364 -13.86 -29.93 -34.89
CA TYR F 364 -14.75 -30.44 -33.85
C TYR F 364 -16.10 -29.74 -33.82
N SER F 365 -16.47 -29.03 -34.88
CA SER F 365 -17.68 -28.21 -34.88
C SER F 365 -18.36 -28.24 -36.26
N LEU F 366 -19.58 -27.72 -36.29
CA LEU F 366 -20.41 -27.64 -37.48
C LEU F 366 -20.79 -26.20 -37.74
N ALA F 367 -20.36 -25.67 -38.88
CA ALA F 367 -20.70 -24.29 -39.24
C ALA F 367 -21.92 -24.26 -40.15
N PRO F 368 -22.84 -23.31 -39.93
CA PRO F 368 -23.95 -23.15 -40.87
C PRO F 368 -23.48 -22.60 -42.21
N ASP F 369 -22.78 -23.43 -42.99
CA ASP F 369 -22.25 -23.03 -44.30
C ASP F 369 -23.11 -23.56 -45.45
N ARG F 370 -24.25 -24.18 -45.15
CA ARG F 370 -25.21 -24.60 -46.15
C ARG F 370 -26.31 -23.55 -46.24
N ARG F 371 -26.67 -23.19 -47.47
CA ARG F 371 -27.74 -22.22 -47.71
C ARG F 371 -29.10 -22.92 -47.68
N ALA F 372 -29.46 -23.41 -46.49
CA ALA F 372 -30.58 -24.35 -46.39
C ALA F 372 -31.34 -24.16 -45.08
N TRP F 373 -32.48 -24.85 -45.02
CA TRP F 373 -33.49 -24.73 -43.99
C TRP F 373 -33.57 -26.03 -43.21
N ALA F 374 -33.61 -25.95 -41.88
CA ALA F 374 -33.65 -27.18 -41.10
C ALA F 374 -34.13 -26.92 -39.67
N LYS F 375 -34.52 -28.01 -39.02
CA LYS F 375 -34.99 -28.04 -37.63
C LYS F 375 -33.94 -28.51 -36.66
N ASP F 376 -33.13 -29.49 -37.07
CA ASP F 376 -32.05 -30.09 -36.27
C ASP F 376 -30.66 -29.96 -36.89
N ASN F 377 -30.54 -30.00 -38.22
CA ASN F 377 -29.24 -29.96 -38.88
C ASN F 377 -28.51 -28.67 -38.56
N LYS F 378 -27.29 -28.79 -38.03
CA LYS F 378 -26.55 -27.62 -37.59
C LYS F 378 -25.79 -26.95 -38.72
N ALA F 379 -25.72 -27.57 -39.90
CA ALA F 379 -25.05 -26.98 -41.05
C ALA F 379 -25.96 -26.06 -41.86
N ALA F 380 -27.28 -26.10 -41.64
CA ALA F 380 -28.20 -25.29 -42.40
C ALA F 380 -28.17 -23.84 -41.92
N MET F 381 -28.19 -22.92 -42.87
CA MET F 381 -28.06 -21.50 -42.55
C MET F 381 -29.15 -21.02 -41.59
N VAL F 382 -30.38 -21.50 -41.74
CA VAL F 382 -31.51 -21.07 -40.93
C VAL F 382 -32.05 -22.25 -40.14
N ARG F 383 -32.31 -22.05 -38.84
CA ARG F 383 -32.98 -23.04 -38.01
C ARG F 383 -34.40 -22.56 -37.67
N VAL F 384 -35.35 -23.49 -37.65
CA VAL F 384 -36.75 -23.16 -37.40
C VAL F 384 -37.11 -23.67 -36.01
N VAL F 385 -37.77 -22.80 -35.22
CA VAL F 385 -38.24 -23.12 -33.87
C VAL F 385 -39.74 -22.93 -33.88
N SER F 386 -40.49 -23.99 -34.17
CA SER F 386 -41.93 -23.81 -34.31
C SER F 386 -42.69 -25.07 -33.96
N ALA F 387 -43.58 -24.95 -32.98
CA ALA F 387 -44.62 -25.93 -32.66
C ALA F 387 -45.97 -25.35 -33.06
N THR F 388 -46.90 -26.25 -33.42
CA THR F 388 -48.19 -25.83 -33.93
C THR F 388 -48.89 -24.93 -32.92
N GLY F 389 -49.29 -23.74 -33.36
CA GLY F 389 -49.98 -22.82 -32.50
C GLY F 389 -49.12 -22.07 -31.51
N ASP F 390 -47.80 -22.18 -31.61
CA ASP F 390 -46.91 -21.57 -30.61
C ASP F 390 -46.68 -20.11 -30.93
N PRO F 391 -47.02 -19.19 -30.02
CA PRO F 391 -46.81 -17.76 -30.29
C PRO F 391 -45.35 -17.36 -30.39
N ALA F 392 -44.41 -18.23 -30.03
CA ALA F 392 -43.01 -17.90 -30.22
C ALA F 392 -42.41 -18.64 -31.40
N SER F 393 -43.24 -19.12 -32.32
CA SER F 393 -42.73 -19.66 -33.57
C SER F 393 -41.90 -18.59 -34.27
N ARG F 394 -40.74 -18.99 -34.80
CA ARG F 394 -39.79 -18.01 -35.34
C ARG F 394 -38.75 -18.78 -36.14
N ILE F 395 -37.84 -18.04 -36.79
CA ILE F 395 -36.70 -18.61 -37.48
C ILE F 395 -35.42 -18.06 -36.84
N GLU F 396 -34.28 -18.71 -37.13
CA GLU F 396 -32.99 -18.30 -36.55
C GLU F 396 -31.91 -18.34 -37.62
N ASN F 397 -31.35 -17.18 -37.96
CA ASN F 397 -30.22 -17.12 -38.93
C ASN F 397 -28.94 -17.30 -38.11
N ARG F 398 -27.97 -18.01 -38.64
CA ARG F 398 -26.81 -18.37 -37.82
C ARG F 398 -25.50 -17.98 -38.47
N ILE F 399 -25.53 -17.55 -39.73
CA ILE F 399 -24.29 -17.06 -40.35
C ILE F 399 -23.78 -15.75 -39.75
N GLY F 400 -24.54 -15.08 -38.90
CA GLY F 400 -24.10 -13.84 -38.30
C GLY F 400 -22.84 -13.95 -37.48
N GLU F 401 -21.88 -13.08 -37.78
CA GLU F 401 -20.63 -13.05 -37.00
C GLU F 401 -20.84 -12.01 -35.93
N PRO F 402 -20.16 -12.06 -34.78
CA PRO F 402 -20.44 -11.14 -33.71
C PRO F 402 -19.94 -9.73 -34.00
N GLY F 403 -18.89 -9.62 -34.79
CA GLY F 403 -18.32 -8.31 -35.13
C GLY F 403 -19.03 -7.70 -36.31
N ALA F 404 -20.31 -7.99 -36.44
CA ALA F 404 -21.09 -7.48 -37.58
C ALA F 404 -21.74 -6.16 -37.20
N ASN F 405 -21.95 -5.31 -38.19
CA ASN F 405 -22.64 -4.02 -38.04
C ASN F 405 -24.11 -4.29 -37.78
N PRO F 406 -24.67 -3.87 -36.64
CA PRO F 406 -26.09 -4.22 -36.36
C PRO F 406 -27.08 -3.67 -37.37
N TYR F 407 -26.95 -2.42 -37.79
CA TYR F 407 -27.92 -1.89 -38.75
C TYR F 407 -27.97 -2.75 -40.01
N LEU F 408 -26.81 -3.04 -40.60
CA LEU F 408 -26.72 -3.77 -41.86
C LEU F 408 -26.98 -5.27 -41.70
N TYR F 409 -26.78 -5.82 -40.51
CA TYR F 409 -27.14 -7.22 -40.31
C TYR F 409 -28.65 -7.35 -40.25
N MET F 410 -29.29 -6.55 -39.40
CA MET F 410 -30.73 -6.61 -39.26
C MET F 410 -31.44 -6.23 -40.56
N ALA F 411 -31.02 -5.13 -41.19
CA ALA F 411 -31.68 -4.69 -42.43
C ALA F 411 -31.49 -5.70 -43.56
N SER F 412 -30.41 -6.47 -43.53
CA SER F 412 -30.15 -7.49 -44.57
C SER F 412 -31.15 -8.62 -44.43
N GLN F 413 -31.68 -8.80 -43.23
CA GLN F 413 -32.60 -9.92 -42.96
C GLN F 413 -34.00 -9.46 -43.30
N ILE F 414 -34.33 -8.24 -42.93
CA ILE F 414 -35.62 -7.70 -43.36
C ILE F 414 -35.69 -7.62 -44.87
N VAL F 415 -34.62 -7.12 -45.51
CA VAL F 415 -34.61 -6.98 -46.95
C VAL F 415 -34.62 -8.35 -47.64
N SER F 416 -33.85 -9.33 -47.12
CA SER F 416 -33.89 -10.67 -47.68
C SER F 416 -35.28 -11.29 -47.51
N GLY F 417 -35.84 -11.18 -46.31
CA GLY F 417 -37.11 -11.83 -46.01
C GLY F 417 -38.29 -11.19 -46.70
N LEU F 418 -38.27 -9.87 -46.88
CA LEU F 418 -39.37 -9.22 -47.58
C LEU F 418 -39.43 -9.66 -49.04
N ASP F 419 -38.26 -9.83 -49.69
CA ASP F 419 -38.20 -10.42 -51.03
C ASP F 419 -38.97 -11.73 -51.09
N GLY F 420 -38.69 -12.64 -50.16
CA GLY F 420 -39.40 -13.92 -50.16
C GLY F 420 -40.90 -13.78 -49.96
N ILE F 421 -41.31 -12.86 -49.07
CA ILE F 421 -42.73 -12.61 -48.85
C ILE F 421 -43.38 -12.08 -50.13
N LYS F 422 -42.85 -10.97 -50.64
CA LYS F 422 -43.47 -10.33 -51.79
C LYS F 422 -43.47 -11.22 -53.01
N ASN F 423 -42.62 -12.26 -53.03
CA ASN F 423 -42.48 -13.14 -54.17
C ASN F 423 -42.82 -14.59 -53.85
N LYS F 424 -43.34 -14.86 -52.64
CA LYS F 424 -43.75 -16.19 -52.23
C LYS F 424 -42.67 -17.23 -52.57
N LYS F 425 -41.42 -16.90 -52.22
CA LYS F 425 -40.29 -17.79 -52.52
C LYS F 425 -40.40 -19.05 -51.69
N ASP F 426 -40.23 -20.19 -52.33
CA ASP F 426 -40.36 -21.45 -51.62
C ASP F 426 -39.02 -21.86 -51.04
N PRO F 427 -38.91 -21.99 -49.72
CA PRO F 427 -37.67 -22.48 -49.13
C PRO F 427 -37.41 -23.95 -49.39
N GLY F 428 -38.45 -24.74 -49.69
CA GLY F 428 -38.25 -26.16 -49.92
C GLY F 428 -38.28 -26.98 -48.63
N GLU F 429 -37.93 -28.25 -48.78
CA GLU F 429 -38.00 -29.20 -47.68
C GLU F 429 -36.84 -29.01 -46.70
N LEU F 430 -37.15 -29.14 -45.42
CA LEU F 430 -36.17 -29.00 -44.34
C LEU F 430 -35.08 -30.06 -44.50
N GLN F 431 -33.83 -29.62 -44.56
CA GLN F 431 -32.68 -30.51 -44.75
C GLN F 431 -32.22 -31.06 -43.40
N GLU F 432 -32.74 -32.23 -43.02
CA GLU F 432 -32.43 -32.87 -41.73
C GLU F 432 -32.65 -31.94 -40.53
N GLN F 438 -26.18 -32.30 -52.62
CA GLN F 438 -26.91 -31.38 -53.49
C GLN F 438 -27.35 -30.07 -52.82
N VAL F 439 -26.93 -29.89 -51.59
CA VAL F 439 -27.31 -28.71 -50.80
C VAL F 439 -26.52 -27.50 -51.32
N PRO F 440 -27.20 -26.44 -51.76
CA PRO F 440 -26.49 -25.24 -52.20
C PRO F 440 -25.70 -24.60 -51.05
N MET F 441 -24.52 -24.07 -51.37
CA MET F 441 -23.59 -23.62 -50.34
C MET F 441 -23.48 -22.10 -50.30
N LEU F 442 -23.11 -21.58 -49.13
CA LEU F 442 -22.91 -20.15 -48.93
C LEU F 442 -21.46 -19.77 -49.26
N PRO F 443 -21.20 -18.48 -49.52
CA PRO F 443 -19.81 -18.05 -49.77
C PRO F 443 -18.89 -18.43 -48.63
N THR F 444 -17.70 -18.91 -48.98
CA THR F 444 -16.73 -19.33 -47.99
C THR F 444 -15.79 -18.22 -47.56
N THR F 445 -15.69 -17.14 -48.34
CA THR F 445 -14.84 -15.99 -48.03
C THR F 445 -15.57 -14.68 -48.31
N LEU F 446 -15.05 -13.61 -47.69
CA LEU F 446 -15.59 -12.28 -47.93
C LEU F 446 -15.44 -11.88 -49.40
N ALA F 447 -14.34 -12.31 -50.05
CA ALA F 447 -14.22 -12.20 -51.50
C ALA F 447 -15.44 -12.82 -52.19
N GLU F 448 -15.65 -14.11 -51.93
CA GLU F 448 -16.81 -14.79 -52.52
C GLU F 448 -18.11 -14.10 -52.12
N ALA F 449 -18.18 -13.57 -50.89
CA ALA F 449 -19.38 -12.87 -50.46
C ALA F 449 -19.63 -11.62 -51.30
N LEU F 450 -18.55 -10.92 -51.67
CA LEU F 450 -18.67 -9.74 -52.50
C LEU F 450 -18.95 -10.13 -53.95
N ASP F 451 -18.29 -11.17 -54.46
CA ASP F 451 -18.69 -11.76 -55.75
C ASP F 451 -20.19 -11.99 -55.80
N ALA F 452 -20.75 -12.59 -54.74
CA ALA F 452 -22.16 -12.92 -54.72
C ALA F 452 -23.05 -11.68 -54.75
N LEU F 453 -22.63 -10.61 -54.07
CA LEU F 453 -23.43 -9.38 -54.01
C LEU F 453 -23.32 -8.61 -55.32
N GLU F 454 -22.13 -8.58 -55.91
CA GLU F 454 -21.97 -7.94 -57.20
C GLU F 454 -22.93 -8.52 -58.24
N HIS F 455 -22.99 -9.85 -58.32
CA HIS F 455 -23.72 -10.50 -59.40
C HIS F 455 -25.21 -10.71 -59.09
N ASP F 456 -25.67 -10.30 -57.91
CA ASP F 456 -27.09 -10.37 -57.55
C ASP F 456 -27.44 -9.15 -56.68
N SER F 457 -27.23 -7.96 -57.24
CA SER F 457 -27.23 -6.72 -56.47
C SER F 457 -28.57 -6.01 -56.44
N GLU F 458 -29.52 -6.40 -57.30
CA GLU F 458 -30.67 -5.56 -57.55
C GLU F 458 -31.48 -5.29 -56.29
N LEU F 459 -31.74 -6.34 -55.50
CA LEU F 459 -32.59 -6.17 -54.32
C LEU F 459 -31.91 -5.31 -53.26
N PHE F 460 -30.59 -5.48 -53.10
CA PHE F 460 -29.87 -4.62 -52.16
C PHE F 460 -29.62 -3.24 -52.75
N ARG F 461 -29.30 -3.16 -54.05
CA ARG F 461 -29.21 -1.84 -54.67
C ARG F 461 -30.51 -1.08 -54.56
N SER F 462 -31.65 -1.78 -54.68
CA SER F 462 -32.95 -1.14 -54.57
C SER F 462 -33.27 -0.67 -53.16
N CYS F 463 -33.08 -1.52 -52.15
CA CYS F 463 -33.53 -1.18 -50.80
C CYS F 463 -32.44 -0.56 -49.91
N PHE F 464 -31.15 -0.81 -50.18
CA PHE F 464 -30.06 -0.21 -49.41
C PHE F 464 -29.58 1.12 -49.99
N GLY F 465 -29.89 1.38 -51.25
CA GLY F 465 -29.38 2.49 -52.03
C GLY F 465 -28.39 1.98 -53.07
N ASP F 466 -28.44 2.54 -54.27
CA ASP F 466 -27.49 2.11 -55.30
C ASP F 466 -26.10 2.67 -55.04
N THR F 467 -26.01 3.84 -54.42
CA THR F 467 -24.69 4.40 -54.09
C THR F 467 -24.04 3.61 -52.95
N PHE F 468 -24.82 3.15 -51.97
CA PHE F 468 -24.21 2.42 -50.88
C PHE F 468 -23.58 1.12 -51.36
N ILE F 469 -24.27 0.40 -52.26
CA ILE F 469 -23.74 -0.89 -52.72
C ILE F 469 -22.44 -0.70 -53.50
N LYS F 470 -22.39 0.29 -54.39
CA LYS F 470 -21.14 0.49 -55.12
C LYS F 470 -20.04 1.01 -54.20
N TYR F 471 -20.42 1.82 -53.20
CA TYR F 471 -19.45 2.23 -52.19
C TYR F 471 -19.01 1.03 -51.35
N TRP F 472 -19.96 0.15 -51.00
CA TRP F 472 -19.63 -1.01 -50.18
C TRP F 472 -18.71 -1.98 -50.93
N LEU F 473 -19.05 -2.33 -52.17
CA LEU F 473 -18.19 -3.23 -52.94
C LEU F 473 -16.83 -2.59 -53.19
N GLN F 474 -16.81 -1.28 -53.41
CA GLN F 474 -15.53 -0.58 -53.59
C GLN F 474 -14.67 -0.64 -52.33
N LEU F 475 -15.27 -0.35 -51.17
CA LEU F 475 -14.52 -0.38 -49.93
C LEU F 475 -13.97 -1.78 -49.64
N ARG F 476 -14.83 -2.79 -49.67
CA ARG F 476 -14.41 -4.10 -49.16
C ARG F 476 -13.47 -4.83 -50.11
N ARG F 477 -13.63 -4.65 -51.42
CA ARG F 477 -12.71 -5.29 -52.35
C ARG F 477 -11.28 -4.84 -52.11
N SER F 478 -11.12 -3.61 -51.61
CA SER F 478 -9.79 -3.16 -51.19
C SER F 478 -9.37 -3.82 -49.90
N GLU F 479 -10.32 -4.05 -48.99
CA GLU F 479 -9.94 -4.71 -47.74
C GLU F 479 -9.46 -6.13 -48.02
N TRP F 480 -9.99 -6.76 -49.07
CA TRP F 480 -9.54 -8.11 -49.42
C TRP F 480 -8.17 -8.09 -50.08
N ALA F 481 -7.90 -7.11 -50.95
CA ALA F 481 -6.60 -7.07 -51.61
C ALA F 481 -5.49 -6.77 -50.61
N ARG F 482 -5.79 -5.97 -49.60
CA ARG F 482 -4.84 -5.79 -48.50
C ARG F 482 -4.55 -7.11 -47.81
N PHE F 483 -5.60 -7.85 -47.44
CA PHE F 483 -5.40 -9.15 -46.80
C PHE F 483 -4.61 -10.08 -47.71
N LEU F 484 -5.02 -10.19 -48.97
CA LEU F 484 -4.34 -11.06 -49.91
C LEU F 484 -2.88 -10.64 -50.08
N ASP F 485 -2.64 -9.34 -50.26
CA ASP F 485 -1.26 -8.83 -50.37
C ASP F 485 -0.41 -9.15 -49.14
N ALA F 486 -1.04 -9.41 -47.99
CA ALA F 486 -0.30 -9.68 -46.77
C ALA F 486 0.10 -11.16 -46.65
N GLU F 487 -0.88 -12.07 -46.71
CA GLU F 487 -0.63 -13.45 -46.30
C GLU F 487 -0.64 -14.45 -47.45
N GLY F 488 -1.00 -14.03 -48.66
CA GLY F 488 -0.96 -14.89 -49.82
C GLY F 488 -2.22 -15.75 -49.99
N ALA F 489 -2.42 -16.21 -51.23
CA ALA F 489 -3.67 -16.88 -51.59
C ALA F 489 -3.94 -18.11 -50.72
N GLU F 490 -2.90 -18.88 -50.38
CA GLU F 490 -3.12 -20.12 -49.64
C GLU F 490 -3.66 -19.85 -48.25
N ALA F 491 -3.00 -18.98 -47.48
CA ALA F 491 -3.48 -18.64 -46.14
C ALA F 491 -4.87 -17.99 -46.17
N ALA F 492 -5.29 -17.44 -47.30
CA ALA F 492 -6.64 -16.91 -47.44
C ALA F 492 -7.70 -17.99 -47.42
N GLU F 493 -7.32 -19.25 -47.67
CA GLU F 493 -8.27 -20.36 -47.68
C GLU F 493 -9.00 -20.43 -46.34
N PRO F 494 -10.34 -20.58 -46.35
CA PRO F 494 -11.09 -20.43 -45.08
C PRO F 494 -10.74 -21.48 -44.04
N THR F 495 -10.46 -22.69 -44.48
CA THR F 495 -10.09 -23.76 -43.56
C THR F 495 -8.88 -23.43 -42.72
N GLY F 496 -8.03 -22.47 -43.16
CA GLY F 496 -6.72 -22.27 -42.56
C GLY F 496 -6.73 -21.48 -41.25
N ALA F 497 -5.58 -21.51 -40.58
CA ALA F 497 -5.47 -20.84 -39.29
C ALA F 497 -5.60 -19.34 -39.44
N VAL F 498 -6.09 -18.70 -38.37
CA VAL F 498 -6.21 -17.26 -38.39
C VAL F 498 -4.82 -16.67 -38.56
N THR F 499 -4.66 -15.79 -39.56
CA THR F 499 -3.37 -15.21 -39.86
C THR F 499 -3.12 -13.96 -39.03
N GLN F 500 -1.90 -13.40 -39.15
CA GLN F 500 -1.60 -12.19 -38.38
C GLN F 500 -2.31 -10.97 -38.94
N TRP F 501 -2.54 -10.91 -40.27
CA TRP F 501 -3.36 -9.83 -40.81
C TRP F 501 -4.73 -9.77 -40.15
N GLU F 502 -5.38 -10.92 -39.96
CA GLU F 502 -6.70 -10.91 -39.34
C GLU F 502 -6.62 -10.48 -37.89
N GLN F 503 -5.57 -10.87 -37.17
CA GLN F 503 -5.47 -10.46 -35.78
C GLN F 503 -5.33 -8.94 -35.69
N LYS F 504 -4.43 -8.37 -36.50
CA LYS F 504 -4.13 -6.95 -36.41
C LYS F 504 -5.12 -6.10 -37.19
N GLU F 505 -6.14 -6.73 -37.76
CA GLU F 505 -7.24 -5.98 -38.35
C GLU F 505 -8.46 -5.87 -37.44
N TYR F 506 -8.82 -6.94 -36.70
CA TYR F 506 -10.09 -6.94 -35.98
C TYR F 506 -9.99 -7.07 -34.45
N PHE F 507 -8.87 -7.53 -33.90
CA PHE F 507 -8.82 -7.90 -32.48
C PHE F 507 -9.11 -6.71 -31.58
N ASN F 508 -8.45 -5.59 -31.82
CA ASN F 508 -8.54 -4.46 -30.90
C ASN F 508 -9.86 -3.71 -31.04
N LEU F 509 -10.32 -3.44 -32.27
CA LEU F 509 -11.47 -2.56 -32.53
C LEU F 509 -12.82 -3.26 -32.47
N LEU F 510 -12.92 -4.47 -33.00
CA LEU F 510 -14.19 -5.18 -33.06
C LEU F 510 -14.47 -5.96 -31.76
#